data_8BA1
#
_entry.id   8BA1
#
loop_
_entity.id
_entity.type
_entity.pdbx_description
1 polymer 'Cleavage and polyadenylation specificity factor subunit 3'
2 polymer 'Cleavage and polyadenylation specificity factor subunit 2'
#
loop_
_entity_poly.entity_id
_entity_poly.type
_entity_poly.pdbx_seq_one_letter_code
_entity_poly.pdbx_strand_id
1 'polypeptide(L)'
;GHMLAKDNEAKIFTGVEGEFEGIIIGTEDDIRIYKRDELIESKYKEMCIYERQRIPYNSTAVLLKQVLVDGFEELVEVES
GFMVGNVHIVLSGQEVVLEWKSSYTDDVLAISISKMISD
;
A
2 'polypeptide(L)'
;MSDVSMGMVKLDKGFDALNYRAIGTDSVASFRGVRDGDMVRCIGEGPRMVIGHADINEMRRMIVEGSMRVEQEENGLLVE
DCVWIRVSGDGVTIDGRDSGVFYAVRDVVYRSSAFI
;
B
#
# COMPACT_ATOMS: atom_id res chain seq x y z
N GLY A 1 22.22 -15.76 -4.92
CA GLY A 1 21.40 -15.60 -6.14
C GLY A 1 21.48 -16.82 -7.03
N HIS A 2 20.93 -16.71 -8.24
CA HIS A 2 20.96 -17.80 -9.23
C HIS A 2 20.23 -19.05 -8.72
N MET A 3 19.32 -18.85 -7.77
CA MET A 3 18.60 -19.97 -7.17
C MET A 3 17.17 -20.02 -7.68
N LEU A 4 16.98 -19.66 -8.94
CA LEU A 4 15.66 -19.69 -9.54
C LEU A 4 15.57 -20.77 -10.60
N ALA A 5 14.40 -20.87 -11.21
CA ALA A 5 14.17 -21.81 -12.29
C ALA A 5 14.51 -21.15 -13.62
N LYS A 6 13.86 -21.61 -14.68
CA LYS A 6 13.96 -20.93 -15.97
C LYS A 6 13.42 -19.52 -15.81
N ASP A 7 14.13 -18.54 -16.35
CA ASP A 7 13.78 -17.14 -16.13
C ASP A 7 12.49 -16.78 -16.84
N ASN A 8 12.02 -17.67 -17.70
CA ASN A 8 10.76 -17.46 -18.41
C ASN A 8 9.72 -18.47 -17.96
N GLU A 9 9.98 -19.11 -16.82
CA GLU A 9 9.03 -20.07 -16.27
C GLU A 9 8.56 -19.59 -14.91
N ALA A 10 7.26 -19.72 -14.70
CA ALA A 10 6.62 -19.28 -13.49
C ALA A 10 5.48 -20.21 -13.16
N LYS A 11 5.02 -20.18 -11.93
CA LYS A 11 3.96 -21.07 -11.54
C LYS A 11 2.74 -20.25 -11.17
N ILE A 12 1.67 -20.46 -11.90
CA ILE A 12 0.47 -19.68 -11.70
C ILE A 12 -0.70 -20.60 -11.41
N PHE A 13 -1.35 -20.45 -10.27
CA PHE A 13 -2.61 -21.18 -10.13
C PHE A 13 -3.70 -20.25 -9.66
N THR A 14 -4.35 -19.51 -10.57
CA THR A 14 -5.73 -19.05 -10.42
C THR A 14 -6.30 -18.63 -11.77
N GLY A 15 -7.55 -18.94 -12.04
CA GLY A 15 -8.35 -18.10 -12.93
C GLY A 15 -7.92 -18.10 -14.37
N VAL A 16 -7.22 -19.13 -14.82
CA VAL A 16 -6.40 -19.12 -16.03
C VAL A 16 -7.25 -19.06 -17.30
N GLU A 17 -6.64 -19.07 -18.51
CA GLU A 17 -7.00 -18.28 -19.71
C GLU A 17 -8.44 -17.97 -20.03
N GLY A 18 -8.48 -17.01 -20.95
CA GLY A 18 -9.31 -15.84 -20.84
C GLY A 18 -8.41 -14.68 -20.48
N GLU A 19 -8.84 -13.44 -20.68
CA GLU A 19 -8.04 -12.31 -20.23
C GLU A 19 -8.00 -12.29 -18.71
N PHE A 20 -6.85 -11.97 -18.11
CA PHE A 20 -6.81 -11.85 -16.66
C PHE A 20 -5.86 -10.72 -16.29
N GLU A 21 -6.18 -10.00 -15.23
CA GLU A 21 -5.24 -9.04 -14.68
C GLU A 21 -4.62 -9.67 -13.45
N GLY A 22 -3.32 -9.79 -13.43
CA GLY A 22 -2.69 -10.58 -12.38
C GLY A 22 -1.52 -9.88 -11.74
N ILE A 23 -0.90 -10.60 -10.81
CA ILE A 23 0.26 -10.09 -10.09
C ILE A 23 1.32 -11.17 -10.09
N ILE A 24 2.57 -10.76 -10.09
CA ILE A 24 3.66 -11.72 -10.11
C ILE A 24 4.44 -11.62 -8.80
N ILE A 25 4.68 -12.77 -8.20
CA ILE A 25 5.44 -12.85 -6.97
C ILE A 25 6.66 -13.72 -7.21
N GLY A 26 7.83 -13.17 -6.96
CA GLY A 26 9.03 -13.93 -7.16
C GLY A 26 9.88 -13.92 -5.92
N THR A 27 10.30 -15.07 -5.48
CA THR A 27 11.10 -15.17 -4.29
C THR A 27 12.44 -15.75 -4.66
N GLU A 28 13.35 -15.82 -3.71
CA GLU A 28 14.69 -16.32 -4.01
C GLU A 28 14.65 -17.79 -4.41
N ASP A 29 13.49 -18.40 -4.21
CA ASP A 29 13.29 -19.82 -4.51
C ASP A 29 12.34 -20.06 -5.67
N ASP A 30 11.37 -19.16 -5.90
CA ASP A 30 10.23 -19.52 -6.77
C ASP A 30 9.52 -18.31 -7.39
N ILE A 31 9.06 -18.46 -8.63
CA ILE A 31 8.29 -17.42 -9.32
C ILE A 31 6.85 -17.89 -9.50
N ARG A 32 5.88 -17.14 -8.99
CA ARG A 32 4.48 -17.58 -9.06
C ARG A 32 3.53 -16.42 -9.38
N ILE A 33 2.46 -16.75 -10.11
CA ILE A 33 1.44 -15.75 -10.49
C ILE A 33 0.06 -16.11 -9.92
N TYR A 34 -0.63 -15.06 -9.46
CA TYR A 34 -2.02 -15.13 -9.06
C TYR A 34 -2.83 -14.12 -9.87
N LYS A 35 -4.10 -14.43 -10.10
CA LYS A 35 -5.01 -13.53 -10.82
C LYS A 35 -5.53 -12.52 -9.80
N ARG A 36 -5.43 -11.23 -10.12
CA ARG A 36 -5.76 -10.15 -9.17
C ARG A 36 -7.18 -10.27 -8.62
N ASP A 37 -8.09 -10.80 -9.41
CA ASP A 37 -9.49 -10.89 -9.02
C ASP A 37 -9.67 -12.04 -8.06
N GLU A 38 -8.75 -12.97 -8.17
CA GLU A 38 -8.75 -14.17 -7.34
C GLU A 38 -7.89 -13.91 -6.11
N LEU A 39 -6.97 -12.95 -6.26
CA LEU A 39 -5.89 -12.72 -5.31
C LEU A 39 -6.43 -12.25 -3.98
N ILE A 40 -7.52 -11.50 -4.01
CA ILE A 40 -8.07 -10.93 -2.79
C ILE A 40 -8.47 -12.04 -1.83
N GLU A 41 -8.67 -13.24 -2.36
CA GLU A 41 -9.04 -14.39 -1.55
C GLU A 41 -7.84 -15.06 -0.91
N SER A 42 -6.64 -14.82 -1.42
CA SER A 42 -5.42 -15.40 -0.89
C SER A 42 -4.85 -14.62 0.29
N LYS A 43 -3.92 -15.27 0.98
CA LYS A 43 -3.14 -14.66 2.06
C LYS A 43 -2.43 -13.36 1.61
N TYR A 44 -2.52 -13.04 0.33
CA TYR A 44 -1.94 -11.80 -0.17
C TYR A 44 -3.10 -10.98 -0.72
N LYS A 45 -3.13 -9.68 -0.49
CA LYS A 45 -4.27 -8.89 -0.92
C LYS A 45 -3.92 -7.43 -1.12
N GLU A 46 -4.78 -6.72 -1.85
CA GLU A 46 -4.64 -5.29 -2.05
C GLU A 46 -5.06 -4.57 -0.77
N MET A 47 -4.19 -3.73 -0.24
CA MET A 47 -4.47 -3.08 1.03
C MET A 47 -4.48 -1.56 0.88
N CYS A 48 -5.55 -0.95 1.36
CA CYS A 48 -5.63 0.49 1.44
C CYS A 48 -5.16 0.95 2.81
N ILE A 49 -4.14 1.78 2.83
CA ILE A 49 -3.54 2.21 4.07
C ILE A 49 -3.91 3.66 4.35
N TYR A 50 -4.60 3.89 5.46
CA TYR A 50 -4.97 5.22 5.86
C TYR A 50 -4.02 5.70 6.94
N GLU A 51 -3.35 6.79 6.68
CA GLU A 51 -2.39 7.31 7.63
C GLU A 51 -2.79 8.72 8.06
N ARG A 52 -2.91 8.89 9.37
CA ARG A 52 -3.48 10.11 9.94
C ARG A 52 -2.39 10.94 10.62
N GLN A 53 -2.28 12.20 10.23
CA GLN A 53 -1.33 13.11 10.83
C GLN A 53 -2.07 14.30 11.44
N ARG A 54 -1.90 14.49 12.73
CA ARG A 54 -2.52 15.62 13.41
C ARG A 54 -1.53 16.76 13.53
N ILE A 55 -1.90 17.92 12.99
CA ILE A 55 -0.99 19.04 12.85
C ILE A 55 -1.49 20.25 13.63
N PRO A 56 -0.68 20.76 14.57
CA PRO A 56 -0.99 21.99 15.31
C PRO A 56 -1.16 23.18 14.36
N TYR A 57 -2.18 23.98 14.61
CA TYR A 57 -2.53 25.08 13.73
C TYR A 57 -3.07 26.24 14.54
N ASN A 58 -2.79 27.47 14.12
CA ASN A 58 -3.23 28.64 14.88
C ASN A 58 -4.30 29.44 14.15
N SER A 59 -4.59 29.07 12.91
CA SER A 59 -5.55 29.82 12.11
C SER A 59 -6.89 29.09 12.00
N THR A 60 -7.80 29.67 11.22
CA THR A 60 -9.17 29.17 11.12
C THR A 60 -9.36 28.30 9.88
N ALA A 61 -10.51 27.65 9.77
CA ALA A 61 -10.82 26.78 8.65
C ALA A 61 -10.76 27.55 7.32
N VAL A 62 -11.35 28.74 7.32
CA VAL A 62 -11.33 29.60 6.14
C VAL A 62 -9.88 29.91 5.72
N LEU A 63 -9.02 30.12 6.71
CA LEU A 63 -7.64 30.45 6.46
C LEU A 63 -6.89 29.22 5.91
N LEU A 64 -7.26 28.04 6.40
CA LEU A 64 -6.68 26.80 5.91
C LEU A 64 -6.93 26.62 4.44
N LYS A 65 -8.19 26.77 4.04
CA LYS A 65 -8.58 26.72 2.64
C LYS A 65 -7.78 27.72 1.82
N GLN A 66 -7.53 28.87 2.41
CA GLN A 66 -6.81 29.94 1.74
C GLN A 66 -5.37 29.52 1.50
N VAL A 67 -4.72 29.05 2.57
CA VAL A 67 -3.35 28.55 2.46
C VAL A 67 -3.25 27.37 1.52
N LEU A 68 -4.23 26.47 1.55
CA LEU A 68 -4.24 25.33 0.65
C LEU A 68 -4.33 25.80 -0.81
N VAL A 69 -5.21 26.77 -1.07
CA VAL A 69 -5.35 27.35 -2.40
C VAL A 69 -4.03 27.91 -2.92
N ASP A 70 -3.21 28.43 -2.01
CA ASP A 70 -1.94 29.04 -2.40
C ASP A 70 -1.03 28.02 -3.08
N GLY A 71 -1.02 26.80 -2.56
CA GLY A 71 -0.23 25.75 -3.16
C GLY A 71 -0.96 24.92 -4.19
N PHE A 72 -2.28 24.81 -4.04
CA PHE A 72 -3.03 23.76 -4.71
C PHE A 72 -3.75 24.16 -5.98
N GLU A 73 -4.22 23.09 -6.63
CA GLU A 73 -4.77 23.28 -7.96
C GLU A 73 -6.27 23.03 -7.88
N GLU A 74 -6.49 21.90 -7.19
CA GLU A 74 -7.75 21.18 -7.12
C GLU A 74 -8.52 21.29 -5.81
N LEU A 75 -8.23 22.26 -4.94
CA LEU A 75 -8.78 22.19 -3.57
C LEU A 75 -10.31 22.24 -3.62
N VAL A 76 -10.94 21.20 -3.07
CA VAL A 76 -12.39 21.13 -2.98
C VAL A 76 -12.82 21.20 -1.52
N GLU A 77 -13.75 22.08 -1.23
CA GLU A 77 -14.28 22.20 0.12
C GLU A 77 -15.51 21.29 0.26
N VAL A 78 -15.60 20.60 1.38
CA VAL A 78 -16.71 19.69 1.59
C VAL A 78 -17.45 20.02 2.88
N GLU A 79 -18.62 19.44 3.06
CA GLU A 79 -19.46 19.77 4.20
C GLU A 79 -18.73 19.58 5.53
N SER A 80 -17.93 18.52 5.60
CA SER A 80 -17.29 18.14 6.85
C SER A 80 -15.78 18.36 6.82
N GLY A 81 -15.29 19.28 5.99
CA GLY A 81 -13.85 19.46 5.90
C GLY A 81 -13.40 19.92 4.52
N PHE A 82 -12.15 19.65 4.19
CA PHE A 82 -11.60 19.97 2.88
C PHE A 82 -11.03 18.71 2.27
N MET A 83 -11.12 18.59 0.96
CA MET A 83 -10.53 17.46 0.29
C MET A 83 -9.59 17.93 -0.84
N VAL A 84 -8.32 17.62 -0.69
CA VAL A 84 -7.36 17.91 -1.75
C VAL A 84 -6.90 16.60 -2.38
N GLY A 85 -7.21 16.41 -3.64
CA GLY A 85 -6.96 15.14 -4.28
C GLY A 85 -7.77 14.03 -3.63
N ASN A 86 -7.09 13.11 -2.98
CA ASN A 86 -7.77 12.07 -2.20
C ASN A 86 -7.42 12.20 -0.72
N VAL A 87 -6.97 13.38 -0.32
CA VAL A 87 -6.62 13.62 1.07
C VAL A 87 -7.76 14.34 1.81
N HIS A 88 -8.17 13.78 2.94
CA HIS A 88 -9.20 14.39 3.76
C HIS A 88 -8.58 15.25 4.85
N ILE A 89 -8.90 16.53 4.78
CA ILE A 89 -8.40 17.53 5.71
C ILE A 89 -9.54 18.03 6.58
N VAL A 90 -9.42 17.92 7.89
CA VAL A 90 -10.43 18.48 8.76
C VAL A 90 -9.81 19.24 9.93
N LEU A 91 -10.36 20.39 10.24
CA LEU A 91 -9.86 21.22 11.32
C LEU A 91 -10.61 20.91 12.60
N SER A 92 -9.86 20.68 13.65
CA SER A 92 -10.41 20.28 14.92
C SER A 92 -9.78 21.11 16.03
N GLY A 93 -10.44 22.20 16.40
CA GLY A 93 -9.87 23.12 17.35
C GLY A 93 -8.67 23.84 16.78
N GLN A 94 -7.51 23.65 17.40
CA GLN A 94 -6.29 24.25 16.91
C GLN A 94 -5.37 23.18 16.33
N GLU A 95 -5.96 22.07 15.90
CA GLU A 95 -5.22 21.02 15.22
C GLU A 95 -5.96 20.57 13.97
N VAL A 96 -5.25 20.27 12.91
CA VAL A 96 -5.85 19.71 11.72
C VAL A 96 -5.58 18.22 11.65
N VAL A 97 -6.60 17.44 11.31
CA VAL A 97 -6.42 16.02 11.13
C VAL A 97 -6.28 15.72 9.65
N LEU A 98 -5.12 15.19 9.29
CA LEU A 98 -4.87 14.80 7.92
C LEU A 98 -4.94 13.29 7.78
N GLU A 99 -5.84 12.82 6.94
CA GLU A 99 -6.01 11.41 6.70
C GLU A 99 -5.91 11.19 5.22
N TRP A 100 -5.06 10.29 4.77
CA TRP A 100 -4.86 10.15 3.34
C TRP A 100 -4.54 8.73 2.94
N LYS A 101 -4.64 8.49 1.65
CA LYS A 101 -4.57 7.16 1.10
C LYS A 101 -3.13 6.66 0.94
N SER A 102 -3.07 5.36 0.81
CA SER A 102 -1.87 4.58 0.54
C SER A 102 -1.12 5.01 -0.72
N SER A 103 -1.70 5.89 -1.52
CA SER A 103 -1.33 5.96 -2.91
C SER A 103 -0.21 6.99 -3.07
N TYR A 104 0.73 6.73 -3.97
CA TYR A 104 1.96 7.53 -4.06
C TYR A 104 1.66 9.01 -4.20
N THR A 105 0.82 9.33 -5.16
CA THR A 105 0.43 10.70 -5.44
C THR A 105 -0.25 11.34 -4.23
N ASP A 106 -1.02 10.55 -3.50
CA ASP A 106 -1.78 11.05 -2.37
C ASP A 106 -0.85 11.52 -1.25
N ASP A 107 0.22 10.80 -1.02
CA ASP A 107 1.25 11.28 -0.08
C ASP A 107 1.88 12.58 -0.52
N VAL A 108 2.23 12.68 -1.80
CA VAL A 108 2.99 13.84 -2.28
C VAL A 108 2.22 15.17 -2.11
N LEU A 109 0.98 15.20 -2.56
CA LEU A 109 0.18 16.41 -2.39
C LEU A 109 -0.15 16.63 -0.91
N ALA A 110 -0.36 15.52 -0.19
CA ALA A 110 -0.57 15.58 1.25
C ALA A 110 0.61 16.21 1.97
N ILE A 111 1.82 15.93 1.48
CA ILE A 111 3.03 16.55 2.02
C ILE A 111 2.95 18.07 1.85
N SER A 112 2.43 18.48 0.70
CA SER A 112 2.24 19.89 0.43
C SER A 112 1.23 20.47 1.44
N ILE A 113 0.22 19.69 1.78
CA ILE A 113 -0.77 20.10 2.78
C ILE A 113 -0.10 20.36 4.11
N SER A 114 0.73 19.40 4.52
CA SER A 114 1.43 19.48 5.79
C SER A 114 2.27 20.75 5.93
N LYS A 115 2.95 21.18 4.87
CA LYS A 115 3.76 22.39 4.97
C LYS A 115 2.89 23.64 5.03
N MET A 116 1.74 23.58 4.37
CA MET A 116 0.79 24.70 4.35
C MET A 116 0.30 24.99 5.76
N ILE A 117 -0.07 23.94 6.47
CA ILE A 117 -0.56 24.08 7.84
C ILE A 117 0.59 24.30 8.81
N SER A 118 1.77 23.77 8.48
CA SER A 118 2.93 23.88 9.36
C SER A 118 3.34 25.33 9.55
N ASP A 119 3.72 25.99 8.46
CA ASP A 119 4.26 27.34 8.54
C ASP A 119 3.53 28.24 7.57
N MET B 1 -1.53 -30.76 -15.91
CA MET B 1 -0.99 -29.48 -15.37
C MET B 1 -2.13 -28.54 -14.99
N SER B 2 -3.23 -28.61 -15.73
CA SER B 2 -4.39 -27.79 -15.44
C SER B 2 -5.33 -28.50 -14.47
N ASP B 3 -4.79 -29.47 -13.75
CA ASP B 3 -5.54 -30.23 -12.77
C ASP B 3 -5.94 -29.34 -11.61
N VAL B 4 -4.95 -28.62 -11.09
CA VAL B 4 -5.20 -27.64 -10.05
C VAL B 4 -5.53 -26.29 -10.68
N SER B 5 -4.76 -25.94 -11.70
CA SER B 5 -4.95 -24.67 -12.40
C SER B 5 -4.08 -24.63 -13.66
N MET B 6 -2.78 -24.43 -13.47
CA MET B 6 -1.86 -24.44 -14.60
C MET B 6 -0.45 -24.80 -14.17
N GLY B 7 0.12 -24.04 -13.25
CA GLY B 7 1.48 -24.32 -12.83
C GLY B 7 2.51 -23.55 -13.65
N MET B 8 3.41 -24.26 -14.33
CA MET B 8 4.54 -23.63 -14.98
C MET B 8 4.16 -23.10 -16.36
N VAL B 9 4.38 -21.81 -16.53
CA VAL B 9 4.03 -21.10 -17.74
C VAL B 9 5.18 -20.24 -18.20
N LYS B 10 5.08 -19.68 -19.39
CA LYS B 10 6.11 -18.77 -19.86
C LYS B 10 5.71 -17.33 -19.57
N LEU B 11 6.61 -16.59 -18.95
CA LEU B 11 6.43 -15.17 -18.73
C LEU B 11 6.84 -14.41 -19.97
N ASP B 12 6.03 -13.46 -20.41
CA ASP B 12 6.41 -12.65 -21.56
C ASP B 12 7.42 -11.58 -21.16
N LYS B 13 8.17 -11.14 -22.16
CA LYS B 13 9.22 -10.15 -21.98
C LYS B 13 8.69 -8.82 -21.45
N GLY B 14 7.39 -8.56 -21.64
CA GLY B 14 6.83 -7.28 -21.25
C GLY B 14 6.89 -7.09 -19.75
N PHE B 15 6.80 -8.18 -19.00
CA PHE B 15 6.81 -8.12 -17.55
C PHE B 15 8.08 -7.48 -17.02
N ASP B 16 9.18 -7.63 -17.77
CA ASP B 16 10.47 -7.09 -17.36
C ASP B 16 10.44 -5.56 -17.27
N ALA B 17 9.41 -4.96 -17.89
CA ALA B 17 9.26 -3.52 -17.89
C ALA B 17 8.42 -3.05 -16.71
N LEU B 18 7.75 -3.99 -16.04
CA LEU B 18 6.86 -3.68 -14.92
C LEU B 18 7.62 -3.11 -13.73
N ASN B 19 6.89 -2.38 -12.91
CA ASN B 19 7.44 -1.77 -11.70
C ASN B 19 7.55 -2.81 -10.59
N TYR B 20 8.74 -3.36 -10.44
CA TYR B 20 9.00 -4.35 -9.41
C TYR B 20 9.41 -3.71 -8.09
N ARG B 21 8.80 -4.16 -7.02
CA ARG B 21 9.24 -3.82 -5.66
C ARG B 21 9.38 -5.10 -4.87
N ALA B 22 10.15 -5.09 -3.79
CA ALA B 22 10.35 -6.30 -3.02
C ALA B 22 9.84 -6.19 -1.60
N ILE B 23 8.88 -7.04 -1.27
CA ILE B 23 8.43 -7.23 0.10
C ILE B 23 9.30 -8.30 0.76
N GLY B 24 9.92 -8.00 1.89
CA GLY B 24 10.73 -9.01 2.57
C GLY B 24 11.77 -9.64 1.66
N THR B 25 11.49 -10.85 1.19
CA THR B 25 12.38 -11.55 0.26
C THR B 25 11.71 -11.77 -1.10
N ASP B 26 10.43 -11.42 -1.19
CA ASP B 26 9.67 -11.60 -2.42
C ASP B 26 9.70 -10.33 -3.26
N SER B 27 9.55 -10.49 -4.57
CA SER B 27 9.41 -9.37 -5.47
C SER B 27 8.03 -9.41 -6.11
N VAL B 28 7.37 -8.26 -6.13
CA VAL B 28 5.99 -8.19 -6.57
C VAL B 28 5.81 -7.15 -7.67
N ALA B 29 4.85 -7.40 -8.56
CA ALA B 29 4.52 -6.46 -9.62
C ALA B 29 3.08 -6.68 -10.09
N SER B 30 2.47 -5.62 -10.61
CA SER B 30 1.10 -5.67 -11.08
C SER B 30 1.07 -5.54 -12.60
N PHE B 31 0.17 -6.27 -13.24
CA PHE B 31 0.09 -6.26 -14.69
C PHE B 31 -1.30 -6.61 -15.17
N ARG B 32 -1.62 -6.15 -16.37
CA ARG B 32 -2.84 -6.57 -17.05
C ARG B 32 -2.42 -7.44 -18.22
N GLY B 33 -3.03 -8.59 -18.37
CA GLY B 33 -2.54 -9.54 -19.34
C GLY B 33 -3.62 -10.33 -20.01
N VAL B 34 -3.26 -11.00 -21.07
CA VAL B 34 -4.16 -11.95 -21.68
C VAL B 34 -3.51 -13.32 -21.63
N ARG B 35 -4.27 -14.28 -21.15
CA ARG B 35 -3.76 -15.62 -21.03
C ARG B 35 -4.28 -16.51 -22.15
N ASP B 36 -3.34 -17.02 -22.95
CA ASP B 36 -3.65 -17.85 -24.10
C ASP B 36 -2.66 -19.02 -24.18
N GLY B 37 -3.13 -20.21 -23.86
CA GLY B 37 -2.30 -21.39 -23.92
C GLY B 37 -1.33 -21.49 -22.77
N ASP B 38 -0.08 -21.73 -23.09
CA ASP B 38 0.98 -21.79 -22.08
C ASP B 38 1.64 -20.44 -21.96
N MET B 39 1.11 -19.45 -22.67
CA MET B 39 1.73 -18.16 -22.74
C MET B 39 0.99 -17.13 -21.90
N VAL B 40 1.75 -16.42 -21.08
CA VAL B 40 1.23 -15.30 -20.32
C VAL B 40 1.79 -14.01 -20.91
N ARG B 41 0.90 -13.12 -21.34
CA ARG B 41 1.31 -11.92 -22.06
C ARG B 41 0.63 -10.68 -21.47
N CYS B 42 1.37 -9.58 -21.36
CA CYS B 42 0.81 -8.35 -20.83
C CYS B 42 0.13 -7.55 -21.94
N ILE B 43 -1.11 -7.13 -21.67
CA ILE B 43 -1.87 -6.33 -22.61
C ILE B 43 -2.05 -4.91 -22.09
N GLY B 44 -1.52 -4.65 -20.91
CA GLY B 44 -1.82 -3.41 -20.23
C GLY B 44 -0.86 -3.15 -19.09
N GLU B 45 -1.15 -2.14 -18.29
CA GLU B 45 -0.27 -1.73 -17.22
C GLU B 45 -0.97 -1.87 -15.88
N GLY B 46 -0.44 -2.76 -15.05
CA GLY B 46 -0.89 -2.96 -13.70
C GLY B 46 -1.13 -1.66 -12.95
N PRO B 47 -2.34 -1.49 -12.44
CA PRO B 47 -2.72 -0.32 -11.63
C PRO B 47 -1.82 -0.20 -10.40
N ARG B 48 -1.57 1.04 -9.98
CA ARG B 48 -0.65 1.29 -8.89
C ARG B 48 -1.35 1.01 -7.57
N MET B 49 -1.05 -0.14 -6.98
CA MET B 49 -1.76 -0.59 -5.79
C MET B 49 -0.84 -1.29 -4.81
N VAL B 50 -0.83 -0.81 -3.58
CA VAL B 50 -0.21 -1.52 -2.47
C VAL B 50 -0.74 -2.96 -2.34
N ILE B 51 0.15 -3.93 -2.39
CA ILE B 51 -0.21 -5.29 -2.02
C ILE B 51 0.73 -5.78 -0.94
N GLY B 52 0.26 -6.71 -0.13
CA GLY B 52 1.11 -7.24 0.91
C GLY B 52 0.38 -8.23 1.80
N HIS B 53 0.99 -8.55 2.92
CA HIS B 53 0.40 -9.46 3.87
C HIS B 53 0.39 -8.79 5.23
N ALA B 54 -0.78 -8.64 5.83
CA ALA B 54 -0.85 -7.97 7.11
C ALA B 54 -1.02 -8.98 8.23
N ASP B 55 0.03 -9.10 9.03
CA ASP B 55 -0.04 -9.84 10.28
C ASP B 55 0.33 -8.92 11.41
N ILE B 56 -0.53 -8.88 12.42
CA ILE B 56 -0.32 -8.00 13.56
C ILE B 56 0.93 -8.41 14.35
N ASN B 57 1.20 -9.72 14.39
CA ASN B 57 2.35 -10.22 15.14
C ASN B 57 3.66 -9.84 14.45
N GLU B 58 3.71 -10.05 13.14
CA GLU B 58 4.90 -9.77 12.35
C GLU B 58 5.24 -8.28 12.38
N MET B 59 4.23 -7.43 12.23
CA MET B 59 4.45 -5.99 12.25
C MET B 59 5.03 -5.58 13.60
N ARG B 60 4.44 -6.11 14.67
CA ARG B 60 4.88 -5.81 16.03
C ARG B 60 6.35 -6.15 16.22
N ARG B 61 6.72 -7.34 15.77
CA ARG B 61 8.10 -7.82 15.91
C ARG B 61 9.06 -6.87 15.20
N MET B 62 8.74 -6.55 13.96
CA MET B 62 9.56 -5.66 13.14
C MET B 62 9.69 -4.27 13.77
N ILE B 63 8.61 -3.79 14.38
CA ILE B 63 8.64 -2.50 15.07
C ILE B 63 9.65 -2.54 16.22
N VAL B 64 9.60 -3.63 16.99
CA VAL B 64 10.52 -3.82 18.11
C VAL B 64 11.98 -3.85 17.61
N GLU B 65 12.17 -4.34 16.39
CA GLU B 65 13.49 -4.37 15.75
C GLU B 65 14.03 -2.96 15.53
N GLY B 66 13.16 -1.96 15.64
CA GLY B 66 13.57 -0.58 15.48
C GLY B 66 13.79 0.07 16.84
N SER B 67 13.78 -0.78 17.86
CA SER B 67 13.86 -0.37 19.26
C SER B 67 12.66 0.47 19.67
N MET B 68 11.46 -0.05 19.40
CA MET B 68 10.23 0.59 19.81
C MET B 68 9.39 -0.39 20.62
N ARG B 69 8.81 0.08 21.72
CA ARG B 69 8.01 -0.77 22.57
C ARG B 69 6.57 -0.83 22.06
N VAL B 70 6.07 -2.04 21.82
CA VAL B 70 4.75 -2.20 21.24
C VAL B 70 3.84 -2.99 22.16
N GLU B 71 2.57 -2.60 22.20
CA GLU B 71 1.58 -3.29 23.01
C GLU B 71 0.58 -3.98 22.10
N GLN B 72 0.25 -5.22 22.43
CA GLN B 72 -0.64 -6.03 21.62
C GLN B 72 -2.04 -6.03 22.21
N GLU B 73 -3.02 -5.63 21.42
CA GLU B 73 -4.41 -5.66 21.87
C GLU B 73 -5.35 -6.01 20.71
N GLU B 74 -6.63 -6.09 21.00
CA GLU B 74 -7.64 -6.46 19.99
C GLU B 74 -7.68 -5.46 18.83
N ASN B 75 -7.38 -4.21 19.13
CA ASN B 75 -7.51 -3.13 18.14
C ASN B 75 -6.28 -3.05 17.24
N GLY B 76 -5.20 -3.69 17.68
CA GLY B 76 -3.99 -3.67 16.89
C GLY B 76 -2.76 -3.49 17.75
N LEU B 77 -1.94 -2.51 17.40
CA LEU B 77 -0.68 -2.28 18.08
C LEU B 77 -0.56 -0.85 18.58
N LEU B 78 -0.18 -0.70 19.84
CA LEU B 78 0.15 0.61 20.38
C LEU B 78 1.65 0.71 20.60
N VAL B 79 2.30 1.54 19.80
CA VAL B 79 3.76 1.67 19.83
C VAL B 79 4.19 2.92 20.59
N GLU B 80 5.18 2.80 21.50
CA GLU B 80 5.80 3.96 22.17
C GLU B 80 4.78 4.78 22.95
N ASP B 81 3.78 4.10 23.47
CA ASP B 81 2.69 4.68 24.26
C ASP B 81 1.87 5.68 23.44
N CYS B 82 2.25 5.82 22.16
CA CYS B 82 1.35 6.37 21.15
C CYS B 82 1.93 6.03 19.78
N VAL B 83 1.38 5.03 19.11
CA VAL B 83 1.11 5.01 17.68
C VAL B 83 -0.10 4.13 17.56
N TRP B 84 -1.07 4.45 16.75
CA TRP B 84 -2.19 3.52 16.63
C TRP B 84 -2.18 2.81 15.29
N ILE B 85 -2.17 1.48 15.36
CA ILE B 85 -2.25 0.68 14.16
C ILE B 85 -3.51 -0.16 14.23
N ARG B 86 -4.40 0.06 13.28
CA ARG B 86 -5.69 -0.61 13.27
C ARG B 86 -5.85 -1.37 11.98
N VAL B 87 -6.31 -2.61 12.07
CA VAL B 87 -6.37 -3.48 10.91
C VAL B 87 -7.81 -3.59 10.39
N SER B 88 -7.97 -3.36 9.10
CA SER B 88 -9.27 -3.49 8.46
C SER B 88 -9.23 -4.63 7.45
N GLY B 89 -10.39 -5.09 7.00
CA GLY B 89 -10.44 -6.28 6.17
C GLY B 89 -9.61 -6.16 4.90
N ASP B 90 -9.59 -4.96 4.34
CA ASP B 90 -8.87 -4.74 3.08
C ASP B 90 -7.84 -3.63 3.22
N GLY B 91 -7.47 -3.27 4.44
CA GLY B 91 -6.50 -2.22 4.62
C GLY B 91 -6.03 -2.05 6.04
N VAL B 92 -5.22 -1.03 6.26
CA VAL B 92 -4.67 -0.75 7.59
C VAL B 92 -4.71 0.76 7.83
N THR B 93 -4.96 1.14 9.08
CA THR B 93 -4.94 2.55 9.46
C THR B 93 -3.85 2.80 10.49
N ILE B 94 -3.01 3.79 10.25
CA ILE B 94 -1.96 4.17 11.20
C ILE B 94 -2.24 5.57 11.73
N ASP B 95 -2.04 5.76 13.00
CA ASP B 95 -2.35 7.03 13.64
C ASP B 95 -1.08 7.72 14.06
N GLY B 96 -0.96 8.96 13.59
CA GLY B 96 0.25 9.75 13.64
C GLY B 96 0.44 10.53 14.92
N ARG B 97 -0.44 10.35 15.89
CA ARG B 97 -0.42 11.16 17.11
C ARG B 97 0.70 10.69 18.05
N ASP B 98 1.63 9.96 17.47
CA ASP B 98 2.86 9.57 18.13
C ASP B 98 3.83 10.74 18.17
N SER B 99 4.73 10.74 19.14
CA SER B 99 5.85 11.65 19.09
C SER B 99 6.96 11.04 18.22
N GLY B 100 7.31 11.73 17.14
CA GLY B 100 8.39 11.30 16.24
C GLY B 100 8.60 9.80 16.10
N VAL B 101 7.55 9.04 15.77
CA VAL B 101 7.71 7.59 15.54
C VAL B 101 7.00 7.16 14.24
N PHE B 102 6.04 7.97 13.79
CA PHE B 102 5.25 7.67 12.60
C PHE B 102 6.08 7.12 11.45
N TYR B 103 7.21 7.78 11.17
CA TYR B 103 8.08 7.37 10.07
C TYR B 103 8.53 5.92 10.23
N ALA B 104 8.80 5.53 11.48
CA ALA B 104 9.26 4.18 11.78
C ALA B 104 8.18 3.16 11.50
N VAL B 105 6.95 3.48 11.89
CA VAL B 105 5.82 2.58 11.70
C VAL B 105 5.47 2.48 10.22
N ARG B 106 5.53 3.60 9.52
CA ARG B 106 5.31 3.62 8.08
C ARG B 106 6.32 2.71 7.37
N ASP B 107 7.57 2.76 7.81
CA ASP B 107 8.60 1.87 7.28
C ASP B 107 8.27 0.41 7.53
N VAL B 108 7.84 0.07 8.74
CA VAL B 108 7.56 -1.32 9.10
C VAL B 108 6.45 -1.91 8.24
N VAL B 109 5.36 -1.17 8.12
CA VAL B 109 4.21 -1.64 7.36
C VAL B 109 4.59 -1.83 5.89
N TYR B 110 5.42 -0.95 5.37
CA TYR B 110 5.86 -1.02 3.99
C TYR B 110 6.88 -2.14 3.77
N ARG B 111 7.47 -2.63 4.85
CA ARG B 111 8.29 -3.83 4.77
C ARG B 111 7.43 -5.07 4.50
N SER B 112 6.14 -4.97 4.82
CA SER B 112 5.21 -6.05 4.58
C SER B 112 4.26 -5.72 3.42
N SER B 113 4.52 -4.61 2.74
CA SER B 113 3.71 -4.18 1.61
C SER B 113 4.58 -3.60 0.49
N ALA B 114 4.00 -3.33 -0.66
CA ALA B 114 4.75 -2.78 -1.79
C ALA B 114 3.82 -2.06 -2.76
N PHE B 115 4.31 -0.93 -3.30
CA PHE B 115 3.57 -0.21 -4.32
C PHE B 115 3.87 -0.82 -5.68
N ILE B 116 2.89 -1.47 -6.28
CA ILE B 116 3.10 -2.12 -7.57
C ILE B 116 2.15 -1.55 -8.59
N GLY A 1 18.65 -15.59 -0.29
CA GLY A 1 18.88 -16.30 -1.58
C GLY A 1 17.71 -16.13 -2.53
N HIS A 2 17.77 -16.79 -3.68
CA HIS A 2 16.68 -16.75 -4.64
C HIS A 2 16.78 -17.93 -5.62
N MET A 3 15.85 -18.86 -5.50
CA MET A 3 15.77 -19.96 -6.44
C MET A 3 14.96 -19.53 -7.66
N LEU A 4 13.72 -19.10 -7.39
CA LEU A 4 12.82 -18.58 -8.41
C LEU A 4 12.48 -19.62 -9.48
N ALA A 5 12.84 -20.87 -9.22
CA ALA A 5 12.73 -21.93 -10.21
C ALA A 5 13.37 -21.50 -11.52
N LYS A 6 12.90 -22.02 -12.64
CA LYS A 6 13.31 -21.52 -13.94
C LYS A 6 12.75 -20.12 -14.12
N ASP A 7 13.56 -19.23 -14.69
CA ASP A 7 13.17 -17.83 -14.84
C ASP A 7 12.03 -17.67 -15.83
N ASN A 8 11.75 -18.74 -16.57
CA ASN A 8 10.68 -18.72 -17.56
C ASN A 8 9.53 -19.62 -17.12
N GLU A 9 9.67 -20.20 -15.94
CA GLU A 9 8.64 -21.08 -15.39
C GLU A 9 8.04 -20.44 -14.15
N ALA A 10 6.73 -20.50 -14.03
CA ALA A 10 6.04 -19.95 -12.88
C ALA A 10 4.88 -20.85 -12.50
N LYS A 11 4.43 -20.71 -11.27
CA LYS A 11 3.34 -21.50 -10.76
C LYS A 11 2.09 -20.64 -10.81
N ILE A 12 1.08 -21.07 -11.54
CA ILE A 12 -0.09 -20.25 -11.73
C ILE A 12 -1.32 -20.93 -11.16
N PHE A 13 -2.28 -20.10 -10.85
CA PHE A 13 -3.63 -20.55 -10.60
C PHE A 13 -4.34 -20.62 -11.94
N THR A 14 -5.17 -21.62 -12.12
CA THR A 14 -5.63 -22.00 -13.43
C THR A 14 -7.09 -21.61 -13.60
N GLY A 15 -7.63 -21.82 -14.80
CA GLY A 15 -8.91 -21.22 -15.15
C GLY A 15 -8.66 -19.90 -15.84
N VAL A 16 -7.39 -19.70 -16.17
CA VAL A 16 -7.00 -18.43 -16.75
C VAL A 16 -6.99 -18.53 -18.27
N GLU A 17 -7.94 -17.88 -18.92
CA GLU A 17 -7.86 -17.66 -20.36
C GLU A 17 -8.26 -16.25 -20.71
N GLY A 18 -7.64 -15.69 -21.74
CA GLY A 18 -8.02 -14.38 -22.21
C GLY A 18 -7.29 -13.28 -21.49
N GLU A 19 -7.87 -12.09 -21.50
CA GLU A 19 -7.26 -10.94 -20.84
C GLU A 19 -7.64 -10.90 -19.37
N PHE A 20 -6.65 -10.60 -18.56
CA PHE A 20 -6.85 -10.51 -17.12
C PHE A 20 -5.82 -9.58 -16.49
N GLU A 21 -6.13 -9.11 -15.30
CA GLU A 21 -5.17 -8.39 -14.49
C GLU A 21 -4.60 -9.36 -13.49
N GLY A 22 -3.31 -9.60 -13.52
CA GLY A 22 -2.72 -10.51 -12.58
C GLY A 22 -1.59 -9.88 -11.81
N ILE A 23 -1.00 -10.65 -10.93
CA ILE A 23 0.16 -10.21 -10.19
C ILE A 23 1.21 -11.30 -10.22
N ILE A 24 2.46 -10.90 -10.28
CA ILE A 24 3.55 -11.85 -10.34
C ILE A 24 4.37 -11.75 -9.06
N ILE A 25 4.61 -12.88 -8.44
CA ILE A 25 5.35 -12.92 -7.19
C ILE A 25 6.53 -13.85 -7.33
N GLY A 26 7.70 -13.36 -6.99
CA GLY A 26 8.87 -14.20 -7.00
C GLY A 26 9.40 -14.34 -5.61
N THR A 27 9.63 -15.55 -5.15
CA THR A 27 10.06 -15.75 -3.79
C THR A 27 11.41 -16.42 -3.77
N GLU A 28 12.02 -16.53 -2.60
CA GLU A 28 13.30 -17.19 -2.49
C GLU A 28 13.23 -18.64 -3.00
N ASP A 29 12.01 -19.17 -3.08
CA ASP A 29 11.81 -20.54 -3.51
C ASP A 29 11.25 -20.65 -4.93
N ASP A 30 10.41 -19.70 -5.34
CA ASP A 30 9.52 -19.97 -6.49
C ASP A 30 8.80 -18.71 -7.00
N ILE A 31 8.53 -18.68 -8.31
CA ILE A 31 7.74 -17.62 -8.94
C ILE A 31 6.31 -18.09 -9.16
N ARG A 32 5.33 -17.28 -8.78
CA ARG A 32 3.93 -17.67 -8.86
C ARG A 32 3.06 -16.52 -9.36
N ILE A 33 2.01 -16.85 -10.13
CA ILE A 33 1.07 -15.85 -10.62
C ILE A 33 -0.33 -16.07 -10.06
N TYR A 34 -0.92 -14.99 -9.56
CA TYR A 34 -2.30 -15.00 -9.08
C TYR A 34 -3.12 -14.05 -9.95
N LYS A 35 -4.40 -14.36 -10.11
CA LYS A 35 -5.31 -13.48 -10.83
C LYS A 35 -5.76 -12.40 -9.85
N ARG A 36 -5.73 -11.12 -10.24
CA ARG A 36 -6.08 -10.02 -9.32
C ARG A 36 -7.47 -10.21 -8.73
N ASP A 37 -8.33 -10.90 -9.46
CA ASP A 37 -9.72 -11.08 -9.08
C ASP A 37 -9.81 -12.11 -7.98
N GLU A 38 -8.83 -12.97 -7.96
CA GLU A 38 -8.76 -14.07 -7.02
C GLU A 38 -7.94 -13.64 -5.81
N LEU A 39 -7.06 -12.66 -6.04
CA LEU A 39 -5.99 -12.35 -5.10
C LEU A 39 -6.53 -11.79 -3.79
N ILE A 40 -7.60 -11.01 -3.87
CA ILE A 40 -8.12 -10.33 -2.69
C ILE A 40 -8.57 -11.32 -1.62
N GLU A 41 -8.88 -12.55 -2.06
CA GLU A 41 -9.34 -13.58 -1.15
C GLU A 41 -8.18 -14.30 -0.45
N SER A 42 -6.98 -14.19 -1.01
CA SER A 42 -5.80 -14.90 -0.51
C SER A 42 -5.10 -14.15 0.63
N LYS A 43 -4.21 -14.89 1.30
CA LYS A 43 -3.35 -14.36 2.36
C LYS A 43 -2.50 -13.16 1.87
N TYR A 44 -2.59 -12.88 0.57
CA TYR A 44 -1.99 -11.67 0.01
C TYR A 44 -3.14 -10.86 -0.55
N LYS A 45 -3.14 -9.56 -0.39
CA LYS A 45 -4.26 -8.77 -0.88
C LYS A 45 -3.89 -7.34 -1.17
N GLU A 46 -4.72 -6.67 -1.95
CA GLU A 46 -4.59 -5.24 -2.16
C GLU A 46 -4.92 -4.55 -0.84
N MET A 47 -4.01 -3.75 -0.35
CA MET A 47 -4.21 -3.12 0.94
C MET A 47 -4.04 -1.62 0.83
N CYS A 48 -5.03 -0.89 1.28
CA CYS A 48 -4.96 0.55 1.27
C CYS A 48 -4.38 1.03 2.59
N ILE A 49 -3.34 1.83 2.52
CA ILE A 49 -2.69 2.32 3.71
C ILE A 49 -3.13 3.74 3.97
N TYR A 50 -3.82 3.95 5.08
CA TYR A 50 -4.30 5.26 5.44
C TYR A 50 -3.45 5.80 6.57
N GLU A 51 -2.89 6.97 6.36
CA GLU A 51 -1.97 7.53 7.33
C GLU A 51 -2.52 8.83 7.90
N ARG A 52 -2.42 9.00 9.19
CA ARG A 52 -2.94 10.19 9.81
C ARG A 52 -1.84 11.04 10.43
N GLN A 53 -1.88 12.34 10.19
CA GLN A 53 -0.98 13.26 10.85
C GLN A 53 -1.76 14.31 11.63
N ARG A 54 -1.36 14.54 12.87
CA ARG A 54 -1.88 15.66 13.64
C ARG A 54 -0.94 16.84 13.51
N ILE A 55 -1.47 17.94 12.97
CA ILE A 55 -0.65 19.12 12.75
C ILE A 55 -1.16 20.28 13.61
N PRO A 56 -0.30 20.84 14.47
CA PRO A 56 -0.66 21.98 15.32
C PRO A 56 -0.98 23.22 14.48
N TYR A 57 -2.04 23.92 14.84
CA TYR A 57 -2.50 25.07 14.08
C TYR A 57 -3.06 26.14 15.01
N ASN A 58 -2.86 27.39 14.66
CA ASN A 58 -3.33 28.49 15.48
C ASN A 58 -4.38 29.34 14.76
N SER A 59 -4.69 28.98 13.53
CA SER A 59 -5.63 29.73 12.72
C SER A 59 -6.99 29.02 12.64
N THR A 60 -7.89 29.58 11.84
CA THR A 60 -9.25 29.07 11.72
C THR A 60 -9.41 28.16 10.49
N ALA A 61 -10.56 27.51 10.38
CA ALA A 61 -10.83 26.60 9.27
C ALA A 61 -10.80 27.35 7.93
N VAL A 62 -11.43 28.52 7.92
CA VAL A 62 -11.44 29.38 6.73
C VAL A 62 -10.01 29.74 6.31
N LEU A 63 -9.16 29.96 7.31
CA LEU A 63 -7.76 30.28 7.04
C LEU A 63 -7.02 29.07 6.49
N LEU A 64 -7.37 27.89 6.98
CA LEU A 64 -6.81 26.65 6.46
C LEU A 64 -7.15 26.50 4.99
N LYS A 65 -8.42 26.68 4.66
CA LYS A 65 -8.90 26.64 3.29
C LYS A 65 -8.11 27.61 2.41
N GLN A 66 -7.90 28.79 2.92
CA GLN A 66 -7.26 29.84 2.13
C GLN A 66 -5.78 29.50 1.89
N VAL A 67 -5.07 29.06 2.94
CA VAL A 67 -3.70 28.58 2.76
C VAL A 67 -3.64 27.40 1.79
N LEU A 68 -4.59 26.48 1.90
CA LEU A 68 -4.64 25.34 1.00
C LEU A 68 -4.87 25.81 -0.43
N VAL A 69 -5.83 26.72 -0.62
CA VAL A 69 -6.13 27.29 -1.95
C VAL A 69 -4.88 27.93 -2.58
N ASP A 70 -4.03 28.49 -1.73
CA ASP A 70 -2.82 29.13 -2.21
C ASP A 70 -1.91 28.12 -2.90
N GLY A 71 -1.89 26.90 -2.38
CA GLY A 71 -1.19 25.82 -3.05
C GLY A 71 -2.06 25.03 -4.01
N PHE A 72 -3.36 24.98 -3.74
CA PHE A 72 -4.28 24.10 -4.46
C PHE A 72 -5.45 24.84 -5.07
N GLU A 73 -5.46 24.97 -6.39
CA GLU A 73 -6.66 25.38 -7.10
C GLU A 73 -7.70 24.26 -7.05
N GLU A 74 -7.25 23.05 -6.70
CA GLU A 74 -8.09 21.86 -6.70
C GLU A 74 -8.76 21.62 -5.35
N LEU A 75 -8.67 22.58 -4.44
CA LEU A 75 -9.22 22.40 -3.09
C LEU A 75 -10.75 22.27 -3.13
N VAL A 76 -11.25 21.16 -2.63
CA VAL A 76 -12.68 20.93 -2.52
C VAL A 76 -13.09 20.93 -1.05
N GLU A 77 -14.01 21.81 -0.70
CA GLU A 77 -14.49 21.89 0.67
C GLU A 77 -15.74 21.03 0.84
N VAL A 78 -15.85 20.39 2.00
CA VAL A 78 -17.00 19.54 2.29
C VAL A 78 -17.53 19.84 3.69
N GLU A 79 -18.67 19.29 4.05
CA GLU A 79 -19.26 19.58 5.35
C GLU A 79 -18.34 19.12 6.48
N SER A 80 -17.74 17.95 6.28
CA SER A 80 -16.93 17.34 7.30
C SER A 80 -15.44 17.63 7.11
N GLY A 81 -15.10 18.74 6.45
CA GLY A 81 -13.69 19.08 6.30
C GLY A 81 -13.35 19.58 4.92
N PHE A 82 -12.08 19.44 4.56
CA PHE A 82 -11.61 19.80 3.23
C PHE A 82 -11.00 18.57 2.59
N MET A 83 -11.11 18.44 1.29
CA MET A 83 -10.53 17.30 0.60
C MET A 83 -9.61 17.77 -0.51
N VAL A 84 -8.34 17.44 -0.40
CA VAL A 84 -7.38 17.69 -1.46
C VAL A 84 -6.97 16.36 -2.09
N GLY A 85 -7.38 16.15 -3.32
CA GLY A 85 -7.17 14.86 -3.96
C GLY A 85 -7.96 13.78 -3.25
N ASN A 86 -7.26 12.84 -2.65
CA ASN A 86 -7.91 11.82 -1.83
C ASN A 86 -7.49 11.97 -0.37
N VAL A 87 -6.95 13.14 -0.04
CA VAL A 87 -6.52 13.42 1.32
C VAL A 87 -7.58 14.22 2.08
N HIS A 88 -7.96 13.70 3.24
CA HIS A 88 -8.98 14.35 4.05
C HIS A 88 -8.34 15.25 5.11
N ILE A 89 -8.84 16.48 5.16
CA ILE A 89 -8.34 17.50 6.06
C ILE A 89 -9.46 17.97 6.99
N VAL A 90 -9.27 17.89 8.30
CA VAL A 90 -10.26 18.44 9.22
C VAL A 90 -9.59 19.20 10.35
N LEU A 91 -10.15 20.34 10.70
CA LEU A 91 -9.60 21.17 11.75
C LEU A 91 -10.39 20.98 13.04
N SER A 92 -9.66 20.72 14.10
CA SER A 92 -10.26 20.46 15.39
C SER A 92 -9.52 21.24 16.48
N GLY A 93 -10.14 22.30 16.96
CA GLY A 93 -9.50 23.12 17.96
C GLY A 93 -8.23 23.78 17.45
N GLN A 94 -7.10 23.43 18.04
CA GLN A 94 -5.82 23.99 17.64
C GLN A 94 -4.97 22.94 16.92
N GLU A 95 -5.61 21.90 16.42
CA GLU A 95 -4.92 20.87 15.65
C GLU A 95 -5.71 20.50 14.40
N VAL A 96 -5.01 20.17 13.34
CA VAL A 96 -5.64 19.61 12.16
C VAL A 96 -5.38 18.12 12.10
N VAL A 97 -6.43 17.36 11.85
CA VAL A 97 -6.31 15.93 11.69
C VAL A 97 -6.30 15.60 10.20
N LEU A 98 -5.34 14.80 9.78
CA LEU A 98 -5.18 14.48 8.37
C LEU A 98 -5.24 12.99 8.15
N GLU A 99 -5.91 12.56 7.09
CA GLU A 99 -5.92 11.17 6.68
C GLU A 99 -5.38 11.10 5.29
N TRP A 100 -4.70 10.05 4.99
CA TRP A 100 -3.76 10.04 3.91
C TRP A 100 -4.09 8.86 3.02
N LYS A 101 -4.02 9.07 1.71
CA LYS A 101 -4.43 8.06 0.75
C LYS A 101 -3.29 7.09 0.45
N SER A 102 -3.67 5.92 -0.02
CA SER A 102 -2.78 4.83 -0.34
C SER A 102 -1.78 5.15 -1.45
N SER A 103 -2.00 6.24 -2.19
CA SER A 103 -1.41 6.37 -3.50
C SER A 103 -0.23 7.34 -3.47
N TYR A 104 0.77 7.07 -4.30
CA TYR A 104 2.02 7.84 -4.29
C TYR A 104 1.77 9.34 -4.45
N THR A 105 1.03 9.66 -5.49
CA THR A 105 0.72 11.04 -5.82
C THR A 105 0.04 11.74 -4.66
N ASP A 106 -0.87 11.02 -3.99
CA ASP A 106 -1.64 11.59 -2.90
C ASP A 106 -0.74 12.01 -1.74
N ASP A 107 0.29 11.24 -1.46
CA ASP A 107 1.29 11.68 -0.48
C ASP A 107 1.92 12.98 -0.88
N VAL A 108 2.27 13.11 -2.14
CA VAL A 108 2.99 14.28 -2.61
C VAL A 108 2.18 15.59 -2.38
N LEU A 109 0.91 15.57 -2.79
CA LEU A 109 0.06 16.75 -2.55
C LEU A 109 -0.28 16.89 -1.05
N ALA A 110 -0.45 15.77 -0.37
CA ALA A 110 -0.65 15.77 1.06
C ALA A 110 0.52 16.39 1.83
N ILE A 111 1.74 16.16 1.33
CA ILE A 111 2.93 16.80 1.89
C ILE A 111 2.81 18.31 1.74
N SER A 112 2.29 18.74 0.59
CA SER A 112 2.03 20.14 0.36
C SER A 112 1.00 20.66 1.36
N ILE A 113 0.01 19.81 1.70
CA ILE A 113 -0.96 20.16 2.74
C ILE A 113 -0.26 20.39 4.07
N SER A 114 0.60 19.45 4.43
CA SER A 114 1.35 19.52 5.68
C SER A 114 2.15 20.81 5.81
N LYS A 115 2.78 21.28 4.73
CA LYS A 115 3.57 22.51 4.81
C LYS A 115 2.65 23.72 5.01
N MET A 116 1.47 23.64 4.42
CA MET A 116 0.49 24.72 4.49
C MET A 116 0.04 24.97 5.92
N ILE A 117 -0.25 23.91 6.64
CA ILE A 117 -0.71 24.03 8.01
C ILE A 117 0.43 24.26 8.99
N SER A 118 1.61 23.73 8.69
CA SER A 118 2.75 23.83 9.58
C SER A 118 3.38 25.23 9.50
N ASP A 119 3.57 25.73 8.30
CA ASP A 119 4.21 27.03 8.11
C ASP A 119 3.26 27.99 7.41
N MET B 1 9.42 -26.43 -6.59
CA MET B 1 8.46 -27.46 -7.03
C MET B 1 7.99 -28.29 -5.84
N SER B 2 6.96 -27.81 -5.16
CA SER B 2 6.41 -28.52 -4.03
C SER B 2 5.23 -29.40 -4.47
N ASP B 3 5.54 -30.65 -4.81
CA ASP B 3 4.54 -31.61 -5.29
C ASP B 3 3.93 -31.15 -6.61
N VAL B 4 2.78 -30.52 -6.53
CA VAL B 4 2.08 -30.02 -7.70
C VAL B 4 2.01 -28.50 -7.64
N SER B 5 2.67 -27.84 -8.58
CA SER B 5 2.65 -26.39 -8.66
C SER B 5 1.51 -25.92 -9.56
N MET B 6 0.40 -26.66 -9.52
CA MET B 6 -0.76 -26.38 -10.35
C MET B 6 -0.35 -26.25 -11.82
N GLY B 7 -0.57 -25.08 -12.41
CA GLY B 7 -0.16 -24.88 -13.78
C GLY B 7 1.13 -24.11 -13.87
N MET B 8 2.17 -24.70 -14.43
CA MET B 8 3.40 -23.99 -14.61
C MET B 8 3.44 -23.40 -15.99
N VAL B 9 3.56 -22.10 -16.06
CA VAL B 9 3.46 -21.36 -17.30
C VAL B 9 4.72 -20.55 -17.55
N LYS B 10 4.86 -20.06 -18.76
CA LYS B 10 6.06 -19.32 -19.14
C LYS B 10 5.80 -17.83 -19.12
N LEU B 11 6.69 -17.11 -18.45
CA LEU B 11 6.58 -15.68 -18.30
C LEU B 11 7.12 -14.98 -19.54
N ASP B 12 6.37 -14.03 -20.06
CA ASP B 12 6.80 -13.28 -21.23
C ASP B 12 7.81 -12.19 -20.86
N LYS B 13 8.46 -11.70 -21.90
CA LYS B 13 9.46 -10.65 -21.80
C LYS B 13 8.92 -9.38 -21.12
N GLY B 14 7.60 -9.19 -21.17
CA GLY B 14 7.00 -7.98 -20.66
C GLY B 14 7.20 -7.78 -19.17
N PHE B 15 7.28 -8.88 -18.41
CA PHE B 15 7.42 -8.78 -16.97
C PHE B 15 8.67 -8.00 -16.57
N ASP B 16 9.71 -8.09 -17.39
CA ASP B 16 10.98 -7.45 -17.09
C ASP B 16 10.88 -5.92 -17.13
N ALA B 17 9.84 -5.42 -17.77
CA ALA B 17 9.64 -3.99 -17.89
C ALA B 17 8.72 -3.46 -16.78
N LEU B 18 8.05 -4.38 -16.10
CA LEU B 18 7.14 -4.03 -15.01
C LEU B 18 7.86 -3.36 -13.85
N ASN B 19 7.09 -2.62 -13.07
CA ASN B 19 7.61 -1.91 -11.91
C ASN B 19 7.68 -2.85 -10.72
N TYR B 20 8.86 -3.40 -10.48
CA TYR B 20 9.06 -4.35 -9.39
C TYR B 20 9.34 -3.67 -8.06
N ARG B 21 8.65 -4.11 -7.04
CA ARG B 21 8.99 -3.79 -5.66
C ARG B 21 9.03 -5.09 -4.86
N ALA B 22 9.74 -5.10 -3.76
CA ALA B 22 9.87 -6.33 -3.00
C ALA B 22 9.31 -6.20 -1.59
N ILE B 23 8.32 -7.03 -1.28
CA ILE B 23 7.82 -7.17 0.07
C ILE B 23 8.64 -8.21 0.80
N GLY B 24 9.27 -7.87 1.92
CA GLY B 24 10.08 -8.83 2.64
C GLY B 24 11.12 -9.50 1.74
N THR B 25 10.91 -10.78 1.46
CA THR B 25 11.78 -11.52 0.55
C THR B 25 11.03 -11.88 -0.74
N ASP B 26 9.77 -11.48 -0.81
CA ASP B 26 8.94 -11.71 -1.97
C ASP B 26 9.09 -10.54 -2.94
N SER B 27 9.14 -10.80 -4.22
CA SER B 27 9.19 -9.75 -5.23
C SER B 27 7.85 -9.68 -5.95
N VAL B 28 7.23 -8.51 -5.98
CA VAL B 28 5.89 -8.39 -6.51
C VAL B 28 5.80 -7.37 -7.64
N ALA B 29 4.89 -7.64 -8.57
CA ALA B 29 4.58 -6.71 -9.66
C ALA B 29 3.17 -6.94 -10.15
N SER B 30 2.57 -5.92 -10.74
CA SER B 30 1.20 -5.99 -11.23
C SER B 30 1.20 -5.77 -12.73
N PHE B 31 0.32 -6.46 -13.44
CA PHE B 31 0.35 -6.44 -14.88
C PHE B 31 -1.01 -6.74 -15.49
N ARG B 32 -1.22 -6.22 -16.69
CA ARG B 32 -2.35 -6.61 -17.51
C ARG B 32 -1.86 -7.57 -18.55
N GLY B 33 -2.45 -8.74 -18.64
CA GLY B 33 -1.91 -9.75 -19.53
C GLY B 33 -2.97 -10.60 -20.16
N VAL B 34 -2.57 -11.33 -21.19
CA VAL B 34 -3.42 -12.31 -21.82
C VAL B 34 -2.76 -13.68 -21.75
N ARG B 35 -3.48 -14.67 -21.26
CA ARG B 35 -2.96 -16.02 -21.21
C ARG B 35 -3.51 -16.85 -22.35
N ASP B 36 -2.60 -17.41 -23.12
CA ASP B 36 -2.98 -18.26 -24.24
C ASP B 36 -2.11 -19.52 -24.23
N GLY B 37 -2.68 -20.63 -23.82
CA GLY B 37 -1.94 -21.87 -23.83
C GLY B 37 -0.94 -21.97 -22.71
N ASP B 38 0.29 -22.29 -23.06
CA ASP B 38 1.37 -22.42 -22.11
C ASP B 38 2.09 -21.09 -21.93
N MET B 39 1.59 -20.07 -22.62
CA MET B 39 2.23 -18.76 -22.57
C MET B 39 1.41 -17.75 -21.80
N VAL B 40 2.09 -17.01 -20.92
CA VAL B 40 1.53 -15.85 -20.26
C VAL B 40 2.22 -14.61 -20.79
N ARG B 41 1.43 -13.67 -21.30
CA ARG B 41 1.99 -12.51 -21.98
C ARG B 41 1.38 -11.23 -21.45
N CYS B 42 2.21 -10.24 -21.19
CA CYS B 42 1.75 -8.98 -20.66
C CYS B 42 1.40 -8.05 -21.82
N ILE B 43 0.31 -7.32 -21.70
CA ILE B 43 -0.08 -6.38 -22.75
C ILE B 43 0.31 -4.97 -22.35
N GLY B 44 0.76 -4.82 -21.11
CA GLY B 44 1.21 -3.53 -20.64
C GLY B 44 0.99 -3.35 -19.15
N GLU B 45 1.36 -2.19 -18.63
CA GLU B 45 1.12 -1.88 -17.23
C GLU B 45 -0.27 -1.27 -17.10
N GLY B 46 -0.73 -1.11 -15.88
CA GLY B 46 -2.06 -0.59 -15.66
C GLY B 46 -2.38 -0.42 -14.20
N PRO B 47 -2.41 -1.52 -13.43
CA PRO B 47 -2.65 -1.46 -11.98
C PRO B 47 -1.66 -0.57 -11.26
N ARG B 48 -2.15 0.13 -10.27
CA ARG B 48 -1.34 1.01 -9.43
C ARG B 48 -1.85 0.89 -8.01
N MET B 49 -1.44 -0.16 -7.33
CA MET B 49 -2.07 -0.52 -6.07
C MET B 49 -1.08 -1.07 -5.07
N VAL B 50 -1.08 -0.51 -3.88
CA VAL B 50 -0.43 -1.12 -2.73
C VAL B 50 -0.91 -2.56 -2.57
N ILE B 51 0.00 -3.51 -2.61
CA ILE B 51 -0.34 -4.86 -2.22
C ILE B 51 0.59 -5.29 -1.12
N GLY B 52 0.15 -6.20 -0.28
CA GLY B 52 1.00 -6.67 0.78
C GLY B 52 0.36 -7.74 1.61
N HIS B 53 1.00 -8.03 2.72
CA HIS B 53 0.52 -9.03 3.64
C HIS B 53 0.59 -8.48 5.06
N ALA B 54 -0.51 -8.54 5.78
CA ALA B 54 -0.52 -8.01 7.13
C ALA B 54 -0.38 -9.14 8.12
N ASP B 55 0.76 -9.17 8.79
CA ASP B 55 0.99 -10.07 9.89
C ASP B 55 1.28 -9.28 11.15
N ILE B 56 0.32 -9.24 12.07
CA ILE B 56 0.45 -8.44 13.28
C ILE B 56 1.68 -8.85 14.10
N ASN B 57 2.00 -10.14 14.08
CA ASN B 57 3.12 -10.66 14.85
C ASN B 57 4.45 -10.20 14.25
N GLU B 58 4.59 -10.31 12.93
CA GLU B 58 5.82 -9.94 12.25
C GLU B 58 6.00 -8.44 12.19
N MET B 59 4.91 -7.71 11.98
CA MET B 59 4.99 -6.26 11.87
C MET B 59 5.43 -5.69 13.22
N ARG B 60 4.89 -6.26 14.31
CA ARG B 60 5.29 -5.87 15.66
C ARG B 60 6.79 -6.08 15.87
N ARG B 61 7.28 -7.26 15.49
CA ARG B 61 8.71 -7.56 15.64
C ARG B 61 9.55 -6.59 14.83
N MET B 62 9.10 -6.30 13.62
CA MET B 62 9.75 -5.34 12.76
C MET B 62 9.79 -3.95 13.40
N ILE B 63 8.72 -3.60 14.13
CA ILE B 63 8.68 -2.34 14.87
C ILE B 63 9.71 -2.37 16.00
N VAL B 64 9.73 -3.47 16.73
CA VAL B 64 10.68 -3.67 17.82
C VAL B 64 12.12 -3.60 17.29
N GLU B 65 12.30 -4.02 16.05
CA GLU B 65 13.60 -3.98 15.38
C GLU B 65 14.10 -2.53 15.24
N GLY B 66 13.19 -1.58 15.40
CA GLY B 66 13.56 -0.18 15.31
C GLY B 66 13.77 0.41 16.69
N SER B 67 13.79 -0.49 17.68
CA SER B 67 13.87 -0.13 19.09
C SER B 67 12.63 0.66 19.53
N MET B 68 11.47 0.10 19.24
CA MET B 68 10.20 0.74 19.57
C MET B 68 9.32 -0.26 20.30
N ARG B 69 8.70 0.18 21.39
CA ARG B 69 7.91 -0.71 22.23
C ARG B 69 6.47 -0.80 21.72
N VAL B 70 5.98 -2.01 21.56
CA VAL B 70 4.67 -2.24 20.99
C VAL B 70 3.75 -2.96 21.97
N GLU B 71 2.50 -2.52 22.01
CA GLU B 71 1.46 -3.21 22.75
C GLU B 71 0.44 -3.77 21.77
N GLN B 72 0.11 -5.05 21.89
CA GLN B 72 -0.80 -5.67 20.95
C GLN B 72 -2.19 -5.76 21.53
N GLU B 73 -3.19 -5.30 20.79
CA GLU B 73 -4.57 -5.50 21.17
C GLU B 73 -5.37 -6.01 19.98
N GLU B 74 -6.65 -6.21 20.17
CA GLU B 74 -7.49 -6.83 19.14
C GLU B 74 -7.59 -5.94 17.90
N ASN B 75 -7.63 -4.64 18.10
CA ASN B 75 -7.84 -3.70 16.99
C ASN B 75 -6.51 -3.36 16.30
N GLY B 76 -5.40 -3.81 16.85
CA GLY B 76 -4.12 -3.53 16.23
C GLY B 76 -2.98 -3.41 17.21
N LEU B 77 -2.11 -2.44 16.99
CA LEU B 77 -0.91 -2.27 17.78
C LEU B 77 -0.77 -0.83 18.26
N LEU B 78 -0.40 -0.66 19.53
CA LEU B 78 -0.08 0.65 20.07
C LEU B 78 1.43 0.74 20.30
N VAL B 79 2.10 1.56 19.51
CA VAL B 79 3.55 1.68 19.57
C VAL B 79 4.00 2.95 20.29
N GLU B 80 4.96 2.82 21.22
CA GLU B 80 5.65 3.96 21.83
C GLU B 80 4.70 4.83 22.65
N ASP B 81 3.66 4.19 23.16
CA ASP B 81 2.61 4.82 23.96
C ASP B 81 1.77 5.77 23.13
N CYS B 82 2.10 5.88 21.84
CA CYS B 82 1.17 6.37 20.84
C CYS B 82 1.69 6.01 19.46
N VAL B 83 1.13 4.98 18.85
CA VAL B 83 0.88 4.91 17.42
C VAL B 83 -0.33 4.05 17.28
N TRP B 84 -1.29 4.39 16.44
CA TRP B 84 -2.39 3.46 16.27
C TRP B 84 -2.33 2.78 14.92
N ILE B 85 -2.28 1.46 14.95
CA ILE B 85 -2.31 0.69 13.74
C ILE B 85 -3.54 -0.19 13.75
N ARG B 86 -4.41 0.00 12.77
CA ARG B 86 -5.66 -0.73 12.73
C ARG B 86 -5.70 -1.62 11.49
N VAL B 87 -6.10 -2.87 11.69
CA VAL B 87 -6.14 -3.83 10.61
C VAL B 87 -7.57 -4.00 10.13
N SER B 88 -7.78 -3.80 8.84
CA SER B 88 -9.11 -3.91 8.25
C SER B 88 -9.03 -4.58 6.89
N GLY B 89 -10.17 -5.04 6.39
CA GLY B 89 -10.21 -5.73 5.11
C GLY B 89 -9.97 -4.79 3.95
N ASP B 90 -10.11 -3.49 4.19
CA ASP B 90 -9.89 -2.48 3.15
C ASP B 90 -8.43 -2.04 3.18
N GLY B 91 -7.75 -2.31 4.27
CA GLY B 91 -6.35 -1.95 4.38
C GLY B 91 -5.92 -1.72 5.82
N VAL B 92 -5.00 -0.78 6.02
CA VAL B 92 -4.46 -0.51 7.33
C VAL B 92 -4.50 0.99 7.62
N THR B 93 -4.90 1.33 8.82
CA THR B 93 -4.93 2.73 9.25
C THR B 93 -3.82 2.96 10.29
N ILE B 94 -3.00 3.97 10.05
CA ILE B 94 -1.96 4.32 10.99
C ILE B 94 -2.26 5.68 11.59
N ASP B 95 -2.04 5.84 12.89
CA ASP B 95 -2.28 7.11 13.54
C ASP B 95 -0.97 7.74 13.94
N GLY B 96 -0.82 8.94 13.41
CA GLY B 96 0.43 9.69 13.40
C GLY B 96 0.65 10.62 14.57
N ARG B 97 -0.24 10.61 15.55
CA ARG B 97 -0.32 11.74 16.47
C ARG B 97 0.84 11.78 17.45
N ASP B 98 1.65 10.73 17.48
CA ASP B 98 2.93 10.79 18.18
C ASP B 98 3.96 11.45 17.28
N SER B 99 4.67 12.44 17.82
CA SER B 99 5.61 13.21 17.03
C SER B 99 6.87 12.40 16.72
N GLY B 100 7.23 12.31 15.45
CA GLY B 100 8.46 11.67 15.05
C GLY B 100 8.30 10.24 14.58
N VAL B 101 7.81 9.37 15.47
CA VAL B 101 7.79 7.93 15.21
C VAL B 101 6.85 7.53 14.06
N PHE B 102 6.01 8.48 13.64
CA PHE B 102 5.07 8.26 12.55
C PHE B 102 5.75 7.67 11.32
N TYR B 103 6.89 8.23 10.95
CA TYR B 103 7.61 7.78 9.75
C TYR B 103 8.23 6.40 9.95
N ALA B 104 8.59 6.10 11.20
CA ALA B 104 9.15 4.79 11.53
C ALA B 104 8.12 3.70 11.30
N VAL B 105 6.87 4.02 11.59
CA VAL B 105 5.76 3.09 11.40
C VAL B 105 5.56 2.84 9.90
N ARG B 106 5.66 3.90 9.11
CA ARG B 106 5.57 3.78 7.66
C ARG B 106 6.67 2.85 7.15
N ASP B 107 7.87 2.96 7.71
CA ASP B 107 8.98 2.11 7.30
C ASP B 107 8.66 0.64 7.54
N VAL B 108 8.13 0.33 8.72
CA VAL B 108 7.78 -1.03 9.08
C VAL B 108 6.71 -1.62 8.17
N VAL B 109 5.63 -0.87 7.98
CA VAL B 109 4.50 -1.36 7.21
C VAL B 109 4.87 -1.54 5.74
N TYR B 110 5.69 -0.63 5.22
CA TYR B 110 6.10 -0.69 3.82
C TYR B 110 7.06 -1.85 3.58
N ARG B 111 7.71 -2.35 4.62
CA ARG B 111 8.49 -3.57 4.50
C ARG B 111 7.58 -4.78 4.21
N SER B 112 6.31 -4.65 4.55
CA SER B 112 5.35 -5.73 4.31
C SER B 112 4.35 -5.38 3.19
N SER B 113 4.55 -4.23 2.56
CA SER B 113 3.69 -3.80 1.46
C SER B 113 4.52 -3.25 0.29
N ALA B 114 3.88 -3.03 -0.85
CA ALA B 114 4.58 -2.52 -2.03
C ALA B 114 3.64 -1.77 -2.97
N PHE B 115 4.14 -0.66 -3.53
CA PHE B 115 3.39 0.12 -4.50
C PHE B 115 3.65 -0.40 -5.91
N ILE B 116 2.63 -0.98 -6.53
CA ILE B 116 2.75 -1.45 -7.89
C ILE B 116 1.55 -1.03 -8.72
N GLY A 1 22.00 -14.15 -3.99
CA GLY A 1 22.18 -15.63 -4.03
C GLY A 1 21.55 -16.24 -5.26
N HIS A 2 22.28 -17.11 -5.92
CA HIS A 2 21.79 -17.78 -7.12
C HIS A 2 20.88 -18.94 -6.76
N MET A 3 19.84 -18.64 -5.99
CA MET A 3 18.85 -19.62 -5.59
C MET A 3 17.61 -19.47 -6.47
N LEU A 4 17.63 -18.44 -7.30
CA LEU A 4 16.53 -18.12 -8.19
C LEU A 4 16.26 -19.26 -9.16
N ALA A 5 14.99 -19.55 -9.38
CA ALA A 5 14.59 -20.58 -10.32
C ALA A 5 14.61 -20.03 -11.74
N LYS A 6 14.01 -20.76 -12.67
CA LYS A 6 13.93 -20.31 -14.05
C LYS A 6 13.07 -19.05 -14.12
N ASP A 7 13.72 -17.91 -14.35
CA ASP A 7 13.06 -16.62 -14.21
C ASP A 7 12.10 -16.31 -15.35
N ASN A 8 12.00 -17.21 -16.32
CA ASN A 8 11.04 -17.06 -17.40
C ASN A 8 9.87 -18.02 -17.22
N GLU A 9 9.92 -18.79 -16.15
CA GLU A 9 8.85 -19.71 -15.80
C GLU A 9 8.20 -19.23 -14.51
N ALA A 10 6.89 -19.30 -14.48
CA ALA A 10 6.12 -18.87 -13.34
C ALA A 10 5.02 -19.86 -13.08
N LYS A 11 4.47 -19.85 -11.88
CA LYS A 11 3.39 -20.75 -11.56
C LYS A 11 2.15 -19.94 -11.29
N ILE A 12 1.12 -20.15 -12.07
CA ILE A 12 -0.09 -19.38 -11.93
C ILE A 12 -1.29 -20.28 -11.78
N PHE A 13 -2.00 -20.20 -10.66
CA PHE A 13 -3.22 -20.98 -10.57
C PHE A 13 -4.40 -20.15 -10.13
N THR A 14 -5.18 -19.61 -11.06
CA THR A 14 -6.64 -19.58 -10.97
C THR A 14 -7.27 -19.37 -12.34
N GLY A 15 -8.20 -20.23 -12.76
CA GLY A 15 -9.22 -19.80 -13.70
C GLY A 15 -8.71 -19.37 -15.08
N VAL A 16 -7.45 -19.63 -15.44
CA VAL A 16 -6.89 -18.74 -16.46
C VAL A 16 -7.14 -19.29 -17.87
N GLU A 17 -8.08 -18.68 -18.58
CA GLU A 17 -8.02 -18.69 -20.05
C GLU A 17 -8.32 -17.30 -20.60
N GLY A 18 -7.44 -16.79 -21.45
CA GLY A 18 -7.73 -15.54 -22.13
C GLY A 18 -7.22 -14.33 -21.38
N GLU A 19 -7.97 -13.25 -21.43
CA GLU A 19 -7.57 -11.99 -20.83
C GLU A 19 -7.93 -11.94 -19.35
N PHE A 20 -6.99 -11.46 -18.55
CA PHE A 20 -7.19 -11.30 -17.12
C PHE A 20 -6.28 -10.19 -16.59
N GLU A 21 -6.68 -9.60 -15.48
CA GLU A 21 -5.80 -8.68 -14.78
C GLU A 21 -5.19 -9.42 -13.61
N GLY A 22 -3.89 -9.58 -13.60
CA GLY A 22 -3.27 -10.40 -12.59
C GLY A 22 -2.15 -9.70 -11.88
N ILE A 23 -1.54 -10.41 -10.96
CA ILE A 23 -0.43 -9.89 -10.19
C ILE A 23 0.62 -10.96 -10.05
N ILE A 24 1.87 -10.56 -9.99
CA ILE A 24 2.96 -11.51 -9.94
C ILE A 24 3.67 -11.41 -8.60
N ILE A 25 3.82 -12.55 -7.94
CA ILE A 25 4.40 -12.62 -6.62
C ILE A 25 5.60 -13.56 -6.67
N GLY A 26 6.76 -13.05 -6.33
CA GLY A 26 7.96 -13.80 -6.50
C GLY A 26 8.90 -13.70 -5.33
N THR A 27 9.55 -14.78 -4.97
CA THR A 27 10.53 -14.73 -3.93
C THR A 27 11.86 -15.19 -4.50
N GLU A 28 12.87 -15.28 -3.67
CA GLU A 28 14.19 -15.70 -4.13
C GLU A 28 14.14 -17.15 -4.64
N ASP A 29 13.05 -17.83 -4.37
CA ASP A 29 12.89 -19.23 -4.76
C ASP A 29 11.82 -19.43 -5.84
N ASP A 30 10.84 -18.55 -5.92
CA ASP A 30 9.63 -18.86 -6.69
C ASP A 30 9.05 -17.65 -7.41
N ILE A 31 8.36 -17.90 -8.52
CA ILE A 31 7.61 -16.87 -9.23
C ILE A 31 6.19 -17.39 -9.45
N ARG A 32 5.19 -16.69 -8.93
CA ARG A 32 3.84 -17.20 -8.95
C ARG A 32 2.85 -16.11 -9.36
N ILE A 33 1.82 -16.47 -10.12
CA ILE A 33 0.79 -15.52 -10.50
C ILE A 33 -0.58 -15.93 -9.96
N TYR A 34 -1.28 -14.93 -9.46
CA TYR A 34 -2.67 -15.05 -9.06
C TYR A 34 -3.45 -14.01 -9.84
N LYS A 35 -4.73 -14.26 -10.07
CA LYS A 35 -5.54 -13.28 -10.77
C LYS A 35 -5.95 -12.21 -9.76
N ARG A 36 -5.98 -10.94 -10.15
CA ARG A 36 -6.28 -9.86 -9.21
C ARG A 36 -7.61 -10.12 -8.48
N ASP A 37 -8.54 -10.72 -9.20
CA ASP A 37 -9.89 -10.94 -8.71
C ASP A 37 -9.88 -12.07 -7.71
N GLU A 38 -8.89 -12.92 -7.84
CA GLU A 38 -8.79 -14.12 -7.03
C GLU A 38 -7.92 -13.84 -5.80
N LEU A 39 -7.03 -12.86 -5.93
CA LEU A 39 -6.01 -12.60 -4.91
C LEU A 39 -6.64 -12.17 -3.61
N ILE A 40 -7.78 -11.50 -3.71
CA ILE A 40 -8.44 -10.94 -2.53
C ILE A 40 -8.79 -12.05 -1.54
N GLU A 41 -8.98 -13.26 -2.04
CA GLU A 41 -9.34 -14.39 -1.20
C GLU A 41 -8.13 -15.03 -0.54
N SER A 42 -6.95 -14.79 -1.06
CA SER A 42 -5.72 -15.38 -0.53
C SER A 42 -5.18 -14.60 0.66
N LYS A 43 -4.28 -15.27 1.39
CA LYS A 43 -3.55 -14.70 2.52
C LYS A 43 -2.79 -13.42 2.13
N TYR A 44 -2.78 -13.10 0.84
CA TYR A 44 -2.17 -11.87 0.37
C TYR A 44 -3.29 -11.06 -0.27
N LYS A 45 -3.33 -9.76 -0.08
CA LYS A 45 -4.46 -8.99 -0.60
C LYS A 45 -4.08 -7.54 -0.87
N GLU A 46 -4.92 -6.87 -1.66
CA GLU A 46 -4.80 -5.44 -1.85
C GLU A 46 -5.08 -4.77 -0.52
N MET A 47 -4.18 -3.94 -0.05
CA MET A 47 -4.34 -3.35 1.26
C MET A 47 -4.47 -1.84 1.17
N CYS A 48 -5.52 -1.31 1.76
CA CYS A 48 -5.73 0.12 1.82
C CYS A 48 -5.17 0.63 3.14
N ILE A 49 -4.20 1.52 3.05
CA ILE A 49 -3.56 2.03 4.25
C ILE A 49 -3.94 3.50 4.44
N TYR A 50 -4.55 3.78 5.57
CA TYR A 50 -4.94 5.13 5.90
C TYR A 50 -3.89 5.75 6.78
N GLU A 51 -3.27 6.79 6.28
CA GLU A 51 -2.18 7.44 6.99
C GLU A 51 -2.69 8.74 7.58
N ARG A 52 -2.71 8.81 8.90
CA ARG A 52 -3.29 9.96 9.58
C ARG A 52 -2.24 10.73 10.37
N GLN A 53 -2.03 11.99 10.02
CA GLN A 53 -1.08 12.84 10.72
C GLN A 53 -1.81 13.98 11.43
N ARG A 54 -1.43 14.21 12.68
CA ARG A 54 -1.97 15.33 13.45
C ARG A 54 -1.02 16.52 13.37
N ILE A 55 -1.55 17.66 12.90
CA ILE A 55 -0.76 18.87 12.75
C ILE A 55 -1.35 20.02 13.56
N PRO A 56 -0.58 20.60 14.49
CA PRO A 56 -1.00 21.78 15.26
C PRO A 56 -1.24 22.99 14.37
N TYR A 57 -2.33 23.71 14.62
CA TYR A 57 -2.73 24.81 13.76
C TYR A 57 -3.38 25.92 14.59
N ASN A 58 -3.18 27.17 14.20
CA ASN A 58 -3.68 28.29 14.99
C ASN A 58 -4.73 29.09 14.22
N SER A 59 -4.88 28.81 12.94
CA SER A 59 -5.80 29.58 12.11
C SER A 59 -7.13 28.83 11.91
N THR A 60 -8.00 29.42 11.11
CA THR A 60 -9.36 28.91 10.95
C THR A 60 -9.50 27.98 9.74
N ALA A 61 -10.65 27.33 9.61
CA ALA A 61 -10.88 26.41 8.51
C ALA A 61 -10.85 27.14 7.17
N VAL A 62 -11.50 28.30 7.14
CA VAL A 62 -11.50 29.15 5.95
C VAL A 62 -10.07 29.53 5.57
N LEU A 63 -9.24 29.81 6.56
CA LEU A 63 -7.85 30.15 6.32
C LEU A 63 -7.07 28.95 5.82
N LEU A 64 -7.42 27.77 6.33
CA LEU A 64 -6.79 26.53 5.88
C LEU A 64 -7.02 26.33 4.39
N LYS A 65 -8.26 26.46 3.97
CA LYS A 65 -8.60 26.37 2.57
C LYS A 65 -7.82 27.40 1.76
N GLN A 66 -7.63 28.57 2.32
CA GLN A 66 -6.93 29.63 1.63
C GLN A 66 -5.46 29.28 1.45
N VAL A 67 -4.81 28.89 2.54
CA VAL A 67 -3.42 28.44 2.48
C VAL A 67 -3.26 27.23 1.56
N LEU A 68 -4.19 26.30 1.60
CA LEU A 68 -4.15 25.15 0.71
C LEU A 68 -4.27 25.59 -0.75
N VAL A 69 -5.22 26.50 -1.02
CA VAL A 69 -5.40 27.05 -2.36
C VAL A 69 -4.11 27.66 -2.92
N ASP A 70 -3.29 28.22 -2.02
CA ASP A 70 -2.05 28.84 -2.44
C ASP A 70 -1.13 27.83 -3.11
N GLY A 71 -1.13 26.60 -2.60
CA GLY A 71 -0.42 25.52 -3.27
C GLY A 71 -1.28 24.74 -4.24
N PHE A 72 -2.59 24.68 -3.96
CA PHE A 72 -3.48 23.78 -4.68
C PHE A 72 -4.63 24.52 -5.35
N GLU A 73 -4.53 24.74 -6.64
CA GLU A 73 -5.68 25.16 -7.43
C GLU A 73 -6.67 24.00 -7.53
N GLU A 74 -6.19 22.79 -7.26
CA GLU A 74 -7.02 21.59 -7.34
C GLU A 74 -7.71 21.29 -6.00
N LEU A 75 -7.69 22.24 -5.08
CA LEU A 75 -8.30 22.05 -3.78
C LEU A 75 -9.82 21.96 -3.90
N VAL A 76 -10.40 20.89 -3.40
CA VAL A 76 -11.84 20.70 -3.42
C VAL A 76 -12.39 20.68 -2.00
N GLU A 77 -13.34 21.56 -1.72
CA GLU A 77 -13.98 21.60 -0.42
C GLU A 77 -15.12 20.57 -0.36
N VAL A 78 -15.24 19.89 0.78
CA VAL A 78 -16.31 18.94 0.99
C VAL A 78 -16.99 19.22 2.34
N GLU A 79 -18.12 18.58 2.59
CA GLU A 79 -18.88 18.87 3.81
C GLU A 79 -18.07 18.53 5.06
N SER A 80 -17.36 17.41 5.00
CA SER A 80 -16.63 16.90 6.15
C SER A 80 -15.15 17.31 6.11
N GLY A 81 -14.84 18.41 5.43
CA GLY A 81 -13.44 18.83 5.38
C GLY A 81 -13.03 19.32 4.02
N PHE A 82 -11.76 19.23 3.73
CA PHE A 82 -11.22 19.60 2.44
C PHE A 82 -10.53 18.39 1.84
N MET A 83 -10.53 18.27 0.53
CA MET A 83 -9.83 17.18 -0.10
C MET A 83 -8.83 17.69 -1.13
N VAL A 84 -7.56 17.41 -0.90
CA VAL A 84 -6.54 17.67 -1.89
C VAL A 84 -6.17 16.35 -2.54
N GLY A 85 -6.69 16.13 -3.74
CA GLY A 85 -6.49 14.86 -4.40
C GLY A 85 -7.14 13.73 -3.62
N ASN A 86 -6.33 12.84 -3.08
CA ASN A 86 -6.84 11.73 -2.28
C ASN A 86 -6.56 11.95 -0.81
N VAL A 87 -6.29 13.20 -0.43
CA VAL A 87 -6.02 13.54 0.95
C VAL A 87 -7.22 14.21 1.61
N HIS A 88 -7.69 13.64 2.71
CA HIS A 88 -8.77 14.23 3.47
C HIS A 88 -8.23 15.07 4.61
N ILE A 89 -8.58 16.34 4.55
CA ILE A 89 -8.13 17.33 5.52
C ILE A 89 -9.31 17.79 6.37
N VAL A 90 -9.20 17.66 7.68
CA VAL A 90 -10.27 18.14 8.56
C VAL A 90 -9.68 18.89 9.75
N LEU A 91 -10.33 19.98 10.12
CA LEU A 91 -9.85 20.82 11.20
C LEU A 91 -10.63 20.53 12.47
N SER A 92 -9.90 20.25 13.53
CA SER A 92 -10.50 19.92 14.81
C SER A 92 -9.84 20.73 15.91
N GLY A 93 -10.53 21.75 16.38
CA GLY A 93 -9.97 22.63 17.38
C GLY A 93 -8.78 23.39 16.84
N GLN A 94 -7.62 23.15 17.44
CA GLN A 94 -6.39 23.77 16.99
C GLN A 94 -5.46 22.75 16.35
N GLU A 95 -6.04 21.65 15.88
CA GLU A 95 -5.27 20.62 15.20
C GLU A 95 -5.97 20.21 13.91
N VAL A 96 -5.21 20.00 12.85
CA VAL A 96 -5.78 19.45 11.64
C VAL A 96 -5.44 17.97 11.57
N VAL A 97 -6.44 17.17 11.25
CA VAL A 97 -6.22 15.75 11.04
C VAL A 97 -6.08 15.48 9.55
N LEU A 98 -4.92 14.98 9.17
CA LEU A 98 -4.68 14.66 7.78
C LEU A 98 -4.73 13.16 7.59
N GLU A 99 -5.64 12.69 6.75
CA GLU A 99 -5.73 11.28 6.42
C GLU A 99 -5.61 11.16 4.92
N TRP A 100 -4.81 10.25 4.41
CA TRP A 100 -4.63 10.18 2.99
C TRP A 100 -4.34 8.76 2.52
N LYS A 101 -4.45 8.59 1.22
CA LYS A 101 -4.30 7.29 0.60
C LYS A 101 -2.89 6.72 0.80
N SER A 102 -2.87 5.41 0.80
CA SER A 102 -1.69 4.57 0.96
C SER A 102 -0.54 4.90 -0.03
N SER A 103 -0.78 5.76 -1.01
CA SER A 103 0.10 5.77 -2.17
C SER A 103 1.10 6.90 -1.99
N TYR A 104 2.38 6.60 -2.24
CA TYR A 104 3.47 7.52 -1.92
C TYR A 104 3.35 8.85 -2.64
N THR A 105 2.81 8.83 -3.86
CA THR A 105 2.56 10.07 -4.59
C THR A 105 1.60 10.97 -3.83
N ASP A 106 0.58 10.36 -3.24
CA ASP A 106 -0.38 11.09 -2.42
C ASP A 106 0.31 11.72 -1.23
N ASP A 107 1.30 11.03 -0.70
CA ASP A 107 2.15 11.56 0.36
C ASP A 107 2.84 12.84 -0.10
N VAL A 108 3.28 12.85 -1.35
CA VAL A 108 4.04 13.97 -1.87
C VAL A 108 3.21 15.27 -1.85
N LEU A 109 2.01 15.23 -2.40
CA LEU A 109 1.13 16.41 -2.34
C LEU A 109 0.65 16.67 -0.90
N ALA A 110 0.41 15.60 -0.16
CA ALA A 110 0.08 15.69 1.26
C ALA A 110 1.17 16.39 2.07
N ILE A 111 2.43 16.16 1.70
CA ILE A 111 3.56 16.86 2.31
C ILE A 111 3.44 18.35 2.07
N SER A 112 3.00 18.71 0.87
CA SER A 112 2.75 20.09 0.54
C SER A 112 1.64 20.65 1.45
N ILE A 113 0.66 19.81 1.76
CA ILE A 113 -0.38 20.17 2.72
C ILE A 113 0.24 20.45 4.09
N SER A 114 1.09 19.53 4.54
CA SER A 114 1.76 19.65 5.82
C SER A 114 2.54 20.97 5.97
N LYS A 115 3.19 21.44 4.90
CA LYS A 115 3.94 22.67 4.99
C LYS A 115 2.99 23.86 5.09
N MET A 116 1.82 23.73 4.46
CA MET A 116 0.81 24.77 4.49
C MET A 116 0.29 25.00 5.91
N ILE A 117 -0.03 23.92 6.61
CA ILE A 117 -0.62 24.03 7.94
C ILE A 117 0.44 24.23 9.03
N SER A 118 1.62 23.67 8.84
CA SER A 118 2.63 23.68 9.89
C SER A 118 3.46 24.96 9.86
N ASP A 119 3.56 25.58 8.69
CA ASP A 119 4.38 26.77 8.54
C ASP A 119 3.50 28.01 8.47
N MET B 1 -13.03 -20.83 -12.71
CA MET B 1 -12.25 -21.04 -11.47
C MET B 1 -11.87 -22.52 -11.32
N SER B 2 -12.86 -23.41 -11.46
CA SER B 2 -12.63 -24.83 -11.26
C SER B 2 -12.09 -25.48 -12.52
N ASP B 3 -11.39 -26.60 -12.35
CA ASP B 3 -10.80 -27.38 -13.46
C ASP B 3 -9.59 -26.68 -14.07
N VAL B 4 -9.78 -25.46 -14.53
CA VAL B 4 -8.70 -24.69 -15.14
C VAL B 4 -7.62 -24.39 -14.11
N SER B 5 -6.39 -24.71 -14.47
CA SER B 5 -5.23 -24.61 -13.57
C SER B 5 -3.98 -24.70 -14.43
N MET B 6 -3.20 -23.62 -14.47
CA MET B 6 -2.14 -23.53 -15.45
C MET B 6 -0.82 -24.08 -14.94
N GLY B 7 -0.37 -23.58 -13.81
CA GLY B 7 0.91 -24.04 -13.29
C GLY B 7 2.06 -23.25 -13.86
N MET B 8 3.06 -23.94 -14.42
CA MET B 8 4.26 -23.29 -14.91
C MET B 8 4.04 -22.78 -16.33
N VAL B 9 4.22 -21.49 -16.47
CA VAL B 9 4.00 -20.80 -17.73
C VAL B 9 5.18 -19.89 -18.00
N LYS B 10 5.25 -19.37 -19.22
CA LYS B 10 6.36 -18.51 -19.60
C LYS B 10 5.96 -17.04 -19.52
N LEU B 11 6.76 -16.25 -18.81
CA LEU B 11 6.49 -14.82 -18.68
C LEU B 11 7.09 -14.10 -19.88
N ASP B 12 6.31 -13.23 -20.50
CA ASP B 12 6.77 -12.56 -21.72
C ASP B 12 7.68 -11.37 -21.41
N LYS B 13 8.27 -10.82 -22.45
CA LYS B 13 9.19 -9.70 -22.31
C LYS B 13 8.56 -8.50 -21.59
N GLY B 14 7.23 -8.38 -21.68
CA GLY B 14 6.56 -7.20 -21.17
C GLY B 14 6.72 -7.01 -19.66
N PHE B 15 6.84 -8.12 -18.93
CA PHE B 15 6.89 -8.06 -17.46
C PHE B 15 8.04 -7.18 -16.96
N ASP B 16 9.14 -7.13 -17.71
CA ASP B 16 10.32 -6.39 -17.26
C ASP B 16 10.06 -4.88 -17.23
N ALA B 17 8.96 -4.46 -17.83
CA ALA B 17 8.62 -3.04 -17.88
C ALA B 17 7.74 -2.63 -16.70
N LEU B 18 7.21 -3.63 -15.98
CA LEU B 18 6.38 -3.37 -14.81
C LEU B 18 7.18 -2.71 -13.70
N ASN B 19 6.50 -1.95 -12.85
CA ASN B 19 7.14 -1.29 -11.73
C ASN B 19 7.22 -2.23 -10.53
N TYR B 20 8.33 -2.95 -10.43
CA TYR B 20 8.49 -3.93 -9.37
C TYR B 20 8.81 -3.26 -8.04
N ARG B 21 8.09 -3.65 -7.01
CA ARG B 21 8.41 -3.29 -5.64
C ARG B 21 8.53 -4.56 -4.82
N ALA B 22 9.29 -4.51 -3.73
CA ALA B 22 9.56 -5.73 -2.98
C ALA B 22 9.06 -5.65 -1.54
N ILE B 23 8.19 -6.58 -1.19
CA ILE B 23 7.80 -6.79 0.19
C ILE B 23 8.82 -7.72 0.84
N GLY B 24 9.50 -7.30 1.90
CA GLY B 24 10.49 -8.16 2.51
C GLY B 24 11.51 -8.68 1.51
N THR B 25 11.39 -9.95 1.15
CA THR B 25 12.26 -10.57 0.15
C THR B 25 11.47 -10.96 -1.10
N ASP B 26 10.17 -10.70 -1.05
CA ASP B 26 9.25 -11.00 -2.13
C ASP B 26 9.17 -9.79 -3.07
N SER B 27 9.05 -10.05 -4.36
CA SER B 27 8.88 -9.00 -5.34
C SER B 27 7.52 -9.13 -6.00
N VAL B 28 6.78 -8.03 -6.04
CA VAL B 28 5.41 -8.05 -6.53
C VAL B 28 5.20 -6.99 -7.62
N ALA B 29 4.23 -7.24 -8.50
CA ALA B 29 3.89 -6.29 -9.56
C ALA B 29 2.46 -6.52 -10.06
N SER B 30 1.83 -5.47 -10.58
CA SER B 30 0.47 -5.53 -11.08
C SER B 30 0.47 -5.36 -12.60
N PHE B 31 -0.35 -6.15 -13.28
CA PHE B 31 -0.34 -6.14 -14.74
C PHE B 31 -1.67 -6.59 -15.31
N ARG B 32 -1.88 -6.31 -16.58
CA ARG B 32 -2.97 -6.88 -17.35
C ARG B 32 -2.38 -7.84 -18.35
N GLY B 33 -2.88 -9.06 -18.40
CA GLY B 33 -2.24 -10.06 -19.22
C GLY B 33 -3.21 -10.96 -19.94
N VAL B 34 -2.74 -11.57 -21.01
CA VAL B 34 -3.51 -12.56 -21.73
C VAL B 34 -2.77 -13.89 -21.72
N ARG B 35 -3.47 -14.94 -21.34
CA ARG B 35 -2.89 -16.27 -21.31
C ARG B 35 -3.29 -17.05 -22.54
N ASP B 36 -2.33 -17.31 -23.42
CA ASP B 36 -2.56 -18.13 -24.59
C ASP B 36 -1.60 -19.31 -24.56
N GLY B 37 -2.13 -20.48 -24.22
CA GLY B 37 -1.29 -21.66 -24.13
C GLY B 37 -0.45 -21.66 -22.88
N ASP B 38 0.83 -21.92 -23.06
CA ASP B 38 1.77 -21.89 -21.96
C ASP B 38 2.43 -20.53 -21.85
N MET B 39 1.91 -19.57 -22.61
CA MET B 39 2.50 -18.25 -22.61
C MET B 39 1.59 -17.23 -21.92
N VAL B 40 2.19 -16.47 -21.01
CA VAL B 40 1.51 -15.36 -20.36
C VAL B 40 2.09 -14.06 -20.87
N ARG B 41 1.23 -13.19 -21.38
CA ARG B 41 1.68 -11.98 -22.05
C ARG B 41 1.05 -10.77 -21.42
N CYS B 42 1.85 -9.76 -21.12
CA CYS B 42 1.36 -8.56 -20.48
C CYS B 42 0.90 -7.57 -21.56
N ILE B 43 -0.35 -7.19 -21.52
CA ILE B 43 -0.89 -6.27 -22.52
C ILE B 43 -0.72 -4.82 -22.05
N GLY B 44 -0.44 -4.65 -20.77
CA GLY B 44 -0.22 -3.33 -20.22
C GLY B 44 -0.35 -3.32 -18.72
N GLU B 45 -0.03 -2.19 -18.10
CA GLU B 45 -0.14 -2.05 -16.66
C GLU B 45 -1.59 -1.84 -16.25
N GLY B 46 -1.96 -2.42 -15.13
CA GLY B 46 -3.33 -2.34 -14.65
C GLY B 46 -3.47 -1.32 -13.55
N PRO B 47 -4.18 -1.66 -12.47
CA PRO B 47 -4.33 -0.76 -11.32
C PRO B 47 -3.05 -0.69 -10.51
N ARG B 48 -2.67 0.53 -10.10
CA ARG B 48 -1.53 0.70 -9.23
C ARG B 48 -2.00 0.62 -7.79
N MET B 49 -1.83 -0.54 -7.20
CA MET B 49 -2.50 -0.85 -5.94
C MET B 49 -1.55 -1.48 -4.94
N VAL B 50 -1.53 -0.91 -3.76
CA VAL B 50 -0.90 -1.52 -2.60
C VAL B 50 -1.37 -2.95 -2.37
N ILE B 51 -0.46 -3.89 -2.36
CA ILE B 51 -0.80 -5.26 -1.95
C ILE B 51 0.18 -5.71 -0.87
N GLY B 52 -0.23 -6.66 -0.05
CA GLY B 52 0.65 -7.14 0.99
C GLY B 52 0.02 -8.22 1.84
N HIS B 53 0.65 -8.49 2.96
CA HIS B 53 0.18 -9.49 3.90
C HIS B 53 0.23 -8.90 5.29
N ALA B 54 -0.89 -8.96 6.00
CA ALA B 54 -0.94 -8.37 7.33
C ALA B 54 -0.73 -9.43 8.38
N ASP B 55 0.42 -9.37 9.03
CA ASP B 55 0.72 -10.20 10.19
C ASP B 55 1.03 -9.28 11.36
N ILE B 56 0.17 -9.29 12.37
CA ILE B 56 0.33 -8.41 13.51
C ILE B 56 1.63 -8.70 14.26
N ASN B 57 1.99 -9.96 14.36
CA ASN B 57 3.20 -10.37 15.07
C ASN B 57 4.45 -9.95 14.30
N GLU B 58 4.47 -10.18 12.99
CA GLU B 58 5.60 -9.78 12.17
C GLU B 58 5.76 -8.27 12.19
N MET B 59 4.65 -7.55 12.11
CA MET B 59 4.68 -6.11 12.14
C MET B 59 5.25 -5.64 13.46
N ARG B 60 4.80 -6.26 14.54
CA ARG B 60 5.29 -5.93 15.88
C ARG B 60 6.79 -6.18 15.99
N ARG B 61 7.24 -7.34 15.52
CA ARG B 61 8.65 -7.72 15.60
C ARG B 61 9.51 -6.71 14.87
N MET B 62 9.14 -6.40 13.64
CA MET B 62 9.88 -5.43 12.83
C MET B 62 9.93 -4.06 13.50
N ILE B 63 8.85 -3.67 14.18
CA ILE B 63 8.84 -2.44 14.95
C ILE B 63 9.86 -2.49 16.07
N VAL B 64 9.88 -3.61 16.79
CA VAL B 64 10.85 -3.84 17.86
C VAL B 64 12.27 -3.81 17.29
N GLU B 65 12.42 -4.26 16.04
CA GLU B 65 13.70 -4.19 15.32
C GLU B 65 14.16 -2.74 15.14
N GLY B 66 13.25 -1.81 15.33
CA GLY B 66 13.56 -0.40 15.20
C GLY B 66 13.83 0.21 16.57
N SER B 67 13.96 -0.67 17.55
CA SER B 67 14.12 -0.29 18.95
C SER B 67 12.91 0.52 19.42
N MET B 68 11.72 -0.04 19.17
CA MET B 68 10.47 0.61 19.53
C MET B 68 9.61 -0.36 20.32
N ARG B 69 9.00 0.12 21.39
CA ARG B 69 8.18 -0.72 22.25
C ARG B 69 6.79 -0.86 21.69
N VAL B 70 6.26 -2.07 21.69
CA VAL B 70 4.95 -2.32 21.12
C VAL B 70 4.06 -3.06 22.11
N GLU B 71 2.80 -2.65 22.17
CA GLU B 71 1.80 -3.36 22.96
C GLU B 71 0.72 -3.89 22.02
N GLN B 72 0.49 -5.20 22.06
CA GLN B 72 -0.40 -5.84 21.11
C GLN B 72 -1.78 -6.03 21.71
N GLU B 73 -2.79 -5.56 21.02
CA GLU B 73 -4.17 -5.76 21.44
C GLU B 73 -5.00 -6.28 20.27
N GLU B 74 -6.29 -6.50 20.51
CA GLU B 74 -7.17 -7.05 19.48
C GLU B 74 -7.23 -6.15 18.25
N ASN B 75 -7.23 -4.86 18.49
CA ASN B 75 -7.42 -3.87 17.43
C ASN B 75 -6.12 -3.51 16.72
N GLY B 76 -4.99 -4.03 17.20
CA GLY B 76 -3.73 -3.73 16.55
C GLY B 76 -2.59 -3.55 17.52
N LEU B 77 -1.77 -2.53 17.28
CA LEU B 77 -0.56 -2.32 18.06
C LEU B 77 -0.47 -0.88 18.56
N LEU B 78 -0.03 -0.72 19.80
CA LEU B 78 0.30 0.59 20.34
C LEU B 78 1.81 0.70 20.50
N VAL B 79 2.44 1.53 19.68
CA VAL B 79 3.90 1.65 19.70
C VAL B 79 4.37 2.91 20.44
N GLU B 80 5.35 2.74 21.35
CA GLU B 80 6.06 3.87 21.97
C GLU B 80 5.12 4.71 22.83
N ASP B 81 4.12 4.03 23.39
CA ASP B 81 3.09 4.63 24.24
C ASP B 81 2.22 5.62 23.48
N CYS B 82 2.51 5.79 22.19
CA CYS B 82 1.55 6.30 21.22
C CYS B 82 2.06 6.04 19.81
N VAL B 83 1.50 5.07 19.15
CA VAL B 83 1.14 5.12 17.74
C VAL B 83 -0.05 4.22 17.64
N TRP B 84 -1.11 4.58 16.96
CA TRP B 84 -2.23 3.66 16.92
C TRP B 84 -2.30 2.95 15.59
N ILE B 85 -2.23 1.63 15.65
CA ILE B 85 -2.32 0.83 14.45
C ILE B 85 -3.57 -0.02 14.52
N ARG B 86 -4.44 0.17 13.56
CA ARG B 86 -5.68 -0.56 13.50
C ARG B 86 -5.70 -1.49 12.30
N VAL B 87 -5.98 -2.76 12.56
CA VAL B 87 -5.90 -3.79 11.54
C VAL B 87 -7.24 -3.96 10.84
N SER B 88 -7.20 -3.96 9.52
CA SER B 88 -8.40 -4.13 8.72
C SER B 88 -8.20 -5.30 7.76
N GLY B 89 -9.28 -6.01 7.49
CA GLY B 89 -9.24 -7.09 6.51
C GLY B 89 -9.06 -6.56 5.10
N ASP B 90 -9.11 -5.24 4.98
CA ASP B 90 -8.96 -4.58 3.69
C ASP B 90 -7.68 -3.73 3.67
N GLY B 91 -7.05 -3.58 4.83
CA GLY B 91 -5.83 -2.79 4.90
C GLY B 91 -5.42 -2.44 6.31
N VAL B 92 -4.83 -1.26 6.48
CA VAL B 92 -4.32 -0.83 7.79
C VAL B 92 -4.59 0.66 7.99
N THR B 93 -4.84 1.06 9.21
CA THR B 93 -4.96 2.47 9.57
C THR B 93 -3.93 2.80 10.63
N ILE B 94 -3.13 3.84 10.41
CA ILE B 94 -2.10 4.23 11.36
C ILE B 94 -2.41 5.63 11.87
N ASP B 95 -2.24 5.84 13.17
CA ASP B 95 -2.68 7.07 13.79
C ASP B 95 -1.50 7.90 14.27
N GLY B 96 -1.54 9.16 13.84
CA GLY B 96 -0.44 10.10 13.87
C GLY B 96 -0.28 10.89 15.16
N ARG B 97 -1.02 10.57 16.20
CA ARG B 97 -1.16 11.49 17.34
C ARG B 97 0.13 11.59 18.14
N ASP B 98 1.03 10.64 17.97
CA ASP B 98 2.38 10.78 18.52
C ASP B 98 3.23 11.64 17.60
N SER B 99 3.87 12.65 18.16
CA SER B 99 4.78 13.48 17.38
C SER B 99 6.11 12.76 17.20
N GLY B 100 6.54 12.58 15.96
CA GLY B 100 7.86 12.02 15.71
C GLY B 100 7.84 10.65 15.03
N VAL B 101 7.67 9.60 15.82
CA VAL B 101 7.96 8.22 15.39
C VAL B 101 6.93 7.68 14.38
N PHE B 102 6.00 8.53 13.98
CA PHE B 102 4.94 8.15 13.06
C PHE B 102 5.50 7.53 11.77
N TYR B 103 6.49 8.19 11.18
CA TYR B 103 7.06 7.74 9.89
C TYR B 103 7.70 6.36 10.04
N ALA B 104 8.26 6.08 11.21
CA ALA B 104 8.92 4.80 11.45
C ALA B 104 7.92 3.66 11.36
N VAL B 105 6.73 3.89 11.92
CA VAL B 105 5.67 2.88 11.86
C VAL B 105 5.22 2.65 10.42
N ARG B 106 5.19 3.73 9.64
CA ARG B 106 4.81 3.63 8.24
C ARG B 106 5.76 2.71 7.50
N ASP B 107 7.07 2.91 7.73
CA ASP B 107 8.09 2.13 7.06
C ASP B 107 7.95 0.66 7.35
N VAL B 108 7.60 0.33 8.59
CA VAL B 108 7.45 -1.07 8.99
C VAL B 108 6.31 -1.73 8.23
N VAL B 109 5.16 -1.07 8.18
CA VAL B 109 4.00 -1.60 7.50
C VAL B 109 4.28 -1.75 6.01
N TYR B 110 5.00 -0.79 5.46
CA TYR B 110 5.36 -0.83 4.05
C TYR B 110 6.38 -1.93 3.76
N ARG B 111 7.11 -2.37 4.78
CA ARG B 111 7.99 -3.52 4.63
C ARG B 111 7.20 -4.81 4.46
N SER B 112 5.92 -4.79 4.84
CA SER B 112 5.05 -5.96 4.69
C SER B 112 4.01 -5.71 3.59
N SER B 113 4.13 -4.61 2.90
CA SER B 113 3.25 -4.27 1.78
C SER B 113 4.05 -3.68 0.63
N ALA B 114 3.42 -3.49 -0.51
CA ALA B 114 4.10 -2.91 -1.66
C ALA B 114 3.15 -2.15 -2.54
N PHE B 115 3.62 -1.04 -3.09
CA PHE B 115 2.81 -0.21 -3.96
C PHE B 115 3.07 -0.59 -5.40
N ILE B 116 2.12 -1.19 -6.08
CA ILE B 116 2.37 -1.64 -7.44
C ILE B 116 1.25 -1.26 -8.39
N GLY A 1 20.91 -21.40 -4.58
CA GLY A 1 20.73 -22.78 -4.06
C GLY A 1 19.98 -23.65 -5.04
N HIS A 2 18.91 -24.29 -4.59
CA HIS A 2 18.13 -25.15 -5.46
C HIS A 2 16.71 -24.63 -5.61
N MET A 3 16.47 -23.45 -5.05
CA MET A 3 15.18 -22.78 -5.21
C MET A 3 15.22 -21.88 -6.43
N LEU A 4 14.12 -21.20 -6.70
CA LEU A 4 13.97 -20.34 -7.88
C LEU A 4 13.93 -21.19 -9.15
N ALA A 5 12.79 -21.17 -9.80
CA ALA A 5 12.61 -21.95 -11.02
C ALA A 5 13.16 -21.19 -12.21
N LYS A 6 12.71 -21.55 -13.40
CA LYS A 6 13.11 -20.83 -14.60
C LYS A 6 12.58 -19.41 -14.55
N ASP A 7 13.29 -18.48 -15.17
CA ASP A 7 12.93 -17.06 -15.11
C ASP A 7 11.63 -16.79 -15.85
N ASN A 8 11.24 -17.74 -16.69
CA ASN A 8 10.00 -17.62 -17.44
C ASN A 8 8.98 -18.66 -16.98
N GLU A 9 9.24 -19.27 -15.84
CA GLU A 9 8.31 -20.24 -15.26
C GLU A 9 7.69 -19.62 -14.03
N ALA A 10 6.38 -19.75 -13.89
CA ALA A 10 5.68 -19.25 -12.73
C ALA A 10 4.48 -20.13 -12.45
N LYS A 11 3.97 -20.07 -11.23
CA LYS A 11 2.84 -20.89 -10.87
C LYS A 11 1.60 -20.01 -10.81
N ILE A 12 0.63 -20.34 -11.62
CA ILE A 12 -0.52 -19.48 -11.82
C ILE A 12 -1.78 -20.12 -11.27
N PHE A 13 -2.74 -19.27 -11.00
CA PHE A 13 -4.11 -19.71 -10.82
C PHE A 13 -4.75 -19.77 -12.19
N THR A 14 -5.55 -20.79 -12.41
CA THR A 14 -5.95 -21.18 -13.75
C THR A 14 -7.42 -20.84 -13.98
N GLY A 15 -7.88 -21.04 -15.21
CA GLY A 15 -9.17 -20.52 -15.61
C GLY A 15 -9.00 -19.21 -16.32
N VAL A 16 -7.78 -19.03 -16.81
CA VAL A 16 -7.43 -17.77 -17.44
C VAL A 16 -7.55 -17.89 -18.96
N GLU A 17 -8.52 -17.23 -19.56
CA GLU A 17 -8.49 -17.02 -21.00
C GLU A 17 -8.75 -15.56 -21.35
N GLY A 18 -7.87 -14.98 -22.15
CA GLY A 18 -8.08 -13.64 -22.61
C GLY A 18 -7.53 -12.61 -21.65
N GLU A 19 -8.22 -11.48 -21.57
CA GLU A 19 -7.77 -10.37 -20.75
C GLU A 19 -8.06 -10.60 -19.28
N PHE A 20 -7.05 -10.34 -18.46
CA PHE A 20 -7.20 -10.35 -17.02
C PHE A 20 -6.23 -9.36 -16.41
N GLU A 21 -6.59 -8.79 -15.29
CA GLU A 21 -5.67 -7.94 -14.56
C GLU A 21 -5.10 -8.75 -13.41
N GLY A 22 -3.82 -9.01 -13.44
CA GLY A 22 -3.24 -9.91 -12.49
C GLY A 22 -2.05 -9.33 -11.79
N ILE A 23 -1.46 -10.11 -10.92
CA ILE A 23 -0.31 -9.67 -10.17
C ILE A 23 0.72 -10.78 -10.15
N ILE A 24 1.98 -10.40 -10.17
CA ILE A 24 3.06 -11.36 -10.21
C ILE A 24 3.85 -11.27 -8.92
N ILE A 25 4.11 -12.42 -8.32
CA ILE A 25 4.85 -12.48 -7.08
C ILE A 25 6.04 -13.39 -7.25
N GLY A 26 7.21 -12.88 -6.97
CA GLY A 26 8.39 -13.70 -7.05
C GLY A 26 8.97 -13.86 -5.68
N THR A 27 9.25 -15.07 -5.26
CA THR A 27 9.72 -15.28 -3.92
C THR A 27 11.03 -16.02 -3.98
N GLU A 28 11.69 -16.13 -2.84
CA GLU A 28 12.99 -16.79 -2.77
C GLU A 28 12.87 -18.24 -3.24
N ASP A 29 11.68 -18.80 -3.11
CA ASP A 29 11.43 -20.19 -3.46
C ASP A 29 10.97 -20.35 -4.91
N ASP A 30 10.16 -19.39 -5.40
CA ASP A 30 9.47 -19.58 -6.68
C ASP A 30 8.68 -18.32 -7.10
N ILE A 31 8.31 -18.28 -8.37
CA ILE A 31 7.52 -17.18 -8.93
C ILE A 31 6.09 -17.65 -9.18
N ARG A 32 5.08 -16.86 -8.80
CA ARG A 32 3.70 -17.25 -8.96
C ARG A 32 2.86 -16.06 -9.45
N ILE A 33 1.84 -16.36 -10.26
CA ILE A 33 0.90 -15.35 -10.73
C ILE A 33 -0.48 -15.59 -10.10
N TYR A 34 -1.05 -14.54 -9.55
CA TYR A 34 -2.40 -14.60 -9.00
C TYR A 34 -3.29 -13.65 -9.81
N LYS A 35 -4.57 -13.91 -9.86
CA LYS A 35 -5.50 -12.95 -10.42
C LYS A 35 -5.80 -11.94 -9.32
N ARG A 36 -5.79 -10.65 -9.60
CA ARG A 36 -6.05 -9.67 -8.53
C ARG A 36 -7.40 -9.96 -7.84
N ASP A 37 -8.31 -10.55 -8.60
CA ASP A 37 -9.68 -10.76 -8.14
C ASP A 37 -9.70 -11.94 -7.19
N GLU A 38 -8.73 -12.82 -7.35
CA GLU A 38 -8.65 -14.02 -6.56
C GLU A 38 -7.76 -13.76 -5.36
N LEU A 39 -6.85 -12.79 -5.51
CA LEU A 39 -5.79 -12.53 -4.54
C LEU A 39 -6.36 -12.00 -3.24
N ILE A 40 -7.45 -11.26 -3.34
CA ILE A 40 -8.06 -10.63 -2.17
C ILE A 40 -8.44 -11.66 -1.12
N GLU A 41 -8.63 -12.90 -1.56
CA GLU A 41 -9.03 -13.99 -0.68
C GLU A 41 -7.84 -14.65 0.01
N SER A 42 -6.63 -14.49 -0.55
CA SER A 42 -5.45 -15.17 -0.05
C SER A 42 -4.76 -14.43 1.09
N LYS A 43 -3.89 -15.17 1.77
CA LYS A 43 -3.03 -14.64 2.84
C LYS A 43 -2.17 -13.46 2.35
N TYR A 44 -2.26 -13.17 1.05
CA TYR A 44 -1.66 -11.96 0.50
C TYR A 44 -2.81 -11.17 -0.10
N LYS A 45 -2.87 -9.85 0.05
CA LYS A 45 -4.06 -9.14 -0.44
C LYS A 45 -3.76 -7.70 -0.79
N GLU A 46 -4.67 -7.11 -1.57
CA GLU A 46 -4.66 -5.68 -1.82
C GLU A 46 -5.10 -4.98 -0.55
N MET A 47 -4.28 -4.08 -0.05
CA MET A 47 -4.59 -3.42 1.22
C MET A 47 -4.59 -1.91 1.08
N CYS A 48 -5.62 -1.29 1.63
CA CYS A 48 -5.66 0.15 1.70
C CYS A 48 -5.01 0.58 3.01
N ILE A 49 -3.94 1.34 2.90
CA ILE A 49 -3.25 1.82 4.08
C ILE A 49 -3.50 3.30 4.24
N TYR A 50 -4.01 3.68 5.40
CA TYR A 50 -4.39 5.04 5.65
C TYR A 50 -3.37 5.71 6.54
N GLU A 51 -2.72 6.71 6.00
CA GLU A 51 -1.77 7.48 6.77
C GLU A 51 -2.44 8.73 7.31
N ARG A 52 -2.55 8.77 8.62
CA ARG A 52 -3.19 9.88 9.29
C ARG A 52 -2.17 10.70 10.07
N GLN A 53 -2.06 11.98 9.74
CA GLN A 53 -1.16 12.88 10.44
C GLN A 53 -1.90 14.12 10.93
N ARG A 54 -1.76 14.42 12.21
CA ARG A 54 -2.38 15.64 12.75
C ARG A 54 -1.36 16.77 12.79
N ILE A 55 -1.83 17.95 12.40
CA ILE A 55 -0.98 19.14 12.36
C ILE A 55 -1.58 20.26 13.20
N PRO A 56 -0.83 20.78 14.18
CA PRO A 56 -1.28 21.91 15.01
C PRO A 56 -1.61 23.14 14.18
N TYR A 57 -2.68 23.84 14.55
CA TYR A 57 -3.16 24.97 13.79
C TYR A 57 -3.73 26.04 14.74
N ASN A 58 -3.58 27.29 14.38
CA ASN A 58 -4.14 28.37 15.19
C ASN A 58 -5.16 29.19 14.41
N SER A 59 -5.39 28.80 13.17
CA SER A 59 -6.32 29.52 12.30
C SER A 59 -7.64 28.74 12.15
N THR A 60 -8.53 29.27 11.31
CA THR A 60 -9.85 28.68 11.12
C THR A 60 -9.91 27.80 9.88
N ALA A 61 -11.01 27.06 9.71
CA ALA A 61 -11.18 26.17 8.57
C ALA A 61 -11.17 26.95 7.26
N VAL A 62 -11.84 28.09 7.26
CA VAL A 62 -11.90 28.97 6.09
C VAL A 62 -10.49 29.38 5.66
N LEU A 63 -9.64 29.64 6.64
CA LEU A 63 -8.27 30.04 6.38
C LEU A 63 -7.48 28.88 5.81
N LEU A 64 -7.76 27.68 6.29
CA LEU A 64 -7.07 26.48 5.83
C LEU A 64 -7.28 26.25 4.34
N LYS A 65 -8.54 26.26 3.92
CA LYS A 65 -8.85 26.06 2.51
C LYS A 65 -8.22 27.16 1.67
N GLN A 66 -8.14 28.36 2.23
CA GLN A 66 -7.55 29.49 1.53
C GLN A 66 -6.07 29.25 1.31
N VAL A 67 -5.37 28.88 2.38
CA VAL A 67 -3.95 28.51 2.27
C VAL A 67 -3.75 27.32 1.33
N LEU A 68 -4.66 26.35 1.39
CA LEU A 68 -4.60 25.21 0.50
C LEU A 68 -4.75 25.64 -0.96
N VAL A 69 -5.73 26.51 -1.22
CA VAL A 69 -5.97 27.05 -2.57
C VAL A 69 -4.72 27.74 -3.13
N ASP A 70 -3.96 28.36 -2.25
CA ASP A 70 -2.76 29.07 -2.67
C ASP A 70 -1.76 28.12 -3.30
N GLY A 71 -1.68 26.91 -2.74
CA GLY A 71 -0.85 25.88 -3.34
C GLY A 71 -1.61 25.00 -4.33
N PHE A 72 -2.92 24.87 -4.13
CA PHE A 72 -3.72 23.91 -4.91
C PHE A 72 -4.88 24.59 -5.63
N GLU A 73 -4.76 24.73 -6.93
CA GLU A 73 -5.91 25.11 -7.75
C GLU A 73 -6.95 24.00 -7.74
N GLU A 74 -6.48 22.78 -7.46
CA GLU A 74 -7.32 21.59 -7.56
C GLU A 74 -7.97 21.23 -6.23
N LEU A 75 -7.89 22.15 -5.26
CA LEU A 75 -8.50 21.90 -3.95
C LEU A 75 -10.01 21.81 -4.07
N VAL A 76 -10.55 20.66 -3.68
CA VAL A 76 -11.99 20.47 -3.68
C VAL A 76 -12.49 20.39 -2.24
N GLU A 77 -13.38 21.30 -1.86
CA GLU A 77 -13.91 21.31 -0.52
C GLU A 77 -15.18 20.46 -0.48
N VAL A 78 -15.42 19.83 0.67
CA VAL A 78 -16.62 19.05 0.86
C VAL A 78 -17.27 19.42 2.19
N GLU A 79 -18.48 18.95 2.43
CA GLU A 79 -19.17 19.30 3.67
C GLU A 79 -18.42 18.76 4.88
N SER A 80 -17.80 17.60 4.73
CA SER A 80 -17.11 16.95 5.83
C SER A 80 -15.60 17.21 5.81
N GLY A 81 -15.16 18.31 5.19
CA GLY A 81 -13.75 18.63 5.20
C GLY A 81 -13.26 19.15 3.86
N PHE A 82 -11.97 19.02 3.63
CA PHE A 82 -11.35 19.43 2.38
C PHE A 82 -10.65 18.23 1.78
N MET A 83 -10.61 18.14 0.47
CA MET A 83 -9.93 17.03 -0.17
C MET A 83 -8.94 17.51 -1.21
N VAL A 84 -7.66 17.20 -0.98
CA VAL A 84 -6.63 17.47 -1.97
C VAL A 84 -6.17 16.15 -2.57
N GLY A 85 -6.55 15.90 -3.81
CA GLY A 85 -6.30 14.61 -4.43
C GLY A 85 -7.00 13.50 -3.66
N ASN A 86 -6.22 12.63 -3.05
CA ASN A 86 -6.79 11.58 -2.20
C ASN A 86 -6.60 11.91 -0.73
N VAL A 87 -6.17 13.13 -0.44
CA VAL A 87 -5.94 13.52 0.95
C VAL A 87 -7.18 14.15 1.56
N HIS A 88 -7.67 13.54 2.63
CA HIS A 88 -8.79 14.07 3.39
C HIS A 88 -8.29 14.93 4.53
N ILE A 89 -8.65 16.19 4.46
CA ILE A 89 -8.24 17.20 5.42
C ILE A 89 -9.44 17.64 6.25
N VAL A 90 -9.36 17.51 7.57
CA VAL A 90 -10.43 17.99 8.42
C VAL A 90 -9.87 18.72 9.63
N LEU A 91 -10.51 19.82 10.00
CA LEU A 91 -10.06 20.62 11.13
C LEU A 91 -10.76 20.15 12.39
N SER A 92 -9.97 19.91 13.41
CA SER A 92 -10.48 19.37 14.66
C SER A 92 -9.95 20.20 15.82
N GLY A 93 -10.74 21.19 16.23
CA GLY A 93 -10.27 22.12 17.23
C GLY A 93 -9.12 22.96 16.73
N GLN A 94 -7.96 22.81 17.33
CA GLN A 94 -6.78 23.56 16.93
C GLN A 94 -5.76 22.64 16.25
N GLU A 95 -6.20 21.49 15.78
CA GLU A 95 -5.35 20.60 15.01
C GLU A 95 -6.08 20.06 13.79
N VAL A 96 -5.36 19.87 12.69
CA VAL A 96 -5.94 19.32 11.48
C VAL A 96 -5.61 17.84 11.36
N VAL A 97 -6.60 17.05 11.01
CA VAL A 97 -6.39 15.64 10.80
C VAL A 97 -6.24 15.36 9.31
N LEU A 98 -5.08 14.86 8.94
CA LEU A 98 -4.79 14.50 7.57
C LEU A 98 -4.84 12.99 7.39
N GLU A 99 -5.70 12.51 6.51
CA GLU A 99 -5.78 11.09 6.21
C GLU A 99 -5.66 10.91 4.71
N TRP A 100 -4.85 9.98 4.24
CA TRP A 100 -4.68 9.83 2.81
C TRP A 100 -4.26 8.42 2.46
N LYS A 101 -4.40 8.08 1.18
CA LYS A 101 -3.97 6.78 0.69
C LYS A 101 -2.45 6.73 0.65
N SER A 102 -1.93 5.61 1.11
CA SER A 102 -0.50 5.43 1.33
C SER A 102 0.35 5.84 0.14
N SER A 103 -0.06 5.50 -1.09
CA SER A 103 0.24 6.30 -2.30
C SER A 103 1.19 7.48 -2.04
N TYR A 104 2.48 7.26 -2.31
CA TYR A 104 3.50 8.27 -2.07
C TYR A 104 3.26 9.54 -2.87
N THR A 105 2.67 9.40 -4.05
CA THR A 105 2.33 10.56 -4.87
C THR A 105 1.39 11.49 -4.11
N ASP A 106 0.40 10.90 -3.45
CA ASP A 106 -0.51 11.65 -2.60
C ASP A 106 0.24 12.24 -1.42
N ASP A 107 1.25 11.52 -0.94
CA ASP A 107 2.13 12.05 0.10
C ASP A 107 2.80 13.32 -0.38
N VAL A 108 3.14 13.37 -1.65
CA VAL A 108 3.86 14.50 -2.21
C VAL A 108 3.01 15.78 -2.14
N LEU A 109 1.77 15.71 -2.61
CA LEU A 109 0.87 16.87 -2.46
C LEU A 109 0.46 17.08 -1.00
N ALA A 110 0.30 15.99 -0.27
CA ALA A 110 0.05 16.05 1.17
C ALA A 110 1.18 16.75 1.92
N ILE A 111 2.42 16.59 1.45
CA ILE A 111 3.56 17.32 2.00
C ILE A 111 3.35 18.81 1.79
N SER A 112 2.84 19.17 0.62
CA SER A 112 2.51 20.56 0.34
C SER A 112 1.41 21.03 1.30
N ILE A 113 0.45 20.13 1.60
CA ILE A 113 -0.56 20.43 2.61
C ILE A 113 0.09 20.69 3.96
N SER A 114 1.00 19.79 4.33
CA SER A 114 1.71 19.90 5.59
C SER A 114 2.41 21.25 5.75
N LYS A 115 3.02 21.78 4.69
CA LYS A 115 3.71 23.07 4.81
C LYS A 115 2.69 24.20 4.96
N MET A 116 1.53 24.04 4.34
CA MET A 116 0.47 25.05 4.40
C MET A 116 -0.01 25.25 5.83
N ILE A 117 -0.27 24.16 6.53
CA ILE A 117 -0.76 24.22 7.89
C ILE A 117 0.36 24.46 8.90
N SER A 118 1.57 23.99 8.61
CA SER A 118 2.69 24.12 9.53
C SER A 118 3.31 25.51 9.46
N ASP A 119 3.37 26.07 8.26
CA ASP A 119 4.02 27.36 8.07
C ASP A 119 3.00 28.42 7.66
N MET B 1 -3.31 -21.75 1.98
CA MET B 1 -4.51 -22.38 1.40
C MET B 1 -4.49 -22.29 -0.12
N SER B 2 -4.95 -21.17 -0.64
CA SER B 2 -4.89 -20.90 -2.06
C SER B 2 -3.72 -19.97 -2.33
N ASP B 3 -2.52 -20.47 -2.04
CA ASP B 3 -1.32 -19.65 -2.11
C ASP B 3 -0.24 -20.36 -2.92
N VAL B 4 -0.53 -21.58 -3.33
CA VAL B 4 0.45 -22.42 -4.03
C VAL B 4 0.17 -22.41 -5.53
N SER B 5 -0.92 -21.75 -5.91
CA SER B 5 -1.36 -21.68 -7.30
C SER B 5 -1.75 -23.07 -7.83
N MET B 6 -1.93 -23.20 -9.14
CA MET B 6 -2.36 -24.46 -9.72
C MET B 6 -1.27 -25.06 -10.60
N GLY B 7 -0.95 -24.39 -11.70
CA GLY B 7 0.03 -24.92 -12.63
C GLY B 7 0.98 -23.86 -13.14
N MET B 8 2.04 -24.27 -13.83
CA MET B 8 3.05 -23.35 -14.30
C MET B 8 2.68 -22.76 -15.64
N VAL B 9 3.06 -21.50 -15.84
CA VAL B 9 2.88 -20.80 -17.09
C VAL B 9 4.17 -20.06 -17.45
N LYS B 10 4.27 -19.61 -18.69
CA LYS B 10 5.46 -18.91 -19.13
C LYS B 10 5.26 -17.40 -19.05
N LEU B 11 6.20 -16.73 -18.41
CA LEU B 11 6.16 -15.27 -18.28
C LEU B 11 6.71 -14.62 -19.54
N ASP B 12 6.00 -13.62 -20.04
CA ASP B 12 6.50 -12.84 -21.17
C ASP B 12 7.53 -11.82 -20.69
N LYS B 13 8.38 -11.43 -21.64
CA LYS B 13 9.49 -10.52 -21.39
C LYS B 13 9.00 -9.15 -20.94
N GLY B 14 7.75 -8.81 -21.25
CA GLY B 14 7.21 -7.50 -20.94
C GLY B 14 7.12 -7.26 -19.45
N PHE B 15 6.93 -8.33 -18.68
CA PHE B 15 6.80 -8.23 -17.23
C PHE B 15 8.05 -7.60 -16.60
N ASP B 16 9.20 -7.79 -17.24
CA ASP B 16 10.45 -7.27 -16.72
C ASP B 16 10.47 -5.74 -16.66
N ALA B 17 9.51 -5.11 -17.35
CA ALA B 17 9.42 -3.65 -17.37
C ALA B 17 8.53 -3.14 -16.22
N LEU B 18 7.83 -4.06 -15.57
CA LEU B 18 6.93 -3.71 -14.47
C LEU B 18 7.70 -3.11 -13.30
N ASN B 19 7.00 -2.32 -12.50
CA ASN B 19 7.60 -1.64 -11.37
C ASN B 19 7.67 -2.56 -10.15
N TYR B 20 8.64 -3.45 -10.17
CA TYR B 20 8.81 -4.39 -9.08
C TYR B 20 9.21 -3.70 -7.79
N ARG B 21 8.52 -4.04 -6.72
CA ARG B 21 8.86 -3.57 -5.39
C ARG B 21 8.86 -4.79 -4.48
N ALA B 22 9.66 -4.77 -3.42
CA ALA B 22 9.84 -5.99 -2.64
C ALA B 22 9.31 -5.88 -1.23
N ILE B 23 8.36 -6.74 -0.92
CA ILE B 23 7.91 -6.95 0.44
C ILE B 23 8.80 -8.01 1.08
N GLY B 24 9.45 -7.72 2.20
CA GLY B 24 10.31 -8.71 2.83
C GLY B 24 11.35 -9.28 1.88
N THR B 25 11.13 -10.51 1.44
CA THR B 25 12.00 -11.15 0.45
C THR B 25 11.24 -11.42 -0.85
N ASP B 26 9.96 -11.11 -0.83
CA ASP B 26 9.07 -11.34 -1.96
C ASP B 26 9.07 -10.12 -2.87
N SER B 27 9.01 -10.34 -4.17
CA SER B 27 8.93 -9.25 -5.13
C SER B 27 7.55 -9.23 -5.77
N VAL B 28 6.90 -8.08 -5.77
CA VAL B 28 5.54 -7.98 -6.25
C VAL B 28 5.41 -6.96 -7.38
N ALA B 29 4.47 -7.21 -8.29
CA ALA B 29 4.17 -6.29 -9.38
C ALA B 29 2.75 -6.54 -9.90
N SER B 30 2.15 -5.52 -10.50
CA SER B 30 0.81 -5.64 -11.04
C SER B 30 0.84 -5.37 -12.54
N PHE B 31 -0.03 -6.02 -13.27
CA PHE B 31 0.02 -5.95 -14.72
C PHE B 31 -1.35 -6.20 -15.35
N ARG B 32 -1.54 -5.64 -16.53
CA ARG B 32 -2.67 -6.00 -17.36
C ARG B 32 -2.17 -6.97 -18.42
N GLY B 33 -2.75 -8.15 -18.49
CA GLY B 33 -2.20 -9.17 -19.36
C GLY B 33 -3.25 -10.05 -19.98
N VAL B 34 -2.83 -10.81 -20.98
CA VAL B 34 -3.68 -11.82 -21.61
C VAL B 34 -2.99 -13.17 -21.58
N ARG B 35 -3.71 -14.19 -21.14
CA ARG B 35 -3.20 -15.55 -21.24
C ARG B 35 -3.73 -16.21 -22.49
N ASP B 36 -2.82 -16.65 -23.33
CA ASP B 36 -3.17 -17.38 -24.52
C ASP B 36 -2.37 -18.68 -24.55
N GLY B 37 -3.02 -19.78 -24.21
CA GLY B 37 -2.33 -21.04 -24.18
C GLY B 37 -1.46 -21.18 -22.95
N ASP B 38 -0.21 -21.56 -23.17
CA ASP B 38 0.74 -21.70 -22.09
C ASP B 38 1.52 -20.40 -21.92
N MET B 39 1.10 -19.38 -22.65
CA MET B 39 1.79 -18.12 -22.63
C MET B 39 1.00 -17.05 -21.89
N VAL B 40 1.68 -16.36 -20.98
CA VAL B 40 1.13 -15.21 -20.31
C VAL B 40 1.84 -13.97 -20.83
N ARG B 41 1.06 -13.02 -21.32
CA ARG B 41 1.61 -11.87 -22.04
C ARG B 41 1.04 -10.57 -21.48
N CYS B 42 1.90 -9.58 -21.26
CA CYS B 42 1.44 -8.31 -20.70
C CYS B 42 1.00 -7.37 -21.81
N ILE B 43 -0.18 -6.79 -21.68
CA ILE B 43 -0.67 -5.85 -22.68
C ILE B 43 -0.30 -4.42 -22.30
N GLY B 44 0.17 -4.24 -21.08
CA GLY B 44 0.58 -2.93 -20.64
C GLY B 44 0.47 -2.75 -19.13
N GLU B 45 0.83 -1.57 -18.67
CA GLU B 45 0.75 -1.23 -17.25
C GLU B 45 -0.59 -0.58 -16.97
N GLY B 46 -0.90 -0.38 -15.70
CA GLY B 46 -2.15 0.25 -15.35
C GLY B 46 -2.32 0.42 -13.85
N PRO B 47 -2.54 -0.69 -13.13
CA PRO B 47 -2.77 -0.65 -11.68
C PRO B 47 -1.63 0.01 -10.91
N ARG B 48 -2.01 0.65 -9.81
CA ARG B 48 -1.04 1.22 -8.87
C ARG B 48 -1.59 1.04 -7.46
N MET B 49 -1.61 -0.20 -7.00
CA MET B 49 -2.38 -0.55 -5.81
C MET B 49 -1.53 -1.25 -4.77
N VAL B 50 -1.59 -0.71 -3.57
CA VAL B 50 -0.95 -1.30 -2.40
C VAL B 50 -1.35 -2.76 -2.22
N ILE B 51 -0.39 -3.68 -2.21
CA ILE B 51 -0.67 -5.04 -1.78
C ILE B 51 0.34 -5.44 -0.74
N GLY B 52 0.02 -6.43 0.07
CA GLY B 52 0.97 -6.89 1.05
C GLY B 52 0.44 -8.00 1.91
N HIS B 53 1.17 -8.28 2.97
CA HIS B 53 0.83 -9.32 3.92
C HIS B 53 0.90 -8.74 5.32
N ALA B 54 -0.19 -8.78 6.04
CA ALA B 54 -0.21 -8.20 7.37
C ALA B 54 -0.06 -9.29 8.41
N ASP B 55 1.09 -9.31 9.05
CA ASP B 55 1.33 -10.21 10.16
C ASP B 55 1.66 -9.39 11.39
N ILE B 56 0.74 -9.35 12.34
CA ILE B 56 0.88 -8.52 13.52
C ILE B 56 2.14 -8.88 14.30
N ASN B 57 2.46 -10.16 14.35
CA ASN B 57 3.63 -10.65 15.05
C ASN B 57 4.92 -10.21 14.36
N GLU B 58 4.97 -10.38 13.04
CA GLU B 58 6.12 -9.97 12.25
C GLU B 58 6.33 -8.47 12.31
N MET B 59 5.22 -7.73 12.25
CA MET B 59 5.30 -6.28 12.32
C MET B 59 5.83 -5.86 13.70
N ARG B 60 5.24 -6.44 14.74
CA ARG B 60 5.60 -6.13 16.12
C ARG B 60 7.08 -6.38 16.41
N ARG B 61 7.56 -7.56 16.05
CA ARG B 61 8.93 -7.94 16.37
C ARG B 61 9.93 -7.10 15.58
N MET B 62 9.63 -6.88 14.30
CA MET B 62 10.47 -6.04 13.46
C MET B 62 10.58 -4.65 14.05
N ILE B 63 9.49 -4.18 14.64
CA ILE B 63 9.49 -2.90 15.32
C ILE B 63 10.47 -2.90 16.48
N VAL B 64 10.33 -3.89 17.37
CA VAL B 64 11.13 -3.95 18.60
C VAL B 64 12.63 -4.00 18.26
N GLU B 65 12.94 -4.57 17.10
CA GLU B 65 14.30 -4.74 16.61
C GLU B 65 15.05 -3.40 16.48
N GLY B 66 14.30 -2.31 16.51
CA GLY B 66 14.88 -0.98 16.38
C GLY B 66 15.06 -0.32 17.75
N SER B 67 14.89 -1.15 18.79
CA SER B 67 14.73 -0.68 20.16
C SER B 67 13.48 0.20 20.18
N MET B 68 12.49 -0.33 19.50
CA MET B 68 11.27 0.31 19.13
C MET B 68 10.11 -0.40 19.77
N ARG B 69 8.93 0.08 19.47
CA ARG B 69 7.94 0.23 20.48
C ARG B 69 6.94 -0.92 20.37
N VAL B 70 6.75 -1.70 21.41
CA VAL B 70 5.69 -2.70 21.36
C VAL B 70 4.62 -2.48 22.44
N GLU B 71 3.36 -2.51 22.01
CA GLU B 71 2.21 -2.69 22.89
C GLU B 71 1.20 -3.54 22.11
N GLN B 72 0.86 -4.71 22.61
CA GLN B 72 0.07 -5.66 21.83
C GLN B 72 -1.41 -5.64 22.20
N GLU B 73 -2.28 -5.59 21.19
CA GLU B 73 -3.71 -5.69 21.41
C GLU B 73 -4.37 -6.44 20.24
N GLU B 74 -5.64 -6.78 20.38
CA GLU B 74 -6.32 -7.62 19.39
C GLU B 74 -6.42 -6.93 18.03
N ASN B 75 -6.77 -5.64 18.06
CA ASN B 75 -7.03 -4.89 16.83
C ASN B 75 -5.73 -4.40 16.19
N GLY B 76 -4.59 -4.76 16.76
CA GLY B 76 -3.34 -4.38 16.14
C GLY B 76 -2.24 -4.10 17.14
N LEU B 77 -1.57 -2.97 16.96
CA LEU B 77 -0.43 -2.63 17.79
C LEU B 77 -0.52 -1.20 18.28
N LEU B 78 -0.20 -1.00 19.54
CA LEU B 78 -0.07 0.32 20.09
C LEU B 78 1.41 0.66 20.27
N VAL B 79 1.75 1.82 19.77
CA VAL B 79 3.12 2.32 19.79
C VAL B 79 3.31 3.43 20.80
N GLU B 80 4.38 3.35 21.61
CA GLU B 80 4.83 4.43 22.50
C GLU B 80 3.70 5.20 23.19
N ASP B 81 2.65 4.48 23.55
CA ASP B 81 1.44 5.03 24.20
C ASP B 81 0.68 5.99 23.28
N CYS B 82 1.19 6.16 22.05
CA CYS B 82 0.40 6.66 20.94
C CYS B 82 1.12 6.38 19.62
N VAL B 83 0.70 5.38 18.88
CA VAL B 83 0.48 5.40 17.44
C VAL B 83 -0.58 4.36 17.25
N TRP B 84 -1.61 4.57 16.50
CA TRP B 84 -2.61 3.52 16.44
C TRP B 84 -2.51 2.75 15.14
N ILE B 85 -2.32 1.45 15.27
CA ILE B 85 -2.26 0.58 14.11
C ILE B 85 -3.42 -0.39 14.19
N ARG B 86 -4.28 -0.33 13.19
CA ARG B 86 -5.47 -1.18 13.18
C ARG B 86 -5.43 -2.09 11.97
N VAL B 87 -5.78 -3.34 12.18
CA VAL B 87 -5.74 -4.32 11.11
C VAL B 87 -7.15 -4.61 10.62
N SER B 88 -7.37 -4.38 9.34
CA SER B 88 -8.68 -4.57 8.74
C SER B 88 -8.55 -5.44 7.50
N GLY B 89 -9.64 -6.09 7.12
CA GLY B 89 -9.62 -6.99 5.98
C GLY B 89 -9.38 -6.26 4.66
N ASP B 90 -9.67 -4.96 4.65
CA ASP B 90 -9.46 -4.15 3.45
C ASP B 90 -8.09 -3.48 3.46
N GLY B 91 -7.47 -3.41 4.63
CA GLY B 91 -6.18 -2.76 4.71
C GLY B 91 -5.75 -2.45 6.14
N VAL B 92 -4.85 -1.49 6.28
CA VAL B 92 -4.29 -1.14 7.58
C VAL B 92 -4.43 0.36 7.81
N THR B 93 -4.72 0.74 9.05
CA THR B 93 -4.83 2.14 9.40
C THR B 93 -3.77 2.52 10.42
N ILE B 94 -3.03 3.59 10.16
CA ILE B 94 -2.02 4.07 11.08
C ILE B 94 -2.39 5.47 11.56
N ASP B 95 -2.28 5.70 12.85
CA ASP B 95 -2.71 6.96 13.44
C ASP B 95 -1.52 7.77 13.91
N GLY B 96 -1.47 8.98 13.38
CA GLY B 96 -0.29 9.84 13.39
C GLY B 96 -0.10 10.72 14.60
N ARG B 97 -0.93 10.59 15.62
CA ARG B 97 -1.02 11.62 16.64
C ARG B 97 0.19 11.63 17.56
N ASP B 98 1.09 10.66 17.41
CA ASP B 98 2.41 10.76 18.04
C ASP B 98 3.35 11.61 17.21
N SER B 99 3.96 12.59 17.83
CA SER B 99 5.04 13.31 17.19
C SER B 99 6.32 12.48 17.28
N GLY B 100 6.93 12.19 16.14
CA GLY B 100 8.19 11.47 16.15
C GLY B 100 8.14 10.10 15.48
N VAL B 101 7.72 9.08 16.21
CA VAL B 101 7.94 7.69 15.80
C VAL B 101 6.94 7.22 14.73
N PHE B 102 6.05 8.12 14.32
CA PHE B 102 5.02 7.79 13.34
C PHE B 102 5.61 7.22 12.05
N TYR B 103 6.59 7.91 11.48
CA TYR B 103 7.14 7.50 10.19
C TYR B 103 7.89 6.17 10.28
N ALA B 104 8.43 5.85 11.45
CA ALA B 104 9.10 4.57 11.65
C ALA B 104 8.08 3.44 11.60
N VAL B 105 6.86 3.72 12.05
CA VAL B 105 5.77 2.77 11.94
C VAL B 105 5.49 2.48 10.47
N ARG B 106 5.46 3.55 9.70
CA ARG B 106 5.17 3.46 8.28
C ARG B 106 6.20 2.59 7.57
N ASP B 107 7.46 2.72 7.97
CA ASP B 107 8.54 1.93 7.38
C ASP B 107 8.32 0.46 7.64
N VAL B 108 7.88 0.12 8.85
CA VAL B 108 7.66 -1.27 9.22
C VAL B 108 6.54 -1.88 8.39
N VAL B 109 5.46 -1.13 8.24
CA VAL B 109 4.31 -1.61 7.50
C VAL B 109 4.64 -1.77 6.02
N TYR B 110 5.44 -0.85 5.49
CA TYR B 110 5.87 -0.92 4.09
C TYR B 110 6.85 -2.04 3.84
N ARG B 111 7.44 -2.56 4.90
CA ARG B 111 8.22 -3.79 4.80
C ARG B 111 7.31 -5.00 4.64
N SER B 112 6.02 -4.79 4.86
CA SER B 112 5.03 -5.86 4.71
C SER B 112 4.07 -5.54 3.57
N SER B 113 4.26 -4.39 2.92
CA SER B 113 3.39 -3.98 1.82
C SER B 113 4.21 -3.34 0.69
N ALA B 114 3.58 -3.12 -0.46
CA ALA B 114 4.25 -2.54 -1.61
C ALA B 114 3.24 -1.92 -2.58
N PHE B 115 3.69 -0.90 -3.30
CA PHE B 115 2.83 -0.21 -4.27
C PHE B 115 3.09 -0.79 -5.67
N ILE B 116 2.11 -1.46 -6.24
CA ILE B 116 2.30 -2.05 -7.56
C ILE B 116 1.37 -1.43 -8.57
N GLY A 1 15.79 -24.87 -9.67
CA GLY A 1 15.84 -25.83 -8.54
C GLY A 1 14.73 -25.57 -7.54
N HIS A 2 15.01 -25.78 -6.26
CA HIS A 2 14.04 -25.54 -5.22
C HIS A 2 13.86 -24.05 -4.99
N MET A 3 14.99 -23.34 -4.92
CA MET A 3 14.95 -21.89 -4.82
C MET A 3 14.97 -21.31 -6.23
N LEU A 4 13.79 -20.93 -6.70
CA LEU A 4 13.59 -20.46 -8.07
C LEU A 4 13.68 -21.64 -9.02
N ALA A 5 12.54 -21.97 -9.61
CA ALA A 5 12.42 -23.10 -10.52
C ALA A 5 13.26 -22.88 -11.75
N LYS A 6 12.93 -21.82 -12.44
CA LYS A 6 13.57 -21.44 -13.67
C LYS A 6 13.14 -20.02 -14.01
N ASP A 7 14.07 -19.20 -14.50
CA ASP A 7 13.83 -17.76 -14.67
C ASP A 7 12.81 -17.46 -15.77
N ASN A 8 12.31 -18.51 -16.41
CA ASN A 8 11.29 -18.37 -17.44
C ASN A 8 9.98 -18.97 -16.99
N GLU A 9 10.01 -19.62 -15.83
CA GLU A 9 8.87 -20.37 -15.34
C GLU A 9 8.29 -19.70 -14.10
N ALA A 10 6.99 -19.67 -14.04
CA ALA A 10 6.25 -19.14 -12.92
C ALA A 10 5.14 -20.10 -12.58
N LYS A 11 4.60 -19.98 -11.38
CA LYS A 11 3.50 -20.84 -10.99
C LYS A 11 2.28 -19.98 -10.73
N ILE A 12 1.25 -20.20 -11.50
CA ILE A 12 0.02 -19.43 -11.38
C ILE A 12 -1.15 -20.37 -11.15
N PHE A 13 -1.87 -20.19 -10.05
CA PHE A 13 -3.05 -21.03 -9.88
C PHE A 13 -4.30 -20.24 -9.52
N THR A 14 -5.08 -19.84 -10.51
CA THR A 14 -6.55 -19.92 -10.47
C THR A 14 -7.12 -19.87 -11.87
N GLY A 15 -7.93 -20.83 -12.27
CA GLY A 15 -8.95 -20.57 -13.28
C GLY A 15 -8.40 -20.19 -14.65
N VAL A 16 -7.14 -20.43 -14.96
CA VAL A 16 -6.53 -19.50 -15.92
C VAL A 16 -6.77 -19.94 -17.35
N GLU A 17 -7.71 -19.26 -18.02
CA GLU A 17 -7.68 -19.17 -19.48
C GLU A 17 -7.98 -17.74 -19.92
N GLY A 18 -7.28 -17.26 -20.95
CA GLY A 18 -7.68 -16.02 -21.60
C GLY A 18 -7.08 -14.79 -20.95
N GLU A 19 -7.80 -13.67 -21.05
CA GLU A 19 -7.35 -12.40 -20.51
C GLU A 19 -7.59 -12.33 -19.00
N PHE A 20 -6.59 -11.87 -18.28
CA PHE A 20 -6.70 -11.66 -16.85
C PHE A 20 -5.80 -10.52 -16.42
N GLU A 21 -6.20 -9.81 -15.38
CA GLU A 21 -5.34 -8.83 -14.77
C GLU A 21 -4.76 -9.46 -13.53
N GLY A 22 -3.46 -9.65 -13.51
CA GLY A 22 -2.87 -10.45 -12.45
C GLY A 22 -1.75 -9.75 -11.74
N ILE A 23 -1.18 -10.46 -10.80
CA ILE A 23 -0.06 -9.95 -10.03
C ILE A 23 1.03 -11.00 -10.00
N ILE A 24 2.27 -10.56 -10.00
CA ILE A 24 3.39 -11.49 -9.99
C ILE A 24 4.15 -11.35 -8.69
N ILE A 25 4.36 -12.47 -8.03
CA ILE A 25 5.05 -12.49 -6.75
C ILE A 25 6.29 -13.34 -6.87
N GLY A 26 7.43 -12.76 -6.57
CA GLY A 26 8.65 -13.50 -6.61
C GLY A 26 9.29 -13.54 -5.25
N THR A 27 9.68 -14.71 -4.80
CA THR A 27 10.35 -14.84 -3.53
C THR A 27 11.71 -15.43 -3.79
N GLU A 28 12.54 -15.54 -2.77
CA GLU A 28 13.85 -16.16 -2.94
C GLU A 28 13.69 -17.60 -3.42
N ASP A 29 12.50 -18.17 -3.26
CA ASP A 29 12.29 -19.58 -3.56
C ASP A 29 11.46 -19.82 -4.81
N ASP A 30 10.74 -18.81 -5.33
CA ASP A 30 9.85 -19.08 -6.48
C ASP A 30 9.25 -17.82 -7.10
N ILE A 31 8.52 -18.04 -8.20
CA ILE A 31 7.76 -16.98 -8.89
C ILE A 31 6.31 -17.46 -9.04
N ARG A 32 5.35 -16.69 -8.52
CA ARG A 32 3.95 -17.12 -8.50
C ARG A 32 3.04 -16.03 -9.08
N ILE A 33 2.02 -16.43 -9.84
CA ILE A 33 1.01 -15.50 -10.32
C ILE A 33 -0.38 -15.85 -9.78
N TYR A 34 -1.10 -14.80 -9.40
CA TYR A 34 -2.50 -14.91 -9.00
C TYR A 34 -3.32 -13.93 -9.84
N LYS A 35 -4.59 -14.22 -10.04
CA LYS A 35 -5.46 -13.30 -10.74
C LYS A 35 -5.91 -12.22 -9.76
N ARG A 36 -5.96 -10.96 -10.19
CA ARG A 36 -6.39 -9.89 -9.29
C ARG A 36 -7.78 -10.16 -8.71
N ASP A 37 -8.61 -10.82 -9.50
CA ASP A 37 -10.02 -11.03 -9.15
C ASP A 37 -10.12 -12.14 -8.11
N GLU A 38 -9.12 -12.99 -8.13
CA GLU A 38 -9.04 -14.12 -7.24
C GLU A 38 -8.24 -13.74 -6.02
N LEU A 39 -7.37 -12.73 -6.19
CA LEU A 39 -6.35 -12.38 -5.22
C LEU A 39 -6.97 -11.87 -3.93
N ILE A 40 -8.11 -11.21 -4.04
CA ILE A 40 -8.73 -10.60 -2.87
C ILE A 40 -9.06 -11.67 -1.83
N GLU A 41 -9.33 -12.88 -2.31
CA GLU A 41 -9.66 -13.99 -1.43
C GLU A 41 -8.42 -14.69 -0.88
N SER A 42 -7.27 -14.50 -1.51
CA SER A 42 -6.03 -15.13 -1.08
C SER A 42 -5.39 -14.43 0.10
N LYS A 43 -4.44 -15.14 0.72
CA LYS A 43 -3.61 -14.63 1.81
C LYS A 43 -2.86 -13.34 1.43
N TYR A 44 -2.94 -12.94 0.16
CA TYR A 44 -2.38 -11.66 -0.28
C TYR A 44 -3.56 -10.85 -0.80
N LYS A 45 -3.61 -9.55 -0.54
CA LYS A 45 -4.80 -8.81 -0.93
C LYS A 45 -4.47 -7.36 -1.28
N GLU A 46 -5.37 -6.72 -2.03
CA GLU A 46 -5.28 -5.30 -2.29
C GLU A 46 -5.59 -4.57 -0.99
N MET A 47 -4.68 -3.73 -0.53
CA MET A 47 -4.85 -3.08 0.76
C MET A 47 -4.79 -1.57 0.63
N CYS A 48 -5.73 -0.90 1.27
CA CYS A 48 -5.72 0.55 1.34
C CYS A 48 -5.22 0.97 2.71
N ILE A 49 -4.27 1.89 2.75
CA ILE A 49 -3.67 2.29 4.00
C ILE A 49 -4.01 3.75 4.29
N TYR A 50 -4.69 3.98 5.39
CA TYR A 50 -5.04 5.31 5.82
C TYR A 50 -4.00 5.79 6.82
N GLU A 51 -3.30 6.85 6.49
CA GLU A 51 -2.22 7.31 7.34
C GLU A 51 -2.49 8.73 7.79
N ARG A 52 -2.48 8.90 9.11
CA ARG A 52 -3.02 10.10 9.74
C ARG A 52 -1.95 10.89 10.50
N GLN A 53 -1.93 12.19 10.31
CA GLN A 53 -1.05 13.09 11.05
C GLN A 53 -1.84 14.22 11.69
N ARG A 54 -1.57 14.47 12.96
CA ARG A 54 -2.16 15.60 13.66
C ARG A 54 -1.20 16.79 13.66
N ILE A 55 -1.69 17.93 13.21
CA ILE A 55 -0.86 19.11 13.07
C ILE A 55 -1.37 20.27 13.93
N PRO A 56 -0.54 20.78 14.85
CA PRO A 56 -0.86 21.98 15.64
C PRO A 56 -1.10 23.20 14.75
N TYR A 57 -2.17 23.93 15.02
CA TYR A 57 -2.57 25.03 14.17
C TYR A 57 -3.16 26.16 15.00
N ASN A 58 -2.96 27.40 14.56
CA ASN A 58 -3.46 28.57 15.27
C ASN A 58 -4.62 29.23 14.53
N SER A 59 -4.85 28.81 13.29
CA SER A 59 -5.81 29.48 12.43
C SER A 59 -7.16 28.75 12.40
N THR A 60 -8.09 29.32 11.65
CA THR A 60 -9.46 28.83 11.58
C THR A 60 -9.68 27.97 10.33
N ALA A 61 -10.85 27.34 10.24
CA ALA A 61 -11.16 26.47 9.10
C ALA A 61 -11.14 27.26 7.78
N VAL A 62 -11.72 28.45 7.80
CA VAL A 62 -11.73 29.34 6.63
C VAL A 62 -10.30 29.71 6.24
N LEU A 63 -9.45 29.96 7.24
CA LEU A 63 -8.06 30.29 6.96
C LEU A 63 -7.32 29.10 6.39
N LEU A 64 -7.66 27.91 6.88
CA LEU A 64 -7.03 26.68 6.41
C LEU A 64 -7.25 26.46 4.92
N LYS A 65 -8.51 26.52 4.50
CA LYS A 65 -8.84 26.34 3.10
C LYS A 65 -8.17 27.42 2.26
N GLN A 66 -8.07 28.62 2.81
CA GLN A 66 -7.51 29.74 2.07
C GLN A 66 -6.02 29.53 1.85
N VAL A 67 -5.29 29.20 2.91
CA VAL A 67 -3.88 28.85 2.77
C VAL A 67 -3.70 27.63 1.88
N LEU A 68 -4.61 26.65 1.97
CA LEU A 68 -4.57 25.51 1.08
C LEU A 68 -4.73 25.96 -0.37
N VAL A 69 -5.66 26.90 -0.60
CA VAL A 69 -5.86 27.46 -1.94
C VAL A 69 -4.58 28.08 -2.51
N ASP A 70 -3.76 28.67 -1.64
CA ASP A 70 -2.52 29.31 -2.08
C ASP A 70 -1.58 28.29 -2.71
N GLY A 71 -1.51 27.11 -2.12
CA GLY A 71 -0.70 26.05 -2.69
C GLY A 71 -1.45 25.17 -3.67
N PHE A 72 -2.77 25.06 -3.47
CA PHE A 72 -3.57 24.10 -4.20
C PHE A 72 -4.71 24.75 -4.95
N GLU A 73 -4.59 24.81 -6.26
CA GLU A 73 -5.73 25.12 -7.10
C GLU A 73 -6.66 23.90 -7.17
N GLU A 74 -6.11 22.75 -6.81
CA GLU A 74 -6.85 21.49 -6.80
C GLU A 74 -7.55 21.26 -5.48
N LEU A 75 -7.61 22.26 -4.62
CA LEU A 75 -8.28 22.12 -3.32
C LEU A 75 -9.78 21.96 -3.54
N VAL A 76 -10.32 20.84 -3.06
CA VAL A 76 -11.75 20.59 -3.15
C VAL A 76 -12.36 20.59 -1.76
N GLU A 77 -13.23 21.56 -1.51
CA GLU A 77 -13.97 21.61 -0.26
C GLU A 77 -15.06 20.56 -0.25
N VAL A 78 -15.19 19.81 0.84
CA VAL A 78 -16.23 18.80 0.94
C VAL A 78 -17.04 19.00 2.22
N GLU A 79 -18.14 18.29 2.34
CA GLU A 79 -19.03 18.46 3.49
C GLU A 79 -18.32 18.15 4.79
N SER A 80 -17.57 17.07 4.81
CA SER A 80 -16.91 16.60 6.02
C SER A 80 -15.47 17.12 6.14
N GLY A 81 -15.15 18.25 5.52
CA GLY A 81 -13.78 18.73 5.61
C GLY A 81 -13.27 19.30 4.30
N PHE A 82 -11.97 19.26 4.12
CA PHE A 82 -11.35 19.70 2.90
C PHE A 82 -10.61 18.53 2.29
N MET A 83 -10.61 18.43 0.97
CA MET A 83 -9.91 17.34 0.34
C MET A 83 -8.91 17.87 -0.69
N VAL A 84 -7.64 17.60 -0.44
CA VAL A 84 -6.60 17.92 -1.39
C VAL A 84 -6.11 16.63 -2.02
N GLY A 85 -6.54 16.37 -3.24
CA GLY A 85 -6.27 15.09 -3.87
C GLY A 85 -7.01 13.98 -3.15
N ASN A 86 -6.26 13.03 -2.62
CA ASN A 86 -6.85 11.94 -1.85
C ASN A 86 -6.63 12.14 -0.35
N VAL A 87 -6.38 13.40 0.04
CA VAL A 87 -6.14 13.71 1.44
C VAL A 87 -7.36 14.35 2.09
N HIS A 88 -7.81 13.76 3.18
CA HIS A 88 -8.93 14.32 3.96
C HIS A 88 -8.39 15.18 5.09
N ILE A 89 -8.76 16.45 5.03
CA ILE A 89 -8.33 17.44 5.98
C ILE A 89 -9.51 17.88 6.83
N VAL A 90 -9.38 17.76 8.14
CA VAL A 90 -10.41 18.24 9.04
C VAL A 90 -9.81 18.99 10.21
N LEU A 91 -10.43 20.08 10.60
CA LEU A 91 -9.93 20.92 11.68
C LEU A 91 -10.68 20.61 12.96
N SER A 92 -9.92 20.35 14.01
CA SER A 92 -10.50 19.99 15.30
C SER A 92 -9.86 20.84 16.39
N GLY A 93 -10.55 21.89 16.80
CA GLY A 93 -9.99 22.81 17.77
C GLY A 93 -8.79 23.54 17.21
N GLN A 94 -7.63 23.31 17.81
CA GLN A 94 -6.40 23.97 17.38
C GLN A 94 -5.46 22.96 16.72
N GLU A 95 -6.00 21.84 16.28
CA GLU A 95 -5.22 20.85 15.55
C GLU A 95 -5.96 20.43 14.28
N VAL A 96 -5.22 20.19 13.21
CA VAL A 96 -5.82 19.65 12.00
C VAL A 96 -5.49 18.17 11.90
N VAL A 97 -6.48 17.36 11.60
CA VAL A 97 -6.26 15.95 11.41
C VAL A 97 -6.14 15.65 9.92
N LEU A 98 -4.98 15.16 9.53
CA LEU A 98 -4.74 14.82 8.14
C LEU A 98 -4.75 13.31 7.97
N GLU A 99 -5.63 12.82 7.12
CA GLU A 99 -5.69 11.41 6.78
C GLU A 99 -5.58 11.29 5.28
N TRP A 100 -4.69 10.46 4.77
CA TRP A 100 -4.52 10.40 3.33
C TRP A 100 -4.23 8.99 2.86
N LYS A 101 -4.36 8.83 1.55
CA LYS A 101 -4.26 7.54 0.92
C LYS A 101 -2.86 6.96 0.99
N SER A 102 -2.85 5.64 0.87
CA SER A 102 -1.66 4.79 0.90
C SER A 102 -0.55 5.19 -0.07
N SER A 103 -0.79 6.14 -0.98
CA SER A 103 0.06 6.21 -2.16
C SER A 103 0.98 7.41 -1.99
N TYR A 104 2.28 7.18 -2.20
CA TYR A 104 3.33 8.18 -1.94
C TYR A 104 3.05 9.49 -2.67
N THR A 105 2.42 9.42 -3.84
CA THR A 105 2.04 10.61 -4.59
C THR A 105 1.14 11.50 -3.75
N ASP A 106 0.16 10.87 -3.10
CA ASP A 106 -0.75 11.59 -2.22
C ASP A 106 0.00 12.17 -1.03
N ASP A 107 1.02 11.44 -0.57
CA ASP A 107 1.93 11.96 0.44
C ASP A 107 2.61 13.23 -0.02
N VAL A 108 3.00 13.29 -1.28
CA VAL A 108 3.73 14.43 -1.80
C VAL A 108 2.89 15.72 -1.71
N LEU A 109 1.65 15.67 -2.19
CA LEU A 109 0.77 16.84 -2.03
C LEU A 109 0.36 17.04 -0.56
N ALA A 110 0.18 15.95 0.17
CA ALA A 110 -0.10 16.01 1.60
C ALA A 110 1.03 16.70 2.37
N ILE A 111 2.27 16.50 1.92
CA ILE A 111 3.42 17.20 2.48
C ILE A 111 3.25 18.70 2.26
N SER A 112 2.78 19.06 1.06
CA SER A 112 2.48 20.43 0.76
C SER A 112 1.35 20.93 1.68
N ILE A 113 0.40 20.05 2.00
CA ILE A 113 -0.68 20.40 2.93
C ILE A 113 -0.12 20.74 4.30
N SER A 114 0.76 19.87 4.79
CA SER A 114 1.40 20.07 6.08
C SER A 114 2.11 21.42 6.17
N LYS A 115 2.76 21.86 5.10
CA LYS A 115 3.46 23.15 5.11
C LYS A 115 2.46 24.30 5.14
N MET A 116 1.29 24.10 4.53
CA MET A 116 0.25 25.13 4.50
C MET A 116 -0.18 25.46 5.92
N ILE A 117 -0.42 24.41 6.71
CA ILE A 117 -0.85 24.56 8.08
C ILE A 117 0.30 24.98 9.00
N SER A 118 1.52 24.60 8.63
CA SER A 118 2.69 24.94 9.44
C SER A 118 3.02 26.43 9.31
N ASP A 119 2.90 26.97 8.11
CA ASP A 119 3.20 28.37 7.86
C ASP A 119 1.97 29.09 7.33
N MET B 1 3.68 -26.44 -29.58
CA MET B 1 2.28 -26.74 -29.21
C MET B 1 2.05 -26.35 -27.75
N SER B 2 0.80 -26.44 -27.32
CA SER B 2 0.48 -26.19 -25.92
C SER B 2 0.46 -27.50 -25.15
N ASP B 3 1.25 -27.59 -24.10
CA ASP B 3 1.32 -28.79 -23.27
C ASP B 3 0.18 -28.80 -22.26
N VAL B 4 -0.57 -27.70 -22.25
CA VAL B 4 -1.68 -27.51 -21.34
C VAL B 4 -1.19 -27.45 -19.90
N SER B 5 -0.62 -26.31 -19.55
CA SER B 5 -0.03 -26.13 -18.23
C SER B 5 -0.63 -24.90 -17.59
N MET B 6 -1.04 -25.01 -16.33
CA MET B 6 -1.68 -23.90 -15.65
C MET B 6 -0.69 -23.23 -14.71
N GLY B 7 -0.27 -23.97 -13.70
CA GLY B 7 0.71 -23.47 -12.75
C GLY B 7 1.99 -22.99 -13.42
N MET B 8 2.77 -23.90 -13.98
CA MET B 8 4.04 -23.51 -14.56
C MET B 8 3.85 -23.02 -15.98
N VAL B 9 4.20 -21.77 -16.17
CA VAL B 9 4.04 -21.09 -17.43
C VAL B 9 5.30 -20.29 -17.74
N LYS B 10 5.41 -19.79 -18.96
CA LYS B 10 6.56 -18.99 -19.33
C LYS B 10 6.20 -17.52 -19.29
N LEU B 11 7.01 -16.74 -18.58
CA LEU B 11 6.77 -15.31 -18.42
C LEU B 11 7.32 -14.55 -19.63
N ASP B 12 6.53 -13.63 -20.16
CA ASP B 12 6.98 -12.84 -21.29
C ASP B 12 7.90 -11.70 -20.85
N LYS B 13 8.70 -11.27 -21.80
CA LYS B 13 9.70 -10.22 -21.61
C LYS B 13 9.10 -8.92 -21.11
N GLY B 14 7.82 -8.71 -21.35
CA GLY B 14 7.20 -7.43 -21.04
C GLY B 14 7.15 -7.16 -19.56
N PHE B 15 7.03 -8.22 -18.76
CA PHE B 15 6.91 -8.07 -17.31
C PHE B 15 8.12 -7.34 -16.71
N ASP B 16 9.27 -7.46 -17.37
CA ASP B 16 10.50 -6.84 -16.87
C ASP B 16 10.38 -5.32 -16.81
N ALA B 17 9.37 -4.78 -17.47
CA ALA B 17 9.17 -3.33 -17.51
C ALA B 17 8.25 -2.87 -16.40
N LEU B 18 7.60 -3.82 -15.72
CA LEU B 18 6.68 -3.51 -14.64
C LEU B 18 7.41 -2.86 -13.46
N ASN B 19 6.66 -2.11 -12.67
CA ASN B 19 7.22 -1.39 -11.53
C ASN B 19 7.26 -2.28 -10.30
N TYR B 20 8.26 -3.15 -10.24
CA TYR B 20 8.43 -4.04 -9.10
C TYR B 20 8.78 -3.24 -7.85
N ARG B 21 8.08 -3.52 -6.77
CA ARG B 21 8.37 -2.91 -5.47
C ARG B 21 8.49 -4.00 -4.42
N ALA B 22 9.15 -3.69 -3.31
CA ALA B 22 9.51 -4.72 -2.35
C ALA B 22 8.48 -4.96 -1.25
N ILE B 23 7.96 -6.17 -1.29
CA ILE B 23 7.38 -6.89 -0.17
C ILE B 23 8.57 -7.55 0.53
N GLY B 24 8.42 -8.30 1.62
CA GLY B 24 9.44 -8.08 2.66
C GLY B 24 10.72 -8.73 2.23
N THR B 25 10.55 -9.94 1.73
CA THR B 25 11.58 -10.63 0.96
C THR B 25 11.12 -10.80 -0.49
N ASP B 26 9.86 -10.44 -0.74
CA ASP B 26 9.22 -10.74 -2.01
C ASP B 26 9.32 -9.56 -2.97
N SER B 27 9.29 -9.83 -4.25
CA SER B 27 9.22 -8.79 -5.27
C SER B 27 7.91 -8.95 -6.03
N VAL B 28 7.19 -7.85 -6.25
CA VAL B 28 5.86 -7.96 -6.84
C VAL B 28 5.61 -6.88 -7.89
N ALA B 29 4.64 -7.15 -8.77
CA ALA B 29 4.25 -6.20 -9.81
C ALA B 29 2.81 -6.44 -10.25
N SER B 30 2.19 -5.41 -10.80
CA SER B 30 0.82 -5.49 -11.29
C SER B 30 0.82 -5.39 -12.81
N PHE B 31 0.00 -6.19 -13.45
CA PHE B 31 0.01 -6.26 -14.90
C PHE B 31 -1.33 -6.70 -15.46
N ARG B 32 -1.51 -6.46 -16.73
CA ARG B 32 -2.62 -7.02 -17.46
C ARG B 32 -2.06 -8.01 -18.48
N GLY B 33 -2.58 -9.21 -18.50
CA GLY B 33 -1.96 -10.22 -19.33
C GLY B 33 -2.96 -11.19 -19.94
N VAL B 34 -2.50 -11.91 -20.94
CA VAL B 34 -3.29 -12.98 -21.54
C VAL B 34 -2.55 -14.29 -21.43
N ARG B 35 -3.23 -15.29 -20.92
CA ARG B 35 -2.67 -16.62 -20.80
C ARG B 35 -3.11 -17.45 -21.99
N ASP B 36 -2.16 -17.79 -22.84
CA ASP B 36 -2.43 -18.58 -24.03
C ASP B 36 -1.52 -19.79 -24.05
N GLY B 37 -2.06 -20.94 -23.64
CA GLY B 37 -1.27 -22.15 -23.58
C GLY B 37 -0.31 -22.16 -22.41
N ASP B 38 0.94 -22.43 -22.70
CA ASP B 38 1.97 -22.45 -21.67
C ASP B 38 2.59 -21.07 -21.54
N MET B 39 2.06 -20.12 -22.29
CA MET B 39 2.66 -18.80 -22.34
C MET B 39 1.81 -17.75 -21.65
N VAL B 40 2.44 -16.96 -20.79
CA VAL B 40 1.81 -15.80 -20.18
C VAL B 40 2.39 -14.53 -20.80
N ARG B 41 1.52 -13.69 -21.34
CA ARG B 41 1.95 -12.53 -22.10
C ARG B 41 1.32 -11.28 -21.53
N CYS B 42 2.09 -10.21 -21.43
CA CYS B 42 1.59 -8.95 -20.92
C CYS B 42 0.97 -8.15 -22.05
N ILE B 43 -0.17 -7.53 -21.79
CA ILE B 43 -0.81 -6.66 -22.77
C ILE B 43 -0.62 -5.20 -22.37
N GLY B 44 -0.19 -4.98 -21.13
CA GLY B 44 0.09 -3.65 -20.66
C GLY B 44 -0.11 -3.54 -19.16
N GLU B 45 0.20 -2.38 -18.61
CA GLU B 45 -0.03 -2.13 -17.19
C GLU B 45 -1.40 -1.48 -17.01
N GLY B 46 -2.00 -1.70 -15.85
CA GLY B 46 -3.34 -1.20 -15.62
C GLY B 46 -3.58 -0.76 -14.19
N PRO B 47 -3.83 -1.70 -13.27
CA PRO B 47 -4.09 -1.39 -11.87
C PRO B 47 -2.86 -0.83 -11.15
N ARG B 48 -3.09 0.21 -10.36
CA ARG B 48 -2.06 0.79 -9.51
C ARG B 48 -2.51 0.65 -8.07
N MET B 49 -2.14 -0.43 -7.42
CA MET B 49 -2.78 -0.83 -6.18
C MET B 49 -1.79 -1.43 -5.19
N VAL B 50 -1.77 -0.89 -3.99
CA VAL B 50 -1.11 -1.51 -2.86
C VAL B 50 -1.56 -2.97 -2.68
N ILE B 51 -0.63 -3.90 -2.72
CA ILE B 51 -0.94 -5.27 -2.33
C ILE B 51 0.01 -5.69 -1.21
N GLY B 52 -0.42 -6.60 -0.38
CA GLY B 52 0.45 -7.06 0.68
C GLY B 52 -0.18 -8.14 1.52
N HIS B 53 0.46 -8.43 2.64
CA HIS B 53 -0.03 -9.42 3.57
C HIS B 53 0.06 -8.85 4.99
N ALA B 54 -1.07 -8.87 5.69
CA ALA B 54 -1.09 -8.30 7.01
C ALA B 54 -1.04 -9.39 8.07
N ASP B 55 0.09 -9.46 8.75
CA ASP B 55 0.24 -10.30 9.92
C ASP B 55 0.65 -9.44 11.11
N ILE B 56 -0.15 -9.46 12.17
CA ILE B 56 0.12 -8.65 13.34
C ILE B 56 1.43 -9.07 14.01
N ASN B 57 1.73 -10.36 13.99
CA ASN B 57 2.94 -10.86 14.63
C ASN B 57 4.18 -10.44 13.86
N GLU B 58 4.15 -10.59 12.55
CA GLU B 58 5.25 -10.15 11.69
C GLU B 58 5.45 -8.66 11.79
N MET B 59 4.35 -7.92 11.75
CA MET B 59 4.41 -6.46 11.79
C MET B 59 5.02 -6.02 13.11
N ARG B 60 4.59 -6.62 14.21
CA ARG B 60 5.12 -6.29 15.54
C ARG B 60 6.64 -6.50 15.58
N ARG B 61 7.09 -7.64 15.11
CA ARG B 61 8.51 -7.98 15.17
C ARG B 61 9.32 -7.03 14.30
N MET B 62 8.83 -6.79 13.09
CA MET B 62 9.46 -5.87 12.16
C MET B 62 9.58 -4.46 12.76
N ILE B 63 8.56 -4.06 13.52
CA ILE B 63 8.61 -2.77 14.24
C ILE B 63 9.74 -2.78 15.27
N VAL B 64 9.79 -3.85 16.05
CA VAL B 64 10.82 -4.01 17.08
C VAL B 64 12.22 -3.99 16.45
N GLU B 65 12.31 -4.45 15.22
CA GLU B 65 13.56 -4.45 14.46
C GLU B 65 14.07 -3.02 14.26
N GLY B 66 13.20 -2.04 14.48
CA GLY B 66 13.56 -0.64 14.36
C GLY B 66 13.86 -0.05 15.72
N SER B 67 13.98 -0.93 16.71
CA SER B 67 14.16 -0.57 18.11
C SER B 67 12.95 0.20 18.64
N MET B 68 11.76 -0.37 18.43
CA MET B 68 10.52 0.26 18.85
C MET B 68 9.69 -0.73 19.64
N ARG B 69 9.12 -0.27 20.74
CA ARG B 69 8.34 -1.14 21.62
C ARG B 69 6.90 -1.20 21.14
N VAL B 70 6.35 -2.41 21.04
CA VAL B 70 5.03 -2.60 20.48
C VAL B 70 4.07 -3.19 21.50
N GLU B 71 2.89 -2.61 21.58
CA GLU B 71 1.82 -3.12 22.43
C GLU B 71 0.67 -3.64 21.56
N GLN B 72 0.24 -4.86 21.83
CA GLN B 72 -0.80 -5.49 21.03
C GLN B 72 -2.18 -5.22 21.60
N GLU B 73 -3.11 -4.81 20.75
CA GLU B 73 -4.47 -4.53 21.14
C GLU B 73 -5.44 -5.13 20.14
N GLU B 74 -6.71 -5.23 20.51
CA GLU B 74 -7.74 -5.68 19.58
C GLU B 74 -7.81 -4.75 18.37
N ASN B 75 -7.48 -3.50 18.59
CA ASN B 75 -7.57 -2.47 17.56
C ASN B 75 -6.32 -2.45 16.69
N GLY B 76 -5.33 -3.28 17.02
CA GLY B 76 -4.11 -3.30 16.25
C GLY B 76 -2.87 -3.27 17.13
N LEU B 77 -1.99 -2.33 16.86
CA LEU B 77 -0.73 -2.21 17.60
C LEU B 77 -0.49 -0.77 18.04
N LEU B 78 -0.03 -0.61 19.28
CA LEU B 78 0.39 0.69 19.78
C LEU B 78 1.91 0.71 19.95
N VAL B 79 2.59 1.49 19.13
CA VAL B 79 4.04 1.54 19.13
C VAL B 79 4.57 2.79 19.83
N GLU B 80 5.55 2.60 20.74
CA GLU B 80 6.33 3.69 21.34
C GLU B 80 5.44 4.62 22.17
N ASP B 81 4.40 4.02 22.73
CA ASP B 81 3.42 4.67 23.60
C ASP B 81 2.58 5.68 22.83
N CYS B 82 2.85 5.82 21.53
CA CYS B 82 1.86 6.35 20.59
C CYS B 82 2.31 6.03 19.17
N VAL B 83 1.74 5.03 18.55
CA VAL B 83 1.40 5.01 17.13
C VAL B 83 0.17 4.15 17.05
N TRP B 84 -0.85 4.54 16.35
CA TRP B 84 -2.00 3.65 16.30
C TRP B 84 -2.09 2.93 14.97
N ILE B 85 -2.09 1.62 15.03
CA ILE B 85 -2.20 0.79 13.84
C ILE B 85 -3.48 0.00 13.90
N ARG B 86 -4.34 0.18 12.92
CA ARG B 86 -5.59 -0.56 12.88
C ARG B 86 -5.58 -1.57 11.75
N VAL B 87 -6.00 -2.79 12.06
CA VAL B 87 -6.05 -3.86 11.07
C VAL B 87 -7.48 -4.04 10.58
N SER B 88 -7.67 -3.87 9.28
CA SER B 88 -8.99 -4.00 8.69
C SER B 88 -8.93 -4.84 7.42
N GLY B 89 -10.07 -5.32 6.97
CA GLY B 89 -10.13 -6.16 5.79
C GLY B 89 -9.86 -5.38 4.52
N ASP B 90 -10.02 -4.07 4.60
CA ASP B 90 -9.76 -3.20 3.46
C ASP B 90 -8.35 -2.65 3.49
N GLY B 91 -7.66 -2.82 4.62
CA GLY B 91 -6.32 -2.32 4.73
C GLY B 91 -5.91 -1.98 6.15
N VAL B 92 -5.08 -0.95 6.29
CA VAL B 92 -4.50 -0.59 7.58
C VAL B 92 -4.59 0.92 7.80
N THR B 93 -4.79 1.33 9.04
CA THR B 93 -4.77 2.74 9.39
C THR B 93 -3.62 2.99 10.38
N ILE B 94 -2.80 3.99 10.10
CA ILE B 94 -1.68 4.33 10.97
C ILE B 94 -1.88 5.75 11.51
N ASP B 95 -1.65 5.93 12.81
CA ASP B 95 -1.91 7.21 13.44
C ASP B 95 -0.60 7.85 13.90
N GLY B 96 -0.55 9.15 13.63
CA GLY B 96 0.68 9.94 13.55
C GLY B 96 1.22 10.50 14.85
N ARG B 97 0.65 10.14 15.98
CA ARG B 97 0.76 10.97 17.18
C ARG B 97 2.16 10.95 17.80
N ASP B 98 2.98 9.95 17.49
CA ASP B 98 4.39 10.03 17.86
C ASP B 98 5.16 10.87 16.84
N SER B 99 5.97 11.78 17.34
CA SER B 99 6.80 12.56 16.46
C SER B 99 7.97 11.72 15.97
N GLY B 100 8.11 11.61 14.66
CA GLY B 100 9.17 10.79 14.10
C GLY B 100 8.74 9.35 13.84
N VAL B 101 8.45 8.62 14.93
CA VAL B 101 8.20 7.17 14.84
C VAL B 101 7.03 6.82 13.92
N PHE B 102 6.10 7.75 13.74
CA PHE B 102 4.99 7.56 12.81
C PHE B 102 5.49 7.06 11.46
N TYR B 103 6.56 7.68 10.98
CA TYR B 103 7.12 7.34 9.68
C TYR B 103 7.78 5.97 9.72
N ALA B 104 8.37 5.65 10.87
CA ALA B 104 8.99 4.34 11.08
C ALA B 104 7.97 3.22 10.92
N VAL B 105 6.78 3.45 11.46
CA VAL B 105 5.69 2.49 11.36
C VAL B 105 5.23 2.34 9.91
N ARG B 106 5.19 3.46 9.21
CA ARG B 106 4.83 3.45 7.80
C ARG B 106 5.80 2.57 7.03
N ASP B 107 7.08 2.76 7.30
CA ASP B 107 8.14 2.00 6.64
C ASP B 107 7.98 0.51 6.89
N VAL B 108 7.66 0.13 8.12
CA VAL B 108 7.43 -1.25 8.47
C VAL B 108 6.28 -1.85 7.68
N VAL B 109 5.17 -1.14 7.62
CA VAL B 109 3.99 -1.61 6.89
C VAL B 109 4.30 -1.73 5.40
N TYR B 110 5.05 -0.78 4.86
CA TYR B 110 5.46 -0.82 3.46
C TYR B 110 6.38 -2.02 3.19
N ARG B 111 7.05 -2.51 4.22
CA ARG B 111 7.85 -3.72 4.07
C ARG B 111 6.97 -4.96 3.92
N SER B 112 5.71 -4.87 4.31
CA SER B 112 4.79 -5.99 4.17
C SER B 112 3.78 -5.74 3.04
N SER B 113 3.93 -4.60 2.39
CA SER B 113 3.05 -4.22 1.29
C SER B 113 3.87 -3.66 0.12
N ALA B 114 3.23 -3.45 -1.02
CA ALA B 114 3.91 -2.93 -2.19
C ALA B 114 2.95 -2.22 -3.12
N PHE B 115 3.41 -1.11 -3.71
CA PHE B 115 2.57 -0.34 -4.61
C PHE B 115 2.85 -0.78 -6.05
N ILE B 116 1.88 -1.41 -6.68
CA ILE B 116 2.12 -1.97 -8.01
C ILE B 116 1.09 -1.46 -9.01
N GLY A 1 14.92 -24.95 -10.54
CA GLY A 1 15.24 -25.95 -9.50
C GLY A 1 14.64 -25.58 -8.15
N HIS A 2 15.36 -25.91 -7.09
CA HIS A 2 14.91 -25.63 -5.73
C HIS A 2 14.83 -24.12 -5.50
N MET A 3 15.90 -23.41 -5.82
CA MET A 3 15.90 -21.96 -5.74
C MET A 3 15.44 -21.37 -7.06
N LEU A 4 14.16 -21.05 -7.13
CA LEU A 4 13.52 -20.57 -8.36
C LEU A 4 13.34 -21.70 -9.35
N ALA A 5 12.09 -21.88 -9.78
CA ALA A 5 11.73 -22.92 -10.74
C ALA A 5 12.49 -22.73 -12.04
N LYS A 6 12.24 -21.59 -12.64
CA LYS A 6 12.87 -21.18 -13.88
C LYS A 6 12.47 -19.74 -14.14
N ASP A 7 13.31 -19.00 -14.85
CA ASP A 7 13.03 -17.59 -15.12
C ASP A 7 11.85 -17.45 -16.08
N ASN A 8 11.43 -18.56 -16.66
CA ASN A 8 10.28 -18.59 -17.56
C ASN A 8 9.12 -19.36 -16.95
N GLU A 9 9.32 -19.87 -15.74
CA GLU A 9 8.31 -20.69 -15.09
C GLU A 9 7.71 -19.94 -13.92
N ALA A 10 6.40 -20.03 -13.79
CA ALA A 10 5.70 -19.45 -12.67
C ALA A 10 4.52 -20.32 -12.27
N LYS A 11 4.04 -20.14 -11.05
CA LYS A 11 2.89 -20.89 -10.58
C LYS A 11 1.69 -19.96 -10.54
N ILE A 12 0.64 -20.32 -11.23
CA ILE A 12 -0.48 -19.41 -11.43
C ILE A 12 -1.71 -19.93 -10.75
N PHE A 13 -2.60 -19.03 -10.43
CA PHE A 13 -3.93 -19.41 -10.07
C PHE A 13 -4.70 -19.50 -11.37
N THR A 14 -5.51 -20.52 -11.49
CA THR A 14 -5.98 -20.98 -12.77
C THR A 14 -7.44 -20.60 -12.97
N GLY A 15 -7.97 -20.89 -14.15
CA GLY A 15 -9.25 -20.33 -14.54
C GLY A 15 -9.02 -19.09 -15.37
N VAL A 16 -7.80 -19.00 -15.87
CA VAL A 16 -7.42 -17.86 -16.67
C VAL A 16 -7.57 -18.18 -18.15
N GLU A 17 -8.56 -17.61 -18.81
CA GLU A 17 -8.57 -17.62 -20.27
C GLU A 17 -8.86 -16.25 -20.83
N GLY A 18 -8.01 -15.80 -21.74
CA GLY A 18 -8.22 -14.52 -22.36
C GLY A 18 -7.53 -13.40 -21.61
N GLU A 19 -8.12 -12.23 -21.64
CA GLU A 19 -7.54 -11.08 -20.98
C GLU A 19 -7.87 -11.06 -19.48
N PHE A 20 -6.85 -10.84 -18.69
CA PHE A 20 -6.98 -10.77 -17.26
C PHE A 20 -6.00 -9.77 -16.69
N GLU A 21 -6.35 -9.15 -15.59
CA GLU A 21 -5.45 -8.25 -14.90
C GLU A 21 -4.84 -9.00 -13.73
N GLY A 22 -3.53 -9.20 -13.75
CA GLY A 22 -2.92 -10.03 -12.74
C GLY A 22 -1.72 -9.38 -12.09
N ILE A 23 -1.10 -10.11 -11.17
CA ILE A 23 0.04 -9.62 -10.45
C ILE A 23 1.08 -10.73 -10.37
N ILE A 24 2.35 -10.36 -10.34
CA ILE A 24 3.40 -11.34 -10.27
C ILE A 24 4.17 -11.21 -8.96
N ILE A 25 4.39 -12.35 -8.31
CA ILE A 25 5.10 -12.39 -7.04
C ILE A 25 6.28 -13.33 -7.18
N GLY A 26 7.46 -12.82 -6.89
CA GLY A 26 8.65 -13.64 -6.97
C GLY A 26 9.35 -13.67 -5.65
N THR A 27 9.73 -14.85 -5.19
CA THR A 27 10.39 -14.97 -3.91
C THR A 27 11.70 -15.70 -4.12
N GLU A 28 12.48 -15.84 -3.05
CA GLU A 28 13.78 -16.51 -3.15
C GLU A 28 13.60 -17.94 -3.65
N ASP A 29 12.41 -18.48 -3.44
CA ASP A 29 12.14 -19.88 -3.72
C ASP A 29 11.46 -20.09 -5.07
N ASP A 30 10.65 -19.12 -5.53
CA ASP A 30 9.75 -19.41 -6.66
C ASP A 30 9.07 -18.16 -7.22
N ILE A 31 8.44 -18.29 -8.38
CA ILE A 31 7.71 -17.21 -9.04
C ILE A 31 6.24 -17.61 -9.18
N ARG A 32 5.32 -16.74 -8.77
CA ARG A 32 3.89 -17.04 -8.86
C ARG A 32 3.13 -15.90 -9.53
N ILE A 33 2.09 -16.25 -10.26
CA ILE A 33 1.14 -15.26 -10.77
C ILE A 33 -0.20 -15.42 -10.06
N TYR A 34 -0.74 -14.32 -9.57
CA TYR A 34 -2.07 -14.31 -8.99
C TYR A 34 -2.96 -13.42 -9.85
N LYS A 35 -4.22 -13.79 -10.00
CA LYS A 35 -5.15 -12.94 -10.74
C LYS A 35 -5.61 -11.86 -9.78
N ARG A 36 -5.66 -10.60 -10.20
CA ARG A 36 -6.07 -9.53 -9.28
C ARG A 36 -7.45 -9.81 -8.67
N ASP A 37 -8.29 -10.49 -9.44
CA ASP A 37 -9.67 -10.72 -9.04
C ASP A 37 -9.73 -11.83 -8.00
N GLU A 38 -8.74 -12.69 -8.04
CA GLU A 38 -8.66 -13.83 -7.16
C GLU A 38 -7.85 -13.43 -5.92
N LEU A 39 -7.00 -12.43 -6.12
CA LEU A 39 -5.98 -12.06 -5.14
C LEU A 39 -6.60 -11.53 -3.85
N ILE A 40 -7.75 -10.88 -3.98
CA ILE A 40 -8.38 -10.28 -2.81
C ILE A 40 -8.74 -11.32 -1.77
N GLU A 41 -8.99 -12.54 -2.23
CA GLU A 41 -9.36 -13.64 -1.34
C GLU A 41 -8.14 -14.34 -0.72
N SER A 42 -6.97 -14.18 -1.32
CA SER A 42 -5.76 -14.87 -0.88
C SER A 42 -5.07 -14.20 0.30
N LYS A 43 -4.17 -14.96 0.92
CA LYS A 43 -3.30 -14.49 2.03
C LYS A 43 -2.51 -13.23 1.64
N TYR A 44 -2.58 -12.84 0.37
CA TYR A 44 -1.98 -11.60 -0.07
C TYR A 44 -3.13 -10.77 -0.63
N LYS A 45 -3.17 -9.47 -0.43
CA LYS A 45 -4.34 -8.73 -0.85
C LYS A 45 -4.00 -7.29 -1.20
N GLU A 46 -4.88 -6.65 -1.97
CA GLU A 46 -4.77 -5.24 -2.21
C GLU A 46 -5.17 -4.54 -0.92
N MET A 47 -4.28 -3.74 -0.39
CA MET A 47 -4.53 -3.15 0.90
C MET A 47 -4.57 -1.64 0.83
N CYS A 48 -5.65 -1.07 1.34
CA CYS A 48 -5.76 0.35 1.47
C CYS A 48 -5.18 0.76 2.80
N ILE A 49 -4.13 1.55 2.75
CA ILE A 49 -3.47 1.99 3.95
C ILE A 49 -3.81 3.43 4.21
N TYR A 50 -4.53 3.66 5.29
CA TYR A 50 -4.91 5.00 5.67
C TYR A 50 -3.95 5.50 6.71
N GLU A 51 -3.26 6.56 6.38
CA GLU A 51 -2.26 7.11 7.26
C GLU A 51 -2.77 8.44 7.77
N ARG A 52 -2.59 8.67 9.04
CA ARG A 52 -3.13 9.86 9.67
C ARG A 52 -2.03 10.74 10.24
N GLN A 53 -1.88 11.93 9.69
CA GLN A 53 -0.89 12.86 10.20
C GLN A 53 -1.58 14.08 10.80
N ARG A 54 -1.31 14.31 12.06
CA ARG A 54 -1.89 15.44 12.77
C ARG A 54 -0.94 16.63 12.78
N ILE A 55 -1.46 17.78 12.39
CA ILE A 55 -0.66 18.99 12.28
C ILE A 55 -1.18 20.07 13.22
N PRO A 56 -0.32 20.60 14.11
CA PRO A 56 -0.68 21.69 15.01
C PRO A 56 -1.09 22.96 14.24
N TYR A 57 -2.19 23.57 14.66
CA TYR A 57 -2.72 24.72 13.97
C TYR A 57 -3.38 25.69 14.96
N ASN A 58 -3.27 26.98 14.69
CA ASN A 58 -3.87 28.00 15.55
C ASN A 58 -4.89 28.83 14.77
N SER A 59 -5.07 28.49 13.50
CA SER A 59 -5.91 29.26 12.61
C SER A 59 -7.30 28.63 12.47
N THR A 60 -8.14 29.22 11.64
CA THR A 60 -9.50 28.75 11.45
C THR A 60 -9.63 27.86 10.22
N ALA A 61 -10.77 27.21 10.06
CA ALA A 61 -11.01 26.35 8.91
C ALA A 61 -11.01 27.16 7.61
N VAL A 62 -11.62 28.34 7.66
CA VAL A 62 -11.63 29.23 6.50
C VAL A 62 -10.21 29.60 6.08
N LEU A 63 -9.35 29.80 7.06
CA LEU A 63 -7.96 30.12 6.78
C LEU A 63 -7.25 28.91 6.19
N LEU A 64 -7.63 27.72 6.65
CA LEU A 64 -7.02 26.49 6.17
C LEU A 64 -7.28 26.29 4.68
N LYS A 65 -8.55 26.39 4.27
CA LYS A 65 -8.89 26.24 2.87
C LYS A 65 -8.20 27.31 2.04
N GLN A 66 -8.08 28.50 2.59
CA GLN A 66 -7.48 29.61 1.87
C GLN A 66 -6.01 29.36 1.60
N VAL A 67 -5.27 28.99 2.64
CA VAL A 67 -3.86 28.60 2.47
C VAL A 67 -3.71 27.39 1.57
N LEU A 68 -4.63 26.42 1.68
CA LEU A 68 -4.60 25.26 0.81
C LEU A 68 -4.83 25.68 -0.64
N VAL A 69 -5.83 26.54 -0.88
CA VAL A 69 -6.13 27.04 -2.23
C VAL A 69 -4.92 27.72 -2.86
N ASP A 70 -4.10 28.35 -2.03
CA ASP A 70 -2.92 29.06 -2.52
C ASP A 70 -1.98 28.09 -3.23
N GLY A 71 -1.86 26.88 -2.69
CA GLY A 71 -1.11 25.84 -3.37
C GLY A 71 -1.97 24.97 -4.29
N PHE A 72 -3.25 24.83 -3.94
CA PHE A 72 -4.13 23.88 -4.62
C PHE A 72 -5.33 24.57 -5.25
N GLU A 73 -5.34 24.65 -6.57
CA GLU A 73 -6.57 25.01 -7.26
C GLU A 73 -7.56 23.85 -7.19
N GLU A 74 -7.03 22.67 -6.89
CA GLU A 74 -7.81 21.43 -6.90
C GLU A 74 -8.39 21.12 -5.52
N LEU A 75 -8.33 22.10 -4.62
CA LEU A 75 -8.89 21.92 -3.30
C LEU A 75 -10.41 21.77 -3.39
N VAL A 76 -10.92 20.65 -2.92
CA VAL A 76 -12.36 20.41 -2.91
C VAL A 76 -12.88 20.46 -1.49
N GLU A 77 -13.71 21.44 -1.19
CA GLU A 77 -14.33 21.55 0.12
C GLU A 77 -15.54 20.63 0.19
N VAL A 78 -15.71 19.95 1.32
CA VAL A 78 -16.82 19.07 1.52
C VAL A 78 -17.47 19.35 2.87
N GLU A 79 -18.61 18.78 3.14
CA GLU A 79 -19.31 19.03 4.40
C GLU A 79 -18.45 18.65 5.60
N SER A 80 -17.75 17.53 5.49
CA SER A 80 -16.97 17.00 6.60
C SER A 80 -15.48 17.34 6.50
N GLY A 81 -15.13 18.43 5.80
CA GLY A 81 -13.72 18.78 5.69
C GLY A 81 -13.32 19.23 4.31
N PHE A 82 -12.05 19.10 4.00
CA PHE A 82 -11.53 19.44 2.69
C PHE A 82 -10.84 18.21 2.11
N MET A 83 -10.80 18.09 0.79
CA MET A 83 -10.12 16.97 0.17
C MET A 83 -9.11 17.45 -0.87
N VAL A 84 -7.84 17.15 -0.63
CA VAL A 84 -6.80 17.42 -1.62
C VAL A 84 -6.26 16.10 -2.14
N GLY A 85 -6.59 15.79 -3.39
CA GLY A 85 -6.23 14.50 -3.96
C GLY A 85 -6.92 13.37 -3.22
N ASN A 86 -6.14 12.50 -2.60
CA ASN A 86 -6.71 11.43 -1.79
C ASN A 86 -6.69 11.82 -0.31
N VAL A 87 -6.01 12.92 -0.01
CA VAL A 87 -5.84 13.34 1.37
C VAL A 87 -7.09 14.07 1.86
N HIS A 88 -7.68 13.53 2.91
CA HIS A 88 -8.83 14.17 3.53
C HIS A 88 -8.37 14.98 4.73
N ILE A 89 -8.69 16.26 4.68
CA ILE A 89 -8.24 17.24 5.65
C ILE A 89 -9.40 17.69 6.51
N VAL A 90 -9.27 17.55 7.82
CA VAL A 90 -10.30 18.05 8.72
C VAL A 90 -9.67 18.77 9.92
N LEU A 91 -10.27 19.87 10.33
CA LEU A 91 -9.76 20.65 11.43
C LEU A 91 -10.45 20.27 12.72
N SER A 92 -9.65 19.98 13.73
CA SER A 92 -10.18 19.49 14.99
C SER A 92 -9.49 20.23 16.15
N GLY A 93 -10.16 21.26 16.66
CA GLY A 93 -9.57 22.07 17.70
C GLY A 93 -8.33 22.81 17.23
N GLN A 94 -7.19 22.49 17.83
CA GLN A 94 -5.94 23.13 17.47
C GLN A 94 -5.06 22.22 16.64
N GLU A 95 -5.64 21.18 16.07
CA GLU A 95 -4.88 20.28 15.21
C GLU A 95 -5.68 19.96 13.95
N VAL A 96 -4.99 19.78 12.84
CA VAL A 96 -5.62 19.30 11.64
C VAL A 96 -5.33 17.82 11.48
N VAL A 97 -6.36 17.05 11.19
CA VAL A 97 -6.21 15.64 10.99
C VAL A 97 -6.16 15.35 9.50
N LEU A 98 -5.16 14.58 9.10
CA LEU A 98 -4.96 14.25 7.71
C LEU A 98 -5.19 12.76 7.49
N GLU A 99 -5.99 12.41 6.49
CA GLU A 99 -6.26 11.03 6.15
C GLU A 99 -5.60 10.83 4.82
N TRP A 100 -4.80 9.82 4.68
CA TRP A 100 -3.69 9.88 3.79
C TRP A 100 -3.54 8.54 3.07
N LYS A 101 -3.24 8.57 1.79
CA LYS A 101 -3.04 7.34 1.05
C LYS A 101 -1.55 7.04 0.99
N SER A 102 -1.21 5.82 1.42
CA SER A 102 0.18 5.43 1.65
C SER A 102 1.08 5.70 0.45
N SER A 103 0.63 5.37 -0.77
CA SER A 103 1.07 6.09 -1.98
C SER A 103 1.91 7.33 -1.70
N TYR A 104 3.21 7.20 -1.93
CA TYR A 104 4.16 8.29 -1.78
C TYR A 104 3.75 9.51 -2.58
N THR A 105 3.08 9.28 -3.70
CA THR A 105 2.59 10.36 -4.55
C THR A 105 1.57 11.21 -3.79
N ASP A 106 0.71 10.53 -3.04
CA ASP A 106 -0.30 11.20 -2.22
C ASP A 106 0.40 11.94 -1.09
N ASP A 107 1.48 11.33 -0.60
CA ASP A 107 2.38 12.02 0.34
C ASP A 107 2.90 13.31 -0.28
N VAL A 108 3.18 13.31 -1.57
CA VAL A 108 3.80 14.46 -2.22
C VAL A 108 2.87 15.69 -2.18
N LEU A 109 1.63 15.52 -2.61
CA LEU A 109 0.68 16.65 -2.55
C LEU A 109 0.31 16.96 -1.09
N ALA A 110 0.19 15.93 -0.29
CA ALA A 110 -0.06 16.08 1.14
C ALA A 110 1.06 16.81 1.87
N ILE A 111 2.30 16.61 1.43
CA ILE A 111 3.44 17.35 1.95
C ILE A 111 3.23 18.83 1.68
N SER A 112 2.68 19.14 0.51
CA SER A 112 2.33 20.51 0.20
C SER A 112 1.27 21.01 1.21
N ILE A 113 0.36 20.13 1.60
CA ILE A 113 -0.62 20.44 2.65
C ILE A 113 0.10 20.75 3.96
N SER A 114 1.01 19.85 4.34
CA SER A 114 1.78 20.01 5.56
C SER A 114 2.54 21.32 5.63
N LYS A 115 3.09 21.79 4.51
CA LYS A 115 3.85 23.04 4.52
C LYS A 115 2.89 24.22 4.69
N MET A 116 1.68 24.08 4.16
CA MET A 116 0.67 25.12 4.24
C MET A 116 0.26 25.39 5.66
N ILE A 117 -0.03 24.34 6.41
CA ILE A 117 -0.48 24.49 7.79
C ILE A 117 0.68 24.77 8.75
N SER A 118 1.87 24.28 8.42
CA SER A 118 3.01 24.43 9.30
C SER A 118 3.68 25.80 9.12
N ASP A 119 3.89 26.21 7.88
CA ASP A 119 4.59 27.46 7.59
C ASP A 119 3.72 28.38 6.76
N MET B 1 4.52 -27.62 -2.17
CA MET B 1 4.02 -26.34 -2.73
C MET B 1 3.54 -26.52 -4.17
N SER B 2 3.80 -27.70 -4.73
CA SER B 2 3.36 -28.03 -6.06
C SER B 2 2.49 -29.28 -5.98
N ASP B 3 1.44 -29.19 -5.19
CA ASP B 3 0.68 -30.38 -4.81
C ASP B 3 -0.81 -30.20 -5.09
N VAL B 4 -1.38 -29.17 -4.48
CA VAL B 4 -2.83 -28.99 -4.46
C VAL B 4 -3.34 -28.25 -5.69
N SER B 5 -2.75 -27.10 -5.97
CA SER B 5 -3.23 -26.25 -7.06
C SER B 5 -2.12 -25.42 -7.66
N MET B 6 -2.51 -24.55 -8.59
CA MET B 6 -1.61 -23.63 -9.27
C MET B 6 -0.69 -24.35 -10.24
N GLY B 7 -0.72 -23.92 -11.49
CA GLY B 7 0.01 -24.60 -12.54
C GLY B 7 1.22 -23.81 -12.98
N MET B 8 2.10 -24.46 -13.75
CA MET B 8 3.29 -23.81 -14.26
C MET B 8 2.98 -23.10 -15.56
N VAL B 9 3.20 -21.80 -15.60
CA VAL B 9 2.95 -21.04 -16.82
C VAL B 9 4.21 -20.27 -17.21
N LYS B 10 4.30 -19.92 -18.49
CA LYS B 10 5.49 -19.26 -19.00
C LYS B 10 5.31 -17.76 -19.04
N LEU B 11 6.27 -17.03 -18.47
CA LEU B 11 6.22 -15.57 -18.46
C LEU B 11 6.81 -15.03 -19.75
N ASP B 12 6.12 -14.10 -20.40
CA ASP B 12 6.66 -13.52 -21.64
C ASP B 12 7.69 -12.43 -21.34
N LYS B 13 8.41 -12.03 -22.39
CA LYS B 13 9.46 -11.03 -22.27
C LYS B 13 8.96 -9.71 -21.69
N GLY B 14 7.66 -9.42 -21.85
CA GLY B 14 7.12 -8.13 -21.46
C GLY B 14 7.23 -7.87 -19.97
N PHE B 15 7.21 -8.93 -19.16
CA PHE B 15 7.22 -8.81 -17.70
C PHE B 15 8.42 -8.00 -17.23
N ASP B 16 9.51 -8.05 -17.98
CA ASP B 16 10.72 -7.32 -17.61
C ASP B 16 10.55 -5.81 -17.73
N ALA B 17 9.47 -5.38 -18.38
CA ALA B 17 9.21 -3.96 -18.57
C ALA B 17 8.27 -3.41 -17.50
N LEU B 18 7.62 -4.31 -16.77
CA LEU B 18 6.67 -3.94 -15.71
C LEU B 18 7.33 -3.14 -14.60
N ASN B 19 6.53 -2.34 -13.90
CA ASN B 19 7.04 -1.50 -12.82
C ASN B 19 7.28 -2.36 -11.58
N TYR B 20 8.52 -2.41 -11.16
CA TYR B 20 8.94 -3.33 -10.12
C TYR B 20 8.74 -2.76 -8.73
N ARG B 21 8.79 -3.67 -7.76
CA ARG B 21 8.35 -3.36 -6.40
C ARG B 21 8.94 -4.41 -5.46
N ALA B 22 9.56 -4.03 -4.36
CA ALA B 22 9.99 -5.05 -3.42
C ALA B 22 9.36 -4.90 -2.04
N ILE B 23 8.61 -5.92 -1.65
CA ILE B 23 8.24 -6.11 -0.25
C ILE B 23 9.33 -6.96 0.40
N GLY B 24 10.00 -6.49 1.44
CA GLY B 24 10.96 -7.34 2.13
C GLY B 24 12.01 -7.93 1.18
N THR B 25 11.85 -9.20 0.87
CA THR B 25 12.73 -9.88 -0.08
C THR B 25 11.96 -10.34 -1.31
N ASP B 26 10.65 -10.14 -1.27
CA ASP B 26 9.76 -10.60 -2.32
C ASP B 26 9.67 -9.54 -3.41
N SER B 27 9.73 -9.95 -4.66
CA SER B 27 9.63 -9.02 -5.78
C SER B 27 8.22 -9.06 -6.34
N VAL B 28 7.58 -7.92 -6.43
CA VAL B 28 6.19 -7.85 -6.86
C VAL B 28 6.01 -6.85 -8.00
N ALA B 29 5.03 -7.11 -8.85
CA ALA B 29 4.68 -6.23 -9.96
C ALA B 29 3.24 -6.47 -10.40
N SER B 30 2.64 -5.48 -11.04
CA SER B 30 1.29 -5.58 -11.55
C SER B 30 1.31 -5.55 -13.08
N PHE B 31 0.38 -6.25 -13.71
CA PHE B 31 0.35 -6.29 -15.16
C PHE B 31 -1.05 -6.58 -15.68
N ARG B 32 -1.28 -6.22 -16.93
CA ARG B 32 -2.47 -6.65 -17.64
C ARG B 32 -2.02 -7.64 -18.71
N GLY B 33 -2.65 -8.80 -18.76
CA GLY B 33 -2.14 -9.84 -19.62
C GLY B 33 -3.21 -10.71 -20.22
N VAL B 34 -2.84 -11.50 -21.20
CA VAL B 34 -3.70 -12.52 -21.77
C VAL B 34 -3.03 -13.89 -21.65
N ARG B 35 -3.74 -14.85 -21.09
CA ARG B 35 -3.25 -16.21 -21.10
C ARG B 35 -3.83 -16.96 -22.27
N ASP B 36 -2.96 -17.50 -23.09
CA ASP B 36 -3.37 -18.32 -24.23
C ASP B 36 -2.56 -19.60 -24.21
N GLY B 37 -3.19 -20.69 -23.80
CA GLY B 37 -2.51 -21.95 -23.73
C GLY B 37 -1.60 -22.05 -22.53
N ASP B 38 -0.37 -22.43 -22.79
CA ASP B 38 0.64 -22.56 -21.76
C ASP B 38 1.41 -21.27 -21.62
N MET B 39 1.03 -20.27 -22.40
CA MET B 39 1.78 -19.03 -22.46
C MET B 39 1.02 -17.89 -21.80
N VAL B 40 1.73 -17.14 -20.95
CA VAL B 40 1.20 -15.92 -20.35
C VAL B 40 1.90 -14.72 -20.97
N ARG B 41 1.11 -13.81 -21.51
CA ARG B 41 1.65 -12.66 -22.22
C ARG B 41 1.02 -11.39 -21.70
N CYS B 42 1.82 -10.40 -21.41
CA CYS B 42 1.31 -9.15 -20.89
C CYS B 42 0.97 -8.21 -22.04
N ILE B 43 -0.18 -7.56 -21.94
CA ILE B 43 -0.61 -6.64 -22.99
C ILE B 43 -0.16 -5.22 -22.66
N GLY B 44 0.36 -5.04 -21.45
CA GLY B 44 0.86 -3.76 -21.02
C GLY B 44 0.72 -3.56 -19.53
N GLU B 45 1.04 -2.35 -19.08
CA GLU B 45 0.88 -1.99 -17.68
C GLU B 45 -0.56 -1.55 -17.43
N GLY B 46 -0.93 -1.37 -16.18
CA GLY B 46 -2.30 -0.99 -15.89
C GLY B 46 -2.48 -0.51 -14.47
N PRO B 47 -2.85 -1.41 -13.55
CA PRO B 47 -3.15 -1.05 -12.17
C PRO B 47 -1.93 -0.62 -11.37
N ARG B 48 -2.17 0.19 -10.36
CA ARG B 48 -1.12 0.61 -9.43
C ARG B 48 -1.70 0.69 -8.02
N MET B 49 -1.58 -0.39 -7.27
CA MET B 49 -2.26 -0.49 -5.99
C MET B 49 -1.42 -1.19 -4.94
N VAL B 50 -1.43 -0.62 -3.74
CA VAL B 50 -0.80 -1.21 -2.58
C VAL B 50 -1.21 -2.67 -2.40
N ILE B 51 -0.24 -3.57 -2.38
CA ILE B 51 -0.49 -4.96 -2.01
C ILE B 51 0.48 -5.37 -0.92
N GLY B 52 0.09 -6.32 -0.10
CA GLY B 52 0.99 -6.81 0.91
C GLY B 52 0.39 -7.91 1.75
N HIS B 53 1.06 -8.22 2.84
CA HIS B 53 0.60 -9.22 3.77
C HIS B 53 0.69 -8.65 5.19
N ALA B 54 -0.44 -8.62 5.88
CA ALA B 54 -0.46 -8.02 7.21
C ALA B 54 -0.33 -9.09 8.28
N ASP B 55 0.80 -9.05 8.97
CA ASP B 55 1.02 -9.93 10.11
C ASP B 55 1.26 -9.07 11.35
N ILE B 56 0.26 -9.05 12.24
CA ILE B 56 0.30 -8.16 13.41
C ILE B 56 1.53 -8.42 14.28
N ASN B 57 1.89 -9.68 14.47
CA ASN B 57 3.05 -10.02 15.28
C ASN B 57 4.34 -9.62 14.59
N GLU B 58 4.43 -9.90 13.30
CA GLU B 58 5.65 -9.60 12.54
C GLU B 58 5.87 -8.09 12.44
N MET B 59 4.77 -7.35 12.29
CA MET B 59 4.85 -5.90 12.20
C MET B 59 5.32 -5.32 13.53
N ARG B 60 4.74 -5.81 14.62
CA ARG B 60 5.16 -5.41 15.97
C ARG B 60 6.61 -5.75 16.23
N ARG B 61 6.99 -6.96 15.82
CA ARG B 61 8.36 -7.46 16.01
C ARG B 61 9.36 -6.52 15.33
N MET B 62 9.05 -6.14 14.10
CA MET B 62 9.89 -5.21 13.35
C MET B 62 10.02 -3.86 14.07
N ILE B 63 8.93 -3.41 14.69
CA ILE B 63 8.96 -2.16 15.47
C ILE B 63 9.88 -2.31 16.66
N VAL B 64 9.75 -3.44 17.36
CA VAL B 64 10.60 -3.74 18.51
C VAL B 64 12.06 -3.80 18.09
N GLU B 65 12.30 -4.24 16.85
CA GLU B 65 13.63 -4.28 16.27
C GLU B 65 14.22 -2.88 16.12
N GLY B 66 13.36 -1.87 16.24
CA GLY B 66 13.78 -0.49 16.12
C GLY B 66 14.00 0.11 17.50
N SER B 67 13.99 -0.77 18.49
CA SER B 67 14.10 -0.39 19.89
C SER B 67 12.90 0.45 20.33
N MET B 68 11.71 -0.06 20.03
CA MET B 68 10.48 0.63 20.39
C MET B 68 9.55 -0.34 21.10
N ARG B 69 9.04 0.04 22.26
CA ARG B 69 8.16 -0.83 23.03
C ARG B 69 6.74 -0.73 22.50
N VAL B 70 6.18 -1.88 22.15
CA VAL B 70 4.87 -1.92 21.52
C VAL B 70 3.93 -2.80 22.32
N GLU B 71 2.66 -2.44 22.29
CA GLU B 71 1.63 -3.24 22.94
C GLU B 71 0.68 -3.78 21.87
N GLN B 72 0.39 -5.06 21.96
CA GLN B 72 -0.48 -5.70 21.00
C GLN B 72 -1.87 -5.81 21.58
N GLU B 73 -2.82 -5.15 20.94
CA GLU B 73 -4.19 -5.14 21.42
C GLU B 73 -5.13 -5.70 20.37
N GLU B 74 -6.42 -5.78 20.68
CA GLU B 74 -7.40 -6.22 19.70
C GLU B 74 -7.49 -5.23 18.54
N ASN B 75 -7.13 -3.97 18.80
CA ASN B 75 -7.22 -2.95 17.77
C ASN B 75 -5.96 -2.90 16.92
N GLY B 76 -4.98 -3.73 17.23
CA GLY B 76 -3.74 -3.72 16.48
C GLY B 76 -2.53 -3.50 17.35
N LEU B 77 -1.73 -2.49 17.02
CA LEU B 77 -0.48 -2.23 17.74
C LEU B 77 -0.41 -0.78 18.21
N LEU B 78 -0.10 -0.60 19.48
CA LEU B 78 0.15 0.73 20.03
C LEU B 78 1.60 0.87 20.47
N VAL B 79 2.31 1.87 19.95
CA VAL B 79 3.62 2.23 20.49
C VAL B 79 3.47 3.31 21.57
N GLU B 80 4.17 3.13 22.71
CA GLU B 80 4.14 3.99 23.94
C GLU B 80 3.73 5.48 23.76
N ASP B 81 2.45 5.72 23.46
CA ASP B 81 1.92 7.11 23.38
C ASP B 81 2.50 7.72 22.14
N CYS B 82 2.55 6.79 21.26
CA CYS B 82 3.24 6.70 20.02
C CYS B 82 2.22 5.96 19.20
N VAL B 83 2.52 5.52 18.04
CA VAL B 83 1.64 5.63 16.91
C VAL B 83 0.93 4.31 16.70
N TRP B 84 -0.33 4.39 16.25
CA TRP B 84 -1.25 3.26 16.34
C TRP B 84 -1.34 2.54 15.01
N ILE B 85 -1.52 1.23 15.05
CA ILE B 85 -1.73 0.45 13.86
C ILE B 85 -3.02 -0.37 14.02
N ARG B 86 -3.94 -0.19 13.09
CA ARG B 86 -5.18 -0.97 13.10
C ARG B 86 -5.29 -1.77 11.81
N VAL B 87 -5.74 -3.00 11.93
CA VAL B 87 -5.84 -3.88 10.78
C VAL B 87 -7.30 -4.10 10.41
N SER B 88 -7.60 -3.96 9.13
CA SER B 88 -8.95 -4.16 8.63
C SER B 88 -8.94 -5.14 7.47
N GLY B 89 -10.11 -5.59 7.05
CA GLY B 89 -10.16 -6.62 6.01
C GLY B 89 -9.50 -6.20 4.72
N ASP B 90 -9.57 -4.91 4.39
CA ASP B 90 -9.06 -4.44 3.11
C ASP B 90 -7.83 -3.57 3.25
N GLY B 91 -7.28 -3.48 4.46
CA GLY B 91 -6.06 -2.70 4.62
C GLY B 91 -5.71 -2.38 6.06
N VAL B 92 -4.92 -1.33 6.24
CA VAL B 92 -4.40 -0.97 7.56
C VAL B 92 -4.52 0.54 7.77
N THR B 93 -4.88 0.92 8.98
CA THR B 93 -4.97 2.33 9.35
C THR B 93 -3.93 2.67 10.41
N ILE B 94 -3.21 3.75 10.20
CA ILE B 94 -2.20 4.20 11.13
C ILE B 94 -2.60 5.55 11.71
N ASP B 95 -2.43 5.74 13.03
CA ASP B 95 -2.86 6.99 13.64
C ASP B 95 -1.66 7.80 14.11
N GLY B 96 -1.59 9.03 13.59
CA GLY B 96 -0.47 9.91 13.80
C GLY B 96 -0.63 10.85 14.99
N ARG B 97 -1.75 10.80 15.68
CA ARG B 97 -2.08 11.87 16.61
C ARG B 97 -1.32 11.73 17.92
N ASP B 98 -0.83 10.53 18.19
CA ASP B 98 0.11 10.35 19.28
C ASP B 98 1.51 10.73 18.80
N SER B 99 2.18 11.61 19.54
CA SER B 99 3.48 12.10 19.14
C SER B 99 4.55 11.03 19.34
N GLY B 100 5.35 10.77 18.31
CA GLY B 100 6.42 9.81 18.46
C GLY B 100 6.93 9.27 17.15
N VAL B 101 6.74 7.98 16.94
CA VAL B 101 7.38 7.25 15.85
C VAL B 101 6.42 6.94 14.71
N PHE B 102 5.89 7.97 14.08
CA PHE B 102 4.96 7.80 12.97
C PHE B 102 5.68 7.25 11.75
N TYR B 103 6.83 7.83 11.44
CA TYR B 103 7.60 7.43 10.27
C TYR B 103 8.17 6.03 10.46
N ALA B 104 8.48 5.69 11.71
CA ALA B 104 8.98 4.36 12.04
C ALA B 104 7.93 3.30 11.73
N VAL B 105 6.67 3.63 12.03
CA VAL B 105 5.55 2.76 11.74
C VAL B 105 5.41 2.56 10.24
N ARG B 106 5.57 3.64 9.49
CA ARG B 106 5.46 3.58 8.03
C ARG B 106 6.49 2.62 7.47
N ASP B 107 7.72 2.70 7.99
CA ASP B 107 8.81 1.82 7.54
C ASP B 107 8.45 0.36 7.71
N VAL B 108 7.91 0.03 8.87
CA VAL B 108 7.51 -1.34 9.17
C VAL B 108 6.44 -1.82 8.20
N VAL B 109 5.42 -1.00 8.00
CA VAL B 109 4.31 -1.36 7.15
C VAL B 109 4.76 -1.49 5.69
N TYR B 110 5.61 -0.56 5.24
CA TYR B 110 6.11 -0.61 3.87
C TYR B 110 7.00 -1.83 3.63
N ARG B 111 7.68 -2.29 4.67
CA ARG B 111 8.46 -3.52 4.57
C ARG B 111 7.54 -4.75 4.45
N SER B 112 6.26 -4.54 4.69
CA SER B 112 5.27 -5.62 4.59
C SER B 112 4.32 -5.37 3.40
N SER B 113 4.53 -4.27 2.68
CA SER B 113 3.68 -3.91 1.55
C SER B 113 4.47 -3.32 0.39
N ALA B 114 3.79 -3.14 -0.74
CA ALA B 114 4.40 -2.52 -1.92
C ALA B 114 3.31 -1.96 -2.82
N PHE B 115 3.57 -0.83 -3.46
CA PHE B 115 2.58 -0.22 -4.33
C PHE B 115 2.87 -0.67 -5.76
N ILE B 116 2.04 -1.52 -6.34
CA ILE B 116 2.36 -2.01 -7.67
C ILE B 116 1.54 -1.32 -8.73
N GLY A 1 16.79 -23.18 -3.50
CA GLY A 1 16.44 -21.93 -2.77
C GLY A 1 17.29 -20.77 -3.23
N HIS A 2 16.86 -19.56 -2.87
CA HIS A 2 17.56 -18.32 -3.25
C HIS A 2 17.72 -18.25 -4.77
N MET A 3 16.67 -18.65 -5.48
CA MET A 3 16.69 -18.66 -6.93
C MET A 3 15.26 -18.63 -7.45
N LEU A 4 15.02 -17.81 -8.45
CA LEU A 4 13.69 -17.67 -9.03
C LEU A 4 13.40 -18.78 -10.04
N ALA A 5 14.15 -19.88 -9.94
CA ALA A 5 14.06 -20.98 -10.89
C ALA A 5 14.26 -20.48 -12.32
N LYS A 6 13.60 -21.13 -13.27
CA LYS A 6 13.57 -20.63 -14.62
C LYS A 6 12.96 -19.23 -14.63
N ASP A 7 13.70 -18.26 -15.16
CA ASP A 7 13.27 -16.87 -15.14
C ASP A 7 12.07 -16.65 -16.05
N ASN A 8 11.73 -17.67 -16.84
CA ASN A 8 10.61 -17.57 -17.75
C ASN A 8 9.49 -18.49 -17.30
N GLU A 9 9.66 -19.13 -16.14
CA GLU A 9 8.64 -20.01 -15.59
C GLU A 9 7.98 -19.34 -14.40
N ALA A 10 6.68 -19.43 -14.36
CA ALA A 10 5.90 -18.99 -13.22
C ALA A 10 4.77 -19.97 -13.00
N LYS A 11 4.20 -19.97 -11.82
CA LYS A 11 3.08 -20.86 -11.58
C LYS A 11 1.86 -20.03 -11.24
N ILE A 12 0.84 -20.15 -12.06
CA ILE A 12 -0.35 -19.35 -11.92
C ILE A 12 -1.55 -20.25 -11.67
N PHE A 13 -2.22 -20.09 -10.54
CA PHE A 13 -3.45 -20.84 -10.39
C PHE A 13 -4.60 -19.96 -9.93
N THR A 14 -5.30 -19.32 -10.85
CA THR A 14 -6.74 -19.06 -10.72
C THR A 14 -7.32 -18.78 -12.09
N GLY A 15 -8.42 -19.43 -12.48
CA GLY A 15 -9.41 -18.77 -13.33
C GLY A 15 -8.97 -18.30 -14.71
N VAL A 16 -7.71 -18.51 -15.10
CA VAL A 16 -7.20 -17.64 -16.14
C VAL A 16 -7.22 -18.26 -17.54
N GLU A 17 -8.11 -17.77 -18.37
CA GLU A 17 -7.88 -17.76 -19.82
C GLU A 17 -8.29 -16.42 -20.40
N GLY A 18 -7.52 -15.94 -21.37
CA GLY A 18 -7.86 -14.72 -22.04
C GLY A 18 -7.34 -13.49 -21.35
N GLU A 19 -8.10 -12.40 -21.44
CA GLU A 19 -7.70 -11.11 -20.91
C GLU A 19 -8.00 -11.00 -19.42
N PHE A 20 -6.99 -10.61 -18.64
CA PHE A 20 -7.15 -10.45 -17.21
C PHE A 20 -6.14 -9.45 -16.65
N GLU A 21 -6.42 -8.93 -15.47
CA GLU A 21 -5.44 -8.13 -14.76
C GLU A 21 -4.83 -9.00 -13.69
N GLY A 22 -3.55 -9.25 -13.76
CA GLY A 22 -2.94 -10.17 -12.82
C GLY A 22 -1.81 -9.53 -12.05
N ILE A 23 -1.22 -10.31 -11.18
CA ILE A 23 -0.09 -9.87 -10.38
C ILE A 23 0.94 -10.98 -10.33
N ILE A 24 2.20 -10.59 -10.31
CA ILE A 24 3.28 -11.54 -10.34
C ILE A 24 4.07 -11.46 -9.04
N ILE A 25 4.29 -12.60 -8.43
CA ILE A 25 4.98 -12.67 -7.16
C ILE A 25 6.17 -13.60 -7.28
N GLY A 26 7.33 -13.12 -6.90
CA GLY A 26 8.52 -13.94 -6.98
C GLY A 26 9.17 -14.06 -5.63
N THR A 27 9.49 -15.26 -5.22
CA THR A 27 10.08 -15.46 -3.92
C THR A 27 11.43 -16.13 -4.12
N GLU A 28 12.19 -16.29 -3.06
CA GLU A 28 13.48 -16.94 -3.16
C GLU A 28 13.35 -18.38 -3.61
N ASP A 29 12.12 -18.91 -3.62
CA ASP A 29 11.90 -20.29 -3.99
C ASP A 29 11.19 -20.45 -5.34
N ASP A 30 10.42 -19.44 -5.77
CA ASP A 30 9.55 -19.63 -6.95
C ASP A 30 8.88 -18.34 -7.42
N ILE A 31 8.49 -18.32 -8.70
CA ILE A 31 7.67 -17.25 -9.26
C ILE A 31 6.24 -17.76 -9.46
N ARG A 32 5.25 -17.00 -9.00
CA ARG A 32 3.86 -17.42 -9.08
C ARG A 32 2.96 -16.26 -9.51
N ILE A 33 1.92 -16.57 -10.29
CA ILE A 33 0.95 -15.57 -10.71
C ILE A 33 -0.46 -15.90 -10.20
N TYR A 34 -1.14 -14.87 -9.75
CA TYR A 34 -2.56 -14.93 -9.44
C TYR A 34 -3.26 -13.74 -10.09
N LYS A 35 -4.56 -13.85 -10.31
CA LYS A 35 -5.32 -12.76 -10.89
C LYS A 35 -5.61 -11.76 -9.78
N ARG A 36 -5.45 -10.46 -10.01
CA ARG A 36 -5.63 -9.48 -8.93
C ARG A 36 -7.01 -9.62 -8.27
N ASP A 37 -7.98 -10.05 -9.07
CA ASP A 37 -9.36 -10.13 -8.64
C ASP A 37 -9.52 -11.35 -7.73
N GLU A 38 -8.63 -12.30 -7.94
CA GLU A 38 -8.65 -13.55 -7.23
C GLU A 38 -7.73 -13.46 -6.01
N LEU A 39 -6.72 -12.59 -6.10
CA LEU A 39 -5.61 -12.58 -5.15
C LEU A 39 -6.06 -12.21 -3.76
N ILE A 40 -7.10 -11.39 -3.67
CA ILE A 40 -7.56 -10.87 -2.40
C ILE A 40 -7.95 -12.00 -1.43
N GLU A 41 -8.17 -13.20 -1.99
CA GLU A 41 -8.54 -14.35 -1.16
C GLU A 41 -7.34 -15.04 -0.53
N SER A 42 -6.14 -14.80 -1.05
CA SER A 42 -4.90 -15.36 -0.54
C SER A 42 -4.34 -14.57 0.63
N LYS A 43 -3.37 -15.17 1.31
CA LYS A 43 -2.59 -14.51 2.37
C LYS A 43 -1.95 -13.20 1.89
N TYR A 44 -2.08 -12.91 0.59
CA TYR A 44 -1.59 -11.66 0.04
C TYR A 44 -2.81 -10.98 -0.56
N LYS A 45 -2.94 -9.68 -0.40
CA LYS A 45 -4.14 -9.01 -0.87
C LYS A 45 -3.91 -7.53 -1.14
N GLU A 46 -4.81 -6.94 -1.89
CA GLU A 46 -4.78 -5.52 -2.15
C GLU A 46 -5.26 -4.80 -0.90
N MET A 47 -4.45 -3.89 -0.39
CA MET A 47 -4.78 -3.21 0.85
C MET A 47 -4.57 -1.72 0.73
N CYS A 48 -5.33 -0.97 1.50
CA CYS A 48 -5.17 0.46 1.56
C CYS A 48 -4.57 0.88 2.90
N ILE A 49 -3.40 1.49 2.83
CA ILE A 49 -2.73 1.99 4.03
C ILE A 49 -3.07 3.46 4.22
N TYR A 50 -3.78 3.74 5.31
CA TYR A 50 -4.24 5.09 5.59
C TYR A 50 -3.28 5.77 6.53
N GLU A 51 -2.80 6.93 6.15
CA GLU A 51 -1.92 7.69 7.01
C GLU A 51 -2.70 8.83 7.65
N ARG A 52 -2.78 8.83 8.97
CA ARG A 52 -3.44 9.91 9.68
C ARG A 52 -2.42 10.81 10.37
N GLN A 53 -2.32 12.05 9.94
CA GLN A 53 -1.43 13.00 10.60
C GLN A 53 -2.23 13.98 11.44
N ARG A 54 -1.90 14.06 12.71
CA ARG A 54 -2.49 15.07 13.58
C ARG A 54 -1.58 16.28 13.60
N ILE A 55 -2.09 17.42 13.14
CA ILE A 55 -1.26 18.60 12.98
C ILE A 55 -1.84 19.80 13.74
N PRO A 56 -1.06 20.37 14.66
CA PRO A 56 -1.42 21.60 15.38
C PRO A 56 -1.52 22.79 14.42
N TYR A 57 -2.43 23.71 14.72
CA TYR A 57 -2.70 24.82 13.83
C TYR A 57 -3.09 26.06 14.64
N ASN A 58 -2.71 27.24 14.18
CA ASN A 58 -3.09 28.47 14.85
C ASN A 58 -4.14 29.25 14.05
N SER A 59 -4.40 28.83 12.83
CA SER A 59 -5.33 29.54 11.96
C SER A 59 -6.67 28.80 11.85
N THR A 60 -7.60 29.40 11.10
CA THR A 60 -8.97 28.91 11.02
C THR A 60 -9.22 28.07 9.76
N ALA A 61 -10.40 27.47 9.68
CA ALA A 61 -10.77 26.63 8.54
C ALA A 61 -10.68 27.42 7.23
N VAL A 62 -11.22 28.64 7.24
CA VAL A 62 -11.14 29.53 6.09
C VAL A 62 -9.68 29.76 5.67
N LEU A 63 -8.82 29.91 6.67
CA LEU A 63 -7.41 30.15 6.42
C LEU A 63 -6.73 28.90 5.88
N LEU A 64 -7.16 27.74 6.35
CA LEU A 64 -6.62 26.47 5.88
C LEU A 64 -6.86 26.30 4.38
N LYS A 65 -8.10 26.49 3.94
CA LYS A 65 -8.42 26.44 2.53
C LYS A 65 -7.55 27.42 1.74
N GLN A 66 -7.30 28.56 2.35
CA GLN A 66 -6.52 29.61 1.70
C GLN A 66 -5.08 29.14 1.53
N VAL A 67 -4.48 28.66 2.60
CA VAL A 67 -3.13 28.09 2.53
C VAL A 67 -3.05 26.92 1.57
N LEU A 68 -4.05 26.03 1.59
CA LEU A 68 -4.07 24.90 0.69
C LEU A 68 -4.12 25.35 -0.77
N VAL A 69 -5.00 26.31 -1.07
CA VAL A 69 -5.10 26.87 -2.42
C VAL A 69 -3.76 27.43 -2.91
N ASP A 70 -2.99 27.98 -2.00
CA ASP A 70 -1.70 28.58 -2.38
C ASP A 70 -0.76 27.53 -2.94
N GLY A 71 -0.79 26.34 -2.36
CA GLY A 71 0.02 25.25 -2.89
C GLY A 71 -0.67 24.41 -3.94
N PHE A 72 -2.01 24.38 -3.92
CA PHE A 72 -2.73 23.35 -4.66
C PHE A 72 -3.38 23.77 -5.96
N GLU A 73 -3.82 22.71 -6.62
CA GLU A 73 -4.38 22.88 -7.96
C GLU A 73 -5.89 22.60 -7.88
N GLU A 74 -6.08 21.49 -7.17
CA GLU A 74 -7.35 20.75 -7.08
C GLU A 74 -8.15 20.89 -5.79
N LEU A 75 -7.90 21.87 -4.92
CA LEU A 75 -8.50 21.79 -3.58
C LEU A 75 -10.02 21.89 -3.66
N VAL A 76 -10.70 20.87 -3.13
CA VAL A 76 -12.16 20.87 -3.11
C VAL A 76 -12.66 20.92 -1.67
N GLU A 77 -13.33 21.98 -1.30
CA GLU A 77 -13.93 22.07 0.01
C GLU A 77 -15.27 21.34 0.01
N VAL A 78 -15.60 20.72 1.13
CA VAL A 78 -16.85 19.98 1.24
C VAL A 78 -17.60 20.40 2.49
N GLU A 79 -18.85 19.95 2.63
CA GLU A 79 -19.72 20.44 3.71
C GLU A 79 -19.10 20.24 5.09
N SER A 80 -18.39 19.15 5.28
CA SER A 80 -17.90 18.80 6.61
C SER A 80 -16.40 19.07 6.75
N GLY A 81 -15.72 19.34 5.65
CA GLY A 81 -14.26 19.50 5.71
C GLY A 81 -13.67 19.86 4.37
N PHE A 82 -12.41 19.53 4.17
CA PHE A 82 -11.75 19.80 2.90
C PHE A 82 -11.23 18.50 2.30
N MET A 83 -11.28 18.40 0.98
CA MET A 83 -10.74 17.25 0.29
C MET A 83 -9.74 17.69 -0.77
N VAL A 84 -8.50 17.26 -0.62
CA VAL A 84 -7.51 17.48 -1.66
C VAL A 84 -7.19 16.14 -2.31
N GLY A 85 -7.76 15.91 -3.48
CA GLY A 85 -7.63 14.61 -4.12
C GLY A 85 -8.37 13.54 -3.34
N ASN A 86 -7.63 12.60 -2.77
CA ASN A 86 -8.23 11.57 -1.92
C ASN A 86 -7.83 11.81 -0.47
N VAL A 87 -7.29 12.98 -0.19
CA VAL A 87 -6.89 13.31 1.16
C VAL A 87 -8.00 14.04 1.89
N HIS A 88 -8.43 13.47 3.01
CA HIS A 88 -9.48 14.08 3.81
C HIS A 88 -8.89 14.96 4.91
N ILE A 89 -9.22 16.23 4.83
CA ILE A 89 -8.73 17.23 5.78
C ILE A 89 -9.89 17.75 6.61
N VAL A 90 -9.79 17.64 7.92
CA VAL A 90 -10.81 18.21 8.78
C VAL A 90 -10.17 18.97 9.94
N LEU A 91 -10.73 20.12 10.27
CA LEU A 91 -10.19 20.94 11.33
C LEU A 91 -10.99 20.71 12.60
N SER A 92 -10.29 20.39 13.66
CA SER A 92 -10.91 20.09 14.94
C SER A 92 -10.31 20.98 16.01
N GLY A 93 -11.03 22.02 16.38
CA GLY A 93 -10.49 22.99 17.31
C GLY A 93 -9.32 23.73 16.70
N GLN A 94 -8.14 23.55 17.27
CA GLN A 94 -6.94 24.19 16.77
C GLN A 94 -5.98 23.17 16.14
N GLU A 95 -6.50 22.00 15.80
CA GLU A 95 -5.67 20.98 15.16
C GLU A 95 -6.39 20.32 13.99
N VAL A 96 -5.66 20.00 12.94
CA VAL A 96 -6.24 19.36 11.77
C VAL A 96 -5.98 17.87 11.78
N VAL A 97 -6.99 17.09 11.46
CA VAL A 97 -6.82 15.67 11.30
C VAL A 97 -6.66 15.33 9.81
N LEU A 98 -5.51 14.80 9.46
CA LEU A 98 -5.25 14.41 8.09
C LEU A 98 -5.33 12.90 7.95
N GLU A 99 -6.06 12.45 6.95
CA GLU A 99 -6.15 11.03 6.61
C GLU A 99 -6.08 10.92 5.11
N TRP A 100 -5.33 9.98 4.59
CA TRP A 100 -5.20 9.90 3.15
C TRP A 100 -4.92 8.50 2.63
N LYS A 101 -5.10 8.38 1.32
CA LYS A 101 -5.15 7.11 0.63
C LYS A 101 -3.79 6.42 0.54
N SER A 102 -3.89 5.12 0.33
CA SER A 102 -2.81 4.17 0.22
C SER A 102 -1.77 4.49 -0.83
N SER A 103 -2.04 5.42 -1.74
CA SER A 103 -1.36 5.39 -3.01
C SER A 103 -0.14 6.30 -2.97
N TYR A 104 0.91 5.95 -3.72
CA TYR A 104 2.17 6.68 -3.67
C TYR A 104 1.94 8.17 -3.94
N THR A 105 1.22 8.44 -5.00
CA THR A 105 0.93 9.80 -5.42
C THR A 105 0.07 10.53 -4.39
N ASP A 106 -0.85 9.80 -3.76
CA ASP A 106 -1.73 10.38 -2.76
C ASP A 106 -0.97 10.78 -1.51
N ASP A 107 0.04 9.99 -1.15
CA ASP A 107 0.93 10.37 -0.06
C ASP A 107 1.66 11.68 -0.37
N VAL A 108 2.17 11.81 -1.60
CA VAL A 108 3.02 12.94 -1.95
C VAL A 108 2.29 14.30 -1.91
N LEU A 109 1.13 14.38 -2.56
CA LEU A 109 0.37 15.64 -2.54
C LEU A 109 -0.14 15.92 -1.12
N ALA A 110 -0.47 14.85 -0.40
CA ALA A 110 -0.82 14.96 1.01
C ALA A 110 0.32 15.55 1.84
N ILE A 111 1.56 15.21 1.46
CA ILE A 111 2.73 15.78 2.10
C ILE A 111 2.75 17.29 1.92
N SER A 112 2.32 17.75 0.75
CA SER A 112 2.18 19.16 0.50
C SER A 112 1.19 19.78 1.49
N ILE A 113 0.13 19.04 1.80
CA ILE A 113 -0.84 19.47 2.81
C ILE A 113 -0.15 19.67 4.17
N SER A 114 0.65 18.68 4.54
CA SER A 114 1.35 18.70 5.81
C SER A 114 2.22 19.95 5.98
N LYS A 115 2.91 20.39 4.93
CA LYS A 115 3.77 21.56 5.04
C LYS A 115 2.93 22.83 5.16
N MET A 116 1.78 22.82 4.49
CA MET A 116 0.88 23.98 4.50
C MET A 116 0.38 24.28 5.90
N ILE A 117 -0.05 23.25 6.61
CA ILE A 117 -0.59 23.42 7.95
C ILE A 117 0.52 23.56 9.01
N SER A 118 1.65 22.92 8.77
CA SER A 118 2.73 22.92 9.74
C SER A 118 3.59 24.18 9.63
N ASP A 119 3.90 24.60 8.42
CA ASP A 119 4.79 25.73 8.22
C ASP A 119 4.21 26.70 7.20
N MET B 1 -7.72 -28.54 -28.87
CA MET B 1 -7.54 -27.14 -28.42
C MET B 1 -8.30 -26.90 -27.13
N SER B 2 -7.71 -27.30 -26.02
CA SER B 2 -8.31 -27.07 -24.71
C SER B 2 -7.26 -26.50 -23.75
N ASP B 3 -7.08 -25.18 -23.82
CA ASP B 3 -6.06 -24.51 -23.01
C ASP B 3 -6.53 -24.33 -21.58
N VAL B 4 -6.88 -25.43 -20.93
CA VAL B 4 -7.29 -25.38 -19.52
C VAL B 4 -6.04 -25.53 -18.64
N SER B 5 -5.11 -24.62 -18.87
CA SER B 5 -3.80 -24.70 -18.23
C SER B 5 -3.80 -24.04 -16.85
N MET B 6 -2.97 -24.56 -15.96
CA MET B 6 -2.72 -23.96 -14.66
C MET B 6 -1.27 -24.28 -14.27
N GLY B 7 -0.72 -23.52 -13.35
CA GLY B 7 0.65 -23.81 -12.94
C GLY B 7 1.70 -23.13 -13.79
N MET B 8 2.58 -23.91 -14.41
CA MET B 8 3.81 -23.37 -14.99
C MET B 8 3.57 -22.78 -16.36
N VAL B 9 3.91 -21.51 -16.48
CA VAL B 9 3.74 -20.76 -17.70
C VAL B 9 5.03 -20.04 -18.07
N LYS B 10 5.07 -19.50 -19.26
CA LYS B 10 6.18 -18.69 -19.71
C LYS B 10 5.85 -17.23 -19.55
N LEU B 11 6.75 -16.49 -18.89
CA LEU B 11 6.57 -15.06 -18.70
C LEU B 11 7.10 -14.31 -19.92
N ASP B 12 6.31 -13.37 -20.42
CA ASP B 12 6.74 -12.59 -21.59
C ASP B 12 7.75 -11.52 -21.19
N LYS B 13 8.52 -11.10 -22.18
CA LYS B 13 9.59 -10.13 -22.00
C LYS B 13 9.09 -8.79 -21.46
N GLY B 14 7.81 -8.51 -21.69
CA GLY B 14 7.27 -7.21 -21.32
C GLY B 14 7.23 -7.00 -19.81
N PHE B 15 7.07 -8.09 -19.07
CA PHE B 15 6.99 -8.02 -17.62
C PHE B 15 8.25 -7.41 -17.02
N ASP B 16 9.37 -7.58 -17.69
CA ASP B 16 10.65 -7.08 -17.17
C ASP B 16 10.66 -5.55 -17.07
N ALA B 17 9.68 -4.91 -17.69
CA ALA B 17 9.55 -3.47 -17.64
C ALA B 17 8.64 -3.03 -16.50
N LEU B 18 8.01 -3.99 -15.83
CA LEU B 18 7.18 -3.70 -14.67
C LEU B 18 8.04 -3.16 -13.53
N ASN B 19 7.41 -2.39 -12.65
CA ASN B 19 8.10 -1.82 -11.51
C ASN B 19 8.15 -2.82 -10.36
N TYR B 20 9.08 -3.76 -10.45
CA TYR B 20 9.22 -4.77 -9.42
C TYR B 20 9.67 -4.13 -8.12
N ARG B 21 8.97 -4.46 -7.04
CA ARG B 21 9.27 -3.96 -5.72
C ARG B 21 9.07 -5.11 -4.73
N ALA B 22 9.75 -5.08 -3.60
CA ALA B 22 9.85 -6.27 -2.78
C ALA B 22 9.21 -6.12 -1.40
N ILE B 23 8.26 -6.99 -1.12
CA ILE B 23 7.76 -7.18 0.24
C ILE B 23 8.66 -8.19 0.92
N GLY B 24 9.26 -7.86 2.06
CA GLY B 24 10.11 -8.83 2.74
C GLY B 24 11.18 -9.40 1.83
N THR B 25 11.00 -10.66 1.44
CA THR B 25 11.91 -11.32 0.53
C THR B 25 11.24 -11.65 -0.82
N ASP B 26 9.96 -11.36 -0.92
CA ASP B 26 9.22 -11.59 -2.15
C ASP B 26 9.22 -10.33 -3.01
N SER B 27 9.12 -10.49 -4.31
CA SER B 27 9.02 -9.38 -5.24
C SER B 27 7.65 -9.40 -5.92
N VAL B 28 7.02 -8.25 -6.00
CA VAL B 28 5.67 -8.18 -6.54
C VAL B 28 5.59 -7.14 -7.66
N ALA B 29 4.64 -7.35 -8.56
CA ALA B 29 4.36 -6.40 -9.64
C ALA B 29 2.94 -6.57 -10.15
N SER B 30 2.36 -5.49 -10.64
CA SER B 30 1.00 -5.49 -11.14
C SER B 30 1.01 -5.34 -12.66
N PHE B 31 0.13 -6.06 -13.33
CA PHE B 31 0.12 -6.04 -14.78
C PHE B 31 -1.26 -6.36 -15.32
N ARG B 32 -1.46 -6.05 -16.59
CA ARG B 32 -2.64 -6.47 -17.32
C ARG B 32 -2.18 -7.37 -18.46
N GLY B 33 -2.75 -8.56 -18.57
CA GLY B 33 -2.20 -9.53 -19.50
C GLY B 33 -3.23 -10.41 -20.15
N VAL B 34 -2.81 -11.13 -21.18
CA VAL B 34 -3.64 -12.15 -21.79
C VAL B 34 -2.92 -13.49 -21.75
N ARG B 35 -3.62 -14.49 -21.25
CA ARG B 35 -3.07 -15.83 -21.22
C ARG B 35 -3.62 -16.67 -22.36
N ASP B 36 -2.72 -17.28 -23.10
CA ASP B 36 -3.08 -18.23 -24.14
C ASP B 36 -2.16 -19.43 -24.06
N GLY B 37 -2.67 -20.54 -23.56
CA GLY B 37 -1.85 -21.72 -23.45
C GLY B 37 -0.90 -21.64 -22.29
N ASP B 38 0.37 -21.86 -22.57
CA ASP B 38 1.40 -21.78 -21.56
C ASP B 38 2.07 -20.43 -21.60
N MET B 39 1.51 -19.51 -22.37
CA MET B 39 2.10 -18.19 -22.51
C MET B 39 1.29 -17.13 -21.78
N VAL B 40 2.00 -16.32 -20.99
CA VAL B 40 1.41 -15.17 -20.33
C VAL B 40 2.07 -13.91 -20.87
N ARG B 41 1.26 -12.98 -21.37
CA ARG B 41 1.78 -11.80 -22.04
C ARG B 41 1.11 -10.54 -21.50
N CYS B 42 1.87 -9.47 -21.34
CA CYS B 42 1.34 -8.23 -20.81
C CYS B 42 0.74 -7.38 -21.93
N ILE B 43 -0.48 -6.91 -21.71
CA ILE B 43 -1.18 -6.08 -22.69
C ILE B 43 -1.32 -4.64 -22.18
N GLY B 44 -0.76 -4.37 -21.01
CA GLY B 44 -1.05 -3.13 -20.33
C GLY B 44 -0.17 -2.91 -19.14
N GLU B 45 -0.52 -1.90 -18.33
CA GLU B 45 0.30 -1.52 -17.20
C GLU B 45 -0.52 -1.61 -15.92
N GLY B 46 -0.07 -2.49 -15.03
CA GLY B 46 -0.68 -2.65 -13.74
C GLY B 46 -0.97 -1.35 -13.02
N PRO B 47 -2.24 -1.11 -12.72
CA PRO B 47 -2.68 0.03 -11.93
C PRO B 47 -2.00 0.05 -10.57
N ARG B 48 -1.73 1.24 -10.06
CA ARG B 48 -0.90 1.39 -8.87
C ARG B 48 -1.70 1.08 -7.61
N MET B 49 -1.46 -0.08 -7.03
CA MET B 49 -2.19 -0.51 -5.85
C MET B 49 -1.29 -1.25 -4.86
N VAL B 50 -1.30 -0.80 -3.62
CA VAL B 50 -0.66 -1.51 -2.51
C VAL B 50 -1.15 -2.95 -2.41
N ILE B 51 -0.22 -3.90 -2.45
CA ILE B 51 -0.54 -5.27 -2.08
C ILE B 51 0.42 -5.71 -0.98
N GLY B 52 -0.01 -6.60 -0.11
CA GLY B 52 0.87 -7.05 0.94
C GLY B 52 0.22 -8.06 1.86
N HIS B 53 0.87 -8.30 2.98
CA HIS B 53 0.39 -9.24 3.97
C HIS B 53 0.44 -8.58 5.34
N ALA B 54 -0.70 -8.52 6.01
CA ALA B 54 -0.75 -7.87 7.30
C ALA B 54 -0.53 -8.90 8.39
N ASP B 55 0.63 -8.82 9.02
CA ASP B 55 0.97 -9.69 10.12
C ASP B 55 1.24 -8.87 11.37
N ILE B 56 0.43 -9.07 12.39
CA ILE B 56 0.55 -8.31 13.63
C ILE B 56 1.88 -8.60 14.32
N ASN B 57 2.32 -9.85 14.23
CA ASN B 57 3.56 -10.28 14.87
C ASN B 57 4.77 -9.66 14.18
N GLU B 58 4.77 -9.70 12.85
CA GLU B 58 5.87 -9.18 12.05
C GLU B 58 6.04 -7.69 12.24
N MET B 59 4.93 -6.95 12.28
CA MET B 59 5.02 -5.51 12.43
C MET B 59 5.57 -5.17 13.80
N ARG B 60 5.02 -5.82 14.82
CA ARG B 60 5.48 -5.63 16.20
C ARG B 60 6.97 -5.93 16.33
N ARG B 61 7.37 -7.06 15.78
CA ARG B 61 8.77 -7.49 15.81
C ARG B 61 9.66 -6.44 15.15
N MET B 62 9.26 -6.02 13.97
CA MET B 62 9.99 -5.01 13.20
C MET B 62 10.10 -3.70 13.97
N ILE B 63 9.05 -3.34 14.69
CA ILE B 63 9.07 -2.13 15.53
C ILE B 63 10.10 -2.30 16.65
N VAL B 64 10.05 -3.43 17.34
CA VAL B 64 11.03 -3.74 18.39
C VAL B 64 12.44 -3.78 17.80
N GLU B 65 12.52 -4.21 16.55
CA GLU B 65 13.77 -4.28 15.80
C GLU B 65 14.32 -2.87 15.52
N GLY B 66 13.47 -1.87 15.71
CA GLY B 66 13.87 -0.49 15.54
C GLY B 66 14.20 0.14 16.88
N SER B 67 14.29 -0.75 17.87
CA SER B 67 14.46 -0.35 19.26
C SER B 67 13.32 0.55 19.71
N MET B 68 12.10 0.13 19.40
CA MET B 68 10.91 0.88 19.72
C MET B 68 9.94 0.01 20.50
N ARG B 69 9.28 0.59 21.50
CA ARG B 69 8.38 -0.16 22.37
C ARG B 69 7.00 -0.22 21.76
N VAL B 70 6.45 -1.42 21.69
CA VAL B 70 5.14 -1.63 21.12
C VAL B 70 4.34 -2.65 21.93
N GLU B 71 3.04 -2.39 22.05
CA GLU B 71 2.14 -3.27 22.77
C GLU B 71 1.14 -3.87 21.79
N GLN B 72 0.80 -5.13 21.97
CA GLN B 72 -0.11 -5.79 21.05
C GLN B 72 -1.54 -5.72 21.54
N GLU B 73 -2.45 -5.39 20.64
CA GLU B 73 -3.87 -5.26 20.96
C GLU B 73 -4.69 -6.04 19.93
N GLU B 74 -5.95 -6.30 20.23
CA GLU B 74 -6.83 -6.95 19.25
C GLU B 74 -7.01 -6.05 18.03
N ASN B 75 -6.99 -4.75 18.28
CA ASN B 75 -7.20 -3.77 17.23
C ASN B 75 -5.90 -3.44 16.49
N GLY B 76 -4.80 -4.06 16.90
CA GLY B 76 -3.53 -3.84 16.24
C GLY B 76 -2.38 -3.68 17.20
N LEU B 77 -1.63 -2.61 17.05
CA LEU B 77 -0.44 -2.38 17.87
C LEU B 77 -0.39 -0.95 18.39
N LEU B 78 0.02 -0.78 19.64
CA LEU B 78 0.27 0.54 20.19
C LEU B 78 1.77 0.77 20.38
N VAL B 79 2.33 1.67 19.58
CA VAL B 79 3.77 1.93 19.58
C VAL B 79 4.11 3.16 20.42
N GLU B 80 5.16 3.08 21.25
CA GLU B 80 5.66 4.23 22.02
C GLU B 80 4.59 4.86 22.90
N ASP B 81 3.65 4.03 23.35
CA ASP B 81 2.53 4.45 24.19
C ASP B 81 1.63 5.45 23.46
N CYS B 82 1.97 5.72 22.20
CA CYS B 82 1.01 6.30 21.26
C CYS B 82 1.60 6.16 19.86
N VAL B 83 1.13 5.17 19.12
CA VAL B 83 0.91 5.21 17.68
C VAL B 83 -0.21 4.25 17.49
N TRP B 84 -1.23 4.54 16.71
CA TRP B 84 -2.27 3.53 16.60
C TRP B 84 -2.23 2.82 15.26
N ILE B 85 -2.11 1.52 15.31
CA ILE B 85 -2.10 0.70 14.11
C ILE B 85 -3.33 -0.18 14.12
N ARG B 86 -4.17 -0.02 13.13
CA ARG B 86 -5.41 -0.76 13.04
C ARG B 86 -5.37 -1.70 11.85
N VAL B 87 -5.72 -2.95 12.07
CA VAL B 87 -5.72 -3.94 11.01
C VAL B 87 -7.16 -4.19 10.57
N SER B 88 -7.42 -3.96 9.29
CA SER B 88 -8.78 -4.07 8.78
C SER B 88 -8.81 -4.74 7.41
N GLY B 89 -10.03 -5.05 6.95
CA GLY B 89 -10.19 -5.70 5.66
C GLY B 89 -9.92 -4.75 4.49
N ASP B 90 -9.93 -3.46 4.78
CA ASP B 90 -9.64 -2.46 3.75
C ASP B 90 -8.16 -2.15 3.74
N GLY B 91 -7.45 -2.59 4.77
CA GLY B 91 -6.03 -2.32 4.87
C GLY B 91 -5.61 -1.99 6.27
N VAL B 92 -4.75 -1.00 6.41
CA VAL B 92 -4.20 -0.64 7.70
C VAL B 92 -4.31 0.87 7.94
N THR B 93 -4.72 1.22 9.14
CA THR B 93 -4.81 2.62 9.54
C THR B 93 -3.77 2.91 10.60
N ILE B 94 -3.01 3.98 10.41
CA ILE B 94 -2.00 4.36 11.38
C ILE B 94 -2.29 5.75 11.91
N ASP B 95 -2.10 5.95 13.21
CA ASP B 95 -2.43 7.22 13.84
C ASP B 95 -1.16 7.95 14.25
N GLY B 96 -1.10 9.18 13.77
CA GLY B 96 0.09 10.01 13.75
C GLY B 96 0.37 10.83 15.00
N ARG B 97 -0.43 10.66 16.04
CA ARG B 97 -0.47 11.64 17.12
C ARG B 97 0.77 11.59 18.02
N ASP B 98 1.67 10.67 17.73
CA ASP B 98 3.00 10.66 18.35
C ASP B 98 3.91 11.66 17.64
N SER B 99 4.89 12.19 18.34
CA SER B 99 5.99 12.87 17.67
C SER B 99 7.03 11.87 17.15
N GLY B 100 7.36 11.96 15.87
CA GLY B 100 8.55 11.28 15.36
C GLY B 100 8.33 9.85 14.87
N VAL B 101 8.00 8.94 15.78
CA VAL B 101 8.03 7.50 15.49
C VAL B 101 6.97 7.08 14.47
N PHE B 102 5.95 7.92 14.32
CA PHE B 102 4.91 7.71 13.31
C PHE B 102 5.50 7.36 11.95
N TYR B 103 6.57 8.05 11.58
CA TYR B 103 7.23 7.80 10.31
C TYR B 103 7.80 6.38 10.27
N ALA B 104 8.42 5.98 11.39
CA ALA B 104 9.02 4.66 11.51
C ALA B 104 7.96 3.57 11.40
N VAL B 105 6.79 3.85 11.97
CA VAL B 105 5.67 2.91 11.92
C VAL B 105 5.22 2.70 10.47
N ARG B 106 5.14 3.78 9.71
CA ARG B 106 4.83 3.68 8.29
C ARG B 106 5.88 2.85 7.58
N ASP B 107 7.15 3.02 7.97
CA ASP B 107 8.25 2.25 7.40
C ASP B 107 8.06 0.75 7.62
N VAL B 108 7.60 0.40 8.82
CA VAL B 108 7.36 -0.99 9.18
C VAL B 108 6.33 -1.61 8.24
N VAL B 109 5.22 -0.91 8.05
CA VAL B 109 4.16 -1.39 7.19
C VAL B 109 4.65 -1.49 5.75
N TYR B 110 5.49 -0.53 5.33
CA TYR B 110 6.05 -0.53 3.98
C TYR B 110 6.83 -1.81 3.72
N ARG B 111 7.46 -2.36 4.75
CA ARG B 111 8.24 -3.59 4.60
C ARG B 111 7.33 -4.82 4.51
N SER B 112 6.09 -4.69 4.94
CA SER B 112 5.14 -5.81 4.88
C SER B 112 4.15 -5.64 3.73
N SER B 113 4.33 -4.57 2.97
CA SER B 113 3.48 -4.27 1.83
C SER B 113 4.32 -3.71 0.68
N ALA B 114 3.70 -3.53 -0.47
CA ALA B 114 4.39 -2.94 -1.60
C ALA B 114 3.44 -2.13 -2.46
N PHE B 115 3.92 -0.98 -2.90
CA PHE B 115 3.20 -0.15 -3.83
C PHE B 115 3.52 -0.62 -5.24
N ILE B 116 2.54 -1.16 -5.94
CA ILE B 116 2.74 -1.55 -7.33
C ILE B 116 1.66 -0.96 -8.22
N GLY A 1 14.76 -21.69 0.08
CA GLY A 1 15.85 -22.10 -0.84
C GLY A 1 16.60 -20.90 -1.38
N HIS A 2 17.55 -21.14 -2.28
CA HIS A 2 18.37 -20.05 -2.83
C HIS A 2 18.45 -20.17 -4.35
N MET A 3 17.45 -20.81 -4.94
CA MET A 3 17.39 -20.97 -6.38
C MET A 3 15.94 -21.20 -6.84
N LEU A 4 15.59 -20.58 -7.95
CA LEU A 4 14.25 -20.67 -8.50
C LEU A 4 14.00 -22.02 -9.16
N ALA A 5 12.73 -22.33 -9.38
CA ALA A 5 12.35 -23.52 -10.14
C ALA A 5 12.99 -23.48 -11.51
N LYS A 6 12.57 -22.50 -12.28
CA LYS A 6 13.09 -22.23 -13.61
C LYS A 6 12.66 -20.83 -13.97
N ASP A 7 13.57 -20.04 -14.54
CA ASP A 7 13.31 -18.62 -14.77
C ASP A 7 12.28 -18.40 -15.86
N ASN A 8 11.83 -19.46 -16.52
CA ASN A 8 10.86 -19.34 -17.60
C ASN A 8 9.53 -19.95 -17.21
N GLU A 9 9.49 -20.58 -16.05
CA GLU A 9 8.29 -21.24 -15.55
C GLU A 9 7.74 -20.48 -14.36
N ALA A 10 6.44 -20.35 -14.35
CA ALA A 10 5.73 -19.77 -13.23
C ALA A 10 4.56 -20.64 -12.89
N LYS A 11 4.07 -20.53 -11.68
CA LYS A 11 2.95 -21.33 -11.26
C LYS A 11 1.77 -20.40 -11.02
N ILE A 12 0.72 -20.59 -11.75
CA ILE A 12 -0.42 -19.72 -11.61
C ILE A 12 -1.66 -20.53 -11.33
N PHE A 13 -2.28 -20.33 -10.18
CA PHE A 13 -3.57 -20.97 -10.00
C PHE A 13 -4.58 -19.99 -9.45
N THR A 14 -5.24 -19.23 -10.31
CA THR A 14 -6.60 -18.76 -10.04
C THR A 14 -7.27 -18.39 -11.36
N GLY A 15 -8.51 -18.82 -11.58
CA GLY A 15 -9.43 -18.04 -12.38
C GLY A 15 -9.00 -17.87 -13.82
N VAL A 16 -8.12 -18.73 -14.34
CA VAL A 16 -7.24 -18.32 -15.42
C VAL A 16 -8.02 -18.08 -16.70
N GLU A 17 -7.59 -17.08 -17.47
CA GLU A 17 -8.39 -16.51 -18.53
C GLU A 17 -7.48 -16.13 -19.68
N GLY A 18 -7.99 -16.07 -20.90
CA GLY A 18 -7.30 -15.37 -21.96
C GLY A 18 -6.87 -14.00 -21.51
N GLU A 19 -7.74 -13.00 -21.63
CA GLU A 19 -7.39 -11.66 -21.17
C GLU A 19 -7.74 -11.49 -19.69
N PHE A 20 -6.75 -11.06 -18.91
CA PHE A 20 -6.96 -10.84 -17.49
C PHE A 20 -5.94 -9.83 -16.93
N GLU A 21 -6.29 -9.22 -15.81
CA GLU A 21 -5.33 -8.40 -15.09
C GLU A 21 -4.81 -9.20 -13.90
N GLY A 22 -3.52 -9.47 -13.88
CA GLY A 22 -2.98 -10.36 -12.88
C GLY A 22 -1.83 -9.77 -12.11
N ILE A 23 -1.29 -10.58 -11.21
CA ILE A 23 -0.15 -10.18 -10.39
C ILE A 23 0.88 -11.29 -10.38
N ILE A 24 2.15 -10.94 -10.31
CA ILE A 24 3.20 -11.93 -10.26
C ILE A 24 3.95 -11.82 -8.94
N ILE A 25 4.14 -12.95 -8.29
CA ILE A 25 4.84 -13.01 -7.02
C ILE A 25 6.02 -13.96 -7.15
N GLY A 26 7.19 -13.48 -6.80
CA GLY A 26 8.37 -14.29 -6.90
C GLY A 26 9.05 -14.43 -5.57
N THR A 27 9.40 -15.64 -5.20
CA THR A 27 10.14 -15.85 -3.97
C THR A 27 11.51 -16.37 -4.36
N GLU A 28 12.41 -16.49 -3.41
CA GLU A 28 13.75 -16.99 -3.70
C GLU A 28 13.70 -18.45 -4.19
N ASP A 29 12.52 -19.06 -4.07
CA ASP A 29 12.33 -20.45 -4.44
C ASP A 29 11.53 -20.63 -5.73
N ASP A 30 10.62 -19.71 -6.03
CA ASP A 30 9.62 -19.99 -7.07
C ASP A 30 8.92 -18.72 -7.57
N ILE A 31 8.21 -18.84 -8.67
CA ILE A 31 7.48 -17.73 -9.27
C ILE A 31 6.00 -18.13 -9.42
N ARG A 32 5.08 -17.33 -8.89
CA ARG A 32 3.67 -17.69 -8.89
C ARG A 32 2.79 -16.53 -9.35
N ILE A 33 1.74 -16.82 -10.12
CA ILE A 33 0.79 -15.81 -10.55
C ILE A 33 -0.61 -16.08 -10.00
N TYR A 34 -1.25 -14.99 -9.58
CA TYR A 34 -2.65 -14.98 -9.22
C TYR A 34 -3.36 -13.93 -10.08
N LYS A 35 -4.64 -14.11 -10.33
CA LYS A 35 -5.42 -13.12 -11.05
C LYS A 35 -5.81 -12.02 -10.08
N ARG A 36 -5.75 -10.75 -10.46
CA ARG A 36 -6.02 -9.65 -9.51
C ARG A 36 -7.39 -9.83 -8.83
N ASP A 37 -8.35 -10.35 -9.58
CA ASP A 37 -9.73 -10.46 -9.12
C ASP A 37 -9.84 -11.60 -8.14
N GLU A 38 -8.91 -12.53 -8.27
CA GLU A 38 -8.88 -13.73 -7.46
C GLU A 38 -7.98 -13.48 -6.25
N LEU A 39 -7.04 -12.54 -6.42
CA LEU A 39 -5.97 -12.30 -5.46
C LEU A 39 -6.52 -11.76 -4.16
N ILE A 40 -7.59 -11.00 -4.24
CA ILE A 40 -8.14 -10.33 -3.07
C ILE A 40 -8.57 -11.36 -2.03
N GLU A 41 -8.84 -12.58 -2.50
CA GLU A 41 -9.24 -13.67 -1.61
C GLU A 41 -8.06 -14.38 -0.97
N SER A 42 -6.87 -14.22 -1.55
CA SER A 42 -5.66 -14.89 -1.10
C SER A 42 -4.97 -14.18 0.05
N LYS A 43 -4.04 -14.91 0.66
CA LYS A 43 -3.16 -14.43 1.73
C LYS A 43 -2.41 -13.14 1.32
N TYR A 44 -2.54 -12.75 0.06
CA TYR A 44 -1.98 -11.48 -0.40
C TYR A 44 -3.14 -10.68 -0.95
N LYS A 45 -3.19 -9.38 -0.70
CA LYS A 45 -4.35 -8.61 -1.12
C LYS A 45 -4.02 -7.13 -1.31
N GLU A 46 -4.91 -6.42 -2.00
CA GLU A 46 -4.79 -4.98 -2.09
C GLU A 46 -5.11 -4.39 -0.72
N MET A 47 -4.21 -3.59 -0.20
CA MET A 47 -4.41 -3.01 1.11
C MET A 47 -4.39 -1.49 1.03
N CYS A 48 -5.44 -0.87 1.54
CA CYS A 48 -5.51 0.57 1.60
C CYS A 48 -4.87 1.05 2.89
N ILE A 49 -3.82 1.84 2.76
CA ILE A 49 -3.10 2.32 3.92
C ILE A 49 -3.42 3.79 4.16
N TYR A 50 -4.03 4.07 5.31
CA TYR A 50 -4.39 5.42 5.68
C TYR A 50 -3.46 5.89 6.77
N GLU A 51 -2.89 7.07 6.62
CA GLU A 51 -1.99 7.61 7.62
C GLU A 51 -2.54 8.93 8.13
N ARG A 52 -2.78 8.99 9.44
CA ARG A 52 -3.47 10.13 10.04
C ARG A 52 -2.55 10.97 10.93
N GLN A 53 -2.27 12.19 10.51
CA GLN A 53 -1.36 13.07 11.22
C GLN A 53 -2.11 14.21 11.90
N ARG A 54 -1.79 14.42 13.17
CA ARG A 54 -2.37 15.53 13.93
C ARG A 54 -1.43 16.73 13.91
N ILE A 55 -1.94 17.85 13.39
CA ILE A 55 -1.12 19.05 13.21
C ILE A 55 -1.71 20.24 13.95
N PRO A 56 -0.91 20.92 14.79
CA PRO A 56 -1.36 22.13 15.49
C PRO A 56 -1.58 23.30 14.53
N TYR A 57 -2.59 24.11 14.83
CA TYR A 57 -3.00 25.19 13.94
C TYR A 57 -3.41 26.43 14.75
N ASN A 58 -3.09 27.62 14.24
CA ASN A 58 -3.50 28.85 14.88
C ASN A 58 -4.62 29.55 14.09
N SER A 59 -4.88 29.06 12.89
CA SER A 59 -5.87 29.68 12.02
C SER A 59 -7.18 28.89 12.02
N THR A 60 -8.18 29.42 11.32
CA THR A 60 -9.52 28.87 11.34
C THR A 60 -9.78 27.99 10.12
N ALA A 61 -10.92 27.30 10.10
CA ALA A 61 -11.28 26.45 8.97
C ALA A 61 -11.36 27.25 7.67
N VAL A 62 -11.98 28.43 7.75
CA VAL A 62 -12.05 29.33 6.60
C VAL A 62 -10.64 29.73 6.14
N LEU A 63 -9.77 29.98 7.10
CA LEU A 63 -8.40 30.35 6.80
C LEU A 63 -7.65 29.16 6.21
N LEU A 64 -7.96 27.97 6.69
CA LEU A 64 -7.36 26.73 6.19
C LEU A 64 -7.64 26.56 4.72
N LYS A 65 -8.90 26.68 4.35
CA LYS A 65 -9.31 26.60 2.95
C LYS A 65 -8.58 27.64 2.14
N GLN A 66 -8.38 28.80 2.72
CA GLN A 66 -7.77 29.92 2.01
C GLN A 66 -6.30 29.64 1.74
N VAL A 67 -5.56 29.26 2.79
CA VAL A 67 -4.17 28.87 2.63
C VAL A 67 -4.02 27.66 1.71
N LEU A 68 -4.93 26.69 1.83
CA LEU A 68 -4.89 25.53 0.94
C LEU A 68 -5.13 25.96 -0.50
N VAL A 69 -6.09 26.86 -0.72
CA VAL A 69 -6.38 27.41 -2.05
C VAL A 69 -5.14 28.06 -2.66
N ASP A 70 -4.30 28.64 -1.81
CA ASP A 70 -3.10 29.31 -2.30
C ASP A 70 -2.18 28.32 -2.99
N GLY A 71 -2.07 27.11 -2.45
CA GLY A 71 -1.30 26.07 -3.09
C GLY A 71 -2.12 25.21 -4.03
N PHE A 72 -3.40 25.08 -3.76
CA PHE A 72 -4.24 24.10 -4.44
C PHE A 72 -5.41 24.72 -5.17
N GLU A 73 -5.36 24.67 -6.49
CA GLU A 73 -6.56 24.86 -7.30
C GLU A 73 -7.40 23.60 -7.22
N GLU A 74 -6.76 22.52 -6.76
CA GLU A 74 -7.40 21.22 -6.64
C GLU A 74 -8.06 21.02 -5.28
N LEU A 75 -8.13 22.07 -4.48
CA LEU A 75 -8.76 21.97 -3.18
C LEU A 75 -10.26 21.90 -3.34
N VAL A 76 -10.85 20.82 -2.87
CA VAL A 76 -12.30 20.68 -2.87
C VAL A 76 -12.82 20.69 -1.44
N GLU A 77 -13.58 21.72 -1.12
CA GLU A 77 -14.21 21.79 0.19
C GLU A 77 -15.47 20.94 0.20
N VAL A 78 -15.69 20.23 1.28
CA VAL A 78 -16.86 19.38 1.42
C VAL A 78 -17.59 19.72 2.69
N GLU A 79 -18.79 19.18 2.87
CA GLU A 79 -19.61 19.54 4.02
C GLU A 79 -18.90 19.22 5.34
N SER A 80 -18.21 18.09 5.38
CA SER A 80 -17.60 17.61 6.62
C SER A 80 -16.08 17.81 6.64
N GLY A 81 -15.58 18.78 5.88
CA GLY A 81 -14.14 19.00 5.86
C GLY A 81 -13.62 19.49 4.52
N PHE A 82 -12.35 19.28 4.27
CA PHE A 82 -11.74 19.65 2.99
C PHE A 82 -11.06 18.42 2.40
N MET A 83 -11.03 18.34 1.09
CA MET A 83 -10.31 17.25 0.42
C MET A 83 -9.34 17.81 -0.61
N VAL A 84 -8.06 17.54 -0.41
CA VAL A 84 -7.04 17.87 -1.40
C VAL A 84 -6.53 16.60 -2.06
N GLY A 85 -6.95 16.39 -3.31
CA GLY A 85 -6.64 15.16 -3.99
C GLY A 85 -7.32 13.97 -3.33
N ASN A 86 -6.52 13.10 -2.75
CA ASN A 86 -7.06 11.98 -1.98
C ASN A 86 -6.86 12.21 -0.49
N VAL A 87 -6.33 13.38 -0.14
CA VAL A 87 -6.06 13.72 1.26
C VAL A 87 -7.27 14.38 1.89
N HIS A 88 -7.77 13.78 2.97
CA HIS A 88 -8.89 14.36 3.70
C HIS A 88 -8.39 15.21 4.86
N ILE A 89 -8.95 16.40 4.96
CA ILE A 89 -8.54 17.39 5.93
C ILE A 89 -9.73 17.81 6.80
N VAL A 90 -9.61 17.67 8.10
CA VAL A 90 -10.64 18.16 9.00
C VAL A 90 -10.03 18.93 10.16
N LEU A 91 -10.65 20.05 10.54
CA LEU A 91 -10.13 20.87 11.61
C LEU A 91 -10.91 20.60 12.89
N SER A 92 -10.19 20.21 13.92
CA SER A 92 -10.78 19.90 15.20
C SER A 92 -10.19 20.82 16.26
N GLY A 93 -10.97 21.83 16.64
CA GLY A 93 -10.48 22.84 17.55
C GLY A 93 -9.37 23.66 16.92
N GLN A 94 -8.18 23.59 17.49
CA GLN A 94 -7.04 24.30 16.96
C GLN A 94 -6.02 23.33 16.37
N GLU A 95 -6.48 22.13 16.03
CA GLU A 95 -5.61 21.11 15.44
C GLU A 95 -6.30 20.45 14.26
N VAL A 96 -5.56 20.21 13.19
CA VAL A 96 -6.11 19.57 12.01
C VAL A 96 -5.74 18.09 11.98
N VAL A 97 -6.70 17.25 11.64
CA VAL A 97 -6.43 15.84 11.46
C VAL A 97 -6.29 15.56 9.98
N LEU A 98 -5.11 15.13 9.57
CA LEU A 98 -4.86 14.82 8.18
C LEU A 98 -4.85 13.31 7.97
N GLU A 99 -5.72 12.83 7.12
CA GLU A 99 -5.80 11.41 6.83
C GLU A 99 -5.63 11.23 5.34
N TRP A 100 -4.74 10.34 4.91
CA TRP A 100 -4.49 10.22 3.49
C TRP A 100 -3.97 8.83 3.15
N LYS A 101 -4.01 8.52 1.87
CA LYS A 101 -3.59 7.22 1.37
C LYS A 101 -2.08 7.20 1.19
N SER A 102 -1.50 6.05 1.57
CA SER A 102 -0.04 5.87 1.57
C SER A 102 0.60 6.29 0.26
N SER A 103 -0.01 5.92 -0.88
CA SER A 103 0.05 6.74 -2.11
C SER A 103 1.00 7.94 -1.97
N TYR A 104 2.27 7.72 -2.33
CA TYR A 104 3.32 8.70 -2.13
C TYR A 104 3.00 10.04 -2.77
N THR A 105 2.31 10.01 -3.91
CA THR A 105 1.92 11.22 -4.61
C THR A 105 1.04 12.09 -3.72
N ASP A 106 0.10 11.43 -3.03
CA ASP A 106 -0.79 12.12 -2.12
C ASP A 106 -0.02 12.71 -0.96
N ASP A 107 1.00 12.00 -0.52
CA ASP A 107 1.93 12.53 0.48
C ASP A 107 2.59 13.81 0.00
N VAL A 108 2.90 13.87 -1.28
CA VAL A 108 3.59 15.04 -1.83
C VAL A 108 2.74 16.31 -1.68
N LEU A 109 1.48 16.24 -2.11
CA LEU A 109 0.58 17.38 -1.90
C LEU A 109 0.20 17.54 -0.42
N ALA A 110 0.06 16.42 0.28
CA ALA A 110 -0.18 16.43 1.72
C ALA A 110 0.93 17.13 2.49
N ILE A 111 2.17 16.99 2.03
CA ILE A 111 3.29 17.73 2.59
C ILE A 111 3.06 19.22 2.38
N SER A 112 2.57 19.56 1.19
CA SER A 112 2.23 20.94 0.88
C SER A 112 1.10 21.41 1.81
N ILE A 113 0.16 20.52 2.11
CA ILE A 113 -0.90 20.81 3.08
C ILE A 113 -0.30 21.12 4.45
N SER A 114 0.60 20.25 4.88
CA SER A 114 1.28 20.40 6.16
C SER A 114 2.03 21.73 6.28
N LYS A 115 2.63 22.22 5.19
CA LYS A 115 3.34 23.49 5.25
C LYS A 115 2.34 24.65 5.36
N MET A 116 1.17 24.49 4.73
CA MET A 116 0.13 25.51 4.75
C MET A 116 -0.40 25.71 6.16
N ILE A 117 -0.70 24.62 6.85
CA ILE A 117 -1.18 24.69 8.22
C ILE A 117 -0.09 25.10 9.22
N SER A 118 1.17 24.86 8.85
CA SER A 118 2.28 25.09 9.74
C SER A 118 2.48 26.58 10.03
N ASP A 119 2.74 27.38 9.00
CA ASP A 119 3.01 28.80 9.20
C ASP A 119 1.74 29.61 9.03
N MET B 1 -10.38 -32.87 -6.77
CA MET B 1 -10.39 -33.70 -7.98
C MET B 1 -10.27 -32.82 -9.21
N SER B 2 -9.18 -33.01 -9.96
CA SER B 2 -8.91 -32.24 -11.18
C SER B 2 -8.72 -30.76 -10.84
N ASP B 3 -8.05 -30.51 -9.72
CA ASP B 3 -7.85 -29.15 -9.23
C ASP B 3 -6.69 -28.46 -9.93
N VAL B 4 -6.80 -28.34 -11.25
CA VAL B 4 -5.80 -27.65 -12.03
C VAL B 4 -6.44 -26.50 -12.79
N SER B 5 -6.05 -25.29 -12.44
CA SER B 5 -6.57 -24.10 -13.08
C SER B 5 -5.68 -23.71 -14.24
N MET B 6 -4.38 -23.88 -14.04
CA MET B 6 -3.39 -23.67 -15.09
C MET B 6 -2.06 -24.30 -14.70
N GLY B 7 -1.50 -23.87 -13.57
CA GLY B 7 -0.25 -24.47 -13.13
C GLY B 7 0.97 -23.75 -13.68
N MET B 8 1.90 -24.50 -14.29
CA MET B 8 3.14 -23.92 -14.77
C MET B 8 2.96 -23.34 -16.16
N VAL B 9 3.35 -22.09 -16.29
CA VAL B 9 3.28 -21.37 -17.54
C VAL B 9 4.62 -20.76 -17.88
N LYS B 10 4.75 -20.29 -19.11
CA LYS B 10 5.96 -19.62 -19.54
C LYS B 10 5.75 -18.11 -19.48
N LEU B 11 6.66 -17.41 -18.82
CA LEU B 11 6.55 -15.97 -18.65
C LEU B 11 7.14 -15.25 -19.86
N ASP B 12 6.42 -14.26 -20.37
CA ASP B 12 6.91 -13.50 -21.50
C ASP B 12 7.97 -12.50 -21.08
N LYS B 13 8.79 -12.12 -22.05
CA LYS B 13 9.89 -11.20 -21.86
C LYS B 13 9.39 -9.83 -21.37
N GLY B 14 8.13 -9.51 -21.65
CA GLY B 14 7.61 -8.20 -21.31
C GLY B 14 7.57 -7.97 -19.82
N PHE B 15 7.38 -9.04 -19.05
CA PHE B 15 7.29 -8.93 -17.59
C PHE B 15 8.56 -8.37 -16.99
N ASP B 16 9.70 -8.61 -17.64
CA ASP B 16 10.99 -8.15 -17.14
C ASP B 16 11.05 -6.62 -17.10
N ALA B 17 10.12 -5.96 -17.78
CA ALA B 17 10.08 -4.51 -17.81
C ALA B 17 9.16 -3.95 -16.72
N LEU B 18 8.43 -4.84 -16.03
CA LEU B 18 7.55 -4.42 -14.94
C LEU B 18 8.32 -3.80 -13.79
N ASN B 19 7.64 -2.98 -13.01
CA ASN B 19 8.26 -2.29 -11.89
C ASN B 19 8.25 -3.18 -10.65
N TYR B 20 9.23 -4.07 -10.57
CA TYR B 20 9.32 -5.01 -9.47
C TYR B 20 9.74 -4.32 -8.18
N ARG B 21 9.02 -4.61 -7.12
CA ARG B 21 9.39 -4.17 -5.77
C ARG B 21 9.33 -5.38 -4.87
N ALA B 22 10.00 -5.33 -3.73
CA ALA B 22 10.06 -6.50 -2.88
C ALA B 22 9.41 -6.27 -1.53
N ILE B 23 8.38 -7.06 -1.24
CA ILE B 23 7.83 -7.14 0.09
C ILE B 23 8.62 -8.18 0.87
N GLY B 24 9.22 -7.82 2.00
CA GLY B 24 10.03 -8.77 2.73
C GLY B 24 11.09 -9.41 1.85
N THR B 25 10.89 -10.68 1.52
CA THR B 25 11.80 -11.42 0.66
C THR B 25 11.17 -11.73 -0.70
N ASP B 26 9.89 -11.39 -0.82
CA ASP B 26 9.13 -11.70 -2.03
C ASP B 26 9.20 -10.52 -3.00
N SER B 27 9.11 -10.80 -4.29
CA SER B 27 9.07 -9.74 -5.29
C SER B 27 7.70 -9.73 -5.95
N VAL B 28 7.09 -8.56 -6.07
CA VAL B 28 5.74 -8.45 -6.59
C VAL B 28 5.66 -7.48 -7.77
N ALA B 29 4.69 -7.73 -8.65
CA ALA B 29 4.37 -6.83 -9.76
C ALA B 29 2.94 -7.08 -10.23
N SER B 30 2.34 -6.11 -10.92
CA SER B 30 1.02 -6.29 -11.49
C SER B 30 1.07 -5.99 -12.98
N PHE B 31 0.19 -6.62 -13.73
CA PHE B 31 0.25 -6.55 -15.18
C PHE B 31 -1.12 -6.82 -15.78
N ARG B 32 -1.32 -6.33 -16.98
CA ARG B 32 -2.43 -6.78 -17.80
C ARG B 32 -1.88 -7.85 -18.73
N GLY B 33 -2.43 -9.05 -18.68
CA GLY B 33 -1.81 -10.13 -19.41
C GLY B 33 -2.81 -11.06 -20.04
N VAL B 34 -2.37 -11.79 -21.04
CA VAL B 34 -3.19 -12.77 -21.70
C VAL B 34 -2.61 -14.17 -21.54
N ARG B 35 -3.43 -15.09 -21.06
CA ARG B 35 -3.08 -16.49 -21.03
C ARG B 35 -3.71 -17.19 -22.21
N ASP B 36 -2.84 -17.70 -23.07
CA ASP B 36 -3.22 -18.47 -24.24
C ASP B 36 -2.39 -19.74 -24.25
N GLY B 37 -3.00 -20.85 -23.89
CA GLY B 37 -2.27 -22.09 -23.79
C GLY B 37 -1.43 -22.14 -22.54
N ASP B 38 -0.16 -22.46 -22.69
CA ASP B 38 0.75 -22.47 -21.56
C ASP B 38 1.57 -21.20 -21.54
N MET B 39 1.19 -20.23 -22.37
CA MET B 39 1.95 -19.02 -22.49
C MET B 39 1.23 -17.84 -21.85
N VAL B 40 1.97 -17.09 -21.03
CA VAL B 40 1.47 -15.88 -20.41
C VAL B 40 2.21 -14.67 -20.97
N ARG B 41 1.46 -13.70 -21.48
CA ARG B 41 2.04 -12.55 -22.16
C ARG B 41 1.48 -11.27 -21.57
N CYS B 42 2.33 -10.27 -21.40
CA CYS B 42 1.88 -8.98 -20.88
C CYS B 42 1.41 -8.10 -22.02
N ILE B 43 0.26 -7.49 -21.87
CA ILE B 43 -0.25 -6.58 -22.89
C ILE B 43 -0.06 -5.13 -22.46
N GLY B 44 0.26 -4.93 -21.19
CA GLY B 44 0.52 -3.59 -20.71
C GLY B 44 0.52 -3.49 -19.19
N GLU B 45 0.91 -2.32 -18.70
CA GLU B 45 0.96 -2.05 -17.27
C GLU B 45 -0.45 -1.82 -16.72
N GLY B 46 -0.74 -2.43 -15.58
CA GLY B 46 -2.07 -2.35 -15.01
C GLY B 46 -2.22 -1.22 -14.02
N PRO B 47 -3.01 -1.43 -12.97
CA PRO B 47 -3.35 -0.39 -11.99
C PRO B 47 -2.20 -0.05 -11.05
N ARG B 48 -2.23 1.17 -10.52
CA ARG B 48 -1.30 1.58 -9.49
C ARG B 48 -1.93 1.29 -8.13
N MET B 49 -1.53 0.19 -7.49
CA MET B 49 -2.27 -0.26 -6.32
C MET B 49 -1.36 -0.83 -5.24
N VAL B 50 -1.50 -0.29 -4.04
CA VAL B 50 -0.90 -0.87 -2.84
C VAL B 50 -1.30 -2.33 -2.69
N ILE B 51 -0.32 -3.22 -2.61
CA ILE B 51 -0.59 -4.61 -2.22
C ILE B 51 0.36 -5.03 -1.13
N GLY B 52 -0.07 -5.96 -0.31
CA GLY B 52 0.80 -6.45 0.74
C GLY B 52 0.11 -7.49 1.60
N HIS B 53 0.74 -7.80 2.72
CA HIS B 53 0.19 -8.75 3.67
C HIS B 53 0.26 -8.17 5.07
N ALA B 54 -0.88 -8.11 5.74
CA ALA B 54 -0.91 -7.56 7.07
C ALA B 54 -0.68 -8.66 8.09
N ASP B 55 0.48 -8.62 8.72
CA ASP B 55 0.81 -9.57 9.77
C ASP B 55 1.08 -8.82 11.07
N ILE B 56 0.23 -9.05 12.06
CA ILE B 56 0.33 -8.34 13.33
C ILE B 56 1.65 -8.62 14.04
N ASN B 57 2.05 -9.88 14.05
CA ASN B 57 3.28 -10.29 14.72
C ASN B 57 4.52 -9.78 13.99
N GLU B 58 4.55 -9.93 12.67
CA GLU B 58 5.70 -9.53 11.87
C GLU B 58 5.93 -8.02 11.94
N MET B 59 4.87 -7.24 11.86
CA MET B 59 4.99 -5.79 11.90
C MET B 59 5.52 -5.38 13.27
N ARG B 60 4.95 -5.97 14.31
CA ARG B 60 5.38 -5.74 15.68
C ARG B 60 6.86 -6.09 15.85
N ARG B 61 7.24 -7.23 15.30
CA ARG B 61 8.61 -7.72 15.38
C ARG B 61 9.58 -6.71 14.78
N MET B 62 9.26 -6.21 13.59
CA MET B 62 10.09 -5.22 12.92
C MET B 62 10.20 -3.94 13.75
N ILE B 63 9.11 -3.55 14.41
CA ILE B 63 9.12 -2.38 15.28
C ILE B 63 10.07 -2.60 16.46
N VAL B 64 9.97 -3.76 17.08
CA VAL B 64 10.85 -4.15 18.18
C VAL B 64 12.29 -4.19 17.70
N GLU B 65 12.47 -4.57 16.43
CA GLU B 65 13.78 -4.61 15.79
C GLU B 65 14.35 -3.19 15.66
N GLY B 66 13.48 -2.20 15.83
CA GLY B 66 13.89 -0.82 15.74
C GLY B 66 14.15 -0.24 17.12
N SER B 67 14.18 -1.16 18.09
CA SER B 67 14.35 -0.81 19.50
C SER B 67 13.20 0.06 19.99
N MET B 68 11.98 -0.39 19.72
CA MET B 68 10.78 0.33 20.12
C MET B 68 9.82 -0.61 20.82
N ARG B 69 9.17 -0.14 21.88
CA ARG B 69 8.33 -1.00 22.70
C ARG B 69 6.91 -1.02 22.15
N VAL B 70 6.42 -2.23 21.87
CA VAL B 70 5.13 -2.39 21.24
C VAL B 70 4.17 -3.16 22.13
N GLU B 71 2.92 -2.75 22.12
CA GLU B 71 1.87 -3.44 22.84
C GLU B 71 0.82 -3.90 21.83
N GLN B 72 0.43 -5.18 21.93
CA GLN B 72 -0.50 -5.74 20.96
C GLN B 72 -1.93 -5.40 21.36
N GLU B 73 -2.73 -5.08 20.36
CA GLU B 73 -4.12 -4.71 20.58
C GLU B 73 -4.99 -5.44 19.56
N GLU B 74 -6.25 -5.66 19.93
CA GLU B 74 -7.22 -6.23 19.00
C GLU B 74 -7.47 -5.25 17.87
N ASN B 75 -7.11 -4.00 18.11
CA ASN B 75 -7.22 -2.94 17.14
C ASN B 75 -5.98 -2.89 16.25
N GLY B 76 -4.95 -3.65 16.61
CA GLY B 76 -3.72 -3.65 15.85
C GLY B 76 -2.49 -3.62 16.73
N LEU B 77 -1.62 -2.65 16.50
CA LEU B 77 -0.39 -2.52 17.27
C LEU B 77 -0.21 -1.09 17.76
N LEU B 78 0.06 -0.93 19.04
CA LEU B 78 0.35 0.37 19.60
C LEU B 78 1.79 0.44 20.10
N VAL B 79 2.57 1.40 19.63
CA VAL B 79 3.85 1.65 20.27
C VAL B 79 3.64 2.70 21.37
N GLU B 80 4.17 2.41 22.59
CA GLU B 80 3.88 3.16 23.85
C GLU B 80 3.80 4.71 23.74
N ASP B 81 2.63 5.17 23.27
CA ASP B 81 2.32 6.64 23.19
C ASP B 81 3.09 7.18 22.01
N CYS B 82 3.09 6.28 21.08
CA CYS B 82 3.83 6.17 19.89
C CYS B 82 2.80 5.49 19.00
N VAL B 83 3.13 5.07 17.83
CA VAL B 83 2.26 5.21 16.67
C VAL B 83 1.54 3.90 16.39
N TRP B 84 0.31 4.02 15.89
CA TRP B 84 -0.65 2.92 15.90
C TRP B 84 -0.70 2.25 14.53
N ILE B 85 -0.92 0.94 14.55
CA ILE B 85 -1.19 0.19 13.34
C ILE B 85 -2.54 -0.52 13.49
N ARG B 86 -3.46 -0.26 12.58
CA ARG B 86 -4.76 -0.91 12.64
C ARG B 86 -4.90 -1.89 11.48
N VAL B 87 -5.40 -3.08 11.77
CA VAL B 87 -5.52 -4.11 10.75
C VAL B 87 -6.99 -4.34 10.38
N SER B 88 -7.30 -4.15 9.12
CA SER B 88 -8.66 -4.32 8.64
C SER B 88 -8.66 -5.00 7.27
N GLY B 89 -9.82 -5.50 6.86
CA GLY B 89 -9.94 -6.20 5.60
C GLY B 89 -9.74 -5.28 4.41
N ASP B 90 -9.88 -3.97 4.64
CA ASP B 90 -9.71 -3.00 3.56
C ASP B 90 -8.26 -2.54 3.49
N GLY B 91 -7.51 -2.77 4.55
CA GLY B 91 -6.13 -2.37 4.57
C GLY B 91 -5.63 -2.06 5.97
N VAL B 92 -4.78 -1.06 6.09
CA VAL B 92 -4.18 -0.71 7.36
C VAL B 92 -4.28 0.80 7.60
N THR B 93 -4.70 1.15 8.80
CA THR B 93 -4.74 2.54 9.22
C THR B 93 -3.66 2.80 10.25
N ILE B 94 -2.83 3.78 9.99
CA ILE B 94 -1.76 4.14 10.89
C ILE B 94 -2.09 5.49 11.52
N ASP B 95 -1.83 5.63 12.80
CA ASP B 95 -2.09 6.92 13.42
C ASP B 95 -0.78 7.57 13.81
N GLY B 96 -0.61 8.74 13.22
CA GLY B 96 0.60 9.52 13.35
C GLY B 96 0.53 10.50 14.50
N ARG B 97 -0.59 10.48 15.21
CA ARG B 97 -0.95 11.57 16.09
C ARG B 97 -0.20 11.48 17.42
N ASP B 98 0.31 10.30 17.74
CA ASP B 98 1.28 10.17 18.82
C ASP B 98 2.65 10.56 18.27
N SER B 99 3.34 11.45 18.96
CA SER B 99 4.56 12.04 18.44
C SER B 99 5.72 11.04 18.43
N GLY B 100 6.37 10.91 17.28
CA GLY B 100 7.52 10.05 17.16
C GLY B 100 7.15 8.64 16.76
N VAL B 101 8.07 7.96 16.05
CA VAL B 101 7.90 6.56 15.66
C VAL B 101 7.01 6.41 14.41
N PHE B 102 6.42 7.52 13.96
CA PHE B 102 5.50 7.48 12.81
C PHE B 102 6.20 6.96 11.57
N TYR B 103 7.34 7.54 11.24
CA TYR B 103 8.07 7.15 10.04
C TYR B 103 8.62 5.75 10.19
N ALA B 104 8.91 5.35 11.41
CA ALA B 104 9.35 3.99 11.69
C ALA B 104 8.23 3.00 11.40
N VAL B 105 7.02 3.36 11.81
CA VAL B 105 5.83 2.53 11.53
C VAL B 105 5.55 2.48 10.05
N ARG B 106 5.71 3.62 9.38
CA ARG B 106 5.54 3.70 7.95
C ARG B 106 6.53 2.75 7.26
N ASP B 107 7.78 2.74 7.72
CA ASP B 107 8.77 1.81 7.19
C ASP B 107 8.33 0.37 7.38
N VAL B 108 7.86 0.02 8.57
CA VAL B 108 7.46 -1.35 8.86
C VAL B 108 6.32 -1.81 7.95
N VAL B 109 5.29 -0.98 7.83
CA VAL B 109 4.14 -1.32 7.02
C VAL B 109 4.50 -1.35 5.54
N TYR B 110 5.28 -0.37 5.10
CA TYR B 110 5.71 -0.29 3.71
C TYR B 110 6.61 -1.47 3.32
N ARG B 111 7.40 -1.96 4.26
CA ARG B 111 8.22 -3.15 4.02
C ARG B 111 7.37 -4.42 4.02
N SER B 112 6.13 -4.30 4.47
CA SER B 112 5.19 -5.40 4.44
C SER B 112 4.22 -5.24 3.26
N SER B 113 4.44 -4.19 2.49
CA SER B 113 3.61 -3.87 1.33
C SER B 113 4.47 -3.38 0.17
N ALA B 114 3.85 -3.19 -0.99
CA ALA B 114 4.56 -2.66 -2.14
C ALA B 114 3.59 -1.94 -3.08
N PHE B 115 4.03 -0.81 -3.62
CA PHE B 115 3.18 -0.01 -4.49
C PHE B 115 3.45 -0.35 -5.95
N ILE B 116 2.49 -0.99 -6.61
CA ILE B 116 2.67 -1.39 -7.99
C ILE B 116 2.14 -0.31 -8.91
N GLY A 1 22.58 -10.57 -11.59
CA GLY A 1 21.28 -11.26 -11.75
C GLY A 1 21.25 -12.57 -11.00
N HIS A 2 20.35 -12.68 -10.03
CA HIS A 2 20.22 -13.90 -9.25
C HIS A 2 19.08 -14.75 -9.79
N MET A 3 19.41 -15.97 -10.18
CA MET A 3 18.41 -16.91 -10.67
C MET A 3 17.69 -17.55 -9.50
N LEU A 4 16.37 -17.63 -9.60
CA LEU A 4 15.56 -18.14 -8.50
C LEU A 4 15.49 -19.67 -8.55
N ALA A 5 14.99 -20.17 -9.67
CA ALA A 5 14.79 -21.60 -9.86
C ALA A 5 14.31 -21.83 -11.28
N LYS A 6 13.16 -21.26 -11.55
CA LYS A 6 12.59 -21.21 -12.88
C LYS A 6 12.06 -19.80 -13.14
N ASP A 7 12.94 -18.92 -13.58
CA ASP A 7 12.59 -17.51 -13.73
C ASP A 7 11.64 -17.28 -14.91
N ASN A 8 11.43 -18.32 -15.70
CA ASN A 8 10.57 -18.22 -16.88
C ASN A 8 9.31 -19.05 -16.70
N GLU A 9 9.26 -19.80 -15.62
CA GLU A 9 8.10 -20.63 -15.30
C GLU A 9 7.49 -20.15 -13.99
N ALA A 10 6.17 -20.13 -13.95
CA ALA A 10 5.47 -19.63 -12.78
C ALA A 10 4.26 -20.51 -12.50
N LYS A 11 3.77 -20.43 -11.26
CA LYS A 11 2.72 -21.31 -10.79
C LYS A 11 1.53 -20.44 -10.39
N ILE A 12 0.40 -20.66 -11.02
CA ILE A 12 -0.73 -19.75 -10.89
C ILE A 12 -2.05 -20.50 -10.75
N PHE A 13 -3.06 -19.78 -10.31
CA PHE A 13 -4.41 -20.29 -10.23
C PHE A 13 -5.06 -20.21 -11.62
N THR A 14 -5.94 -21.17 -11.88
CA THR A 14 -6.35 -21.54 -13.23
C THR A 14 -7.74 -21.00 -13.53
N GLY A 15 -8.23 -21.24 -14.75
CA GLY A 15 -9.47 -20.62 -15.19
C GLY A 15 -9.19 -19.40 -16.04
N VAL A 16 -7.95 -19.33 -16.51
CA VAL A 16 -7.52 -18.16 -17.27
C VAL A 16 -7.62 -18.39 -18.78
N GLU A 17 -8.55 -17.73 -19.43
CA GLU A 17 -8.49 -17.61 -20.88
C GLU A 17 -8.61 -16.16 -21.31
N GLY A 18 -7.70 -15.69 -22.15
CA GLY A 18 -7.83 -14.36 -22.68
C GLY A 18 -7.21 -13.33 -21.78
N GLU A 19 -7.85 -12.17 -21.64
CA GLU A 19 -7.33 -11.11 -20.80
C GLU A 19 -7.68 -11.34 -19.34
N PHE A 20 -6.70 -11.13 -18.49
CA PHE A 20 -6.91 -11.13 -17.06
C PHE A 20 -6.07 -10.03 -16.44
N GLU A 21 -6.55 -9.42 -15.37
CA GLU A 21 -5.76 -8.48 -14.62
C GLU A 21 -5.26 -9.21 -13.38
N GLY A 22 -3.96 -9.37 -13.26
CA GLY A 22 -3.43 -10.22 -12.23
C GLY A 22 -2.24 -9.61 -11.53
N ILE A 23 -1.68 -10.37 -10.60
CA ILE A 23 -0.53 -9.94 -9.84
C ILE A 23 0.48 -11.08 -9.81
N ILE A 24 1.75 -10.74 -9.77
CA ILE A 24 2.77 -11.77 -9.74
C ILE A 24 3.56 -11.66 -8.45
N ILE A 25 3.91 -12.80 -7.90
CA ILE A 25 4.74 -12.85 -6.72
C ILE A 25 5.94 -13.74 -7.03
N GLY A 26 7.12 -13.19 -6.91
CA GLY A 26 8.31 -13.95 -7.15
C GLY A 26 9.08 -14.07 -5.88
N THR A 27 9.47 -15.26 -5.50
CA THR A 27 10.13 -15.44 -4.24
C THR A 27 11.49 -16.08 -4.48
N GLU A 28 12.31 -16.13 -3.44
CA GLU A 28 13.65 -16.68 -3.57
C GLU A 28 13.61 -18.16 -3.97
N ASP A 29 12.41 -18.74 -3.89
CA ASP A 29 12.24 -20.17 -4.16
C ASP A 29 11.42 -20.44 -5.42
N ASP A 30 10.52 -19.52 -5.79
CA ASP A 30 9.53 -19.84 -6.83
C ASP A 30 8.69 -18.61 -7.22
N ILE A 31 8.09 -18.66 -8.40
CA ILE A 31 7.27 -17.58 -8.93
C ILE A 31 5.80 -18.02 -9.00
N ARG A 32 4.88 -17.23 -8.42
CA ARG A 32 3.48 -17.62 -8.38
C ARG A 32 2.60 -16.44 -8.79
N ILE A 33 1.53 -16.71 -9.54
CA ILE A 33 0.61 -15.64 -9.96
C ILE A 33 -0.81 -15.86 -9.41
N TYR A 34 -1.40 -14.78 -8.93
CA TYR A 34 -2.78 -14.78 -8.46
C TYR A 34 -3.60 -13.85 -9.34
N LYS A 35 -4.85 -14.19 -9.57
CA LYS A 35 -5.73 -13.34 -10.36
C LYS A 35 -6.29 -12.25 -9.45
N ARG A 36 -6.28 -10.98 -9.87
CA ARG A 36 -6.62 -9.88 -8.95
C ARG A 36 -7.99 -10.09 -8.28
N ASP A 37 -8.90 -10.70 -9.01
CA ASP A 37 -10.27 -10.87 -8.56
C ASP A 37 -10.34 -11.95 -7.50
N GLU A 38 -9.38 -12.85 -7.56
CA GLU A 38 -9.32 -13.96 -6.66
C GLU A 38 -8.40 -13.63 -5.49
N LEU A 39 -7.49 -12.68 -5.75
CA LEU A 39 -6.38 -12.37 -4.82
C LEU A 39 -6.90 -11.82 -3.51
N ILE A 40 -7.94 -11.03 -3.57
CA ILE A 40 -8.45 -10.36 -2.37
C ILE A 40 -8.86 -11.38 -1.30
N GLU A 41 -9.18 -12.58 -1.76
CA GLU A 41 -9.58 -13.66 -0.86
C GLU A 41 -8.38 -14.40 -0.26
N SER A 42 -7.21 -14.28 -0.87
CA SER A 42 -6.01 -14.96 -0.43
C SER A 42 -5.28 -14.21 0.68
N LYS A 43 -4.34 -14.91 1.32
CA LYS A 43 -3.47 -14.34 2.36
C LYS A 43 -2.70 -13.11 1.87
N TYR A 44 -2.80 -12.82 0.57
CA TYR A 44 -2.24 -11.60 0.02
C TYR A 44 -3.40 -10.81 -0.55
N LYS A 45 -3.45 -9.50 -0.38
CA LYS A 45 -4.57 -8.74 -0.92
C LYS A 45 -4.18 -7.29 -1.14
N GLU A 46 -5.00 -6.60 -1.95
CA GLU A 46 -4.83 -5.18 -2.13
C GLU A 46 -5.15 -4.51 -0.81
N MET A 47 -4.24 -3.72 -0.29
CA MET A 47 -4.44 -3.15 1.02
C MET A 47 -4.50 -1.63 0.95
N CYS A 48 -5.59 -1.10 1.47
CA CYS A 48 -5.73 0.34 1.58
C CYS A 48 -5.14 0.78 2.91
N ILE A 49 -4.10 1.59 2.84
CA ILE A 49 -3.42 2.03 4.03
C ILE A 49 -3.74 3.49 4.28
N TYR A 50 -4.39 3.76 5.39
CA TYR A 50 -4.76 5.10 5.76
C TYR A 50 -3.82 5.61 6.83
N GLU A 51 -3.16 6.72 6.56
CA GLU A 51 -2.18 7.24 7.48
C GLU A 51 -2.58 8.65 7.89
N ARG A 52 -2.72 8.84 9.19
CA ARG A 52 -3.29 10.06 9.72
C ARG A 52 -2.25 10.92 10.41
N GLN A 53 -2.27 12.22 10.14
CA GLN A 53 -1.36 13.16 10.79
C GLN A 53 -2.11 14.27 11.50
N ARG A 54 -1.73 14.52 12.75
CA ARG A 54 -2.27 15.65 13.51
C ARG A 54 -1.34 16.85 13.39
N ILE A 55 -1.87 17.96 12.90
CA ILE A 55 -1.09 19.17 12.73
C ILE A 55 -1.68 20.32 13.55
N PRO A 56 -0.90 20.87 14.50
CA PRO A 56 -1.32 22.03 15.29
C PRO A 56 -1.55 23.25 14.41
N TYR A 57 -2.66 23.94 14.64
CA TYR A 57 -3.06 25.04 13.77
C TYR A 57 -3.62 26.19 14.60
N ASN A 58 -3.36 27.42 14.18
CA ASN A 58 -3.82 28.59 14.91
C ASN A 58 -4.92 29.32 14.15
N SER A 59 -5.15 28.92 12.90
CA SER A 59 -6.09 29.62 12.04
C SER A 59 -7.39 28.83 11.88
N THR A 60 -8.30 29.36 11.06
CA THR A 60 -9.63 28.80 10.91
C THR A 60 -9.75 27.89 9.69
N ALA A 61 -10.86 27.18 9.57
CA ALA A 61 -11.13 26.32 8.43
C ALA A 61 -11.16 27.12 7.13
N VAL A 62 -11.81 28.28 7.16
CA VAL A 62 -11.86 29.18 6.01
C VAL A 62 -10.45 29.59 5.59
N LEU A 63 -9.61 29.85 6.58
CA LEU A 63 -8.22 30.21 6.32
C LEU A 63 -7.46 29.02 5.77
N LEU A 64 -7.80 27.83 6.27
CA LEU A 64 -7.20 26.59 5.78
C LEU A 64 -7.46 26.41 4.28
N LYS A 65 -8.72 26.56 3.92
CA LYS A 65 -9.14 26.50 2.52
C LYS A 65 -8.35 27.49 1.69
N GLN A 66 -8.15 28.67 2.25
CA GLN A 66 -7.49 29.74 1.53
C GLN A 66 -6.02 29.42 1.32
N VAL A 67 -5.33 29.06 2.40
CA VAL A 67 -3.93 28.66 2.31
C VAL A 67 -3.74 27.43 1.41
N LEU A 68 -4.65 26.47 1.51
CA LEU A 68 -4.58 25.30 0.64
C LEU A 68 -4.73 25.71 -0.82
N VAL A 69 -5.69 26.60 -1.10
CA VAL A 69 -5.89 27.13 -2.46
C VAL A 69 -4.62 27.80 -3.00
N ASP A 70 -3.85 28.40 -2.11
CA ASP A 70 -2.63 29.10 -2.53
C ASP A 70 -1.65 28.12 -3.16
N GLY A 71 -1.55 26.92 -2.59
CA GLY A 71 -0.74 25.89 -3.21
C GLY A 71 -1.51 25.03 -4.19
N PHE A 72 -2.82 24.88 -3.96
CA PHE A 72 -3.62 23.90 -4.70
C PHE A 72 -4.76 24.54 -5.47
N GLU A 73 -4.64 24.57 -6.78
CA GLU A 73 -5.78 24.87 -7.64
C GLU A 73 -6.74 23.68 -7.64
N GLU A 74 -6.20 22.51 -7.29
CA GLU A 74 -6.97 21.27 -7.33
C GLU A 74 -7.67 21.00 -6.00
N LEU A 75 -7.69 21.99 -5.11
CA LEU A 75 -8.34 21.84 -3.81
C LEU A 75 -9.85 21.70 -3.97
N VAL A 76 -10.39 20.59 -3.48
CA VAL A 76 -11.82 20.37 -3.49
C VAL A 76 -12.37 20.42 -2.07
N GLU A 77 -13.34 21.30 -1.83
CA GLU A 77 -13.95 21.40 -0.51
C GLU A 77 -15.17 20.49 -0.44
N VAL A 78 -15.38 19.90 0.73
CA VAL A 78 -16.55 19.08 0.97
C VAL A 78 -17.15 19.44 2.33
N GLU A 79 -18.33 18.93 2.64
CA GLU A 79 -18.96 19.27 3.90
C GLU A 79 -18.16 18.72 5.09
N SER A 80 -17.60 17.54 4.92
CA SER A 80 -16.86 16.89 5.98
C SER A 80 -15.37 17.19 5.90
N GLY A 81 -14.99 18.29 5.26
CA GLY A 81 -13.58 18.66 5.24
C GLY A 81 -13.13 19.18 3.89
N PHE A 82 -11.85 19.08 3.64
CA PHE A 82 -11.28 19.44 2.35
C PHE A 82 -10.54 18.24 1.80
N MET A 83 -10.51 18.08 0.50
CA MET A 83 -9.83 16.95 -0.08
C MET A 83 -8.79 17.41 -1.11
N VAL A 84 -7.53 17.11 -0.83
CA VAL A 84 -6.47 17.35 -1.78
C VAL A 84 -5.93 16.03 -2.29
N GLY A 85 -6.28 15.67 -3.52
CA GLY A 85 -5.95 14.36 -4.04
C GLY A 85 -6.67 13.28 -3.28
N ASN A 86 -5.92 12.40 -2.64
CA ASN A 86 -6.51 11.38 -1.76
C ASN A 86 -6.42 11.79 -0.31
N VAL A 87 -5.90 12.99 -0.06
CA VAL A 87 -5.74 13.46 1.31
C VAL A 87 -7.01 14.13 1.82
N HIS A 88 -7.53 13.58 2.90
CA HIS A 88 -8.69 14.15 3.58
C HIS A 88 -8.22 15.06 4.71
N ILE A 89 -8.65 16.30 4.63
CA ILE A 89 -8.27 17.33 5.58
C ILE A 89 -9.48 17.77 6.39
N VAL A 90 -9.41 17.67 7.70
CA VAL A 90 -10.50 18.13 8.54
C VAL A 90 -9.97 18.89 9.75
N LEU A 91 -10.68 19.95 10.14
CA LEU A 91 -10.26 20.76 11.27
C LEU A 91 -10.94 20.31 12.53
N SER A 92 -10.16 20.12 13.56
CA SER A 92 -10.66 19.61 14.83
C SER A 92 -10.11 20.46 15.96
N GLY A 93 -10.87 21.46 16.38
CA GLY A 93 -10.37 22.40 17.37
C GLY A 93 -9.21 23.22 16.85
N GLN A 94 -8.04 23.06 17.45
CA GLN A 94 -6.86 23.78 17.02
C GLN A 94 -5.85 22.83 16.37
N GLU A 95 -6.34 21.70 15.92
CA GLU A 95 -5.52 20.74 15.19
C GLU A 95 -6.22 20.33 13.92
N VAL A 96 -5.48 20.13 12.84
CA VAL A 96 -6.04 19.58 11.63
C VAL A 96 -5.70 18.11 11.53
N VAL A 97 -6.67 17.29 11.21
CA VAL A 97 -6.44 15.88 11.05
C VAL A 97 -6.32 15.54 9.58
N LEU A 98 -5.17 15.03 9.21
CA LEU A 98 -4.91 14.62 7.85
C LEU A 98 -4.99 13.11 7.74
N GLU A 99 -5.66 12.62 6.71
CA GLU A 99 -5.80 11.19 6.48
C GLU A 99 -5.60 10.93 5.00
N TRP A 100 -4.73 10.01 4.63
CA TRP A 100 -4.45 9.79 3.23
C TRP A 100 -3.95 8.37 3.01
N LYS A 101 -3.95 7.95 1.76
CA LYS A 101 -3.48 6.61 1.40
C LYS A 101 -1.96 6.57 1.44
N SER A 102 -1.40 5.44 1.86
CA SER A 102 0.05 5.34 2.03
C SER A 102 0.82 5.89 0.83
N SER A 103 0.39 5.54 -0.39
CA SER A 103 0.60 6.35 -1.59
C SER A 103 1.53 7.55 -1.37
N TYR A 104 2.83 7.32 -1.60
CA TYR A 104 3.85 8.33 -1.38
C TYR A 104 3.56 9.62 -2.17
N THR A 105 2.98 9.47 -3.35
CA THR A 105 2.63 10.60 -4.18
C THR A 105 1.64 11.52 -3.45
N ASP A 106 0.67 10.90 -2.79
CA ASP A 106 -0.30 11.65 -1.98
C ASP A 106 0.41 12.29 -0.81
N ASP A 107 1.42 11.60 -0.27
CA ASP A 107 2.29 12.21 0.75
C ASP A 107 2.95 13.46 0.22
N VAL A 108 3.31 13.47 -1.05
CA VAL A 108 4.02 14.60 -1.62
C VAL A 108 3.14 15.87 -1.58
N LEU A 109 1.90 15.76 -2.06
CA LEU A 109 0.99 16.91 -1.94
C LEU A 109 0.56 17.15 -0.49
N ALA A 110 0.41 16.07 0.27
CA ALA A 110 0.14 16.15 1.70
C ALA A 110 1.24 16.90 2.45
N ILE A 111 2.49 16.73 2.00
CA ILE A 111 3.61 17.50 2.54
C ILE A 111 3.38 18.98 2.30
N SER A 112 2.88 19.31 1.12
CA SER A 112 2.53 20.67 0.78
C SER A 112 1.38 21.15 1.69
N ILE A 113 0.43 20.26 1.99
CA ILE A 113 -0.64 20.57 2.92
C ILE A 113 -0.05 20.91 4.29
N SER A 114 0.82 20.04 4.75
CA SER A 114 1.49 20.22 6.04
C SER A 114 2.22 21.56 6.15
N LYS A 115 2.84 22.03 5.06
CA LYS A 115 3.56 23.30 5.12
C LYS A 115 2.57 24.47 5.22
N MET A 116 1.42 24.30 4.58
CA MET A 116 0.38 25.33 4.56
C MET A 116 -0.17 25.60 5.96
N ILE A 117 -0.50 24.53 6.67
CA ILE A 117 -1.08 24.65 8.00
C ILE A 117 -0.06 25.04 9.06
N SER A 118 1.19 24.65 8.87
CA SER A 118 2.21 24.88 9.89
C SER A 118 2.73 26.33 9.85
N ASP A 119 2.82 26.90 8.66
CA ASP A 119 3.31 28.26 8.52
C ASP A 119 2.28 29.13 7.81
N MET B 1 9.75 -10.07 -16.60
CA MET B 1 8.85 -11.15 -17.02
C MET B 1 7.91 -11.49 -15.88
N SER B 2 6.60 -11.44 -16.12
CA SER B 2 5.64 -11.71 -15.07
C SER B 2 4.32 -12.26 -15.62
N ASP B 3 4.37 -12.77 -16.84
CA ASP B 3 3.19 -13.24 -17.55
C ASP B 3 2.93 -14.74 -17.31
N VAL B 4 1.99 -15.07 -16.44
CA VAL B 4 1.64 -16.47 -16.15
C VAL B 4 0.16 -16.69 -15.83
N SER B 5 -0.38 -17.78 -16.38
CA SER B 5 -1.75 -18.20 -16.14
C SER B 5 -1.97 -19.70 -16.34
N MET B 6 -2.78 -20.27 -15.42
CA MET B 6 -3.14 -21.70 -15.39
C MET B 6 -1.93 -22.62 -15.26
N GLY B 7 -1.49 -22.83 -14.02
CA GLY B 7 -0.47 -23.84 -13.77
C GLY B 7 0.92 -23.31 -13.99
N MET B 8 1.75 -24.06 -14.71
CA MET B 8 3.07 -23.60 -15.05
C MET B 8 3.11 -23.14 -16.50
N VAL B 9 3.40 -21.86 -16.65
CA VAL B 9 3.47 -21.20 -17.94
C VAL B 9 4.67 -20.27 -17.99
N LYS B 10 4.93 -19.70 -19.17
CA LYS B 10 6.12 -18.88 -19.37
C LYS B 10 5.78 -17.38 -19.35
N LEU B 11 6.54 -16.63 -18.56
CA LEU B 11 6.36 -15.16 -18.44
C LEU B 11 7.08 -14.46 -19.61
N ASP B 12 6.45 -13.51 -20.34
CA ASP B 12 7.21 -12.83 -21.41
C ASP B 12 7.93 -11.54 -20.94
N LYS B 13 8.92 -11.19 -21.77
CA LYS B 13 9.90 -10.14 -21.49
C LYS B 13 9.28 -8.75 -21.34
N GLY B 14 8.09 -8.52 -21.86
CA GLY B 14 7.55 -7.17 -21.91
C GLY B 14 7.27 -6.64 -20.51
N PHE B 15 6.92 -7.55 -19.62
CA PHE B 15 6.63 -7.20 -18.23
C PHE B 15 7.81 -6.56 -17.52
N ASP B 16 9.02 -6.80 -18.01
CA ASP B 16 10.22 -6.26 -17.35
C ASP B 16 10.19 -4.74 -17.25
N ALA B 17 9.25 -4.11 -17.95
CA ALA B 17 9.10 -2.66 -17.89
C ALA B 17 8.27 -2.23 -16.68
N LEU B 18 7.63 -3.21 -16.01
CA LEU B 18 6.79 -2.94 -14.84
C LEU B 18 7.61 -2.38 -13.68
N ASN B 19 6.94 -1.67 -12.78
CA ASN B 19 7.57 -1.13 -11.59
C ASN B 19 7.62 -2.18 -10.47
N TYR B 20 8.56 -3.12 -10.60
CA TYR B 20 8.70 -4.18 -9.61
C TYR B 20 9.12 -3.62 -8.26
N ARG B 21 8.42 -4.03 -7.21
CA ARG B 21 8.81 -3.70 -5.85
C ARG B 21 8.81 -4.95 -5.01
N ALA B 22 9.52 -4.95 -3.90
CA ALA B 22 9.65 -6.15 -3.11
C ALA B 22 9.09 -5.98 -1.70
N ILE B 23 8.13 -6.84 -1.36
CA ILE B 23 7.66 -6.97 0.01
C ILE B 23 8.55 -7.95 0.75
N GLY B 24 9.15 -7.55 1.86
CA GLY B 24 9.98 -8.47 2.61
C GLY B 24 11.08 -9.12 1.77
N THR B 25 10.83 -10.36 1.37
CA THR B 25 11.74 -11.10 0.50
C THR B 25 11.08 -11.43 -0.84
N ASP B 26 9.80 -11.13 -0.94
CA ASP B 26 9.02 -11.44 -2.13
C ASP B 26 9.06 -10.26 -3.10
N SER B 27 8.98 -10.54 -4.39
CA SER B 27 8.91 -9.49 -5.39
C SER B 27 7.52 -9.49 -6.02
N VAL B 28 6.88 -8.33 -6.03
CA VAL B 28 5.50 -8.26 -6.49
C VAL B 28 5.34 -7.24 -7.63
N ALA B 29 4.32 -7.44 -8.45
CA ALA B 29 4.01 -6.52 -9.54
C ALA B 29 2.54 -6.65 -9.97
N SER B 30 1.97 -5.54 -10.44
CA SER B 30 0.60 -5.51 -10.91
C SER B 30 0.60 -5.37 -12.42
N PHE B 31 -0.22 -6.15 -13.09
CA PHE B 31 -0.09 -6.26 -14.54
C PHE B 31 -1.40 -6.59 -15.23
N ARG B 32 -1.41 -6.40 -16.55
CA ARG B 32 -2.51 -6.87 -17.39
C ARG B 32 -1.94 -7.76 -18.49
N GLY B 33 -2.50 -8.96 -18.62
CA GLY B 33 -1.94 -9.92 -19.53
C GLY B 33 -2.98 -10.80 -20.18
N VAL B 34 -2.57 -11.51 -21.22
CA VAL B 34 -3.44 -12.44 -21.90
C VAL B 34 -2.82 -13.83 -21.92
N ARG B 35 -3.62 -14.84 -21.60
CA ARG B 35 -3.15 -16.21 -21.62
C ARG B 35 -3.60 -16.88 -22.90
N ASP B 36 -2.64 -17.31 -23.71
CA ASP B 36 -2.91 -18.08 -24.91
C ASP B 36 -2.03 -19.32 -24.92
N GLY B 37 -2.63 -20.46 -24.62
CA GLY B 37 -1.86 -21.70 -24.60
C GLY B 37 -1.02 -21.81 -23.34
N ASP B 38 0.25 -22.11 -23.52
CA ASP B 38 1.19 -22.16 -22.42
C ASP B 38 2.00 -20.88 -22.33
N MET B 39 1.64 -19.90 -23.13
CA MET B 39 2.36 -18.65 -23.15
C MET B 39 1.50 -17.53 -22.60
N VAL B 40 2.04 -16.75 -21.67
CA VAL B 40 1.36 -15.58 -21.18
C VAL B 40 2.06 -14.33 -21.70
N ARG B 41 1.23 -13.45 -22.27
CA ARG B 41 1.71 -12.30 -23.01
C ARG B 41 1.17 -11.02 -22.39
N CYS B 42 2.01 -10.01 -22.31
CA CYS B 42 1.64 -8.77 -21.67
C CYS B 42 0.96 -7.82 -22.64
N ILE B 43 -0.09 -7.18 -22.17
CA ILE B 43 -0.70 -6.09 -22.92
C ILE B 43 -0.31 -4.76 -22.30
N GLY B 44 0.00 -4.81 -21.01
CA GLY B 44 0.49 -3.63 -20.32
C GLY B 44 0.36 -3.75 -18.82
N GLU B 45 0.76 -2.72 -18.10
CA GLU B 45 0.59 -2.71 -16.65
C GLU B 45 -0.85 -2.38 -16.28
N GLY B 46 -1.25 -2.76 -15.08
CA GLY B 46 -2.60 -2.51 -14.64
C GLY B 46 -2.66 -1.36 -13.67
N PRO B 47 -3.53 -1.42 -12.67
CA PRO B 47 -3.66 -0.38 -11.65
C PRO B 47 -2.49 -0.41 -10.68
N ARG B 48 -1.97 0.77 -10.34
CA ARG B 48 -0.93 0.86 -9.33
C ARG B 48 -1.57 0.82 -7.95
N MET B 49 -1.37 -0.27 -7.24
CA MET B 49 -2.14 -0.54 -6.03
C MET B 49 -1.28 -1.20 -4.97
N VAL B 50 -1.34 -0.63 -3.77
CA VAL B 50 -0.78 -1.25 -2.58
C VAL B 50 -1.27 -2.69 -2.42
N ILE B 51 -0.37 -3.64 -2.38
CA ILE B 51 -0.72 -5.00 -1.97
C ILE B 51 0.23 -5.44 -0.89
N GLY B 52 -0.18 -6.37 -0.06
CA GLY B 52 0.70 -6.85 0.97
C GLY B 52 0.08 -7.91 1.85
N HIS B 53 0.75 -8.18 2.95
CA HIS B 53 0.33 -9.16 3.92
C HIS B 53 0.56 -8.59 5.31
N ALA B 54 -0.42 -8.74 6.20
CA ALA B 54 -0.31 -8.13 7.51
C ALA B 54 -0.09 -9.19 8.57
N ASP B 55 1.10 -9.18 9.16
CA ASP B 55 1.40 -10.02 10.30
C ASP B 55 1.76 -9.16 11.49
N ILE B 56 0.86 -9.08 12.45
CA ILE B 56 1.05 -8.21 13.61
C ILE B 56 2.32 -8.57 14.40
N ASN B 57 2.64 -9.86 14.46
CA ASN B 57 3.81 -10.30 15.21
C ASN B 57 5.10 -9.86 14.53
N GLU B 58 5.18 -10.06 13.22
CA GLU B 58 6.38 -9.70 12.45
C GLU B 58 6.51 -8.18 12.36
N MET B 59 5.38 -7.49 12.23
CA MET B 59 5.38 -6.04 12.14
C MET B 59 5.90 -5.45 13.45
N ARG B 60 5.41 -5.99 14.58
CA ARG B 60 5.88 -5.57 15.90
C ARG B 60 7.38 -5.74 16.05
N ARG B 61 7.89 -6.90 15.62
CA ARG B 61 9.31 -7.20 15.75
C ARG B 61 10.15 -6.14 15.04
N MET B 62 9.69 -5.75 13.85
CA MET B 62 10.36 -4.71 13.08
C MET B 62 10.34 -3.37 13.82
N ILE B 63 9.26 -3.08 14.53
CA ILE B 63 9.17 -1.86 15.33
C ILE B 63 10.14 -1.93 16.51
N VAL B 64 10.13 -3.08 17.18
CA VAL B 64 11.05 -3.33 18.29
C VAL B 64 12.50 -3.24 17.81
N GLU B 65 12.70 -3.61 16.54
CA GLU B 65 14.02 -3.54 15.91
C GLU B 65 14.55 -2.11 15.87
N GLY B 66 13.65 -1.15 16.07
CA GLY B 66 14.05 0.26 16.04
C GLY B 66 14.21 0.77 17.46
N SER B 67 14.15 -0.16 18.40
CA SER B 67 14.18 0.15 19.83
C SER B 67 12.95 0.93 20.25
N MET B 68 11.77 0.39 19.93
CA MET B 68 10.50 0.98 20.35
C MET B 68 9.68 -0.07 21.07
N ARG B 69 8.99 0.36 22.13
CA ARG B 69 8.17 -0.55 22.92
C ARG B 69 6.77 -0.65 22.33
N VAL B 70 6.32 -1.86 22.04
CA VAL B 70 5.03 -2.05 21.39
C VAL B 70 4.16 -3.00 22.21
N GLU B 71 2.85 -2.86 22.06
CA GLU B 71 1.90 -3.79 22.68
C GLU B 71 1.02 -4.42 21.61
N GLN B 72 0.73 -5.70 21.77
CA GLN B 72 -0.14 -6.42 20.84
C GLN B 72 -1.55 -6.52 21.38
N GLU B 73 -2.50 -5.96 20.67
CA GLU B 73 -3.90 -6.13 21.01
C GLU B 73 -4.68 -6.60 19.80
N GLU B 74 -5.98 -6.80 19.96
CA GLU B 74 -6.80 -7.35 18.89
C GLU B 74 -6.81 -6.44 17.67
N ASN B 75 -6.74 -5.14 17.92
CA ASN B 75 -6.89 -4.14 16.87
C ASN B 75 -5.58 -3.84 16.16
N GLY B 76 -4.46 -4.31 16.71
CA GLY B 76 -3.19 -4.05 16.07
C GLY B 76 -2.07 -3.79 17.06
N LEU B 77 -1.30 -2.74 16.81
CA LEU B 77 -0.12 -2.45 17.59
C LEU B 77 -0.11 -1.00 18.07
N LEU B 78 0.13 -0.81 19.36
CA LEU B 78 0.32 0.53 19.91
C LEU B 78 1.74 0.70 20.40
N VAL B 79 2.42 1.76 19.94
CA VAL B 79 3.68 2.14 20.57
C VAL B 79 3.41 3.24 21.60
N GLU B 80 3.97 3.06 22.81
CA GLU B 80 3.73 3.90 24.04
C GLU B 80 3.51 5.42 23.81
N ASP B 81 2.30 5.76 23.35
CA ASP B 81 1.88 7.19 23.20
C ASP B 81 2.61 7.71 21.97
N CYS B 82 2.67 6.76 21.11
CA CYS B 82 3.42 6.63 19.92
C CYS B 82 2.43 5.87 19.07
N VAL B 83 2.78 5.40 17.93
CA VAL B 83 1.89 5.46 16.79
C VAL B 83 1.19 4.13 16.61
N TRP B 84 -0.05 4.19 16.13
CA TRP B 84 -0.97 3.07 16.21
C TRP B 84 -1.01 2.35 14.88
N ILE B 85 -1.18 1.05 14.92
CA ILE B 85 -1.43 0.27 13.73
C ILE B 85 -2.72 -0.51 13.92
N ARG B 86 -3.68 -0.28 13.04
CA ARG B 86 -4.96 -0.97 13.13
C ARG B 86 -5.17 -1.81 11.88
N VAL B 87 -5.62 -3.03 12.07
CA VAL B 87 -5.73 -3.97 10.95
C VAL B 87 -7.18 -4.07 10.48
N SER B 88 -7.39 -3.78 9.20
CA SER B 88 -8.69 -3.89 8.59
C SER B 88 -8.67 -4.98 7.53
N GLY B 89 -9.82 -5.51 7.15
CA GLY B 89 -9.83 -6.59 6.18
C GLY B 89 -9.26 -6.18 4.84
N ASP B 90 -9.49 -4.93 4.47
CA ASP B 90 -9.09 -4.43 3.16
C ASP B 90 -7.83 -3.57 3.25
N GLY B 91 -7.26 -3.44 4.45
CA GLY B 91 -6.06 -2.64 4.60
C GLY B 91 -5.68 -2.35 6.04
N VAL B 92 -5.07 -1.19 6.26
CA VAL B 92 -4.55 -0.82 7.57
C VAL B 92 -4.77 0.67 7.83
N THR B 93 -5.12 1.00 9.07
CA THR B 93 -5.20 2.38 9.49
C THR B 93 -4.08 2.67 10.49
N ILE B 94 -3.28 3.67 10.20
CA ILE B 94 -2.20 4.08 11.09
C ILE B 94 -2.51 5.45 11.67
N ASP B 95 -2.28 5.64 12.94
CA ASP B 95 -2.59 6.93 13.55
C ASP B 95 -1.31 7.65 13.95
N GLY B 96 -1.17 8.82 13.39
CA GLY B 96 0.02 9.65 13.54
C GLY B 96 -0.09 10.64 14.68
N ARG B 97 -1.21 10.65 15.37
CA ARG B 97 -1.53 11.77 16.25
C ARG B 97 -0.79 11.68 17.57
N ASP B 98 -0.33 10.48 17.90
CA ASP B 98 0.61 10.32 18.98
C ASP B 98 2.02 10.60 18.49
N SER B 99 2.74 11.45 19.20
CA SER B 99 4.00 11.98 18.72
C SER B 99 5.11 10.93 18.79
N GLY B 100 5.84 10.79 17.68
CA GLY B 100 7.01 9.93 17.66
C GLY B 100 6.73 8.55 17.11
N VAL B 101 7.74 7.98 16.43
CA VAL B 101 7.69 6.59 15.93
C VAL B 101 6.90 6.48 14.62
N PHE B 102 6.33 7.60 14.16
CA PHE B 102 5.49 7.59 12.96
C PHE B 102 6.25 7.10 11.73
N TYR B 103 7.42 7.70 11.49
CA TYR B 103 8.24 7.32 10.33
C TYR B 103 8.60 5.85 10.41
N ALA B 104 8.82 5.35 11.62
CA ALA B 104 9.21 3.97 11.83
C ALA B 104 8.06 3.02 11.48
N VAL B 105 6.85 3.41 11.88
CA VAL B 105 5.67 2.59 11.62
C VAL B 105 5.44 2.44 10.12
N ARG B 106 5.59 3.55 9.40
CA ARG B 106 5.42 3.53 7.95
C ARG B 106 6.42 2.57 7.33
N ASP B 107 7.67 2.68 7.76
CA ASP B 107 8.75 1.83 7.24
C ASP B 107 8.44 0.36 7.48
N VAL B 108 7.93 0.05 8.67
CA VAL B 108 7.59 -1.33 9.01
C VAL B 108 6.51 -1.87 8.08
N VAL B 109 5.45 -1.10 7.90
CA VAL B 109 4.32 -1.55 7.11
C VAL B 109 4.70 -1.71 5.63
N TYR B 110 5.53 -0.79 5.13
CA TYR B 110 5.98 -0.90 3.73
C TYR B 110 6.89 -2.10 3.53
N ARG B 111 7.47 -2.59 4.61
CA ARG B 111 8.22 -3.84 4.57
C ARG B 111 7.27 -5.04 4.44
N SER B 112 5.98 -4.80 4.64
CA SER B 112 4.97 -5.85 4.52
C SER B 112 4.02 -5.57 3.35
N SER B 113 4.24 -4.44 2.67
CA SER B 113 3.40 -4.04 1.55
C SER B 113 4.22 -3.44 0.41
N ALA B 114 3.60 -3.22 -0.74
CA ALA B 114 4.30 -2.66 -1.89
C ALA B 114 3.34 -1.92 -2.82
N PHE B 115 3.84 -0.85 -3.42
CA PHE B 115 3.07 -0.10 -4.40
C PHE B 115 3.35 -0.65 -5.79
N ILE B 116 2.38 -1.29 -6.40
CA ILE B 116 2.61 -1.86 -7.72
C ILE B 116 1.63 -1.32 -8.73
N GLY A 1 16.47 -22.09 -0.38
CA GLY A 1 17.93 -21.90 -0.46
C GLY A 1 18.52 -22.53 -1.70
N HIS A 2 17.96 -22.21 -2.87
CA HIS A 2 18.48 -22.73 -4.13
C HIS A 2 18.48 -21.64 -5.21
N MET A 3 18.20 -20.41 -4.78
CA MET A 3 18.10 -19.23 -5.66
C MET A 3 17.21 -19.49 -6.89
N LEU A 4 17.26 -18.57 -7.85
CA LEU A 4 16.45 -18.71 -9.06
C LEU A 4 17.12 -19.64 -10.06
N ALA A 5 16.42 -19.85 -11.18
CA ALA A 5 16.89 -20.71 -12.24
C ALA A 5 16.21 -20.30 -13.55
N LYS A 6 15.17 -21.03 -13.93
CA LYS A 6 14.33 -20.63 -15.04
C LYS A 6 13.46 -19.45 -14.66
N ASP A 7 14.00 -18.25 -14.80
CA ASP A 7 13.29 -17.04 -14.39
C ASP A 7 12.24 -16.64 -15.42
N ASN A 8 12.15 -17.41 -16.50
CA ASN A 8 11.10 -17.20 -17.50
C ASN A 8 9.97 -18.20 -17.29
N GLU A 9 10.13 -19.01 -16.25
CA GLU A 9 9.12 -19.99 -15.87
C GLU A 9 8.63 -19.70 -14.47
N ALA A 10 7.34 -19.85 -14.27
CA ALA A 10 6.70 -19.47 -13.03
C ALA A 10 5.75 -20.56 -12.57
N LYS A 11 5.40 -20.54 -11.29
CA LYS A 11 4.47 -21.51 -10.76
C LYS A 11 3.09 -20.89 -10.80
N ILE A 12 2.17 -21.50 -11.51
CA ILE A 12 0.88 -20.90 -11.70
C ILE A 12 -0.21 -21.70 -11.04
N PHE A 13 -1.21 -20.96 -10.62
CA PHE A 13 -2.50 -21.51 -10.30
C PHE A 13 -3.32 -21.48 -11.57
N THR A 14 -4.10 -22.51 -11.80
CA THR A 14 -4.64 -22.78 -13.11
C THR A 14 -6.14 -22.54 -13.15
N GLY A 15 -6.73 -22.67 -14.33
CA GLY A 15 -8.07 -22.16 -14.56
C GLY A 15 -7.97 -20.80 -15.21
N VAL A 16 -6.77 -20.52 -15.69
CA VAL A 16 -6.51 -19.24 -16.31
C VAL A 16 -6.65 -19.35 -17.82
N GLU A 17 -7.71 -18.78 -18.37
CA GLU A 17 -7.76 -18.60 -19.83
C GLU A 17 -8.23 -17.21 -20.21
N GLY A 18 -7.64 -16.65 -21.26
CA GLY A 18 -8.13 -15.39 -21.79
C GLY A 18 -7.64 -14.21 -20.99
N GLU A 19 -8.44 -13.16 -20.94
CA GLU A 19 -8.06 -11.95 -20.23
C GLU A 19 -8.25 -12.14 -18.73
N PHE A 20 -7.20 -11.84 -17.99
CA PHE A 20 -7.27 -11.85 -16.54
C PHE A 20 -6.34 -10.80 -15.97
N GLU A 21 -6.64 -10.33 -14.78
CA GLU A 21 -5.70 -9.48 -14.07
C GLU A 21 -5.00 -10.35 -13.06
N GLY A 22 -3.71 -10.51 -13.20
CA GLY A 22 -3.00 -11.35 -12.28
C GLY A 22 -1.87 -10.63 -11.60
N ILE A 23 -1.17 -11.34 -10.76
CA ILE A 23 -0.03 -10.77 -10.07
C ILE A 23 1.12 -11.76 -10.14
N ILE A 24 2.32 -11.24 -10.24
CA ILE A 24 3.49 -12.07 -10.30
C ILE A 24 4.34 -11.83 -9.07
N ILE A 25 4.74 -12.90 -8.42
CA ILE A 25 5.56 -12.81 -7.24
C ILE A 25 6.85 -13.56 -7.47
N GLY A 26 7.95 -12.87 -7.32
CA GLY A 26 9.24 -13.48 -7.50
C GLY A 26 9.99 -13.44 -6.21
N THR A 27 10.52 -14.56 -5.79
CA THR A 27 11.21 -14.62 -4.53
C THR A 27 12.59 -15.21 -4.74
N GLU A 28 13.40 -15.25 -3.71
CA GLU A 28 14.77 -15.71 -3.84
C GLU A 28 14.81 -17.14 -4.39
N ASP A 29 13.75 -17.88 -4.13
CA ASP A 29 13.71 -19.30 -4.49
C ASP A 29 12.69 -19.63 -5.59
N ASP A 30 11.76 -18.73 -5.89
CA ASP A 30 10.63 -19.12 -6.76
C ASP A 30 9.85 -17.93 -7.33
N ILE A 31 9.38 -18.08 -8.58
CA ILE A 31 8.50 -17.10 -9.22
C ILE A 31 7.13 -17.75 -9.45
N ARG A 32 6.05 -17.09 -9.04
CA ARG A 32 4.72 -17.68 -9.13
C ARG A 32 3.67 -16.66 -9.57
N ILE A 33 2.60 -17.14 -10.22
CA ILE A 33 1.49 -16.28 -10.65
C ILE A 33 0.18 -16.68 -9.96
N TYR A 34 -0.50 -15.68 -9.41
CA TYR A 34 -1.84 -15.81 -8.88
C TYR A 34 -2.78 -14.90 -9.67
N LYS A 35 -4.06 -15.19 -9.68
CA LYS A 35 -5.03 -14.27 -10.24
C LYS A 35 -5.34 -13.19 -9.21
N ARG A 36 -5.55 -11.95 -9.64
CA ARG A 36 -5.97 -10.88 -8.73
C ARG A 36 -7.22 -11.29 -7.96
N ASP A 37 -8.00 -12.16 -8.58
CA ASP A 37 -9.30 -12.57 -8.06
C ASP A 37 -9.11 -13.52 -6.91
N GLU A 38 -7.98 -14.20 -6.92
CA GLU A 38 -7.66 -15.19 -5.93
C GLU A 38 -6.84 -14.56 -4.82
N LEU A 39 -6.13 -13.49 -5.17
CA LEU A 39 -5.05 -12.97 -4.34
C LEU A 39 -5.56 -12.42 -3.02
N ILE A 40 -6.71 -11.78 -3.04
CA ILE A 40 -7.24 -11.12 -1.85
C ILE A 40 -7.44 -12.12 -0.71
N GLU A 41 -7.55 -13.39 -1.06
CA GLU A 41 -7.78 -14.44 -0.07
C GLU A 41 -6.48 -14.95 0.56
N SER A 42 -5.35 -14.70 -0.09
CA SER A 42 -4.04 -15.17 0.36
C SER A 42 -3.37 -14.23 1.37
N LYS A 43 -2.33 -14.75 2.03
CA LYS A 43 -1.44 -13.99 2.92
C LYS A 43 -0.82 -12.76 2.22
N TYR A 44 -1.10 -12.61 0.93
CA TYR A 44 -0.80 -11.36 0.23
C TYR A 44 -2.13 -10.79 -0.21
N LYS A 45 -2.36 -9.49 -0.06
CA LYS A 45 -3.68 -8.94 -0.35
C LYS A 45 -3.59 -7.55 -0.95
N GLU A 46 -4.64 -7.12 -1.63
CA GLU A 46 -4.78 -5.73 -2.01
C GLU A 46 -5.21 -4.95 -0.78
N MET A 47 -4.44 -3.94 -0.39
CA MET A 47 -4.75 -3.18 0.81
C MET A 47 -4.49 -1.70 0.59
N CYS A 48 -5.50 -0.89 0.87
CA CYS A 48 -5.34 0.56 0.83
C CYS A 48 -4.89 1.05 2.20
N ILE A 49 -3.99 2.01 2.22
CA ILE A 49 -3.42 2.48 3.47
C ILE A 49 -3.87 3.90 3.73
N TYR A 50 -4.41 4.14 4.91
CA TYR A 50 -4.83 5.46 5.31
C TYR A 50 -3.89 5.98 6.36
N GLU A 51 -3.26 7.10 6.06
CA GLU A 51 -2.22 7.62 6.93
C GLU A 51 -2.63 8.97 7.46
N ARG A 52 -2.76 9.03 8.77
CA ARG A 52 -3.24 10.23 9.43
C ARG A 52 -2.10 10.89 10.19
N GLN A 53 -1.90 12.18 9.99
CA GLN A 53 -0.87 12.90 10.72
C GLN A 53 -1.48 14.10 11.44
N ARG A 54 -0.99 14.34 12.65
CA ARG A 54 -1.46 15.47 13.45
C ARG A 54 -0.51 16.65 13.31
N ILE A 55 -1.03 17.76 12.84
CA ILE A 55 -0.22 18.96 12.62
C ILE A 55 -0.69 20.09 13.55
N PRO A 56 0.24 20.76 14.24
CA PRO A 56 -0.07 21.93 15.06
C PRO A 56 -0.57 23.10 14.20
N TYR A 57 -1.67 23.67 14.61
CA TYR A 57 -2.32 24.73 13.85
C TYR A 57 -2.52 25.98 14.70
N ASN A 58 -2.17 27.14 14.16
CA ASN A 58 -2.52 28.40 14.79
C ASN A 58 -3.61 29.09 13.99
N SER A 59 -3.85 28.59 12.78
CA SER A 59 -4.87 29.13 11.91
C SER A 59 -6.24 28.54 12.21
N THR A 60 -7.28 29.18 11.69
CA THR A 60 -8.64 28.72 11.86
C THR A 60 -9.06 27.92 10.64
N ALA A 61 -10.23 27.27 10.68
CA ALA A 61 -10.69 26.48 9.55
C ALA A 61 -10.80 27.35 8.30
N VAL A 62 -11.39 28.52 8.47
CA VAL A 62 -11.51 29.49 7.38
C VAL A 62 -10.14 29.90 6.86
N LEU A 63 -9.19 30.09 7.76
CA LEU A 63 -7.85 30.49 7.38
C LEU A 63 -7.15 29.35 6.67
N LEU A 64 -7.34 28.14 7.17
CA LEU A 64 -6.67 26.98 6.61
C LEU A 64 -7.04 26.76 5.16
N LYS A 65 -8.34 26.74 4.87
CA LYS A 65 -8.78 26.57 3.48
C LYS A 65 -8.29 27.72 2.62
N GLN A 66 -8.25 28.91 3.17
CA GLN A 66 -7.82 30.07 2.40
C GLN A 66 -6.34 29.95 2.06
N VAL A 67 -5.51 29.67 3.08
CA VAL A 67 -4.10 29.41 2.84
C VAL A 67 -3.90 28.20 1.94
N LEU A 68 -4.73 27.17 2.09
CA LEU A 68 -4.67 26.03 1.19
C LEU A 68 -4.97 26.47 -0.25
N VAL A 69 -5.96 27.33 -0.42
CA VAL A 69 -6.29 27.89 -1.75
C VAL A 69 -5.07 28.58 -2.38
N ASP A 70 -4.25 29.20 -1.54
CA ASP A 70 -3.07 29.92 -2.03
C ASP A 70 -2.10 28.95 -2.70
N GLY A 71 -1.95 27.76 -2.13
CA GLY A 71 -1.11 26.75 -2.75
C GLY A 71 -1.88 25.86 -3.70
N PHE A 72 -3.17 25.68 -3.43
CA PHE A 72 -3.97 24.69 -4.13
C PHE A 72 -5.22 25.31 -4.72
N GLU A 73 -5.19 25.59 -6.01
CA GLU A 73 -6.37 26.04 -6.71
C GLU A 73 -7.40 24.91 -6.78
N GLU A 74 -6.92 23.69 -6.58
CA GLU A 74 -7.75 22.49 -6.66
C GLU A 74 -8.37 22.14 -5.30
N LEU A 75 -8.30 23.05 -4.33
CA LEU A 75 -8.86 22.78 -3.01
C LEU A 75 -10.38 22.66 -3.06
N VAL A 76 -10.89 21.58 -2.51
CA VAL A 76 -12.33 21.37 -2.44
C VAL A 76 -12.79 21.35 -0.99
N GLU A 77 -13.75 22.21 -0.65
CA GLU A 77 -14.32 22.20 0.69
C GLU A 77 -15.51 21.23 0.72
N VAL A 78 -15.62 20.49 1.81
CA VAL A 78 -16.70 19.53 1.98
C VAL A 78 -17.35 19.72 3.35
N GLU A 79 -18.47 19.07 3.59
CA GLU A 79 -19.18 19.27 4.85
C GLU A 79 -18.33 18.80 6.04
N SER A 80 -17.62 17.70 5.86
CA SER A 80 -16.82 17.12 6.93
C SER A 80 -15.35 17.56 6.88
N GLY A 81 -15.06 18.71 6.28
CA GLY A 81 -13.69 19.17 6.25
C GLY A 81 -13.28 19.76 4.93
N PHE A 82 -11.99 19.72 4.64
CA PHE A 82 -11.47 20.16 3.36
C PHE A 82 -10.75 18.99 2.71
N MET A 83 -10.72 18.96 1.40
CA MET A 83 -9.97 17.93 0.70
C MET A 83 -9.01 18.54 -0.31
N VAL A 84 -7.72 18.30 -0.10
CA VAL A 84 -6.70 18.73 -1.05
C VAL A 84 -6.17 17.50 -1.78
N GLY A 85 -6.62 17.30 -3.01
CA GLY A 85 -6.26 16.11 -3.72
C GLY A 85 -6.89 14.89 -3.09
N ASN A 86 -6.05 13.97 -2.63
CA ASN A 86 -6.54 12.79 -1.92
C ASN A 86 -6.44 12.99 -0.41
N VAL A 87 -6.00 14.17 -0.01
CA VAL A 87 -5.77 14.46 1.41
C VAL A 87 -7.02 15.04 2.07
N HIS A 88 -7.49 14.39 3.13
CA HIS A 88 -8.62 14.90 3.90
C HIS A 88 -8.12 15.68 5.10
N ILE A 89 -8.67 16.88 5.25
CA ILE A 89 -8.21 17.83 6.23
C ILE A 89 -9.37 18.22 7.16
N VAL A 90 -9.18 18.05 8.47
CA VAL A 90 -10.20 18.45 9.44
C VAL A 90 -9.57 19.10 10.68
N LEU A 91 -10.17 20.18 11.17
CA LEU A 91 -9.60 20.97 12.25
C LEU A 91 -10.29 20.68 13.57
N SER A 92 -9.48 20.40 14.56
CA SER A 92 -9.95 20.07 15.90
C SER A 92 -9.19 20.93 16.91
N GLY A 93 -9.84 21.97 17.40
CA GLY A 93 -9.18 22.89 18.29
C GLY A 93 -8.06 23.63 17.58
N GLN A 94 -6.83 23.41 18.02
CA GLN A 94 -5.69 24.03 17.38
C GLN A 94 -4.85 22.98 16.66
N GLU A 95 -5.46 21.84 16.35
CA GLU A 95 -4.76 20.79 15.61
C GLU A 95 -5.64 20.24 14.51
N VAL A 96 -5.07 20.11 13.32
CA VAL A 96 -5.76 19.50 12.20
C VAL A 96 -5.23 18.10 11.95
N VAL A 97 -6.14 17.19 11.71
CA VAL A 97 -5.79 15.82 11.40
C VAL A 97 -5.78 15.65 9.89
N LEU A 98 -4.69 15.17 9.36
CA LEU A 98 -4.56 15.00 7.93
C LEU A 98 -4.52 13.52 7.59
N GLU A 99 -5.49 13.06 6.82
CA GLU A 99 -5.52 11.68 6.40
C GLU A 99 -5.32 11.66 4.90
N TRP A 100 -4.46 10.80 4.41
CA TRP A 100 -4.23 10.75 2.99
C TRP A 100 -3.87 9.34 2.56
N LYS A 101 -3.92 9.12 1.26
CA LYS A 101 -3.85 7.80 0.69
C LYS A 101 -2.46 7.19 0.74
N SER A 102 -2.47 5.89 0.56
CA SER A 102 -1.33 4.99 0.65
C SER A 102 -0.09 5.39 -0.15
N SER A 103 -0.18 6.34 -1.07
CA SER A 103 0.86 6.43 -2.09
C SER A 103 1.76 7.61 -1.77
N TYR A 104 3.05 7.47 -2.06
CA TYR A 104 4.04 8.49 -1.78
C TYR A 104 3.66 9.83 -2.41
N THR A 105 3.00 9.78 -3.57
CA THR A 105 2.55 10.99 -4.24
C THR A 105 1.59 11.78 -3.35
N ASP A 106 0.77 11.04 -2.59
CA ASP A 106 -0.18 11.65 -1.68
C ASP A 106 0.55 12.37 -0.55
N ASP A 107 1.68 11.82 -0.15
CA ASP A 107 2.56 12.51 0.80
C ASP A 107 3.05 13.83 0.24
N VAL A 108 3.44 13.83 -1.03
CA VAL A 108 4.11 14.97 -1.63
C VAL A 108 3.22 16.23 -1.66
N LEU A 109 2.02 16.08 -2.19
CA LEU A 109 1.10 17.23 -2.20
C LEU A 109 0.65 17.57 -0.77
N ALA A 110 0.49 16.55 0.07
CA ALA A 110 0.23 16.75 1.50
C ALA A 110 1.35 17.54 2.19
N ILE A 111 2.59 17.33 1.75
CA ILE A 111 3.72 18.10 2.27
C ILE A 111 3.54 19.58 1.99
N SER A 112 3.05 19.90 0.79
CA SER A 112 2.76 21.28 0.46
C SER A 112 1.69 21.82 1.41
N ILE A 113 0.74 20.96 1.77
CA ILE A 113 -0.28 21.32 2.75
C ILE A 113 0.38 21.71 4.06
N SER A 114 1.29 20.86 4.52
CA SER A 114 2.00 21.09 5.78
C SER A 114 2.73 22.43 5.81
N LYS A 115 3.27 22.89 4.69
CA LYS A 115 4.01 24.15 4.67
C LYS A 115 3.05 25.34 4.79
N MET A 116 1.85 25.18 4.24
CA MET A 116 0.83 26.22 4.25
C MET A 116 0.50 26.62 5.69
N ILE A 117 0.30 25.60 6.50
CA ILE A 117 -0.17 25.74 7.86
C ILE A 117 0.94 26.15 8.83
N SER A 118 2.15 25.68 8.57
CA SER A 118 3.28 25.99 9.43
C SER A 118 3.78 27.41 9.22
N ASP A 119 4.22 27.71 8.01
CA ASP A 119 4.77 29.03 7.70
C ASP A 119 3.79 29.82 6.86
N MET B 1 -11.53 -26.88 -0.13
CA MET B 1 -11.10 -26.64 -1.52
C MET B 1 -9.61 -26.84 -1.67
N SER B 2 -9.21 -27.35 -2.82
CA SER B 2 -7.80 -27.54 -3.13
C SER B 2 -7.51 -26.93 -4.49
N ASP B 3 -6.97 -25.71 -4.47
CA ASP B 3 -6.66 -24.98 -5.68
C ASP B 3 -5.61 -25.71 -6.49
N VAL B 4 -5.82 -25.78 -7.80
CA VAL B 4 -4.92 -26.50 -8.68
C VAL B 4 -3.79 -25.60 -9.16
N SER B 5 -2.59 -25.90 -8.72
CA SER B 5 -1.41 -25.18 -9.15
C SER B 5 -0.56 -26.09 -10.01
N MET B 6 -0.85 -26.12 -11.30
CA MET B 6 -0.22 -27.07 -12.22
C MET B 6 1.29 -26.83 -12.33
N GLY B 7 1.73 -25.61 -12.09
CA GLY B 7 3.17 -25.38 -12.06
C GLY B 7 3.67 -24.42 -13.11
N MET B 8 4.56 -24.88 -13.98
CA MET B 8 5.41 -23.98 -14.74
C MET B 8 4.70 -23.45 -15.98
N VAL B 9 4.60 -22.13 -16.04
CA VAL B 9 4.14 -21.43 -17.22
C VAL B 9 5.23 -20.45 -17.65
N LYS B 10 5.22 -20.05 -18.90
CA LYS B 10 6.27 -19.19 -19.42
C LYS B 10 5.84 -17.74 -19.33
N LEU B 11 6.70 -16.91 -18.75
CA LEU B 11 6.43 -15.49 -18.65
C LEU B 11 6.87 -14.81 -19.94
N ASP B 12 6.02 -13.99 -20.52
CA ASP B 12 6.36 -13.37 -21.80
C ASP B 12 7.28 -12.17 -21.60
N LYS B 13 7.79 -11.64 -22.70
CA LYS B 13 8.67 -10.50 -22.67
C LYS B 13 8.05 -9.29 -21.98
N GLY B 14 6.72 -9.21 -21.98
CA GLY B 14 6.02 -8.06 -21.46
C GLY B 14 6.26 -7.84 -19.98
N PHE B 15 6.47 -8.93 -19.23
CA PHE B 15 6.65 -8.83 -17.78
C PHE B 15 7.80 -7.91 -17.41
N ASP B 16 8.84 -7.87 -18.24
CA ASP B 16 10.02 -7.07 -17.96
C ASP B 16 9.71 -5.57 -18.02
N ALA B 17 8.57 -5.22 -18.59
CA ALA B 17 8.17 -3.83 -18.69
C ALA B 17 7.37 -3.38 -17.47
N LEU B 18 6.91 -4.35 -16.69
CA LEU B 18 6.14 -4.06 -15.47
C LEU B 18 6.99 -3.34 -14.44
N ASN B 19 6.34 -2.58 -13.58
CA ASN B 19 7.03 -1.85 -12.52
C ASN B 19 7.14 -2.71 -11.27
N TYR B 20 8.28 -3.36 -11.13
CA TYR B 20 8.51 -4.25 -10.00
C TYR B 20 8.88 -3.48 -8.74
N ARG B 21 8.24 -3.86 -7.64
CA ARG B 21 8.61 -3.35 -6.33
C ARG B 21 8.71 -4.52 -5.38
N ALA B 22 9.44 -4.38 -4.29
CA ALA B 22 9.72 -5.53 -3.44
C ALA B 22 9.14 -5.37 -2.03
N ILE B 23 8.29 -6.32 -1.67
CA ILE B 23 7.85 -6.47 -0.29
C ILE B 23 8.84 -7.35 0.44
N GLY B 24 9.43 -6.89 1.53
CA GLY B 24 10.39 -7.70 2.26
C GLY B 24 11.50 -8.23 1.36
N THR B 25 11.51 -9.54 1.18
CA THR B 25 12.48 -10.20 0.32
C THR B 25 11.87 -10.55 -1.03
N ASP B 26 10.56 -10.43 -1.10
CA ASP B 26 9.78 -10.87 -2.25
C ASP B 26 9.59 -9.72 -3.23
N SER B 27 9.44 -10.03 -4.50
CA SER B 27 9.19 -9.01 -5.51
C SER B 27 7.80 -9.21 -6.11
N VAL B 28 7.04 -8.13 -6.22
CA VAL B 28 5.67 -8.22 -6.70
C VAL B 28 5.44 -7.30 -7.90
N ALA B 29 4.45 -7.64 -8.72
CA ALA B 29 4.03 -6.79 -9.84
C ALA B 29 2.60 -7.12 -10.25
N SER B 30 1.90 -6.12 -10.75
CA SER B 30 0.51 -6.26 -11.17
C SER B 30 0.44 -6.11 -12.68
N PHE B 31 -0.40 -6.93 -13.31
CA PHE B 31 -0.46 -6.93 -14.76
C PHE B 31 -1.82 -7.41 -15.25
N ARG B 32 -2.20 -6.93 -16.42
CA ARG B 32 -3.34 -7.48 -17.12
C ARG B 32 -2.81 -8.34 -18.25
N GLY B 33 -3.26 -9.58 -18.32
CA GLY B 33 -2.66 -10.52 -19.22
C GLY B 33 -3.64 -11.50 -19.81
N VAL B 34 -3.18 -12.20 -20.83
CA VAL B 34 -3.94 -13.30 -21.41
C VAL B 34 -3.12 -14.57 -21.39
N ARG B 35 -3.72 -15.64 -20.92
CA ARG B 35 -3.06 -16.94 -20.96
C ARG B 35 -3.57 -17.75 -22.13
N ASP B 36 -2.63 -18.21 -22.94
CA ASP B 36 -2.93 -19.08 -24.07
C ASP B 36 -1.97 -20.26 -24.03
N GLY B 37 -2.46 -21.41 -23.60
CA GLY B 37 -1.63 -22.60 -23.58
C GLY B 37 -0.64 -22.60 -22.46
N ASP B 38 0.61 -22.86 -22.81
CA ASP B 38 1.69 -22.92 -21.84
C ASP B 38 2.34 -21.55 -21.68
N MET B 39 1.81 -20.55 -22.39
CA MET B 39 2.38 -19.22 -22.33
C MET B 39 1.45 -18.23 -21.66
N VAL B 40 2.03 -17.38 -20.82
CA VAL B 40 1.33 -16.28 -20.21
C VAL B 40 1.86 -14.97 -20.78
N ARG B 41 0.97 -14.10 -21.21
CA ARG B 41 1.39 -12.85 -21.83
C ARG B 41 0.71 -11.68 -21.17
N CYS B 42 1.46 -10.61 -20.95
CA CYS B 42 0.93 -9.39 -20.38
C CYS B 42 0.43 -8.51 -21.53
N ILE B 43 -0.84 -8.14 -21.50
CA ILE B 43 -1.39 -7.31 -22.57
C ILE B 43 -1.27 -5.84 -22.22
N GLY B 44 -0.78 -5.57 -21.03
CA GLY B 44 -0.53 -4.21 -20.61
C GLY B 44 -0.51 -4.08 -19.10
N GLU B 45 -0.12 -2.93 -18.61
CA GLU B 45 -0.07 -2.71 -17.18
C GLU B 45 -1.48 -2.44 -16.67
N GLY B 46 -1.80 -3.02 -15.54
CA GLY B 46 -3.16 -2.96 -15.04
C GLY B 46 -3.34 -1.86 -14.03
N PRO B 47 -4.10 -2.12 -12.96
CA PRO B 47 -4.28 -1.15 -11.89
C PRO B 47 -3.01 -1.04 -11.05
N ARG B 48 -2.63 0.17 -10.72
CA ARG B 48 -1.49 0.38 -9.85
C ARG B 48 -1.98 0.46 -8.43
N MET B 49 -1.75 -0.63 -7.71
CA MET B 49 -2.43 -0.86 -6.45
C MET B 49 -1.49 -1.42 -5.39
N VAL B 50 -1.49 -0.78 -4.25
CA VAL B 50 -0.84 -1.32 -3.06
C VAL B 50 -1.27 -2.74 -2.78
N ILE B 51 -0.33 -3.66 -2.72
CA ILE B 51 -0.60 -4.99 -2.18
C ILE B 51 0.31 -5.23 -1.01
N GLY B 52 -0.14 -5.97 -0.02
CA GLY B 52 0.68 -6.16 1.14
C GLY B 52 0.48 -7.51 1.81
N HIS B 53 1.30 -7.72 2.83
CA HIS B 53 1.37 -8.97 3.55
C HIS B 53 0.51 -8.99 4.82
N ALA B 54 0.61 -10.12 5.50
CA ALA B 54 -0.27 -10.63 6.52
C ALA B 54 -0.63 -9.66 7.64
N ASP B 55 -1.59 -10.15 8.40
CA ASP B 55 -2.28 -9.46 9.46
C ASP B 55 -1.31 -8.94 10.51
N ILE B 56 -1.81 -7.94 11.23
CA ILE B 56 -1.04 -6.98 12.01
C ILE B 56 0.05 -7.61 12.89
N ASN B 57 -0.09 -8.88 13.23
CA ASN B 57 0.90 -9.57 14.07
C ASN B 57 2.29 -9.51 13.43
N GLU B 58 2.40 -9.73 12.11
CA GLU B 58 3.68 -9.63 11.41
C GLU B 58 4.29 -8.23 11.53
N MET B 59 3.45 -7.21 11.36
CA MET B 59 3.92 -5.84 11.47
C MET B 59 4.44 -5.57 12.87
N ARG B 60 3.80 -6.18 13.85
CA ARG B 60 4.20 -6.05 15.26
C ARG B 60 5.65 -6.47 15.43
N ARG B 61 6.00 -7.61 14.82
CA ARG B 61 7.36 -8.15 14.91
C ARG B 61 8.38 -7.18 14.32
N MET B 62 8.11 -6.66 13.12
CA MET B 62 8.99 -5.68 12.49
C MET B 62 9.15 -4.42 13.34
N ILE B 63 8.08 -4.01 14.01
CA ILE B 63 8.15 -2.86 14.90
C ILE B 63 9.09 -3.13 16.07
N VAL B 64 9.00 -4.34 16.62
CA VAL B 64 9.89 -4.78 17.70
C VAL B 64 11.34 -4.73 17.22
N GLU B 65 11.53 -5.09 15.95
CA GLU B 65 12.84 -5.08 15.30
C GLU B 65 13.36 -3.65 15.17
N GLY B 66 12.47 -2.69 15.37
CA GLY B 66 12.80 -1.28 15.23
C GLY B 66 13.14 -0.66 16.57
N SER B 67 13.33 -1.52 17.56
CA SER B 67 13.55 -1.10 18.94
C SER B 67 12.36 -0.29 19.46
N MET B 68 11.17 -0.79 19.18
CA MET B 68 9.94 -0.11 19.57
C MET B 68 9.04 -1.07 20.32
N ARG B 69 8.40 -0.58 21.37
CA ARG B 69 7.55 -1.40 22.21
C ARG B 69 6.15 -1.47 21.65
N VAL B 70 5.66 -2.67 21.42
CA VAL B 70 4.31 -2.86 20.90
C VAL B 70 3.48 -3.61 21.92
N GLU B 71 2.21 -3.23 22.03
CA GLU B 71 1.28 -3.96 22.87
C GLU B 71 0.09 -4.39 22.03
N GLN B 72 -0.32 -5.64 22.19
CA GLN B 72 -1.34 -6.23 21.36
C GLN B 72 -2.72 -5.77 21.80
N GLU B 73 -3.52 -5.35 20.83
CA GLU B 73 -4.87 -4.88 21.09
C GLU B 73 -5.82 -5.55 20.13
N GLU B 74 -7.04 -5.80 20.59
CA GLU B 74 -8.08 -6.36 19.75
C GLU B 74 -8.40 -5.44 18.57
N ASN B 75 -8.08 -4.17 18.72
CA ASN B 75 -8.36 -3.19 17.69
C ASN B 75 -7.12 -2.86 16.87
N GLY B 76 -6.00 -3.51 17.18
CA GLY B 76 -4.79 -3.28 16.42
C GLY B 76 -3.52 -3.33 17.25
N LEU B 77 -2.60 -2.42 16.97
CA LEU B 77 -1.32 -2.38 17.66
C LEU B 77 -1.05 -0.99 18.19
N LEU B 78 -0.63 -0.90 19.46
CA LEU B 78 -0.24 0.37 20.03
C LEU B 78 1.27 0.40 20.23
N VAL B 79 1.94 1.22 19.43
CA VAL B 79 3.40 1.30 19.46
C VAL B 79 3.89 2.51 20.24
N GLU B 80 4.84 2.29 21.16
CA GLU B 80 5.57 3.38 21.84
C GLU B 80 4.61 4.26 22.65
N ASP B 81 3.57 3.60 23.14
CA ASP B 81 2.52 4.19 23.96
C ASP B 81 1.70 5.21 23.19
N CYS B 82 2.04 5.42 21.92
CA CYS B 82 1.09 5.95 20.93
C CYS B 82 1.63 5.73 19.53
N VAL B 83 1.08 4.75 18.83
CA VAL B 83 0.75 4.81 17.42
C VAL B 83 -0.46 3.91 17.28
N TRP B 84 -1.47 4.26 16.53
CA TRP B 84 -2.55 3.29 16.39
C TRP B 84 -2.57 2.68 15.01
N ILE B 85 -2.49 1.35 14.96
CA ILE B 85 -2.53 0.65 13.69
C ILE B 85 -3.80 -0.17 13.62
N ARG B 86 -4.62 0.10 12.64
CA ARG B 86 -5.88 -0.59 12.46
C ARG B 86 -5.89 -1.33 11.13
N VAL B 87 -6.18 -2.62 11.18
CA VAL B 87 -6.15 -3.44 9.96
C VAL B 87 -7.55 -3.94 9.60
N SER B 88 -7.85 -3.87 8.32
CA SER B 88 -9.10 -4.37 7.79
C SER B 88 -8.80 -5.22 6.55
N GLY B 89 -9.76 -5.98 6.07
CA GLY B 89 -9.51 -6.86 4.94
C GLY B 89 -9.10 -6.10 3.69
N ASP B 90 -9.65 -4.91 3.52
CA ASP B 90 -9.39 -4.12 2.33
C ASP B 90 -8.23 -3.15 2.50
N GLY B 91 -7.75 -2.96 3.72
CA GLY B 91 -6.68 -2.00 3.91
C GLY B 91 -6.27 -1.79 5.35
N VAL B 92 -5.36 -0.85 5.54
CA VAL B 92 -4.79 -0.57 6.85
C VAL B 92 -4.83 0.93 7.12
N THR B 93 -5.03 1.29 8.37
CA THR B 93 -5.03 2.68 8.79
C THR B 93 -4.01 2.87 9.92
N ILE B 94 -3.23 3.92 9.83
CA ILE B 94 -2.21 4.21 10.82
C ILE B 94 -2.51 5.55 11.45
N ASP B 95 -2.32 5.66 12.76
CA ASP B 95 -2.62 6.89 13.45
C ASP B 95 -1.34 7.59 13.85
N GLY B 96 -1.24 8.79 13.31
CA GLY B 96 -0.07 9.64 13.34
C GLY B 96 -0.02 10.60 14.48
N ARG B 97 -0.98 10.52 15.39
CA ARG B 97 -1.24 11.62 16.30
C ARG B 97 -0.17 11.69 17.38
N ASP B 98 0.64 10.65 17.49
CA ASP B 98 1.87 10.73 18.26
C ASP B 98 2.95 11.39 17.43
N SER B 99 3.63 12.37 17.99
CA SER B 99 4.68 13.06 17.28
C SER B 99 5.95 12.21 17.22
N GLY B 100 6.46 11.99 16.01
CA GLY B 100 7.72 11.29 15.86
C GLY B 100 7.60 9.91 15.26
N VAL B 101 7.26 8.93 16.10
CA VAL B 101 7.39 7.51 15.74
C VAL B 101 6.41 7.05 14.66
N PHE B 102 5.49 7.92 14.27
CA PHE B 102 4.55 7.61 13.20
C PHE B 102 5.28 7.14 11.94
N TYR B 103 6.37 7.82 11.61
CA TYR B 103 7.12 7.52 10.39
C TYR B 103 7.75 6.14 10.45
N ALA B 104 8.14 5.71 11.65
CA ALA B 104 8.70 4.39 11.85
C ALA B 104 7.67 3.30 11.53
N VAL B 105 6.42 3.55 11.94
CA VAL B 105 5.34 2.59 11.75
C VAL B 105 4.98 2.45 10.28
N ARG B 106 4.86 3.56 9.59
CA ARG B 106 4.48 3.54 8.18
C ARG B 106 5.52 2.79 7.36
N ASP B 107 6.80 2.97 7.69
CA ASP B 107 7.87 2.23 7.05
C ASP B 107 7.73 0.72 7.26
N VAL B 108 7.28 0.33 8.45
CA VAL B 108 7.02 -1.07 8.75
C VAL B 108 5.97 -1.62 7.80
N VAL B 109 4.95 -0.83 7.54
CA VAL B 109 3.89 -1.22 6.64
C VAL B 109 4.40 -1.28 5.19
N TYR B 110 5.22 -0.29 4.80
CA TYR B 110 5.79 -0.30 3.44
C TYR B 110 6.72 -1.49 3.24
N ARG B 111 7.39 -1.90 4.30
CA ARG B 111 8.23 -3.10 4.25
C ARG B 111 7.37 -4.35 4.05
N SER B 112 6.07 -4.20 4.20
CA SER B 112 5.15 -5.32 4.05
C SER B 112 4.21 -5.09 2.87
N SER B 113 4.36 -3.96 2.18
CA SER B 113 3.51 -3.63 1.05
C SER B 113 4.32 -3.11 -0.14
N ALA B 114 3.66 -2.98 -1.29
CA ALA B 114 4.33 -2.50 -2.49
C ALA B 114 3.33 -1.91 -3.47
N PHE B 115 3.73 -0.81 -4.12
CA PHE B 115 2.89 -0.17 -5.13
C PHE B 115 3.13 -0.83 -6.49
N ILE B 116 2.15 -1.54 -7.00
CA ILE B 116 2.31 -2.19 -8.29
C ILE B 116 1.22 -1.78 -9.25
N GLY A 1 23.50 -20.94 -5.26
CA GLY A 1 22.96 -22.26 -5.68
C GLY A 1 21.76 -22.13 -6.58
N HIS A 2 20.67 -22.81 -6.23
CA HIS A 2 19.46 -22.77 -7.04
C HIS A 2 18.26 -22.33 -6.19
N MET A 3 18.41 -21.18 -5.54
CA MET A 3 17.33 -20.62 -4.72
C MET A 3 16.15 -20.25 -5.60
N LEU A 4 16.38 -19.36 -6.56
CA LEU A 4 15.35 -18.95 -7.49
C LEU A 4 15.23 -19.97 -8.62
N ALA A 5 14.04 -20.08 -9.20
CA ALA A 5 13.80 -21.02 -10.29
C ALA A 5 14.13 -20.38 -11.64
N LYS A 6 13.64 -20.99 -12.71
CA LYS A 6 13.81 -20.44 -14.05
C LYS A 6 13.09 -19.10 -14.13
N ASP A 7 13.75 -18.10 -14.69
CA ASP A 7 13.20 -16.75 -14.75
C ASP A 7 12.02 -16.66 -15.71
N ASN A 8 11.80 -17.71 -16.49
CA ASN A 8 10.75 -17.72 -17.48
C ASN A 8 9.66 -18.70 -17.11
N GLU A 9 9.82 -19.34 -15.95
CA GLU A 9 8.82 -20.29 -15.46
C GLU A 9 8.16 -19.68 -14.23
N ALA A 10 6.85 -19.80 -14.17
CA ALA A 10 6.09 -19.28 -13.05
C ALA A 10 4.88 -20.15 -12.82
N LYS A 11 4.27 -20.07 -11.65
CA LYS A 11 3.10 -20.86 -11.37
C LYS A 11 1.91 -19.93 -11.23
N ILE A 12 0.92 -20.10 -12.08
CA ILE A 12 -0.29 -19.32 -11.97
C ILE A 12 -1.47 -20.22 -11.70
N PHE A 13 -2.13 -20.06 -10.56
CA PHE A 13 -3.42 -20.73 -10.43
C PHE A 13 -4.47 -19.77 -9.92
N THR A 14 -5.14 -19.03 -10.79
CA THR A 14 -6.52 -18.59 -10.55
C THR A 14 -7.19 -18.31 -11.87
N GLY A 15 -8.41 -18.81 -12.07
CA GLY A 15 -9.38 -18.10 -12.90
C GLY A 15 -8.97 -17.93 -14.34
N VAL A 16 -8.03 -18.74 -14.85
CA VAL A 16 -7.19 -18.28 -15.95
C VAL A 16 -7.99 -18.15 -17.23
N GLU A 17 -7.91 -16.97 -17.85
CA GLU A 17 -8.83 -16.70 -18.95
C GLU A 17 -8.26 -15.60 -19.84
N GLY A 18 -7.78 -15.88 -21.08
CA GLY A 18 -8.03 -14.87 -22.11
C GLY A 18 -7.40 -13.55 -21.74
N GLU A 19 -8.17 -12.46 -21.82
CA GLU A 19 -7.73 -11.18 -21.28
C GLU A 19 -8.07 -11.07 -19.80
N PHE A 20 -7.08 -10.71 -19.00
CA PHE A 20 -7.28 -10.58 -17.56
C PHE A 20 -6.30 -9.56 -16.98
N GLU A 21 -6.64 -9.01 -15.83
CA GLU A 21 -5.71 -8.16 -15.10
C GLU A 21 -5.14 -8.98 -13.96
N GLY A 22 -3.84 -9.22 -13.98
CA GLY A 22 -3.24 -10.11 -13.02
C GLY A 22 -2.15 -9.46 -12.23
N ILE A 23 -1.56 -10.24 -11.33
CA ILE A 23 -0.47 -9.78 -10.51
C ILE A 23 0.60 -10.86 -10.45
N ILE A 24 1.84 -10.45 -10.37
CA ILE A 24 2.94 -11.39 -10.31
C ILE A 24 3.67 -11.27 -8.97
N ILE A 25 3.91 -12.41 -8.36
CA ILE A 25 4.60 -12.45 -7.08
C ILE A 25 5.80 -13.37 -7.19
N GLY A 26 6.96 -12.85 -6.88
CA GLY A 26 8.17 -13.63 -6.92
C GLY A 26 8.75 -13.75 -5.54
N THR A 27 9.08 -14.97 -5.12
CA THR A 27 9.61 -15.17 -3.80
C THR A 27 10.95 -15.87 -3.93
N GLU A 28 11.66 -16.05 -2.83
CA GLU A 28 12.94 -16.73 -2.86
C GLU A 28 12.81 -18.15 -3.41
N ASP A 29 11.63 -18.73 -3.25
CA ASP A 29 11.42 -20.11 -3.65
C ASP A 29 10.82 -20.24 -5.06
N ASP A 30 10.06 -19.24 -5.51
CA ASP A 30 9.28 -19.43 -6.75
C ASP A 30 8.54 -18.16 -7.17
N ILE A 31 8.11 -18.15 -8.43
CA ILE A 31 7.32 -17.06 -9.00
C ILE A 31 5.89 -17.55 -9.25
N ARG A 32 4.90 -16.81 -8.78
CA ARG A 32 3.50 -17.22 -8.91
C ARG A 32 2.65 -16.06 -9.42
N ILE A 33 1.64 -16.40 -10.22
CA ILE A 33 0.68 -15.42 -10.69
C ILE A 33 -0.73 -15.75 -10.21
N TYR A 34 -1.42 -14.71 -9.79
CA TYR A 34 -2.83 -14.77 -9.45
C TYR A 34 -3.54 -13.66 -10.22
N LYS A 35 -4.82 -13.82 -10.48
CA LYS A 35 -5.59 -12.80 -11.14
C LYS A 35 -5.94 -11.73 -10.11
N ARG A 36 -5.83 -10.45 -10.44
CA ARG A 36 -6.06 -9.40 -9.45
C ARG A 36 -7.41 -9.56 -8.75
N ASP A 37 -8.39 -10.00 -9.52
CA ASP A 37 -9.77 -10.10 -9.05
C ASP A 37 -9.91 -11.31 -8.14
N GLU A 38 -9.01 -12.24 -8.33
CA GLU A 38 -9.02 -13.49 -7.61
C GLU A 38 -8.15 -13.38 -6.37
N LEU A 39 -7.16 -12.47 -6.42
CA LEU A 39 -6.11 -12.38 -5.42
C LEU A 39 -6.66 -11.96 -4.06
N ILE A 40 -7.74 -11.19 -4.08
CA ILE A 40 -8.26 -10.61 -2.86
C ILE A 40 -8.71 -11.70 -1.88
N GLU A 41 -8.95 -12.89 -2.40
CA GLU A 41 -9.37 -14.02 -1.57
C GLU A 41 -8.20 -14.72 -0.89
N SER A 42 -7.00 -14.53 -1.40
CA SER A 42 -5.80 -15.17 -0.85
C SER A 42 -5.23 -14.44 0.35
N LYS A 43 -4.35 -15.14 1.04
CA LYS A 43 -3.57 -14.60 2.17
C LYS A 43 -2.79 -13.33 1.78
N TYR A 44 -2.83 -12.99 0.49
CA TYR A 44 -2.23 -11.76 0.00
C TYR A 44 -3.38 -10.94 -0.56
N LYS A 45 -3.42 -9.63 -0.35
CA LYS A 45 -4.56 -8.87 -0.80
C LYS A 45 -4.18 -7.42 -1.08
N GLU A 46 -5.02 -6.74 -1.86
CA GLU A 46 -4.90 -5.31 -2.02
C GLU A 46 -5.30 -4.68 -0.70
N MET A 47 -4.42 -3.88 -0.14
CA MET A 47 -4.69 -3.31 1.16
C MET A 47 -4.73 -1.80 1.10
N CYS A 48 -5.82 -1.25 1.61
CA CYS A 48 -5.94 0.19 1.72
C CYS A 48 -5.35 0.62 3.05
N ILE A 49 -4.32 1.43 2.98
CA ILE A 49 -3.62 1.86 4.16
C ILE A 49 -3.83 3.35 4.37
N TYR A 50 -4.34 3.70 5.54
CA TYR A 50 -4.72 5.06 5.83
C TYR A 50 -3.81 5.65 6.90
N GLU A 51 -3.16 6.74 6.54
CA GLU A 51 -2.27 7.41 7.45
C GLU A 51 -2.97 8.62 8.05
N ARG A 52 -2.83 8.81 9.33
CA ARG A 52 -3.47 9.94 9.99
C ARG A 52 -2.44 10.88 10.61
N GLN A 53 -2.35 12.09 10.11
CA GLN A 53 -1.42 13.08 10.67
C GLN A 53 -2.17 14.18 11.39
N ARG A 54 -1.81 14.41 12.65
CA ARG A 54 -2.33 15.53 13.40
C ARG A 54 -1.37 16.71 13.34
N ILE A 55 -1.85 17.83 12.82
CA ILE A 55 -1.04 19.01 12.65
C ILE A 55 -1.56 20.16 13.52
N PRO A 56 -0.73 20.64 14.47
CA PRO A 56 -1.06 21.83 15.28
C PRO A 56 -1.25 23.06 14.40
N TYR A 57 -2.32 23.81 14.63
CA TYR A 57 -2.68 24.91 13.76
C TYR A 57 -3.20 26.10 14.57
N ASN A 58 -2.90 27.30 14.10
CA ASN A 58 -3.38 28.52 14.75
C ASN A 58 -4.43 29.22 13.89
N SER A 59 -4.59 28.75 12.65
CA SER A 59 -5.49 29.39 11.71
C SER A 59 -6.85 28.68 11.70
N THR A 60 -7.79 29.27 10.96
CA THR A 60 -9.16 28.77 10.89
C THR A 60 -9.39 27.92 9.65
N ALA A 61 -10.55 27.27 9.55
CA ALA A 61 -10.85 26.41 8.41
C ALA A 61 -10.83 27.20 7.09
N VAL A 62 -11.45 28.37 7.10
CA VAL A 62 -11.44 29.25 5.93
C VAL A 62 -10.01 29.62 5.54
N LEU A 63 -9.18 29.87 6.55
CA LEU A 63 -7.80 30.22 6.31
C LEU A 63 -7.04 29.01 5.75
N LEU A 64 -7.42 27.83 6.21
CA LEU A 64 -6.83 26.58 5.73
C LEU A 64 -7.04 26.42 4.23
N LYS A 65 -8.29 26.57 3.80
CA LYS A 65 -8.61 26.48 2.38
C LYS A 65 -7.80 27.50 1.58
N GLN A 66 -7.62 28.67 2.16
CA GLN A 66 -6.92 29.74 1.48
C GLN A 66 -5.45 29.38 1.30
N VAL A 67 -4.81 28.97 2.39
CA VAL A 67 -3.42 28.51 2.31
C VAL A 67 -3.26 27.31 1.40
N LEU A 68 -4.20 26.38 1.44
CA LEU A 68 -4.16 25.22 0.55
C LEU A 68 -4.25 25.66 -0.91
N VAL A 69 -5.19 26.55 -1.22
CA VAL A 69 -5.36 27.06 -2.60
C VAL A 69 -4.09 27.70 -3.14
N ASP A 70 -3.34 28.35 -2.25
CA ASP A 70 -2.08 29.00 -2.66
C ASP A 70 -1.09 27.97 -3.17
N GLY A 71 -1.06 26.81 -2.55
CA GLY A 71 -0.18 25.75 -3.00
C GLY A 71 -0.79 24.83 -4.03
N PHE A 72 -2.11 24.68 -4.01
CA PHE A 72 -2.75 23.57 -4.71
C PHE A 72 -3.41 23.87 -6.03
N GLU A 73 -3.81 22.76 -6.63
CA GLU A 73 -4.38 22.83 -7.97
C GLU A 73 -5.87 22.49 -7.85
N GLU A 74 -5.99 21.38 -7.11
CA GLU A 74 -7.18 20.55 -7.00
C GLU A 74 -8.01 20.69 -5.72
N LEU A 75 -7.85 21.74 -4.91
CA LEU A 75 -8.51 21.72 -3.60
C LEU A 75 -10.02 21.81 -3.74
N VAL A 76 -10.72 20.80 -3.23
CA VAL A 76 -12.17 20.76 -3.27
C VAL A 76 -12.74 20.61 -1.87
N GLU A 77 -13.86 21.25 -1.60
CA GLU A 77 -14.52 21.12 -0.31
C GLU A 77 -15.50 19.97 -0.32
N VAL A 78 -15.58 19.27 0.80
CA VAL A 78 -16.54 18.20 0.98
C VAL A 78 -17.35 18.44 2.25
N GLU A 79 -18.37 17.64 2.48
CA GLU A 79 -19.30 17.87 3.58
C GLU A 79 -18.58 17.95 4.93
N SER A 80 -17.63 17.05 5.13
CA SER A 80 -16.98 16.92 6.43
C SER A 80 -15.70 17.76 6.54
N GLY A 81 -15.20 18.24 5.41
CA GLY A 81 -13.86 18.80 5.40
C GLY A 81 -13.43 19.20 4.01
N PHE A 82 -12.13 19.15 3.76
CA PHE A 82 -11.59 19.47 2.44
C PHE A 82 -10.91 18.25 1.89
N MET A 83 -10.87 18.12 0.58
CA MET A 83 -10.21 16.98 -0.04
C MET A 83 -9.18 17.47 -1.05
N VAL A 84 -7.92 17.17 -0.80
CA VAL A 84 -6.88 17.41 -1.76
C VAL A 84 -6.36 16.10 -2.31
N GLY A 85 -6.67 15.82 -3.56
CA GLY A 85 -6.36 14.54 -4.14
C GLY A 85 -7.16 13.44 -3.48
N ASN A 86 -6.47 12.48 -2.87
CA ASN A 86 -7.14 11.43 -2.11
C ASN A 86 -6.89 11.61 -0.62
N VAL A 87 -6.50 12.82 -0.24
CA VAL A 87 -6.22 13.13 1.15
C VAL A 87 -7.35 13.98 1.75
N HIS A 88 -7.96 13.46 2.81
CA HIS A 88 -9.06 14.17 3.46
C HIS A 88 -8.57 14.99 4.64
N ILE A 89 -8.92 16.26 4.60
CA ILE A 89 -8.45 17.25 5.56
C ILE A 89 -9.62 17.73 6.43
N VAL A 90 -9.48 17.60 7.74
CA VAL A 90 -10.50 18.12 8.65
C VAL A 90 -9.86 18.90 9.79
N LEU A 91 -10.49 20.02 10.14
CA LEU A 91 -9.98 20.85 11.22
C LEU A 91 -10.81 20.60 12.48
N SER A 92 -10.11 20.33 13.56
CA SER A 92 -10.73 20.04 14.83
C SER A 92 -10.12 20.93 15.91
N GLY A 93 -10.81 22.00 16.25
CA GLY A 93 -10.27 22.97 17.17
C GLY A 93 -9.08 23.70 16.57
N GLN A 94 -7.91 23.52 17.17
CA GLN A 94 -6.69 24.13 16.66
C GLN A 94 -5.78 23.04 16.10
N GLU A 95 -6.34 21.88 15.82
CA GLU A 95 -5.59 20.76 15.27
C GLU A 95 -6.21 20.32 13.95
N VAL A 96 -5.40 20.10 12.92
CA VAL A 96 -5.93 19.50 11.71
C VAL A 96 -5.61 18.02 11.70
N VAL A 97 -6.60 17.21 11.38
CA VAL A 97 -6.39 15.79 11.24
C VAL A 97 -6.40 15.43 9.77
N LEU A 98 -5.40 14.68 9.35
CA LEU A 98 -5.23 14.34 7.96
C LEU A 98 -5.44 12.84 7.75
N GLU A 99 -6.19 12.48 6.72
CA GLU A 99 -6.41 11.09 6.36
C GLU A 99 -5.71 10.92 5.04
N TRP A 100 -4.87 9.93 4.95
CA TRP A 100 -3.71 10.02 4.12
C TRP A 100 -3.49 8.68 3.46
N LYS A 101 -2.89 8.66 2.29
CA LYS A 101 -2.67 7.38 1.62
C LYS A 101 -1.21 6.95 1.75
N SER A 102 -1.06 5.65 1.90
CA SER A 102 0.22 4.95 1.97
C SER A 102 1.13 5.20 0.78
N SER A 103 0.64 5.90 -0.24
CA SER A 103 1.26 5.76 -1.54
C SER A 103 1.99 7.06 -1.83
N TYR A 104 3.26 6.93 -2.22
CA TYR A 104 4.19 8.06 -2.24
C TYR A 104 3.65 9.24 -3.05
N THR A 105 2.91 8.95 -4.11
CA THR A 105 2.32 9.99 -4.94
C THR A 105 1.31 10.83 -4.15
N ASP A 106 0.46 10.13 -3.40
CA ASP A 106 -0.51 10.78 -2.54
C ASP A 106 0.18 11.48 -1.39
N ASP A 107 1.26 10.88 -0.91
CA ASP A 107 2.16 11.55 0.03
C ASP A 107 2.70 12.85 -0.55
N VAL A 108 2.96 12.88 -1.84
CA VAL A 108 3.54 14.08 -2.44
C VAL A 108 2.59 15.28 -2.32
N LEU A 109 1.34 15.11 -2.74
CA LEU A 109 0.38 16.22 -2.59
C LEU A 109 0.02 16.46 -1.12
N ALA A 110 -0.10 15.38 -0.37
CA ALA A 110 -0.39 15.45 1.06
C ALA A 110 0.71 16.17 1.85
N ILE A 111 1.96 15.95 1.47
CA ILE A 111 3.07 16.66 2.09
C ILE A 111 2.92 18.16 1.85
N SER A 112 2.48 18.50 0.65
CA SER A 112 2.20 19.88 0.33
C SER A 112 1.11 20.42 1.27
N ILE A 113 0.14 19.58 1.62
CA ILE A 113 -0.88 19.96 2.59
C ILE A 113 -0.25 20.26 3.94
N SER A 114 0.59 19.33 4.39
CA SER A 114 1.25 19.43 5.68
C SER A 114 2.07 20.72 5.81
N LYS A 115 2.74 21.14 4.75
CA LYS A 115 3.56 22.35 4.81
C LYS A 115 2.66 23.58 4.89
N MET A 116 1.52 23.51 4.21
CA MET A 116 0.57 24.62 4.18
C MET A 116 0.00 24.91 5.57
N ILE A 117 -0.36 23.85 6.28
CA ILE A 117 -0.90 24.00 7.62
C ILE A 117 0.20 24.30 8.64
N SER A 118 1.40 23.81 8.37
CA SER A 118 2.50 23.97 9.31
C SER A 118 3.20 25.32 9.12
N ASP A 119 3.05 25.91 7.95
CA ASP A 119 3.68 27.19 7.66
C ASP A 119 2.65 28.31 7.68
N MET B 1 0.24 -30.14 -5.54
CA MET B 1 -0.86 -29.32 -6.11
C MET B 1 -2.01 -30.22 -6.56
N SER B 2 -3.20 -29.92 -6.08
CA SER B 2 -4.40 -30.66 -6.46
C SER B 2 -5.19 -29.88 -7.50
N ASP B 3 -5.40 -28.61 -7.22
CA ASP B 3 -6.11 -27.73 -8.14
C ASP B 3 -5.15 -27.16 -9.16
N VAL B 4 -4.77 -27.97 -10.13
CA VAL B 4 -3.80 -27.57 -11.14
C VAL B 4 -4.47 -26.72 -12.21
N SER B 5 -4.95 -25.55 -11.80
CA SER B 5 -5.52 -24.56 -12.70
C SER B 5 -4.69 -24.41 -13.97
N MET B 6 -3.42 -24.03 -13.81
CA MET B 6 -2.53 -23.90 -14.96
C MET B 6 -1.11 -24.27 -14.57
N GLY B 7 -0.62 -23.71 -13.48
CA GLY B 7 0.68 -24.11 -12.99
C GLY B 7 1.80 -23.34 -13.67
N MET B 8 2.74 -24.07 -14.27
CA MET B 8 3.94 -23.45 -14.79
C MET B 8 3.71 -22.89 -16.19
N VAL B 9 3.94 -21.60 -16.30
CA VAL B 9 3.76 -20.87 -17.54
C VAL B 9 4.99 -20.03 -17.84
N LYS B 10 5.07 -19.51 -19.05
CA LYS B 10 6.18 -18.67 -19.45
C LYS B 10 5.81 -17.20 -19.34
N LEU B 11 6.64 -16.44 -18.65
CA LEU B 11 6.42 -15.00 -18.52
C LEU B 11 7.03 -14.32 -19.74
N ASP B 12 6.27 -13.43 -20.38
CA ASP B 12 6.76 -12.78 -21.59
C ASP B 12 7.69 -11.62 -21.27
N LYS B 13 8.33 -11.12 -22.31
CA LYS B 13 9.30 -10.02 -22.21
C LYS B 13 8.68 -8.77 -21.61
N GLY B 14 7.35 -8.62 -21.73
CA GLY B 14 6.71 -7.40 -21.31
C GLY B 14 6.77 -7.19 -19.82
N PHE B 15 6.78 -8.27 -19.06
CA PHE B 15 6.81 -8.20 -17.61
C PHE B 15 8.05 -7.46 -17.11
N ASP B 16 9.14 -7.55 -17.86
CA ASP B 16 10.40 -6.92 -17.47
C ASP B 16 10.27 -5.40 -17.42
N ALA B 17 9.23 -4.87 -18.06
CA ALA B 17 9.01 -3.44 -18.10
C ALA B 17 8.16 -2.98 -16.91
N LEU B 18 7.53 -3.93 -16.22
CA LEU B 18 6.69 -3.62 -15.07
C LEU B 18 7.50 -3.02 -13.93
N ASN B 19 6.83 -2.23 -13.12
CA ASN B 19 7.48 -1.57 -11.99
C ASN B 19 7.51 -2.48 -10.77
N TYR B 20 8.49 -3.37 -10.75
CA TYR B 20 8.65 -4.30 -9.63
C TYR B 20 9.01 -3.57 -8.35
N ARG B 21 8.32 -3.92 -7.27
CA ARG B 21 8.64 -3.42 -5.93
C ARG B 21 8.65 -4.61 -4.99
N ALA B 22 9.44 -4.54 -3.92
CA ALA B 22 9.69 -5.74 -3.11
C ALA B 22 9.15 -5.64 -1.69
N ILE B 23 8.30 -6.59 -1.35
CA ILE B 23 7.93 -6.82 0.04
C ILE B 23 8.94 -7.76 0.67
N GLY B 24 9.60 -7.35 1.75
CA GLY B 24 10.56 -8.24 2.40
C GLY B 24 11.62 -8.76 1.44
N THR B 25 11.47 -10.02 1.05
CA THR B 25 12.39 -10.65 0.10
C THR B 25 11.66 -11.00 -1.20
N ASP B 26 10.36 -10.75 -1.19
CA ASP B 26 9.49 -11.05 -2.31
C ASP B 26 9.38 -9.85 -3.24
N SER B 27 9.20 -10.09 -4.53
CA SER B 27 8.97 -9.01 -5.48
C SER B 27 7.57 -9.11 -6.05
N VAL B 28 6.86 -8.00 -6.12
CA VAL B 28 5.48 -8.00 -6.60
C VAL B 28 5.28 -6.96 -7.69
N ALA B 29 4.32 -7.23 -8.58
CA ALA B 29 3.96 -6.29 -9.64
C ALA B 29 2.54 -6.57 -10.14
N SER B 30 1.93 -5.58 -10.75
CA SER B 30 0.59 -5.73 -11.30
C SER B 30 0.65 -5.48 -12.80
N PHE B 31 -0.21 -6.14 -13.54
CA PHE B 31 -0.17 -6.06 -14.99
C PHE B 31 -1.52 -6.33 -15.61
N ARG B 32 -1.70 -5.87 -16.84
CA ARG B 32 -2.83 -6.25 -17.64
C ARG B 32 -2.32 -7.22 -18.69
N GLY B 33 -2.88 -8.43 -18.76
CA GLY B 33 -2.28 -9.43 -19.59
C GLY B 33 -3.27 -10.36 -20.24
N VAL B 34 -2.80 -11.11 -21.21
CA VAL B 34 -3.60 -12.14 -21.85
C VAL B 34 -2.92 -13.50 -21.68
N ARG B 35 -3.67 -14.47 -21.20
CA ARG B 35 -3.13 -15.81 -21.06
C ARG B 35 -3.62 -16.65 -22.23
N ASP B 36 -2.67 -17.06 -23.06
CA ASP B 36 -2.92 -17.91 -24.20
C ASP B 36 -1.98 -19.11 -24.15
N GLY B 37 -2.52 -20.27 -23.80
CA GLY B 37 -1.70 -21.47 -23.74
C GLY B 37 -0.83 -21.52 -22.51
N ASP B 38 0.44 -21.80 -22.72
CA ASP B 38 1.40 -21.84 -21.63
C ASP B 38 2.09 -20.51 -21.49
N MET B 39 1.64 -19.51 -22.24
CA MET B 39 2.27 -18.21 -22.19
C MET B 39 1.37 -17.18 -21.52
N VAL B 40 1.95 -16.45 -20.59
CA VAL B 40 1.30 -15.28 -20.00
C VAL B 40 1.97 -14.04 -20.55
N ARG B 41 1.17 -13.14 -21.11
CA ARG B 41 1.70 -12.02 -21.84
C ARG B 41 1.09 -10.71 -21.33
N CYS B 42 1.92 -9.71 -21.08
CA CYS B 42 1.42 -8.43 -20.59
C CYS B 42 1.08 -7.53 -21.77
N ILE B 43 -0.13 -6.98 -21.76
CA ILE B 43 -0.55 -6.07 -22.83
C ILE B 43 -0.25 -4.63 -22.46
N GLY B 44 0.13 -4.42 -21.20
CA GLY B 44 0.48 -3.09 -20.74
C GLY B 44 0.24 -2.92 -19.25
N GLU B 45 0.57 -1.75 -18.74
CA GLU B 45 0.37 -1.44 -17.33
C GLU B 45 -1.00 -0.82 -17.13
N GLY B 46 -1.41 -0.64 -15.89
CA GLY B 46 -2.72 -0.08 -15.63
C GLY B 46 -2.99 0.12 -14.15
N PRO B 47 -3.11 -0.97 -13.38
CA PRO B 47 -3.39 -0.90 -11.94
C PRO B 47 -2.24 -0.30 -11.15
N ARG B 48 -2.58 0.29 -10.02
CA ARG B 48 -1.59 0.84 -9.09
C ARG B 48 -2.16 0.81 -7.68
N MET B 49 -1.97 -0.30 -6.98
CA MET B 49 -2.59 -0.46 -5.67
C MET B 49 -1.67 -1.19 -4.71
N VAL B 50 -1.50 -0.58 -3.55
CA VAL B 50 -0.79 -1.20 -2.43
C VAL B 50 -1.31 -2.62 -2.17
N ILE B 51 -0.44 -3.61 -2.23
CA ILE B 51 -0.79 -4.96 -1.81
C ILE B 51 0.17 -5.41 -0.74
N GLY B 52 -0.22 -6.39 0.04
CA GLY B 52 0.68 -6.90 1.05
C GLY B 52 0.06 -7.98 1.90
N HIS B 53 0.73 -8.29 2.99
CA HIS B 53 0.28 -9.29 3.93
C HIS B 53 0.38 -8.71 5.33
N ALA B 54 -0.67 -8.89 6.13
CA ALA B 54 -0.64 -8.32 7.47
C ALA B 54 -0.22 -9.37 8.48
N ASP B 55 0.96 -9.20 9.03
CA ASP B 55 1.43 -10.06 10.12
C ASP B 55 1.74 -9.20 11.33
N ILE B 56 0.94 -9.36 12.37
CA ILE B 56 1.09 -8.56 13.57
C ILE B 56 2.43 -8.82 14.26
N ASN B 57 2.88 -10.07 14.20
CA ASN B 57 4.12 -10.47 14.87
C ASN B 57 5.32 -9.82 14.20
N GLU B 58 5.35 -9.88 12.87
CA GLU B 58 6.46 -9.32 12.10
C GLU B 58 6.52 -7.81 12.26
N MET B 59 5.35 -7.16 12.26
CA MET B 59 5.33 -5.71 12.35
C MET B 59 5.82 -5.29 13.73
N ARG B 60 5.31 -5.95 14.77
CA ARG B 60 5.74 -5.68 16.14
C ARG B 60 7.24 -5.87 16.28
N ARG B 61 7.75 -6.99 15.76
CA ARG B 61 9.17 -7.31 15.85
C ARG B 61 10.00 -6.24 15.15
N MET B 62 9.55 -5.83 13.97
CA MET B 62 10.22 -4.77 13.22
C MET B 62 10.26 -3.47 14.03
N ILE B 63 9.20 -3.19 14.76
CA ILE B 63 9.14 -2.02 15.62
C ILE B 63 10.13 -2.15 16.77
N VAL B 64 10.13 -3.31 17.42
CA VAL B 64 11.06 -3.59 18.51
C VAL B 64 12.50 -3.53 18.00
N GLU B 65 12.69 -3.91 16.73
CA GLU B 65 14.00 -3.86 16.08
C GLU B 65 14.48 -2.42 15.93
N GLY B 66 13.55 -1.48 16.09
CA GLY B 66 13.87 -0.07 15.99
C GLY B 66 14.07 0.54 17.36
N SER B 67 14.16 -0.36 18.35
CA SER B 67 14.28 0.02 19.75
C SER B 67 13.03 0.78 20.22
N MET B 68 11.88 0.19 19.96
CA MET B 68 10.61 0.79 20.34
C MET B 68 9.76 -0.22 21.09
N ARG B 69 9.10 0.23 22.15
CA ARG B 69 8.26 -0.65 22.96
C ARG B 69 6.85 -0.71 22.39
N VAL B 70 6.35 -1.92 22.17
CA VAL B 70 5.05 -2.12 21.54
C VAL B 70 4.10 -2.86 22.48
N GLU B 71 2.82 -2.55 22.40
CA GLU B 71 1.81 -3.29 23.13
C GLU B 71 0.94 -4.09 22.18
N GLN B 72 0.65 -5.33 22.55
CA GLN B 72 -0.22 -6.20 21.78
C GLN B 72 -1.67 -5.84 22.07
N GLU B 73 -2.42 -5.48 21.03
CA GLU B 73 -3.79 -5.07 21.19
C GLU B 73 -4.67 -5.71 20.12
N GLU B 74 -5.94 -5.93 20.46
CA GLU B 74 -6.92 -6.47 19.52
C GLU B 74 -7.10 -5.54 18.33
N ASN B 75 -6.71 -4.29 18.51
CA ASN B 75 -6.84 -3.30 17.46
C ASN B 75 -5.57 -3.20 16.64
N GLY B 76 -4.56 -3.98 17.01
CA GLY B 76 -3.30 -3.94 16.30
C GLY B 76 -2.12 -3.76 17.24
N LEU B 77 -1.31 -2.74 16.98
CA LEU B 77 -0.11 -2.50 17.77
C LEU B 77 -0.02 -1.04 18.20
N LEU B 78 0.23 -0.83 19.47
CA LEU B 78 0.44 0.52 20.02
C LEU B 78 1.88 0.70 20.49
N VAL B 79 2.56 1.74 20.01
CA VAL B 79 3.84 2.12 20.61
C VAL B 79 3.59 3.19 21.68
N GLU B 80 4.21 3.00 22.86
CA GLU B 80 4.05 3.83 24.11
C GLU B 80 3.71 5.34 23.92
N ASP B 81 2.47 5.62 23.52
CA ASP B 81 1.97 7.03 23.41
C ASP B 81 2.64 7.61 22.19
N CYS B 82 2.70 6.68 21.29
CA CYS B 82 3.42 6.60 20.08
C CYS B 82 2.42 5.82 19.24
N VAL B 83 2.74 5.40 18.07
CA VAL B 83 1.82 5.47 16.96
C VAL B 83 1.19 4.10 16.73
N TRP B 84 -0.07 4.10 16.27
CA TRP B 84 -0.91 2.92 16.33
C TRP B 84 -0.95 2.23 14.97
N ILE B 85 -1.09 0.91 15.01
CA ILE B 85 -1.33 0.14 13.80
C ILE B 85 -2.66 -0.58 13.95
N ARG B 86 -3.58 -0.33 13.05
CA ARG B 86 -4.87 -1.02 13.06
C ARG B 86 -4.90 -2.06 11.95
N VAL B 87 -5.38 -3.25 12.26
CA VAL B 87 -5.40 -4.31 11.28
C VAL B 87 -6.83 -4.51 10.76
N SER B 88 -7.00 -4.35 9.47
CA SER B 88 -8.30 -4.45 8.84
C SER B 88 -8.26 -5.48 7.71
N GLY B 89 -9.41 -6.09 7.44
CA GLY B 89 -9.49 -7.07 6.38
C GLY B 89 -9.40 -6.42 5.01
N ASP B 90 -9.51 -5.10 4.98
CA ASP B 90 -9.40 -4.35 3.74
C ASP B 90 -8.05 -3.63 3.66
N GLY B 91 -7.34 -3.58 4.79
CA GLY B 91 -6.03 -2.94 4.80
C GLY B 91 -5.56 -2.58 6.19
N VAL B 92 -4.88 -1.45 6.30
CA VAL B 92 -4.28 -1.03 7.56
C VAL B 92 -4.53 0.46 7.79
N THR B 93 -4.81 0.85 9.02
CA THR B 93 -4.93 2.25 9.37
C THR B 93 -3.88 2.59 10.45
N ILE B 94 -3.13 3.64 10.23
CA ILE B 94 -2.11 4.07 11.17
C ILE B 94 -2.51 5.41 11.78
N ASP B 95 -2.36 5.55 13.08
CA ASP B 95 -2.80 6.78 13.73
C ASP B 95 -1.60 7.58 14.23
N GLY B 96 -1.57 8.81 13.75
CA GLY B 96 -0.47 9.74 13.95
C GLY B 96 -0.66 10.65 15.16
N ARG B 97 -1.76 10.48 15.88
CA ARG B 97 -2.17 11.49 16.84
C ARG B 97 -1.32 11.43 18.09
N ASP B 98 -0.68 10.29 18.30
CA ASP B 98 0.38 10.19 19.28
C ASP B 98 1.68 10.69 18.65
N SER B 99 2.37 11.58 19.35
CA SER B 99 3.55 12.23 18.79
C SER B 99 4.77 11.30 18.76
N GLY B 100 5.47 11.31 17.63
CA GLY B 100 6.70 10.53 17.50
C GLY B 100 6.46 9.12 17.01
N VAL B 101 7.45 8.55 16.33
CA VAL B 101 7.42 7.15 15.88
C VAL B 101 6.57 6.95 14.61
N PHE B 102 5.89 8.01 14.16
CA PHE B 102 4.98 7.90 13.02
C PHE B 102 5.70 7.41 11.76
N TYR B 103 6.85 8.00 11.48
CA TYR B 103 7.64 7.60 10.31
C TYR B 103 8.06 6.14 10.42
N ALA B 104 8.38 5.71 11.64
CA ALA B 104 8.87 4.36 11.88
C ALA B 104 7.79 3.34 11.59
N VAL B 105 6.57 3.64 12.02
CA VAL B 105 5.44 2.73 11.80
C VAL B 105 5.18 2.53 10.32
N ARG B 106 5.21 3.62 9.56
CA ARG B 106 4.98 3.56 8.12
C ARG B 106 6.01 2.67 7.46
N ASP B 107 7.28 2.83 7.86
CA ASP B 107 8.37 2.02 7.32
C ASP B 107 8.12 0.54 7.58
N VAL B 108 7.66 0.21 8.77
CA VAL B 108 7.39 -1.17 9.14
C VAL B 108 6.33 -1.80 8.25
N VAL B 109 5.23 -1.08 8.06
CA VAL B 109 4.12 -1.59 7.28
C VAL B 109 4.51 -1.79 5.82
N TYR B 110 5.29 -0.86 5.28
CA TYR B 110 5.71 -0.92 3.88
C TYR B 110 6.74 -2.04 3.67
N ARG B 111 7.37 -2.49 4.74
CA ARG B 111 8.23 -3.66 4.66
C ARG B 111 7.42 -4.95 4.54
N SER B 112 6.11 -4.84 4.78
CA SER B 112 5.21 -5.98 4.64
C SER B 112 4.18 -5.73 3.52
N SER B 113 4.34 -4.62 2.83
CA SER B 113 3.47 -4.27 1.71
C SER B 113 4.27 -3.66 0.56
N ALA B 114 3.64 -3.48 -0.60
CA ALA B 114 4.30 -2.89 -1.76
C ALA B 114 3.29 -2.23 -2.67
N PHE B 115 3.74 -1.22 -3.40
CA PHE B 115 2.85 -0.44 -4.25
C PHE B 115 2.94 -0.98 -5.68
N ILE B 116 1.87 -1.56 -6.20
CA ILE B 116 1.91 -2.03 -7.56
C ILE B 116 0.85 -1.36 -8.41
N GLY A 1 17.09 -23.90 -11.57
CA GLY A 1 16.23 -23.38 -10.49
C GLY A 1 17.03 -22.95 -9.27
N HIS A 2 17.43 -21.69 -9.25
CA HIS A 2 18.22 -21.15 -8.14
C HIS A 2 17.42 -21.21 -6.86
N MET A 3 16.28 -20.52 -6.86
CA MET A 3 15.38 -20.52 -5.72
C MET A 3 14.00 -20.07 -6.15
N LEU A 4 13.95 -19.32 -7.25
CA LEU A 4 12.69 -18.90 -7.85
C LEU A 4 12.22 -19.96 -8.85
N ALA A 5 12.52 -21.23 -8.54
CA ALA A 5 12.33 -22.32 -9.49
C ALA A 5 13.00 -21.99 -10.81
N LYS A 6 12.53 -22.60 -11.90
CA LYS A 6 12.97 -22.16 -13.21
C LYS A 6 12.50 -20.72 -13.42
N ASP A 7 13.42 -19.83 -13.77
CA ASP A 7 13.14 -18.40 -13.80
C ASP A 7 12.17 -18.04 -14.91
N ASN A 8 11.86 -19.02 -15.76
CA ASN A 8 10.89 -18.82 -16.84
C ASN A 8 9.59 -19.56 -16.54
N GLU A 9 9.56 -20.24 -15.41
CA GLU A 9 8.39 -21.00 -14.99
C GLU A 9 7.78 -20.35 -13.77
N ALA A 10 6.47 -20.26 -13.77
CA ALA A 10 5.73 -19.67 -12.68
C ALA A 10 4.50 -20.50 -12.43
N LYS A 11 3.93 -20.37 -11.26
CA LYS A 11 2.75 -21.11 -10.93
C LYS A 11 1.61 -20.14 -10.72
N ILE A 12 0.56 -20.27 -11.50
CA ILE A 12 -0.53 -19.32 -11.43
C ILE A 12 -1.83 -20.05 -11.19
N PHE A 13 -2.51 -19.77 -10.10
CA PHE A 13 -3.80 -20.40 -9.93
C PHE A 13 -4.87 -19.41 -9.54
N THR A 14 -5.55 -18.78 -10.50
CA THR A 14 -7.00 -18.51 -10.44
C THR A 14 -7.55 -18.25 -11.83
N GLY A 15 -8.65 -18.87 -12.22
CA GLY A 15 -9.59 -18.25 -13.14
C GLY A 15 -9.08 -17.96 -14.56
N VAL A 16 -7.85 -18.34 -14.91
CA VAL A 16 -7.25 -17.64 -16.05
C VAL A 16 -7.37 -18.42 -17.36
N GLU A 17 -8.21 -17.94 -18.27
CA GLU A 17 -8.00 -18.17 -19.69
C GLU A 17 -8.13 -16.86 -20.46
N GLY A 18 -7.17 -16.56 -21.33
CA GLY A 18 -7.28 -15.38 -22.17
C GLY A 18 -6.72 -14.15 -21.50
N GLU A 19 -7.43 -13.04 -21.63
CA GLU A 19 -6.97 -11.75 -21.12
C GLU A 19 -7.37 -11.57 -19.65
N PHE A 20 -6.41 -11.12 -18.86
CA PHE A 20 -6.65 -10.87 -17.45
C PHE A 20 -5.73 -9.78 -16.93
N GLU A 21 -6.16 -9.11 -15.87
CA GLU A 21 -5.32 -8.19 -15.15
C GLU A 21 -4.82 -8.92 -13.91
N GLY A 22 -3.51 -9.12 -13.81
CA GLY A 22 -3.00 -9.96 -12.76
C GLY A 22 -1.83 -9.35 -12.02
N ILE A 23 -1.31 -10.11 -11.08
CA ILE A 23 -0.19 -9.69 -10.27
C ILE A 23 0.81 -10.83 -10.16
N ILE A 24 2.08 -10.51 -10.08
CA ILE A 24 3.11 -11.52 -10.00
C ILE A 24 3.82 -11.43 -8.66
N ILE A 25 3.96 -12.56 -8.00
CA ILE A 25 4.62 -12.61 -6.71
C ILE A 25 5.76 -13.61 -6.79
N GLY A 26 6.94 -13.19 -6.37
CA GLY A 26 8.06 -14.09 -6.34
C GLY A 26 8.58 -14.22 -4.94
N THR A 27 8.76 -15.44 -4.47
CA THR A 27 9.20 -15.66 -3.11
C THR A 27 10.47 -16.48 -3.15
N GLU A 28 11.11 -16.65 -2.01
CA GLU A 28 12.36 -17.40 -1.94
C GLU A 28 12.18 -18.84 -2.41
N ASP A 29 10.93 -19.29 -2.49
CA ASP A 29 10.64 -20.66 -2.89
C ASP A 29 9.94 -20.76 -4.24
N ASP A 30 9.19 -19.74 -4.63
CA ASP A 30 8.22 -19.91 -5.71
C ASP A 30 7.83 -18.60 -6.39
N ILE A 31 7.62 -18.66 -7.71
CA ILE A 31 7.03 -17.55 -8.47
C ILE A 31 5.58 -17.88 -8.76
N ARG A 32 4.65 -17.04 -8.31
CA ARG A 32 3.24 -17.36 -8.42
C ARG A 32 2.45 -16.16 -8.95
N ILE A 33 1.50 -16.45 -9.84
CA ILE A 33 0.63 -15.40 -10.38
C ILE A 33 -0.79 -15.61 -9.89
N TYR A 34 -1.43 -14.50 -9.55
CA TYR A 34 -2.85 -14.48 -9.21
C TYR A 34 -3.56 -13.54 -10.15
N LYS A 35 -4.82 -13.83 -10.43
CA LYS A 35 -5.64 -12.93 -11.23
C LYS A 35 -6.13 -11.85 -10.27
N ARG A 36 -5.90 -10.58 -10.61
CA ARG A 36 -6.13 -9.47 -9.68
C ARG A 36 -7.59 -9.40 -9.23
N ASP A 37 -8.49 -9.89 -10.06
CA ASP A 37 -9.92 -9.85 -9.77
C ASP A 37 -10.24 -10.95 -8.77
N GLU A 38 -9.37 -11.94 -8.77
CA GLU A 38 -9.49 -13.10 -7.90
C GLU A 38 -8.68 -12.85 -6.63
N LEU A 39 -7.68 -11.97 -6.75
CA LEU A 39 -6.66 -11.77 -5.73
C LEU A 39 -7.26 -11.19 -4.46
N ILE A 40 -8.30 -10.40 -4.63
CA ILE A 40 -8.93 -9.72 -3.52
C ILE A 40 -9.43 -10.72 -2.48
N GLU A 41 -9.75 -11.92 -2.95
CA GLU A 41 -10.27 -12.98 -2.10
C GLU A 41 -9.16 -13.78 -1.42
N SER A 42 -7.93 -13.71 -1.92
CA SER A 42 -6.82 -14.47 -1.36
C SER A 42 -6.20 -13.78 -0.16
N LYS A 43 -5.45 -14.56 0.62
CA LYS A 43 -4.70 -14.08 1.78
C LYS A 43 -3.73 -12.95 1.40
N TYR A 44 -3.62 -12.64 0.12
CA TYR A 44 -2.82 -11.50 -0.31
C TYR A 44 -3.75 -10.56 -1.04
N LYS A 45 -3.62 -9.26 -0.84
CA LYS A 45 -4.57 -8.33 -1.43
C LYS A 45 -3.95 -6.96 -1.62
N GLU A 46 -4.57 -6.12 -2.45
CA GLU A 46 -4.20 -4.72 -2.50
C GLU A 46 -4.60 -4.11 -1.17
N MET A 47 -3.66 -3.47 -0.51
CA MET A 47 -3.94 -2.95 0.81
C MET A 47 -3.83 -1.44 0.81
N CYS A 48 -4.89 -0.81 1.28
CA CYS A 48 -4.94 0.62 1.32
C CYS A 48 -4.36 1.12 2.63
N ILE A 49 -3.30 1.89 2.54
CA ILE A 49 -2.66 2.44 3.70
C ILE A 49 -3.17 3.84 3.93
N TYR A 50 -3.88 4.05 5.03
CA TYR A 50 -4.38 5.35 5.36
C TYR A 50 -3.55 5.93 6.47
N GLU A 51 -2.96 7.06 6.19
CA GLU A 51 -2.08 7.70 7.14
C GLU A 51 -2.82 8.88 7.75
N ARG A 52 -2.72 9.00 9.04
CA ARG A 52 -3.38 10.07 9.72
C ARG A 52 -2.39 10.95 10.46
N GLN A 53 -2.27 12.18 10.01
CA GLN A 53 -1.45 13.15 10.71
C GLN A 53 -2.34 14.18 11.38
N ARG A 54 -2.23 14.27 12.69
CA ARG A 54 -2.91 15.29 13.43
C ARG A 54 -1.94 16.44 13.68
N ILE A 55 -2.31 17.62 13.23
CA ILE A 55 -1.39 18.76 13.20
C ILE A 55 -1.91 19.88 14.09
N PRO A 56 -1.12 20.30 15.10
CA PRO A 56 -1.51 21.43 15.95
C PRO A 56 -1.64 22.71 15.15
N TYR A 57 -2.77 23.38 15.29
CA TYR A 57 -3.08 24.55 14.48
C TYR A 57 -3.97 25.51 15.25
N ASN A 58 -3.47 26.72 15.54
CA ASN A 58 -4.27 27.75 16.23
C ASN A 58 -5.06 28.61 15.23
N SER A 59 -5.14 28.18 14.00
CA SER A 59 -5.85 28.94 12.98
C SER A 59 -7.26 28.39 12.78
N THR A 60 -8.05 29.07 11.97
CA THR A 60 -9.43 28.68 11.78
C THR A 60 -9.60 27.83 10.51
N ALA A 61 -10.76 27.22 10.35
CA ALA A 61 -11.03 26.39 9.18
C ALA A 61 -11.01 27.23 7.91
N VAL A 62 -11.58 28.43 8.01
CA VAL A 62 -11.56 29.38 6.90
C VAL A 62 -10.13 29.69 6.50
N LEU A 63 -9.26 29.80 7.48
CA LEU A 63 -7.84 30.09 7.22
C LEU A 63 -7.17 28.89 6.58
N LEU A 64 -7.56 27.69 7.00
CA LEU A 64 -6.99 26.46 6.46
C LEU A 64 -7.32 26.33 4.97
N LYS A 65 -8.59 26.49 4.64
CA LYS A 65 -9.03 26.47 3.25
C LYS A 65 -8.30 27.54 2.45
N GLN A 66 -8.08 28.67 3.10
CA GLN A 66 -7.45 29.81 2.44
C GLN A 66 -6.00 29.46 2.09
N VAL A 67 -5.26 28.98 3.08
CA VAL A 67 -3.89 28.53 2.85
C VAL A 67 -3.84 27.36 1.88
N LEU A 68 -4.80 26.44 1.96
CA LEU A 68 -4.85 25.33 1.02
C LEU A 68 -5.07 25.85 -0.40
N VAL A 69 -6.00 26.80 -0.57
CA VAL A 69 -6.22 27.42 -1.88
C VAL A 69 -4.95 28.07 -2.43
N ASP A 70 -4.14 28.61 -1.53
CA ASP A 70 -2.90 29.27 -1.95
C ASP A 70 -1.95 28.27 -2.61
N GLY A 71 -1.92 27.06 -2.08
CA GLY A 71 -1.12 26.01 -2.69
C GLY A 71 -1.87 25.19 -3.72
N PHE A 72 -3.19 25.15 -3.59
CA PHE A 72 -4.02 24.23 -4.36
C PHE A 72 -5.15 24.93 -5.10
N GLU A 73 -5.00 25.05 -6.41
CA GLU A 73 -6.11 25.50 -7.26
C GLU A 73 -7.22 24.45 -7.29
N GLU A 74 -6.84 23.20 -6.98
CA GLU A 74 -7.76 22.08 -7.07
C GLU A 74 -8.39 21.74 -5.72
N LEU A 75 -8.25 22.63 -4.74
CA LEU A 75 -8.86 22.40 -3.44
C LEU A 75 -10.38 22.33 -3.56
N VAL A 76 -10.95 21.21 -3.16
CA VAL A 76 -12.40 21.04 -3.18
C VAL A 76 -12.93 21.03 -1.76
N GLU A 77 -13.86 21.92 -1.48
CA GLU A 77 -14.50 21.95 -0.18
C GLU A 77 -15.63 20.93 -0.13
N VAL A 78 -15.75 20.21 0.97
CA VAL A 78 -16.81 19.24 1.14
C VAL A 78 -17.58 19.53 2.42
N GLU A 79 -18.71 18.87 2.60
CA GLU A 79 -19.58 19.15 3.73
C GLU A 79 -18.85 18.95 5.07
N SER A 80 -18.00 17.93 5.12
CA SER A 80 -17.34 17.56 6.35
C SER A 80 -15.86 17.91 6.35
N GLY A 81 -15.45 18.94 5.60
CA GLY A 81 -14.04 19.26 5.56
C GLY A 81 -13.58 19.72 4.19
N PHE A 82 -12.30 19.56 3.93
CA PHE A 82 -11.72 19.93 2.65
C PHE A 82 -11.08 18.69 2.04
N MET A 83 -11.08 18.59 0.73
CA MET A 83 -10.44 17.47 0.07
C MET A 83 -9.44 17.95 -0.97
N VAL A 84 -8.18 17.62 -0.76
CA VAL A 84 -7.14 17.89 -1.73
C VAL A 84 -6.70 16.58 -2.36
N GLY A 85 -7.08 16.38 -3.62
CA GLY A 85 -6.85 15.10 -4.25
C GLY A 85 -7.70 14.02 -3.60
N ASN A 86 -7.08 12.98 -3.08
CA ASN A 86 -7.80 11.96 -2.34
C ASN A 86 -7.56 12.11 -0.84
N VAL A 87 -6.90 13.19 -0.45
CA VAL A 87 -6.59 13.44 0.95
C VAL A 87 -7.70 14.27 1.59
N HIS A 88 -8.31 13.73 2.64
CA HIS A 88 -9.38 14.42 3.34
C HIS A 88 -8.84 15.16 4.54
N ILE A 89 -9.11 16.46 4.56
CA ILE A 89 -8.61 17.36 5.58
C ILE A 89 -9.77 17.89 6.41
N VAL A 90 -9.68 17.79 7.72
CA VAL A 90 -10.71 18.37 8.58
C VAL A 90 -10.07 19.02 9.81
N LEU A 91 -10.62 20.16 10.22
CA LEU A 91 -10.11 20.87 11.37
C LEU A 91 -10.93 20.51 12.60
N SER A 92 -10.25 20.13 13.66
CA SER A 92 -10.92 19.66 14.85
C SER A 92 -10.28 20.32 16.07
N GLY A 93 -10.95 21.34 16.60
CA GLY A 93 -10.38 22.08 17.71
C GLY A 93 -9.11 22.81 17.33
N GLN A 94 -8.01 22.43 17.96
CA GLN A 94 -6.72 23.04 17.68
C GLN A 94 -5.80 22.09 16.92
N GLU A 95 -6.39 21.09 16.29
CA GLU A 95 -5.63 20.16 15.47
C GLU A 95 -6.32 19.92 14.13
N VAL A 96 -5.55 19.71 13.07
CA VAL A 96 -6.10 19.30 11.80
C VAL A 96 -5.89 17.81 11.62
N VAL A 97 -6.90 17.11 11.17
CA VAL A 97 -6.78 15.70 10.92
C VAL A 97 -6.55 15.46 9.43
N LEU A 98 -5.42 14.84 9.13
CA LEU A 98 -5.09 14.46 7.78
C LEU A 98 -5.35 12.98 7.58
N GLU A 99 -6.21 12.66 6.61
CA GLU A 99 -6.52 11.29 6.26
C GLU A 99 -5.95 11.11 4.90
N TRP A 100 -5.17 10.09 4.73
CA TRP A 100 -4.14 10.12 3.74
C TRP A 100 -4.27 8.87 2.88
N LYS A 101 -4.12 9.03 1.59
CA LYS A 101 -4.52 8.00 0.65
C LYS A 101 -3.36 7.07 0.30
N SER A 102 -3.74 5.91 -0.19
CA SER A 102 -2.86 4.82 -0.55
C SER A 102 -1.92 5.16 -1.72
N SER A 103 -2.16 6.26 -2.41
CA SER A 103 -1.61 6.40 -3.75
C SER A 103 -0.40 7.34 -3.73
N TYR A 104 0.58 7.06 -4.57
CA TYR A 104 1.84 7.81 -4.57
C TYR A 104 1.60 9.31 -4.72
N THR A 105 0.81 9.65 -5.74
CA THR A 105 0.50 11.02 -6.05
C THR A 105 -0.14 11.73 -4.86
N ASP A 106 -1.04 11.02 -4.17
CA ASP A 106 -1.77 11.60 -3.05
C ASP A 106 -0.84 12.02 -1.92
N ASP A 107 0.20 11.24 -1.68
CA ASP A 107 1.23 11.66 -0.74
C ASP A 107 1.87 12.96 -1.15
N VAL A 108 2.17 13.09 -2.42
CA VAL A 108 2.87 14.27 -2.91
C VAL A 108 2.08 15.57 -2.65
N LEU A 109 0.80 15.59 -3.02
CA LEU A 109 -0.03 16.77 -2.73
C LEU A 109 -0.30 16.92 -1.24
N ALA A 110 -0.45 15.80 -0.56
CA ALA A 110 -0.62 15.78 0.88
C ALA A 110 0.60 16.35 1.61
N ILE A 111 1.78 16.12 1.06
CA ILE A 111 3.00 16.74 1.59
C ILE A 111 2.87 18.25 1.50
N SER A 112 2.33 18.72 0.38
CA SER A 112 2.05 20.11 0.21
C SER A 112 1.02 20.58 1.26
N ILE A 113 0.05 19.72 1.57
CA ILE A 113 -0.94 20.04 2.60
C ILE A 113 -0.26 20.26 3.94
N SER A 114 0.61 19.34 4.31
CA SER A 114 1.35 19.42 5.56
C SER A 114 2.14 20.73 5.70
N LYS A 115 2.70 21.23 4.59
CA LYS A 115 3.46 22.47 4.66
C LYS A 115 2.53 23.68 4.84
N MET A 116 1.30 23.55 4.33
CA MET A 116 0.33 24.64 4.42
C MET A 116 0.03 24.95 5.87
N ILE A 117 -0.21 23.90 6.65
CA ILE A 117 -0.56 24.03 8.06
C ILE A 117 0.69 24.19 8.93
N SER A 118 1.79 23.61 8.50
CA SER A 118 3.03 23.69 9.25
C SER A 118 4.25 23.60 8.32
N ASP A 119 4.94 24.70 8.17
CA ASP A 119 6.14 24.73 7.35
C ASP A 119 7.32 24.17 8.14
N MET B 1 -14.44 -33.18 -13.85
CA MET B 1 -15.17 -33.05 -15.13
C MET B 1 -14.46 -32.07 -16.04
N SER B 2 -14.21 -30.87 -15.53
CA SER B 2 -13.47 -29.87 -16.27
C SER B 2 -12.12 -29.63 -15.60
N ASP B 3 -11.05 -29.74 -16.37
CA ASP B 3 -9.71 -29.57 -15.83
C ASP B 3 -9.34 -28.10 -15.75
N VAL B 4 -10.07 -27.38 -14.92
CA VAL B 4 -9.89 -25.96 -14.75
C VAL B 4 -8.66 -25.68 -13.89
N SER B 5 -7.51 -25.58 -14.54
CA SER B 5 -6.26 -25.29 -13.85
C SER B 5 -5.33 -24.51 -14.77
N MET B 6 -4.38 -23.80 -14.17
CA MET B 6 -3.35 -23.11 -14.92
C MET B 6 -1.99 -23.70 -14.56
N GLY B 7 -1.52 -23.40 -13.35
CA GLY B 7 -0.32 -24.07 -12.87
C GLY B 7 0.97 -23.44 -13.37
N MET B 8 1.88 -24.26 -13.89
CA MET B 8 3.18 -23.78 -14.30
C MET B 8 3.11 -23.23 -15.71
N VAL B 9 3.49 -21.98 -15.83
CA VAL B 9 3.42 -21.27 -17.10
C VAL B 9 4.75 -20.58 -17.37
N LYS B 10 4.90 -20.08 -18.58
CA LYS B 10 6.11 -19.38 -18.96
C LYS B 10 5.90 -17.88 -18.89
N LEU B 11 6.79 -17.19 -18.20
CA LEU B 11 6.70 -15.74 -18.06
C LEU B 11 7.33 -15.05 -19.26
N ASP B 12 6.63 -14.08 -19.83
CA ASP B 12 7.13 -13.37 -21.00
C ASP B 12 8.09 -12.25 -20.61
N LYS B 13 8.82 -11.81 -21.63
CA LYS B 13 9.84 -10.77 -21.52
C LYS B 13 9.28 -9.47 -20.97
N GLY B 14 7.98 -9.24 -21.13
CA GLY B 14 7.42 -7.93 -20.83
C GLY B 14 7.38 -7.66 -19.34
N PHE B 15 7.24 -8.72 -18.55
CA PHE B 15 7.17 -8.58 -17.10
C PHE B 15 8.44 -7.93 -16.56
N ASP B 16 9.55 -8.15 -17.25
CA ASP B 16 10.84 -7.60 -16.82
C ASP B 16 10.85 -6.06 -16.86
N ALA B 17 9.84 -5.48 -17.50
CA ALA B 17 9.74 -4.03 -17.60
C ALA B 17 8.88 -3.45 -16.47
N LEU B 18 8.20 -4.32 -15.73
CA LEU B 18 7.36 -3.89 -14.61
C LEU B 18 8.20 -3.28 -13.50
N ASN B 19 7.58 -2.41 -12.72
CA ASN B 19 8.24 -1.77 -11.60
C ASN B 19 8.16 -2.64 -10.36
N TYR B 20 9.05 -3.62 -10.26
CA TYR B 20 9.06 -4.56 -9.16
C TYR B 20 9.46 -3.90 -7.85
N ARG B 21 8.68 -4.17 -6.82
CA ARG B 21 9.05 -3.79 -5.46
C ARG B 21 9.04 -5.04 -4.61
N ALA B 22 9.78 -5.04 -3.51
CA ALA B 22 9.88 -6.23 -2.70
C ALA B 22 9.30 -6.02 -1.31
N ILE B 23 8.28 -6.80 -0.99
CA ILE B 23 7.75 -6.89 0.35
C ILE B 23 8.52 -7.95 1.11
N GLY B 24 9.12 -7.63 2.25
CA GLY B 24 9.82 -8.63 3.03
C GLY B 24 10.90 -9.34 2.22
N THR B 25 10.57 -10.54 1.75
CA THR B 25 11.48 -11.32 0.92
C THR B 25 10.87 -11.58 -0.47
N ASP B 26 9.60 -11.25 -0.61
CA ASP B 26 8.89 -11.51 -1.86
C ASP B 26 8.96 -10.30 -2.78
N SER B 27 8.87 -10.53 -4.07
CA SER B 27 8.85 -9.45 -5.04
C SER B 27 7.49 -9.43 -5.73
N VAL B 28 6.91 -8.24 -5.84
CA VAL B 28 5.57 -8.10 -6.36
C VAL B 28 5.53 -7.11 -7.53
N ALA B 29 4.59 -7.32 -8.44
CA ALA B 29 4.37 -6.41 -9.56
C ALA B 29 2.96 -6.57 -10.11
N SER B 30 2.43 -5.50 -10.70
CA SER B 30 1.09 -5.49 -11.25
C SER B 30 1.15 -5.36 -12.75
N PHE B 31 0.32 -6.12 -13.46
CA PHE B 31 0.44 -6.20 -14.90
C PHE B 31 -0.89 -6.57 -15.56
N ARG B 32 -0.96 -6.34 -16.85
CA ARG B 32 -2.05 -6.86 -17.66
C ARG B 32 -1.49 -7.88 -18.62
N GLY B 33 -2.08 -9.07 -18.65
CA GLY B 33 -1.48 -10.14 -19.42
C GLY B 33 -2.51 -11.06 -20.04
N VAL B 34 -2.06 -11.86 -20.98
CA VAL B 34 -2.90 -12.86 -21.60
C VAL B 34 -2.29 -14.25 -21.46
N ARG B 35 -3.12 -15.21 -21.10
CA ARG B 35 -2.69 -16.60 -21.05
C ARG B 35 -3.14 -17.32 -22.30
N ASP B 36 -2.19 -17.75 -23.10
CA ASP B 36 -2.47 -18.57 -24.26
C ASP B 36 -1.71 -19.88 -24.11
N GLY B 37 -2.41 -20.93 -23.69
CA GLY B 37 -1.75 -22.20 -23.47
C GLY B 37 -0.97 -22.18 -22.18
N ASP B 38 0.29 -22.55 -22.25
CA ASP B 38 1.16 -22.52 -21.08
C ASP B 38 2.00 -21.25 -21.09
N MET B 39 1.62 -20.31 -21.93
CA MET B 39 2.37 -19.07 -22.08
C MET B 39 1.61 -17.90 -21.48
N VAL B 40 2.30 -17.11 -20.67
CA VAL B 40 1.74 -15.88 -20.11
C VAL B 40 2.49 -14.69 -20.70
N ARG B 41 1.76 -13.79 -21.31
CA ARG B 41 2.35 -12.70 -22.06
C ARG B 41 1.75 -11.36 -21.62
N CYS B 42 2.59 -10.37 -21.40
CA CYS B 42 2.16 -9.09 -20.90
C CYS B 42 1.74 -8.19 -22.05
N ILE B 43 0.56 -7.61 -21.95
CA ILE B 43 0.10 -6.68 -22.95
C ILE B 43 0.48 -5.25 -22.54
N GLY B 44 0.85 -5.11 -21.28
CA GLY B 44 1.27 -3.82 -20.76
C GLY B 44 1.18 -3.77 -19.26
N GLU B 45 1.68 -2.70 -18.68
CA GLU B 45 1.64 -2.52 -17.24
C GLU B 45 0.25 -2.08 -16.80
N GLY B 46 -0.19 -2.58 -15.67
CA GLY B 46 -1.54 -2.31 -15.21
C GLY B 46 -1.59 -1.18 -14.21
N PRO B 47 -2.48 -1.27 -13.22
CA PRO B 47 -2.63 -0.24 -12.21
C PRO B 47 -1.48 -0.25 -11.21
N ARG B 48 -0.98 0.94 -10.88
CA ARG B 48 0.07 1.05 -9.88
C ARG B 48 -0.56 1.25 -8.51
N MET B 49 -0.63 0.17 -7.76
CA MET B 49 -1.42 0.13 -6.54
C MET B 49 -0.73 -0.70 -5.46
N VAL B 50 -0.78 -0.19 -4.24
CA VAL B 50 -0.28 -0.89 -3.06
C VAL B 50 -0.86 -2.29 -2.96
N ILE B 51 -0.01 -3.31 -2.92
CA ILE B 51 -0.47 -4.64 -2.51
C ILE B 51 0.43 -5.15 -1.41
N GLY B 52 -0.08 -6.05 -0.59
CA GLY B 52 0.73 -6.58 0.48
C GLY B 52 -0.02 -7.58 1.32
N HIS B 53 0.57 -7.89 2.46
CA HIS B 53 0.00 -8.82 3.41
C HIS B 53 0.19 -8.26 4.81
N ALA B 54 -0.86 -8.29 5.61
CA ALA B 54 -0.78 -7.70 6.93
C ALA B 54 -0.58 -8.79 7.98
N ASP B 55 0.61 -8.81 8.56
CA ASP B 55 0.90 -9.71 9.66
C ASP B 55 1.28 -8.91 10.90
N ILE B 56 0.52 -9.11 11.97
CA ILE B 56 0.73 -8.37 13.21
C ILE B 56 2.11 -8.68 13.82
N ASN B 57 2.50 -9.94 13.79
CA ASN B 57 3.78 -10.34 14.37
C ASN B 57 4.95 -9.82 13.55
N GLU B 58 4.86 -9.94 12.23
CA GLU B 58 5.93 -9.49 11.35
C GLU B 58 6.16 -7.99 11.47
N MET B 59 5.08 -7.22 11.59
CA MET B 59 5.21 -5.78 11.76
C MET B 59 5.89 -5.47 13.09
N ARG B 60 5.43 -6.14 14.15
CA ARG B 60 6.02 -5.98 15.47
C ARG B 60 7.50 -6.35 15.46
N ARG B 61 7.80 -7.47 14.82
CA ARG B 61 9.16 -7.98 14.72
C ARG B 61 10.07 -6.95 14.07
N MET B 62 9.63 -6.40 12.95
CA MET B 62 10.37 -5.36 12.24
C MET B 62 10.59 -4.13 13.12
N ILE B 63 9.58 -3.75 13.91
CA ILE B 63 9.70 -2.61 14.81
C ILE B 63 10.75 -2.89 15.88
N VAL B 64 10.69 -4.08 16.46
CA VAL B 64 11.67 -4.52 17.46
C VAL B 64 13.08 -4.52 16.85
N GLU B 65 13.14 -4.83 15.56
CA GLU B 65 14.40 -4.90 14.82
C GLU B 65 15.05 -3.51 14.72
N GLY B 66 14.28 -2.46 14.98
CA GLY B 66 14.82 -1.11 14.94
C GLY B 66 15.16 -0.63 16.34
N SER B 67 15.09 -1.55 17.28
CA SER B 67 15.25 -1.26 18.71
C SER B 67 14.12 -0.35 19.22
N MET B 68 12.88 -0.75 18.92
CA MET B 68 11.72 -0.01 19.38
C MET B 68 10.77 -0.96 20.11
N ARG B 69 10.28 -0.53 21.26
CA ARG B 69 9.35 -1.34 22.03
C ARG B 69 7.98 -1.36 21.38
N VAL B 70 7.44 -2.55 21.20
CA VAL B 70 6.12 -2.74 20.61
C VAL B 70 5.19 -3.37 21.62
N GLU B 71 3.98 -2.84 21.72
CA GLU B 71 2.98 -3.40 22.62
C GLU B 71 1.75 -3.81 21.83
N GLN B 72 1.19 -4.95 22.19
CA GLN B 72 0.10 -5.55 21.43
C GLN B 72 -1.26 -5.16 22.00
N GLU B 73 -2.12 -4.67 21.13
CA GLU B 73 -3.50 -4.32 21.48
C GLU B 73 -4.43 -4.89 20.41
N GLU B 74 -5.70 -5.08 20.76
CA GLU B 74 -6.68 -5.59 19.81
C GLU B 74 -6.87 -4.61 18.64
N ASN B 75 -6.44 -3.37 18.85
CA ASN B 75 -6.56 -2.35 17.82
C ASN B 75 -5.35 -2.39 16.88
N GLY B 76 -4.28 -3.06 17.32
CA GLY B 76 -3.10 -3.16 16.50
C GLY B 76 -1.82 -3.22 17.31
N LEU B 77 -0.88 -2.32 16.99
CA LEU B 77 0.41 -2.30 17.67
C LEU B 77 0.76 -0.89 18.15
N LEU B 78 1.32 -0.81 19.37
CA LEU B 78 1.79 0.46 19.93
C LEU B 78 3.31 0.57 19.89
N VAL B 79 3.80 1.65 19.31
CA VAL B 79 5.23 2.01 19.34
C VAL B 79 5.48 3.14 20.38
N GLU B 80 6.67 3.17 20.98
CA GLU B 80 7.24 4.33 21.79
C GLU B 80 6.49 5.73 21.75
N ASP B 81 5.18 5.69 21.96
CA ASP B 81 4.33 6.82 22.43
C ASP B 81 3.90 7.95 21.44
N CYS B 82 4.15 7.91 20.11
CA CYS B 82 3.14 8.49 19.14
C CYS B 82 3.29 7.94 17.71
N VAL B 83 2.61 6.81 17.40
CA VAL B 83 1.86 6.43 16.20
C VAL B 83 1.03 5.16 16.53
N TRP B 84 -0.26 5.08 16.21
CA TRP B 84 -0.95 3.80 16.39
C TRP B 84 -1.06 3.07 15.06
N ILE B 85 -1.07 1.74 15.13
CA ILE B 85 -1.24 0.92 13.95
C ILE B 85 -2.56 0.17 14.07
N ARG B 86 -3.46 0.42 13.13
CA ARG B 86 -4.74 -0.25 13.12
C ARG B 86 -4.79 -1.26 11.98
N VAL B 87 -5.24 -2.47 12.28
CA VAL B 87 -5.22 -3.54 11.30
C VAL B 87 -6.62 -3.79 10.75
N SER B 88 -6.77 -3.75 9.45
CA SER B 88 -8.05 -3.95 8.81
C SER B 88 -7.88 -4.75 7.51
N GLY B 89 -8.96 -5.37 7.06
CA GLY B 89 -8.90 -6.19 5.86
C GLY B 89 -8.83 -5.36 4.60
N ASP B 90 -9.08 -4.06 4.74
CA ASP B 90 -8.95 -3.13 3.63
C ASP B 90 -7.56 -2.52 3.61
N GLY B 91 -6.87 -2.61 4.73
CA GLY B 91 -5.52 -2.09 4.83
C GLY B 91 -5.15 -1.69 6.23
N VAL B 92 -4.38 -0.62 6.35
CA VAL B 92 -3.87 -0.18 7.65
C VAL B 92 -4.10 1.31 7.84
N THR B 93 -4.56 1.68 9.02
CA THR B 93 -4.68 3.08 9.40
C THR B 93 -3.57 3.43 10.40
N ILE B 94 -2.80 4.44 10.06
CA ILE B 94 -1.69 4.87 10.90
C ILE B 94 -2.06 6.20 11.56
N ASP B 95 -1.83 6.33 12.86
CA ASP B 95 -2.19 7.54 13.60
C ASP B 95 -0.94 8.27 14.06
N GLY B 96 -0.89 9.58 13.85
CA GLY B 96 0.34 10.33 14.04
C GLY B 96 0.59 10.79 15.47
N ARG B 97 -0.44 11.23 16.17
CA ARG B 97 -0.27 11.79 17.52
C ARG B 97 -0.58 10.75 18.59
N ASP B 98 -1.28 9.72 18.19
CA ASP B 98 -1.61 8.62 19.07
C ASP B 98 -0.36 7.78 19.27
N SER B 99 -0.09 7.33 20.51
CA SER B 99 1.17 6.63 20.86
C SER B 99 1.65 5.52 19.87
N GLY B 100 2.99 5.51 19.66
CA GLY B 100 3.70 4.71 18.60
C GLY B 100 5.00 5.44 18.16
N VAL B 101 5.43 5.30 16.89
CA VAL B 101 6.53 6.11 16.32
C VAL B 101 6.41 6.23 14.80
N PHE B 102 6.43 7.45 14.27
CA PHE B 102 6.07 7.69 12.86
C PHE B 102 6.95 6.94 11.88
N TYR B 103 8.22 7.30 11.84
CA TYR B 103 9.15 6.69 10.89
C TYR B 103 9.30 5.21 11.17
N ALA B 104 9.12 4.83 12.42
CA ALA B 104 9.19 3.43 12.82
C ALA B 104 8.04 2.65 12.17
N VAL B 105 6.84 3.20 12.27
CA VAL B 105 5.65 2.55 11.74
C VAL B 105 5.62 2.60 10.23
N ARG B 106 5.87 3.77 9.68
CA ARG B 106 5.74 3.98 8.25
C ARG B 106 6.68 3.05 7.49
N ASP B 107 7.93 3.01 7.92
CA ASP B 107 8.92 2.12 7.33
C ASP B 107 8.52 0.66 7.44
N VAL B 108 8.06 0.24 8.62
CA VAL B 108 7.63 -1.15 8.81
C VAL B 108 6.45 -1.52 7.92
N VAL B 109 5.43 -0.66 7.90
CA VAL B 109 4.24 -0.94 7.11
C VAL B 109 4.58 -1.04 5.63
N TYR B 110 5.43 -0.14 5.15
CA TYR B 110 5.86 -0.16 3.75
C TYR B 110 6.71 -1.39 3.44
N ARG B 111 7.30 -1.98 4.47
CA ARG B 111 8.00 -3.26 4.31
C ARG B 111 7.02 -4.43 4.22
N SER B 112 5.76 -4.18 4.54
CA SER B 112 4.73 -5.21 4.46
C SER B 112 3.83 -4.95 3.23
N SER B 113 4.12 -3.87 2.53
CA SER B 113 3.33 -3.45 1.39
C SER B 113 4.24 -3.00 0.25
N ALA B 114 3.68 -2.76 -0.92
CA ALA B 114 4.47 -2.29 -2.05
C ALA B 114 3.62 -1.57 -3.08
N PHE B 115 4.15 -0.47 -3.61
CA PHE B 115 3.50 0.25 -4.69
C PHE B 115 3.90 -0.36 -6.03
N ILE B 116 2.97 -1.01 -6.70
CA ILE B 116 3.30 -1.66 -7.96
C ILE B 116 2.34 -1.27 -9.05
N GLY A 1 7.12 -23.95 -6.38
CA GLY A 1 8.60 -24.01 -6.26
C GLY A 1 9.05 -24.15 -4.82
N HIS A 2 10.22 -24.72 -4.62
CA HIS A 2 10.81 -24.84 -3.29
C HIS A 2 11.75 -23.67 -3.03
N MET A 3 12.44 -23.27 -4.07
CA MET A 3 13.33 -22.12 -4.03
C MET A 3 13.36 -21.49 -5.41
N LEU A 4 13.58 -20.18 -5.45
CA LEU A 4 13.64 -19.46 -6.71
C LEU A 4 14.74 -20.03 -7.60
N ALA A 5 14.51 -20.00 -8.90
CA ALA A 5 15.44 -20.54 -9.87
C ALA A 5 15.26 -19.83 -11.20
N LYS A 6 14.34 -20.35 -12.00
CA LYS A 6 13.97 -19.70 -13.26
C LYS A 6 13.31 -18.36 -12.99
N ASP A 7 13.76 -17.33 -13.68
CA ASP A 7 13.10 -16.03 -13.62
C ASP A 7 11.97 -16.00 -14.63
N ASN A 8 11.85 -17.06 -15.43
CA ASN A 8 10.85 -17.11 -16.49
C ASN A 8 9.75 -18.10 -16.14
N GLU A 9 9.93 -18.82 -15.05
CA GLU A 9 8.92 -19.79 -14.60
C GLU A 9 8.12 -19.17 -13.49
N ALA A 10 6.82 -19.33 -13.58
CA ALA A 10 5.93 -18.87 -12.54
C ALA A 10 4.76 -19.81 -12.45
N LYS A 11 4.06 -19.78 -11.34
CA LYS A 11 2.91 -20.65 -11.19
C LYS A 11 1.69 -19.78 -11.07
N ILE A 12 0.78 -19.92 -11.99
CA ILE A 12 -0.42 -19.13 -11.98
C ILE A 12 -1.62 -20.05 -11.84
N PHE A 13 -2.37 -19.87 -10.78
CA PHE A 13 -3.58 -20.69 -10.65
C PHE A 13 -4.80 -19.84 -10.33
N THR A 14 -5.51 -19.35 -11.32
CA THR A 14 -6.98 -19.23 -11.30
C THR A 14 -7.50 -19.06 -12.70
N GLY A 15 -8.51 -19.80 -13.13
CA GLY A 15 -9.54 -19.26 -14.02
C GLY A 15 -9.09 -18.75 -15.39
N VAL A 16 -7.82 -18.88 -15.76
CA VAL A 16 -7.33 -17.98 -16.81
C VAL A 16 -7.33 -18.61 -18.19
N GLU A 17 -8.25 -18.18 -19.06
CA GLU A 17 -8.01 -18.28 -20.48
C GLU A 17 -8.24 -16.94 -21.15
N GLY A 18 -7.21 -16.40 -21.79
CA GLY A 18 -7.39 -15.17 -22.55
C GLY A 18 -6.89 -13.95 -21.82
N GLU A 19 -7.65 -12.87 -21.91
CA GLU A 19 -7.24 -11.59 -21.36
C GLU A 19 -7.68 -11.43 -19.90
N PHE A 20 -6.77 -10.93 -19.09
CA PHE A 20 -7.03 -10.70 -17.68
C PHE A 20 -6.13 -9.60 -17.15
N GLU A 21 -6.56 -8.97 -16.07
CA GLU A 21 -5.71 -8.03 -15.37
C GLU A 21 -5.17 -8.73 -14.14
N GLY A 22 -3.86 -8.91 -14.08
CA GLY A 22 -3.31 -9.77 -13.08
C GLY A 22 -2.20 -9.14 -12.29
N ILE A 23 -1.67 -9.91 -11.37
CA ILE A 23 -0.60 -9.48 -10.51
C ILE A 23 0.38 -10.63 -10.33
N ILE A 24 1.63 -10.31 -10.11
CA ILE A 24 2.61 -11.35 -9.91
C ILE A 24 3.10 -11.27 -8.49
N ILE A 25 2.96 -12.39 -7.79
CA ILE A 25 3.26 -12.46 -6.38
C ILE A 25 4.14 -13.65 -6.12
N GLY A 26 5.18 -13.43 -5.37
CA GLY A 26 6.14 -14.48 -5.13
C GLY A 26 6.63 -14.48 -3.71
N THR A 27 7.22 -15.58 -3.30
CA THR A 27 7.98 -15.61 -2.07
C THR A 27 9.41 -16.02 -2.43
N GLU A 28 10.27 -16.18 -1.45
CA GLU A 28 11.61 -16.70 -1.72
C GLU A 28 11.54 -18.11 -2.33
N ASP A 29 10.36 -18.72 -2.25
CA ASP A 29 10.20 -20.09 -2.69
C ASP A 29 9.78 -20.19 -4.15
N ASP A 30 9.02 -19.20 -4.63
CA ASP A 30 8.31 -19.40 -5.90
C ASP A 30 7.71 -18.10 -6.44
N ILE A 31 7.70 -17.98 -7.77
CA ILE A 31 7.05 -16.87 -8.47
C ILE A 31 5.66 -17.31 -8.92
N ARG A 32 4.61 -16.57 -8.58
CA ARG A 32 3.26 -17.00 -8.91
C ARG A 32 2.42 -15.86 -9.48
N ILE A 33 1.42 -16.20 -10.29
CA ILE A 33 0.46 -15.22 -10.77
C ILE A 33 -0.95 -15.58 -10.31
N TYR A 34 -1.67 -14.56 -9.88
CA TYR A 34 -3.08 -14.68 -9.52
C TYR A 34 -3.86 -13.63 -10.30
N LYS A 35 -5.15 -13.89 -10.52
CA LYS A 35 -5.98 -12.91 -11.21
C LYS A 35 -6.42 -11.86 -10.21
N ARG A 36 -6.42 -10.58 -10.57
CA ARG A 36 -6.73 -9.52 -9.60
C ARG A 36 -8.09 -9.77 -8.94
N ASP A 37 -9.02 -10.31 -9.71
CA ASP A 37 -10.41 -10.48 -9.26
C ASP A 37 -10.49 -11.66 -8.30
N GLU A 38 -9.52 -12.54 -8.43
CA GLU A 38 -9.47 -13.76 -7.64
C GLU A 38 -8.62 -13.53 -6.39
N LEU A 39 -7.69 -12.58 -6.51
CA LEU A 39 -6.62 -12.41 -5.52
C LEU A 39 -7.16 -11.95 -4.19
N ILE A 40 -8.26 -11.21 -4.21
CA ILE A 40 -8.80 -10.59 -3.02
C ILE A 40 -9.15 -11.65 -1.97
N GLU A 41 -9.38 -12.88 -2.42
CA GLU A 41 -9.72 -13.97 -1.53
C GLU A 41 -8.49 -14.64 -0.91
N SER A 42 -7.33 -14.43 -1.51
CA SER A 42 -6.09 -15.09 -1.08
C SER A 42 -5.42 -14.38 0.10
N LYS A 43 -4.50 -15.12 0.72
CA LYS A 43 -3.67 -14.66 1.83
C LYS A 43 -2.86 -13.39 1.46
N TYR A 44 -2.90 -13.00 0.20
CA TYR A 44 -2.29 -11.74 -0.22
C TYR A 44 -3.39 -10.88 -0.80
N LYS A 45 -3.41 -9.60 -0.50
CA LYS A 45 -4.48 -8.75 -0.99
C LYS A 45 -4.06 -7.30 -1.06
N GLU A 46 -4.83 -6.51 -1.80
CA GLU A 46 -4.63 -5.08 -1.85
C GLU A 46 -4.89 -4.52 -0.47
N MET A 47 -4.01 -3.67 0.02
CA MET A 47 -4.23 -3.10 1.33
C MET A 47 -4.37 -1.58 1.22
N CYS A 48 -5.47 -1.08 1.73
CA CYS A 48 -5.65 0.34 1.84
C CYS A 48 -5.09 0.79 3.17
N ILE A 49 -4.10 1.65 3.10
CA ILE A 49 -3.40 2.10 4.29
C ILE A 49 -3.78 3.54 4.55
N TYR A 50 -4.34 3.78 5.72
CA TYR A 50 -4.77 5.11 6.08
C TYR A 50 -3.75 5.76 6.98
N GLU A 51 -3.17 6.83 6.47
CA GLU A 51 -2.16 7.56 7.21
C GLU A 51 -2.76 8.80 7.81
N ARG A 52 -2.77 8.84 9.13
CA ARG A 52 -3.40 9.93 9.83
C ARG A 52 -2.39 10.80 10.56
N GLN A 53 -2.26 12.03 10.12
CA GLN A 53 -1.33 12.98 10.71
C GLN A 53 -2.07 14.01 11.56
N ARG A 54 -1.60 14.21 12.78
CA ARG A 54 -2.12 15.28 13.61
C ARG A 54 -1.20 16.49 13.51
N ILE A 55 -1.73 17.61 13.03
CA ILE A 55 -0.92 18.79 12.82
C ILE A 55 -1.45 19.96 13.65
N PRO A 56 -0.68 20.43 14.65
CA PRO A 56 -1.03 21.62 15.42
C PRO A 56 -1.19 22.84 14.53
N TYR A 57 -2.27 23.56 14.71
CA TYR A 57 -2.62 24.67 13.83
C TYR A 57 -3.29 25.78 14.63
N ASN A 58 -3.05 27.02 14.24
CA ASN A 58 -3.55 28.17 14.99
C ASN A 58 -4.64 28.92 14.22
N SER A 59 -4.83 28.55 12.96
CA SER A 59 -5.79 29.26 12.11
C SER A 59 -7.12 28.51 12.01
N THR A 60 -8.05 29.10 11.26
CA THR A 60 -9.40 28.58 11.14
C THR A 60 -9.57 27.73 9.88
N ALA A 61 -10.71 27.06 9.77
CA ALA A 61 -10.99 26.20 8.62
C ALA A 61 -11.01 27.01 7.32
N VAL A 62 -11.65 28.17 7.36
CA VAL A 62 -11.69 29.08 6.22
C VAL A 62 -10.28 29.48 5.79
N LEU A 63 -9.42 29.74 6.77
CA LEU A 63 -8.04 30.11 6.49
C LEU A 63 -7.29 28.95 5.87
N LEU A 64 -7.59 27.75 6.36
CA LEU A 64 -6.94 26.53 5.87
C LEU A 64 -7.23 26.34 4.39
N LYS A 65 -8.50 26.42 4.01
CA LYS A 65 -8.90 26.31 2.62
C LYS A 65 -8.18 27.34 1.77
N GLN A 66 -7.99 28.52 2.33
CA GLN A 66 -7.35 29.60 1.61
C GLN A 66 -5.86 29.28 1.40
N VAL A 67 -5.19 28.89 2.47
CA VAL A 67 -3.79 28.47 2.38
C VAL A 67 -3.62 27.29 1.43
N LEU A 68 -4.53 26.32 1.49
CA LEU A 68 -4.48 25.18 0.59
C LEU A 68 -4.67 25.62 -0.86
N VAL A 69 -5.66 26.50 -1.10
CA VAL A 69 -5.91 27.03 -2.44
C VAL A 69 -4.67 27.68 -3.05
N ASP A 70 -3.83 28.27 -2.20
CA ASP A 70 -2.63 28.94 -2.68
C ASP A 70 -1.72 27.93 -3.38
N GLY A 71 -1.65 26.72 -2.84
CA GLY A 71 -0.91 25.66 -3.48
C GLY A 71 -1.76 24.84 -4.44
N PHE A 72 -3.06 24.76 -4.16
CA PHE A 72 -3.94 23.83 -4.86
C PHE A 72 -5.14 24.52 -5.51
N GLU A 73 -5.14 24.59 -6.83
CA GLU A 73 -6.39 24.84 -7.55
C GLU A 73 -7.24 23.59 -7.49
N GLU A 74 -6.57 22.49 -7.13
CA GLU A 74 -7.19 21.17 -7.11
C GLU A 74 -7.89 20.91 -5.78
N LEU A 75 -8.02 21.94 -4.96
CA LEU A 75 -8.64 21.80 -3.65
C LEU A 75 -10.16 21.67 -3.79
N VAL A 76 -10.69 20.56 -3.30
CA VAL A 76 -12.12 20.34 -3.31
C VAL A 76 -12.65 20.29 -1.88
N GLU A 77 -13.47 21.24 -1.51
CA GLU A 77 -14.05 21.27 -0.17
C GLU A 77 -15.24 20.33 -0.11
N VAL A 78 -15.37 19.63 1.01
CA VAL A 78 -16.47 18.70 1.20
C VAL A 78 -17.17 19.00 2.52
N GLU A 79 -18.30 18.38 2.77
CA GLU A 79 -19.06 18.68 3.97
C GLU A 79 -18.25 18.31 5.22
N SER A 80 -17.56 17.19 5.14
CA SER A 80 -16.82 16.67 6.29
C SER A 80 -15.35 17.09 6.26
N GLY A 81 -15.02 18.19 5.60
CA GLY A 81 -13.63 18.63 5.55
C GLY A 81 -13.21 19.15 4.19
N PHE A 82 -11.93 19.08 3.92
CA PHE A 82 -11.40 19.45 2.62
C PHE A 82 -10.70 18.24 2.02
N MET A 83 -10.73 18.11 0.71
CA MET A 83 -10.08 16.98 0.08
C MET A 83 -9.10 17.44 -1.00
N VAL A 84 -7.83 17.14 -0.79
CA VAL A 84 -6.82 17.38 -1.80
C VAL A 84 -6.38 16.05 -2.39
N GLY A 85 -6.89 15.74 -3.58
CA GLY A 85 -6.64 14.43 -4.16
C GLY A 85 -7.31 13.35 -3.35
N ASN A 86 -6.51 12.49 -2.72
CA ASN A 86 -7.05 11.47 -1.83
C ASN A 86 -6.81 11.83 -0.37
N VAL A 87 -6.33 13.04 -0.14
CA VAL A 87 -6.05 13.48 1.22
C VAL A 87 -7.27 14.14 1.83
N HIS A 88 -7.72 13.59 2.96
CA HIS A 88 -8.81 14.15 3.73
C HIS A 88 -8.27 15.05 4.82
N ILE A 89 -8.63 16.31 4.72
CA ILE A 89 -8.18 17.34 5.64
C ILE A 89 -9.35 17.78 6.51
N VAL A 90 -9.22 17.69 7.81
CA VAL A 90 -10.26 18.15 8.69
C VAL A 90 -9.69 18.90 9.89
N LEU A 91 -10.34 19.98 10.28
CA LEU A 91 -9.84 20.80 11.37
C LEU A 91 -10.59 20.49 12.65
N SER A 92 -9.85 20.16 13.67
CA SER A 92 -10.42 19.79 14.96
C SER A 92 -9.75 20.59 16.06
N GLY A 93 -10.44 21.62 16.54
CA GLY A 93 -9.87 22.46 17.56
C GLY A 93 -8.64 23.21 17.07
N GLN A 94 -7.51 22.91 17.67
CA GLN A 94 -6.26 23.58 17.36
C GLN A 94 -5.32 22.64 16.61
N GLU A 95 -5.87 21.56 16.08
CA GLU A 95 -5.10 20.64 15.25
C GLU A 95 -5.89 20.21 14.02
N VAL A 96 -5.19 20.02 12.92
CA VAL A 96 -5.81 19.46 11.72
C VAL A 96 -5.46 17.99 11.63
N VAL A 97 -6.46 17.17 11.36
CA VAL A 97 -6.24 15.75 11.15
C VAL A 97 -6.18 15.46 9.66
N LEU A 98 -5.06 14.93 9.22
CA LEU A 98 -4.88 14.56 7.83
C LEU A 98 -4.94 13.06 7.67
N GLU A 99 -5.89 12.56 6.90
CA GLU A 99 -5.97 11.15 6.62
C GLU A 99 -5.86 10.97 5.12
N TRP A 100 -4.96 10.14 4.63
CA TRP A 100 -4.76 10.06 3.22
C TRP A 100 -4.44 8.66 2.76
N LYS A 101 -4.53 8.45 1.46
CA LYS A 101 -4.43 7.12 0.88
C LYS A 101 -2.99 6.59 0.92
N SER A 102 -2.94 5.27 0.88
CA SER A 102 -1.74 4.45 0.93
C SER A 102 -0.67 4.81 -0.10
N SER A 103 -0.98 5.64 -1.09
CA SER A 103 -0.20 5.64 -2.30
C SER A 103 0.77 6.82 -2.25
N TYR A 104 2.06 6.54 -2.47
CA TYR A 104 3.13 7.50 -2.16
C TYR A 104 2.94 8.85 -2.83
N THR A 105 2.37 8.86 -4.03
CA THR A 105 2.09 10.11 -4.73
C THR A 105 1.18 11.02 -3.89
N ASP A 106 0.19 10.41 -3.23
CA ASP A 106 -0.73 11.15 -2.38
C ASP A 106 0.01 11.78 -1.21
N ASP A 107 1.01 11.07 -0.70
CA ASP A 107 1.89 11.62 0.33
C ASP A 107 2.59 12.88 -0.16
N VAL A 108 2.97 12.88 -1.43
CA VAL A 108 3.73 13.99 -1.99
C VAL A 108 2.91 15.30 -1.99
N LEU A 109 1.69 15.25 -2.51
CA LEU A 109 0.82 16.43 -2.43
C LEU A 109 0.39 16.72 -1.00
N ALA A 110 0.20 15.67 -0.22
CA ALA A 110 -0.05 15.79 1.21
C ALA A 110 1.09 16.52 1.94
N ILE A 111 2.32 16.29 1.49
CA ILE A 111 3.47 17.01 2.02
C ILE A 111 3.31 18.51 1.77
N SER A 112 2.81 18.86 0.60
CA SER A 112 2.51 20.25 0.30
C SER A 112 1.44 20.78 1.26
N ILE A 113 0.49 19.92 1.61
CA ILE A 113 -0.53 20.27 2.60
C ILE A 113 0.10 20.58 3.95
N SER A 114 1.01 19.70 4.37
CA SER A 114 1.69 19.84 5.66
C SER A 114 2.40 21.19 5.78
N LYS A 115 3.02 21.68 4.72
CA LYS A 115 3.72 22.96 4.78
C LYS A 115 2.70 24.11 4.86
N MET A 116 1.56 23.91 4.23
CA MET A 116 0.49 24.91 4.24
C MET A 116 -0.03 25.12 5.66
N ILE A 117 -0.27 24.04 6.37
CA ILE A 117 -0.76 24.14 7.75
C ILE A 117 0.38 24.40 8.73
N SER A 118 1.57 23.90 8.43
CA SER A 118 2.68 24.01 9.35
C SER A 118 4.03 24.13 8.63
N ASP A 119 4.55 25.34 8.58
CA ASP A 119 5.86 25.59 8.01
C ASP A 119 6.52 26.74 8.74
N MET B 1 -1.91 -34.01 -16.53
CA MET B 1 -3.17 -34.69 -16.17
C MET B 1 -3.81 -34.04 -14.96
N SER B 2 -3.03 -33.85 -13.90
CA SER B 2 -3.49 -33.16 -12.71
C SER B 2 -3.41 -31.65 -12.92
N ASP B 3 -3.92 -31.21 -14.06
CA ASP B 3 -3.80 -29.82 -14.46
C ASP B 3 -4.79 -28.95 -13.72
N VAL B 4 -4.29 -27.92 -13.06
CA VAL B 4 -5.12 -26.99 -12.33
C VAL B 4 -4.73 -25.56 -12.69
N SER B 5 -5.51 -24.94 -13.57
CA SER B 5 -5.28 -23.56 -13.98
C SER B 5 -3.88 -23.37 -14.58
N MET B 6 -3.38 -24.43 -15.23
CA MET B 6 -2.11 -24.39 -15.97
C MET B 6 -0.89 -24.55 -15.06
N GLY B 7 -0.73 -23.70 -14.05
CA GLY B 7 0.41 -23.86 -13.17
C GLY B 7 1.64 -23.11 -13.65
N MET B 8 2.67 -23.82 -14.09
CA MET B 8 3.93 -23.20 -14.43
C MET B 8 3.90 -22.66 -15.85
N VAL B 9 4.17 -21.37 -15.95
CA VAL B 9 4.12 -20.66 -17.21
C VAL B 9 5.40 -19.87 -17.42
N LYS B 10 5.56 -19.35 -18.63
CA LYS B 10 6.72 -18.53 -18.95
C LYS B 10 6.31 -17.07 -18.93
N LEU B 11 7.06 -16.27 -18.19
CA LEU B 11 6.78 -14.84 -18.09
C LEU B 11 7.38 -14.14 -19.30
N ASP B 12 6.59 -13.31 -19.97
CA ASP B 12 7.06 -12.61 -21.17
C ASP B 12 7.95 -11.43 -20.82
N LYS B 13 8.66 -10.96 -21.85
CA LYS B 13 9.59 -9.85 -21.72
C LYS B 13 8.91 -8.58 -21.19
N GLY B 14 7.60 -8.47 -21.40
CA GLY B 14 6.91 -7.24 -21.08
C GLY B 14 6.86 -6.98 -19.59
N PHE B 15 6.81 -8.07 -18.81
CA PHE B 15 6.74 -7.95 -17.36
C PHE B 15 7.96 -7.24 -16.81
N ASP B 16 9.09 -7.38 -17.50
CA ASP B 16 10.34 -6.78 -17.02
C ASP B 16 10.26 -5.26 -16.98
N ALA B 17 9.27 -4.70 -17.68
CA ALA B 17 9.10 -3.25 -17.74
C ALA B 17 8.17 -2.76 -16.64
N LEU B 18 7.54 -3.69 -15.92
CA LEU B 18 6.64 -3.36 -14.82
C LEU B 18 7.38 -2.66 -13.70
N ASN B 19 6.64 -1.90 -12.90
CA ASN B 19 7.22 -1.17 -11.79
C ASN B 19 7.37 -2.09 -10.58
N TYR B 20 8.40 -2.93 -10.62
CA TYR B 20 8.64 -3.92 -9.58
C TYR B 20 8.96 -3.29 -8.24
N ARG B 21 8.32 -3.81 -7.21
CA ARG B 21 8.71 -3.54 -5.83
C ARG B 21 8.92 -4.86 -5.10
N ALA B 22 9.86 -4.88 -4.18
CA ALA B 22 10.24 -6.11 -3.53
C ALA B 22 9.91 -6.04 -2.05
N ILE B 23 9.04 -6.91 -1.62
CA ILE B 23 8.67 -6.99 -0.23
C ILE B 23 9.62 -8.00 0.44
N GLY B 24 9.98 -7.80 1.72
CA GLY B 24 10.77 -8.80 2.46
C GLY B 24 10.37 -10.26 2.17
N THR B 25 11.22 -10.96 1.36
CA THR B 25 10.99 -12.36 0.89
C THR B 25 9.69 -12.50 0.09
N ASP B 26 9.07 -11.36 -0.04
CA ASP B 26 7.80 -11.13 -0.70
C ASP B 26 8.04 -10.52 -2.09
N SER B 27 6.95 -10.35 -2.87
CA SER B 27 7.28 -10.25 -4.32
C SER B 27 6.08 -9.60 -5.00
N VAL B 28 6.13 -8.36 -5.50
CA VAL B 28 4.94 -7.95 -6.27
C VAL B 28 5.23 -7.08 -7.52
N ALA B 29 4.33 -7.22 -8.50
CA ALA B 29 4.22 -6.30 -9.65
C ALA B 29 2.82 -6.40 -10.27
N SER B 30 2.30 -5.30 -10.80
CA SER B 30 0.96 -5.27 -11.37
C SER B 30 1.02 -5.14 -12.90
N PHE B 31 0.15 -5.88 -13.58
CA PHE B 31 0.17 -5.92 -15.05
C PHE B 31 -1.20 -6.27 -15.64
N ARG B 32 -1.34 -6.04 -16.93
CA ARG B 32 -2.46 -6.57 -17.69
C ARG B 32 -1.92 -7.52 -18.74
N GLY B 33 -2.43 -8.74 -18.80
CA GLY B 33 -1.82 -9.73 -19.67
C GLY B 33 -2.81 -10.69 -20.28
N VAL B 34 -2.35 -11.43 -21.27
CA VAL B 34 -3.12 -12.50 -21.87
C VAL B 34 -2.35 -13.82 -21.74
N ARG B 35 -3.00 -14.84 -21.21
CA ARG B 35 -2.38 -16.14 -21.12
C ARG B 35 -2.88 -17.06 -22.23
N ASP B 36 -1.94 -17.60 -22.97
CA ASP B 36 -2.23 -18.54 -24.04
C ASP B 36 -1.27 -19.72 -23.95
N GLY B 37 -1.76 -20.86 -23.50
CA GLY B 37 -0.92 -22.01 -23.33
C GLY B 37 -0.09 -21.91 -22.07
N ASP B 38 1.20 -22.11 -22.21
CA ASP B 38 2.11 -21.97 -21.08
C ASP B 38 2.78 -20.62 -21.13
N MET B 39 2.28 -19.74 -21.99
CA MET B 39 2.87 -18.42 -22.12
C MET B 39 1.96 -17.33 -21.58
N VAL B 40 2.53 -16.47 -20.76
CA VAL B 40 1.84 -15.29 -20.27
C VAL B 40 2.47 -14.06 -20.90
N ARG B 41 1.63 -13.24 -21.51
CA ARG B 41 2.09 -12.09 -22.27
C ARG B 41 1.48 -10.82 -21.73
N CYS B 42 2.27 -9.76 -21.61
CA CYS B 42 1.78 -8.50 -21.09
C CYS B 42 1.21 -7.67 -22.24
N ILE B 43 0.03 -7.12 -22.05
CA ILE B 43 -0.57 -6.23 -23.03
C ILE B 43 -0.32 -4.78 -22.62
N GLY B 44 0.12 -4.60 -21.39
CA GLY B 44 0.44 -3.28 -20.88
C GLY B 44 0.37 -3.24 -19.37
N GLU B 45 0.71 -2.12 -18.79
CA GLU B 45 0.65 -1.97 -17.34
C GLU B 45 -0.80 -1.76 -16.91
N GLY B 46 -1.16 -2.31 -15.76
CA GLY B 46 -2.53 -2.26 -15.32
C GLY B 46 -2.74 -1.27 -14.20
N PRO B 47 -3.65 -1.59 -13.27
CA PRO B 47 -3.98 -0.70 -12.16
C PRO B 47 -2.84 -0.62 -11.16
N ARG B 48 -2.55 0.59 -10.69
CA ARG B 48 -1.52 0.79 -9.70
C ARG B 48 -2.12 0.79 -8.31
N MET B 49 -1.80 -0.24 -7.54
CA MET B 49 -2.47 -0.44 -6.27
C MET B 49 -1.51 -1.00 -5.22
N VAL B 50 -1.48 -0.33 -4.08
CA VAL B 50 -0.82 -0.84 -2.89
C VAL B 50 -1.30 -2.25 -2.55
N ILE B 51 -0.40 -3.21 -2.48
CA ILE B 51 -0.75 -4.55 -2.04
C ILE B 51 0.28 -5.05 -1.03
N GLY B 52 -0.08 -6.08 -0.29
CA GLY B 52 0.83 -6.60 0.70
C GLY B 52 0.18 -7.71 1.52
N HIS B 53 0.81 -8.03 2.64
CA HIS B 53 0.29 -9.02 3.57
C HIS B 53 0.45 -8.46 4.97
N ALA B 54 -0.54 -8.70 5.82
CA ALA B 54 -0.48 -8.13 7.15
C ALA B 54 -0.19 -9.22 8.19
N ASP B 55 0.99 -9.13 8.78
CA ASP B 55 1.34 -10.00 9.90
C ASP B 55 1.62 -9.15 11.13
N ILE B 56 0.81 -9.34 12.15
CA ILE B 56 0.91 -8.54 13.36
C ILE B 56 2.22 -8.81 14.11
N ASN B 57 2.66 -10.07 14.09
CA ASN B 57 3.89 -10.45 14.78
C ASN B 57 5.12 -9.86 14.10
N GLU B 58 5.18 -9.96 12.78
CA GLU B 58 6.32 -9.46 12.01
C GLU B 58 6.43 -7.95 12.14
N MET B 59 5.30 -7.26 12.14
CA MET B 59 5.31 -5.81 12.26
C MET B 59 5.85 -5.41 13.63
N ARG B 60 5.38 -6.10 14.67
CA ARG B 60 5.84 -5.84 16.03
C ARG B 60 7.36 -6.03 16.12
N ARG B 61 7.83 -7.14 15.57
CA ARG B 61 9.25 -7.46 15.57
C ARG B 61 10.04 -6.35 14.89
N MET B 62 9.56 -5.93 13.73
CA MET B 62 10.17 -4.84 12.98
C MET B 62 10.18 -3.54 13.77
N ILE B 63 9.09 -3.26 14.49
CA ILE B 63 9.01 -2.06 15.31
C ILE B 63 10.07 -2.09 16.42
N VAL B 64 10.20 -3.25 17.05
CA VAL B 64 11.22 -3.44 18.08
C VAL B 64 12.61 -3.22 17.49
N GLU B 65 12.78 -3.56 16.22
CA GLU B 65 14.04 -3.35 15.51
C GLU B 65 14.34 -1.85 15.36
N GLY B 66 13.33 -1.02 15.58
CA GLY B 66 13.48 0.41 15.47
C GLY B 66 13.71 1.02 16.83
N SER B 67 13.95 0.13 17.80
CA SER B 67 14.14 0.51 19.20
C SER B 67 12.87 1.13 19.78
N MET B 68 11.75 0.46 19.58
CA MET B 68 10.46 0.93 20.05
C MET B 68 9.75 -0.18 20.81
N ARG B 69 9.08 0.17 21.90
CA ARG B 69 8.37 -0.81 22.70
C ARG B 69 6.96 -0.99 22.18
N VAL B 70 6.59 -2.24 21.91
CA VAL B 70 5.33 -2.54 21.24
C VAL B 70 4.39 -3.30 22.14
N GLU B 71 3.13 -2.90 22.13
CA GLU B 71 2.09 -3.63 22.84
C GLU B 71 1.06 -4.13 21.83
N GLN B 72 0.79 -5.43 21.88
CA GLN B 72 -0.07 -6.07 20.89
C GLN B 72 -1.53 -6.00 21.32
N GLU B 73 -2.42 -5.77 20.37
CA GLU B 73 -3.84 -5.71 20.64
C GLU B 73 -4.58 -6.50 19.58
N GLU B 74 -5.87 -6.74 19.79
CA GLU B 74 -6.69 -7.36 18.78
C GLU B 74 -6.75 -6.47 17.56
N ASN B 75 -6.70 -5.18 17.80
CA ASN B 75 -6.87 -4.18 16.76
C ASN B 75 -5.54 -3.87 16.07
N GLY B 76 -4.46 -4.52 16.48
CA GLY B 76 -3.18 -4.28 15.84
C GLY B 76 -2.04 -4.11 16.83
N LEU B 77 -1.29 -3.03 16.67
CA LEU B 77 -0.10 -2.79 17.49
C LEU B 77 -0.02 -1.33 17.93
N LEU B 78 0.23 -1.13 19.22
CA LEU B 78 0.39 0.20 19.78
C LEU B 78 1.82 0.41 20.27
N VAL B 79 2.46 1.50 19.85
CA VAL B 79 3.70 1.93 20.49
C VAL B 79 3.36 2.96 21.58
N GLU B 80 3.93 2.77 22.78
CA GLU B 80 3.62 3.51 24.04
C GLU B 80 3.26 5.02 23.90
N ASP B 81 2.03 5.28 23.44
CA ASP B 81 1.50 6.68 23.37
C ASP B 81 2.21 7.34 22.22
N CYS B 82 2.35 6.46 21.28
CA CYS B 82 3.20 6.44 20.14
C CYS B 82 2.32 5.72 19.16
N VAL B 83 2.80 5.33 18.03
CA VAL B 83 2.02 5.40 16.82
C VAL B 83 1.39 4.04 16.56
N TRP B 84 0.18 4.08 16.01
CA TRP B 84 -0.70 2.91 16.03
C TRP B 84 -0.67 2.18 14.70
N ILE B 85 -0.80 0.88 14.78
CA ILE B 85 -1.11 0.07 13.62
C ILE B 85 -2.43 -0.64 13.86
N ARG B 86 -3.40 -0.37 13.02
CA ARG B 86 -4.69 -1.03 13.12
C ARG B 86 -4.95 -1.86 11.89
N VAL B 87 -5.34 -3.10 12.09
CA VAL B 87 -5.45 -4.06 11.00
C VAL B 87 -6.90 -4.28 10.62
N SER B 88 -7.20 -4.09 9.35
CA SER B 88 -8.53 -4.31 8.84
C SER B 88 -8.49 -5.25 7.64
N GLY B 89 -9.62 -5.80 7.24
CA GLY B 89 -9.63 -6.72 6.11
C GLY B 89 -9.18 -6.04 4.82
N ASP B 90 -9.50 -4.77 4.70
CA ASP B 90 -9.23 -4.02 3.49
C ASP B 90 -7.87 -3.34 3.53
N GLY B 91 -7.21 -3.38 4.68
CA GLY B 91 -5.92 -2.73 4.79
C GLY B 91 -5.50 -2.44 6.21
N VAL B 92 -4.84 -1.30 6.39
CA VAL B 92 -4.25 -0.94 7.67
C VAL B 92 -4.45 0.56 7.93
N THR B 93 -4.64 0.92 9.19
CA THR B 93 -4.71 2.32 9.57
C THR B 93 -3.61 2.65 10.57
N ILE B 94 -2.87 3.72 10.32
CA ILE B 94 -1.79 4.13 11.19
C ILE B 94 -2.14 5.48 11.82
N ASP B 95 -1.86 5.65 13.11
CA ASP B 95 -2.21 6.89 13.78
C ASP B 95 -0.96 7.68 14.15
N GLY B 96 -0.96 8.89 13.64
CA GLY B 96 0.18 9.79 13.63
C GLY B 96 0.30 10.71 14.83
N ARG B 97 -0.58 10.57 15.82
CA ARG B 97 -0.84 11.67 16.75
C ARG B 97 0.30 11.90 17.74
N ASP B 98 1.16 10.91 17.94
CA ASP B 98 2.37 11.14 18.71
C ASP B 98 3.44 11.78 17.82
N SER B 99 4.32 12.56 18.43
CA SER B 99 5.42 13.15 17.71
C SER B 99 6.50 12.10 17.49
N GLY B 100 6.92 11.90 16.24
CA GLY B 100 7.89 10.87 15.93
C GLY B 100 7.26 9.50 15.83
N VAL B 101 8.07 8.51 15.45
CA VAL B 101 7.65 7.10 15.35
C VAL B 101 6.72 6.87 14.15
N PHE B 102 6.03 7.90 13.70
CA PHE B 102 5.09 7.80 12.59
C PHE B 102 5.73 7.13 11.37
N TYR B 103 6.85 7.66 10.93
CA TYR B 103 7.53 7.14 9.75
C TYR B 103 8.17 5.79 10.07
N ALA B 104 8.53 5.60 11.34
CA ALA B 104 9.07 4.32 11.77
C ALA B 104 8.07 3.20 11.55
N VAL B 105 6.82 3.48 11.89
CA VAL B 105 5.73 2.54 11.70
C VAL B 105 5.48 2.27 10.22
N ARG B 106 5.48 3.33 9.42
CA ARG B 106 5.24 3.20 7.98
C ARG B 106 6.30 2.33 7.33
N ASP B 107 7.56 2.55 7.71
CA ASP B 107 8.66 1.76 7.17
C ASP B 107 8.50 0.29 7.49
N VAL B 108 7.97 -0.02 8.67
CA VAL B 108 7.66 -1.39 9.04
C VAL B 108 6.66 -2.00 8.08
N VAL B 109 5.58 -1.27 7.84
CA VAL B 109 4.51 -1.75 6.98
C VAL B 109 5.00 -1.98 5.56
N TYR B 110 5.82 -1.06 5.05
CA TYR B 110 6.32 -1.15 3.68
C TYR B 110 7.31 -2.31 3.54
N ARG B 111 7.86 -2.76 4.65
CA ARG B 111 8.67 -3.98 4.63
C ARG B 111 7.80 -5.22 4.44
N SER B 112 6.49 -5.09 4.63
CA SER B 112 5.56 -6.20 4.43
C SER B 112 4.53 -5.88 3.32
N SER B 113 4.67 -4.71 2.71
CA SER B 113 3.77 -4.30 1.63
C SER B 113 4.53 -3.56 0.54
N ALA B 114 3.88 -3.29 -0.59
CA ALA B 114 4.52 -2.61 -1.68
C ALA B 114 3.51 -1.86 -2.53
N PHE B 115 3.96 -0.75 -3.12
CA PHE B 115 3.11 0.07 -3.95
C PHE B 115 3.31 -0.32 -5.41
N ILE B 116 2.32 -0.90 -6.05
CA ILE B 116 2.47 -1.22 -7.46
C ILE B 116 1.40 -0.53 -8.28
N GLY A 1 17.90 -19.04 -4.10
CA GLY A 1 17.65 -18.78 -5.53
C GLY A 1 18.77 -17.98 -6.17
N HIS A 2 18.77 -17.93 -7.49
CA HIS A 2 19.77 -17.16 -8.23
C HIS A 2 19.12 -16.45 -9.41
N MET A 3 19.18 -15.12 -9.38
CA MET A 3 18.51 -14.27 -10.39
C MET A 3 17.00 -14.42 -10.29
N LEU A 4 16.28 -13.82 -11.22
CA LEU A 4 14.83 -13.79 -11.18
C LEU A 4 14.22 -13.85 -12.58
N ALA A 5 12.88 -13.73 -12.60
CA ALA A 5 12.04 -13.84 -13.82
C ALA A 5 12.59 -14.78 -14.91
N LYS A 6 12.07 -14.61 -16.13
CA LYS A 6 12.54 -15.33 -17.32
C LYS A 6 12.40 -16.84 -17.17
N ASP A 7 13.51 -17.49 -16.87
CA ASP A 7 13.57 -18.94 -16.74
C ASP A 7 13.12 -19.36 -15.34
N ASN A 8 12.77 -18.37 -14.55
CA ASN A 8 12.31 -18.54 -13.16
C ASN A 8 10.81 -18.75 -13.16
N GLU A 9 10.33 -19.52 -14.12
CA GLU A 9 8.94 -19.50 -14.51
C GLU A 9 8.08 -20.10 -13.42
N ALA A 10 6.80 -19.93 -13.59
CA ALA A 10 5.95 -19.63 -12.46
C ALA A 10 4.83 -20.61 -12.32
N LYS A 11 4.28 -20.65 -11.14
CA LYS A 11 3.16 -21.51 -10.86
C LYS A 11 1.94 -20.63 -10.73
N ILE A 12 0.98 -20.83 -11.59
CA ILE A 12 -0.20 -19.99 -11.58
C ILE A 12 -1.41 -20.85 -11.34
N PHE A 13 -2.09 -20.66 -10.23
CA PHE A 13 -3.33 -21.40 -10.09
C PHE A 13 -4.47 -20.50 -9.65
N THR A 14 -5.15 -19.83 -10.56
CA THR A 14 -6.58 -19.55 -10.44
C THR A 14 -7.15 -19.27 -11.82
N GLY A 15 -8.26 -19.89 -12.20
CA GLY A 15 -9.24 -19.24 -13.07
C GLY A 15 -8.76 -18.85 -14.46
N VAL A 16 -7.51 -19.14 -14.83
CA VAL A 16 -6.95 -18.36 -15.94
C VAL A 16 -6.99 -19.11 -17.27
N GLU A 17 -7.88 -18.70 -18.16
CA GLU A 17 -7.66 -18.88 -19.58
C GLU A 17 -7.96 -17.61 -20.35
N GLY A 18 -7.07 -17.24 -21.25
CA GLY A 18 -7.31 -16.10 -22.11
C GLY A 18 -6.85 -14.79 -21.50
N GLU A 19 -7.66 -13.75 -21.67
CA GLU A 19 -7.30 -12.42 -21.22
C GLU A 19 -7.67 -12.21 -19.76
N PHE A 20 -6.71 -11.75 -18.98
CA PHE A 20 -6.93 -11.51 -17.56
C PHE A 20 -5.99 -10.42 -17.04
N GLU A 21 -6.38 -9.79 -15.95
CA GLU A 21 -5.47 -8.91 -15.24
C GLU A 21 -4.95 -9.66 -14.04
N GLY A 22 -3.65 -9.91 -14.01
CA GLY A 22 -3.11 -10.78 -13.00
C GLY A 22 -2.00 -10.14 -12.23
N ILE A 23 -1.45 -10.90 -11.30
CA ILE A 23 -0.37 -10.43 -10.46
C ILE A 23 0.70 -11.48 -10.40
N ILE A 24 1.94 -11.05 -10.34
CA ILE A 24 3.06 -11.96 -10.26
C ILE A 24 3.76 -11.77 -8.91
N ILE A 25 3.93 -12.88 -8.21
CA ILE A 25 4.57 -12.87 -6.91
C ILE A 25 5.81 -13.75 -6.98
N GLY A 26 6.96 -13.16 -6.71
CA GLY A 26 8.19 -13.86 -6.93
C GLY A 26 9.19 -13.67 -5.82
N THR A 27 9.79 -14.74 -5.37
CA THR A 27 10.80 -14.66 -4.34
C THR A 27 12.10 -15.04 -5.02
N GLU A 28 13.21 -15.01 -4.31
CA GLU A 28 14.49 -15.25 -4.95
C GLU A 28 14.51 -16.65 -5.59
N ASP A 29 13.60 -17.47 -5.10
CA ASP A 29 13.51 -18.87 -5.50
C ASP A 29 12.32 -19.18 -6.41
N ASP A 30 11.19 -18.54 -6.17
CA ASP A 30 9.92 -19.07 -6.71
C ASP A 30 9.01 -17.97 -7.21
N ILE A 31 8.29 -18.23 -8.29
CA ILE A 31 7.35 -17.26 -8.84
C ILE A 31 5.98 -17.89 -9.03
N ARG A 32 4.94 -17.17 -8.63
CA ARG A 32 3.57 -17.68 -8.69
C ARG A 32 2.63 -16.59 -9.21
N ILE A 33 1.64 -16.98 -10.00
CA ILE A 33 0.68 -16.02 -10.54
C ILE A 33 -0.75 -16.33 -10.07
N TYR A 34 -1.45 -15.26 -9.73
CA TYR A 34 -2.88 -15.32 -9.42
C TYR A 34 -3.58 -14.26 -10.27
N LYS A 35 -4.87 -14.43 -10.51
CA LYS A 35 -5.64 -13.41 -11.21
C LYS A 35 -5.99 -12.31 -10.21
N ARG A 36 -5.94 -11.03 -10.60
CA ARG A 36 -6.26 -9.95 -9.65
C ARG A 36 -7.64 -10.15 -9.05
N ASP A 37 -8.53 -10.71 -9.84
CA ASP A 37 -9.94 -10.86 -9.46
C ASP A 37 -10.06 -12.00 -8.46
N GLU A 38 -9.09 -12.89 -8.51
CA GLU A 38 -9.05 -14.08 -7.68
C GLU A 38 -8.23 -13.79 -6.42
N LEU A 39 -7.30 -12.84 -6.54
CA LEU A 39 -6.25 -12.62 -5.54
C LEU A 39 -6.82 -12.15 -4.22
N ILE A 40 -7.93 -11.43 -4.29
CA ILE A 40 -8.53 -10.83 -3.12
C ILE A 40 -8.85 -11.87 -2.04
N GLU A 41 -9.01 -13.11 -2.46
CA GLU A 41 -9.37 -14.18 -1.54
C GLU A 41 -8.16 -14.77 -0.81
N SER A 42 -6.96 -14.53 -1.34
CA SER A 42 -5.73 -15.03 -0.75
C SER A 42 -5.21 -14.14 0.37
N LYS A 43 -4.31 -14.72 1.18
CA LYS A 43 -3.56 -13.99 2.22
C LYS A 43 -2.79 -12.80 1.64
N TYR A 44 -2.83 -12.62 0.33
CA TYR A 44 -2.23 -11.44 -0.28
C TYR A 44 -3.38 -10.66 -0.88
N LYS A 45 -3.40 -9.35 -0.69
CA LYS A 45 -4.52 -8.55 -1.18
C LYS A 45 -4.14 -7.10 -1.32
N GLU A 46 -4.95 -6.36 -2.05
CA GLU A 46 -4.80 -4.92 -2.13
C GLU A 46 -5.12 -4.34 -0.77
N MET A 47 -4.20 -3.58 -0.20
CA MET A 47 -4.41 -3.04 1.13
C MET A 47 -4.37 -1.53 1.11
N CYS A 48 -5.42 -0.92 1.64
CA CYS A 48 -5.50 0.52 1.69
C CYS A 48 -4.91 1.02 3.00
N ILE A 49 -3.87 1.82 2.89
CA ILE A 49 -3.20 2.36 4.07
C ILE A 49 -3.65 3.79 4.28
N TYR A 50 -4.31 4.03 5.38
CA TYR A 50 -4.72 5.38 5.72
C TYR A 50 -3.67 5.99 6.60
N GLU A 51 -3.04 7.03 6.11
CA GLU A 51 -2.02 7.71 6.87
C GLU A 51 -2.63 8.96 7.48
N ARG A 52 -2.68 8.97 8.79
CA ARG A 52 -3.32 10.05 9.51
C ARG A 52 -2.29 10.80 10.34
N GLN A 53 -2.08 12.07 10.01
CA GLN A 53 -1.17 12.91 10.76
C GLN A 53 -1.92 14.03 11.46
N ARG A 54 -1.68 14.17 12.74
CA ARG A 54 -2.27 15.25 13.49
C ARG A 54 -1.28 16.41 13.58
N ILE A 55 -1.71 17.57 13.13
CA ILE A 55 -0.84 18.73 13.02
C ILE A 55 -1.32 19.84 13.96
N PRO A 56 -0.47 20.28 14.90
CA PRO A 56 -0.77 21.43 15.75
C PRO A 56 -0.88 22.71 14.94
N TYR A 57 -1.95 23.46 15.17
CA TYR A 57 -2.27 24.61 14.35
C TYR A 57 -2.71 25.79 15.21
N ASN A 58 -2.39 27.00 14.80
CA ASN A 58 -2.83 28.20 15.52
C ASN A 58 -3.83 28.98 14.67
N SER A 59 -4.02 28.55 13.43
CA SER A 59 -4.92 29.23 12.52
C SER A 59 -6.34 28.67 12.62
N THR A 60 -7.27 29.35 11.97
CA THR A 60 -8.68 28.96 11.97
C THR A 60 -9.02 28.19 10.70
N ALA A 61 -10.23 27.64 10.63
CA ALA A 61 -10.64 26.86 9.47
C ALA A 61 -10.57 27.68 8.19
N VAL A 62 -11.09 28.90 8.27
CA VAL A 62 -11.03 29.84 7.14
C VAL A 62 -9.57 30.08 6.72
N LEU A 63 -8.68 30.16 7.69
CA LEU A 63 -7.28 30.40 7.41
C LEU A 63 -6.64 29.17 6.77
N LEU A 64 -7.08 27.99 7.20
CA LEU A 64 -6.57 26.74 6.64
C LEU A 64 -6.87 26.65 5.16
N LYS A 65 -8.12 26.90 4.80
CA LYS A 65 -8.52 26.94 3.41
C LYS A 65 -7.68 27.95 2.64
N GLN A 66 -7.36 29.05 3.29
CA GLN A 66 -6.60 30.11 2.66
C GLN A 66 -5.17 29.64 2.39
N VAL A 67 -4.54 29.09 3.43
CA VAL A 67 -3.20 28.54 3.28
C VAL A 67 -3.17 27.41 2.25
N LEU A 68 -4.18 26.55 2.27
CA LEU A 68 -4.26 25.47 1.29
C LEU A 68 -4.40 26.04 -0.13
N VAL A 69 -5.23 27.07 -0.28
CA VAL A 69 -5.40 27.75 -1.58
C VAL A 69 -4.05 28.24 -2.13
N ASP A 70 -3.15 28.63 -1.25
CA ASP A 70 -1.84 29.12 -1.69
C ASP A 70 -1.08 28.03 -2.45
N GLY A 71 -1.20 26.80 -1.99
CA GLY A 71 -0.61 25.68 -2.71
C GLY A 71 -1.54 25.04 -3.72
N PHE A 72 -2.84 25.11 -3.44
CA PHE A 72 -3.80 24.27 -4.14
C PHE A 72 -4.95 25.06 -4.76
N GLU A 73 -4.90 25.27 -6.06
CA GLU A 73 -6.06 25.73 -6.81
C GLU A 73 -7.14 24.65 -6.82
N GLU A 74 -6.74 23.43 -6.52
CA GLU A 74 -7.63 22.28 -6.56
C GLU A 74 -8.27 22.00 -5.21
N LEU A 75 -8.17 22.95 -4.29
CA LEU A 75 -8.74 22.76 -2.95
C LEU A 75 -10.26 22.75 -3.03
N VAL A 76 -10.85 21.66 -2.58
CA VAL A 76 -12.30 21.52 -2.55
C VAL A 76 -12.81 21.53 -1.12
N GLU A 77 -13.61 22.53 -0.78
CA GLU A 77 -14.22 22.57 0.53
C GLU A 77 -15.46 21.69 0.53
N VAL A 78 -15.67 20.99 1.63
CA VAL A 78 -16.83 20.13 1.80
C VAL A 78 -17.47 20.43 3.14
N GLU A 79 -18.68 19.97 3.37
CA GLU A 79 -19.38 20.32 4.59
C GLU A 79 -18.64 19.79 5.83
N SER A 80 -18.10 18.58 5.70
CA SER A 80 -17.44 17.92 6.81
C SER A 80 -15.93 18.14 6.81
N GLY A 81 -15.45 19.22 6.21
CA GLY A 81 -14.02 19.48 6.22
C GLY A 81 -13.50 20.02 4.90
N PHE A 82 -12.23 19.80 4.65
CA PHE A 82 -11.61 20.23 3.41
C PHE A 82 -11.05 19.01 2.70
N MET A 83 -11.11 19.00 1.39
CA MET A 83 -10.53 17.91 0.63
C MET A 83 -9.56 18.46 -0.41
N VAL A 84 -8.30 18.10 -0.27
CA VAL A 84 -7.28 18.45 -1.23
C VAL A 84 -6.85 17.20 -1.99
N GLY A 85 -7.30 17.08 -3.23
CA GLY A 85 -7.06 15.87 -3.98
C GLY A 85 -7.85 14.71 -3.41
N ASN A 86 -7.14 13.70 -2.96
CA ASN A 86 -7.76 12.55 -2.33
C ASN A 86 -7.53 12.56 -0.82
N VAL A 87 -7.02 13.69 -0.33
CA VAL A 87 -6.69 13.82 1.08
C VAL A 87 -7.80 14.52 1.85
N HIS A 88 -8.20 13.93 2.97
CA HIS A 88 -9.23 14.50 3.82
C HIS A 88 -8.60 15.30 4.96
N ILE A 89 -9.01 16.55 5.05
CA ILE A 89 -8.51 17.48 6.05
C ILE A 89 -9.64 17.94 6.95
N VAL A 90 -9.50 17.76 8.24
CA VAL A 90 -10.49 18.26 9.18
C VAL A 90 -9.82 18.97 10.35
N LEU A 91 -10.40 20.10 10.74
CA LEU A 91 -9.86 20.88 11.83
C LEU A 91 -10.65 20.62 13.10
N SER A 92 -9.92 20.28 14.15
CA SER A 92 -10.52 19.98 15.43
C SER A 92 -9.80 20.78 16.52
N GLY A 93 -10.43 21.85 16.97
CA GLY A 93 -9.80 22.71 17.94
C GLY A 93 -8.58 23.40 17.36
N GLN A 94 -7.42 23.09 17.94
CA GLN A 94 -6.17 23.67 17.46
C GLN A 94 -5.32 22.61 16.77
N GLU A 95 -5.97 21.53 16.38
CA GLU A 95 -5.29 20.42 15.73
C GLU A 95 -5.99 20.05 14.43
N VAL A 96 -5.25 19.86 13.36
CA VAL A 96 -5.83 19.36 12.12
C VAL A 96 -5.53 17.87 11.98
N VAL A 97 -6.54 17.12 11.60
CA VAL A 97 -6.34 15.71 11.32
C VAL A 97 -6.24 15.50 9.81
N LEU A 98 -5.09 15.01 9.38
CA LEU A 98 -4.87 14.71 7.98
C LEU A 98 -4.94 13.22 7.74
N GLU A 99 -5.84 12.81 6.87
CA GLU A 99 -6.02 11.40 6.55
C GLU A 99 -5.98 11.23 5.04
N TRP A 100 -5.17 10.33 4.54
CA TRP A 100 -5.00 10.19 3.11
C TRP A 100 -4.69 8.76 2.73
N LYS A 101 -4.80 8.47 1.44
CA LYS A 101 -4.71 7.10 0.96
C LYS A 101 -3.27 6.67 0.71
N SER A 102 -3.15 5.36 0.64
CA SER A 102 -1.91 4.62 0.44
C SER A 102 -1.12 5.02 -0.82
N SER A 103 -1.70 5.85 -1.67
CA SER A 103 -1.21 5.85 -3.05
C SER A 103 -0.01 6.78 -3.14
N TYR A 104 0.90 6.51 -4.06
CA TYR A 104 2.13 7.29 -4.18
C TYR A 104 1.82 8.77 -4.30
N THR A 105 0.93 9.07 -5.23
CA THR A 105 0.52 10.44 -5.50
C THR A 105 -0.20 11.04 -4.30
N ASP A 106 -0.97 10.22 -3.60
CA ASP A 106 -1.73 10.68 -2.44
C ASP A 106 -0.80 11.14 -1.32
N ASP A 107 0.30 10.42 -1.12
CA ASP A 107 1.31 10.86 -0.16
C ASP A 107 1.92 12.21 -0.55
N VAL A 108 2.28 12.36 -1.82
CA VAL A 108 3.04 13.53 -2.26
C VAL A 108 2.26 14.84 -2.13
N LEU A 109 1.03 14.86 -2.63
CA LEU A 109 0.21 16.06 -2.52
C LEU A 109 -0.17 16.32 -1.06
N ALA A 110 -0.38 15.23 -0.30
CA ALA A 110 -0.62 15.33 1.14
C ALA A 110 0.58 15.94 1.87
N ILE A 111 1.79 15.64 1.40
CA ILE A 111 2.99 16.24 1.98
C ILE A 111 2.94 17.75 1.84
N SER A 112 2.47 18.22 0.69
CA SER A 112 2.30 19.65 0.49
C SER A 112 1.27 20.18 1.48
N ILE A 113 0.23 19.39 1.75
CA ILE A 113 -0.79 19.77 2.72
C ILE A 113 -0.19 19.92 4.11
N SER A 114 0.60 18.92 4.52
CA SER A 114 1.23 18.95 5.82
C SER A 114 2.07 20.21 6.04
N LYS A 115 2.81 20.65 5.02
CA LYS A 115 3.64 21.84 5.16
C LYS A 115 2.76 23.09 5.31
N MET A 116 1.59 23.07 4.69
CA MET A 116 0.66 24.19 4.75
C MET A 116 0.26 24.48 6.20
N ILE A 117 -0.07 23.43 6.93
CA ILE A 117 -0.55 23.58 8.30
C ILE A 117 0.59 23.63 9.31
N SER A 118 1.70 22.97 9.00
CA SER A 118 2.81 22.89 9.92
C SER A 118 3.57 24.21 10.01
N ASP A 119 3.71 24.88 8.88
CA ASP A 119 4.46 26.13 8.85
C ASP A 119 3.53 27.31 9.03
N MET B 1 -4.38 -30.43 -8.83
CA MET B 1 -4.95 -31.79 -8.98
C MET B 1 -6.42 -31.74 -9.38
N SER B 2 -7.03 -30.56 -9.30
CA SER B 2 -8.42 -30.39 -9.70
C SER B 2 -8.52 -29.32 -10.78
N ASP B 3 -9.71 -28.77 -10.97
CA ASP B 3 -9.90 -27.66 -11.91
C ASP B 3 -9.13 -26.43 -11.43
N VAL B 4 -8.95 -26.34 -10.12
CA VAL B 4 -8.23 -25.22 -9.52
C VAL B 4 -6.72 -25.42 -9.64
N SER B 5 -6.26 -25.57 -10.88
CA SER B 5 -4.84 -25.77 -11.16
C SER B 5 -4.54 -25.44 -12.61
N MET B 6 -3.77 -24.39 -12.85
CA MET B 6 -3.35 -24.06 -14.20
C MET B 6 -1.90 -24.52 -14.42
N GLY B 7 -1.07 -24.37 -13.40
CA GLY B 7 0.25 -25.00 -13.43
C GLY B 7 1.39 -24.04 -13.67
N MET B 8 2.50 -24.55 -14.17
CA MET B 8 3.67 -23.74 -14.46
C MET B 8 3.58 -23.13 -15.84
N VAL B 9 3.89 -21.87 -15.90
CA VAL B 9 3.90 -21.11 -17.14
C VAL B 9 5.20 -20.34 -17.24
N LYS B 10 5.49 -19.81 -18.42
CA LYS B 10 6.73 -19.09 -18.63
C LYS B 10 6.45 -17.63 -18.91
N LEU B 11 7.17 -16.79 -18.17
CA LEU B 11 6.93 -15.36 -18.14
C LEU B 11 7.55 -14.71 -19.38
N ASP B 12 6.78 -13.84 -20.07
CA ASP B 12 7.27 -13.24 -21.31
C ASP B 12 8.28 -12.12 -21.03
N LYS B 13 8.87 -11.62 -22.10
CA LYS B 13 9.90 -10.59 -22.01
C LYS B 13 9.39 -9.34 -21.28
N GLY B 14 8.09 -9.09 -21.38
CA GLY B 14 7.52 -7.87 -20.89
C GLY B 14 7.61 -7.72 -19.39
N PHE B 15 7.59 -8.83 -18.67
CA PHE B 15 7.59 -8.80 -17.20
C PHE B 15 8.80 -8.03 -16.68
N ASP B 16 9.90 -8.08 -17.41
CA ASP B 16 11.13 -7.42 -16.98
C ASP B 16 11.01 -5.91 -17.05
N ALA B 17 9.96 -5.43 -17.72
CA ALA B 17 9.72 -4.00 -17.85
C ALA B 17 8.77 -3.51 -16.76
N LEU B 18 8.09 -4.47 -16.10
CA LEU B 18 7.21 -4.14 -14.99
C LEU B 18 8.00 -3.56 -13.82
N ASN B 19 7.33 -2.77 -13.00
CA ASN B 19 7.97 -2.12 -11.87
C ASN B 19 7.97 -3.03 -10.65
N TYR B 20 8.92 -3.95 -10.60
CA TYR B 20 9.03 -4.90 -9.50
C TYR B 20 9.38 -4.19 -8.21
N ARG B 21 8.64 -4.52 -7.17
CA ARG B 21 8.93 -4.06 -5.82
C ARG B 21 9.00 -5.27 -4.91
N ALA B 22 9.64 -5.14 -3.77
CA ALA B 22 9.77 -6.28 -2.89
C ALA B 22 9.13 -6.02 -1.54
N ILE B 23 8.13 -6.83 -1.23
CA ILE B 23 7.58 -6.89 0.11
C ILE B 23 8.39 -7.89 0.91
N GLY B 24 8.97 -7.48 2.03
CA GLY B 24 9.80 -8.40 2.79
C GLY B 24 10.94 -8.97 1.97
N THR B 25 10.78 -10.22 1.55
CA THR B 25 11.74 -10.88 0.69
C THR B 25 11.09 -11.32 -0.63
N ASP B 26 9.79 -11.10 -0.72
CA ASP B 26 9.01 -11.46 -1.89
C ASP B 26 8.93 -10.25 -2.82
N SER B 27 8.74 -10.46 -4.10
CA SER B 27 8.63 -9.38 -5.05
C SER B 27 7.28 -9.44 -5.77
N VAL B 28 6.64 -8.30 -5.92
CA VAL B 28 5.31 -8.25 -6.50
C VAL B 28 5.27 -7.32 -7.72
N ALA B 29 4.42 -7.68 -8.68
CA ALA B 29 4.15 -6.84 -9.84
C ALA B 29 2.75 -7.13 -10.37
N SER B 30 2.13 -6.13 -10.99
CA SER B 30 0.78 -6.27 -11.52
C SER B 30 0.82 -6.05 -13.02
N PHE B 31 0.00 -6.81 -13.75
CA PHE B 31 0.06 -6.78 -15.20
C PHE B 31 -1.27 -7.19 -15.81
N ARG B 32 -1.55 -6.69 -17.01
CA ARG B 32 -2.64 -7.21 -17.80
C ARG B 32 -2.04 -8.19 -18.79
N GLY B 33 -2.57 -9.40 -18.83
CA GLY B 33 -1.93 -10.42 -19.63
C GLY B 33 -2.90 -11.38 -20.28
N VAL B 34 -2.38 -12.15 -21.23
CA VAL B 34 -3.13 -13.23 -21.83
C VAL B 34 -2.37 -14.53 -21.64
N ARG B 35 -3.04 -15.52 -21.08
CA ARG B 35 -2.44 -16.82 -20.87
C ARG B 35 -2.90 -17.80 -21.94
N ASP B 36 -1.96 -18.33 -22.69
CA ASP B 36 -2.24 -19.29 -23.72
C ASP B 36 -1.23 -20.43 -23.66
N GLY B 37 -1.67 -21.57 -23.14
CA GLY B 37 -0.78 -22.71 -23.03
C GLY B 37 0.18 -22.56 -21.87
N ASP B 38 1.46 -22.74 -22.17
CA ASP B 38 2.51 -22.58 -21.17
C ASP B 38 3.02 -21.15 -21.23
N MET B 39 2.34 -20.33 -22.01
CA MET B 39 2.79 -18.98 -22.25
C MET B 39 1.91 -17.97 -21.52
N VAL B 40 2.55 -17.06 -20.80
CA VAL B 40 1.89 -15.93 -20.20
C VAL B 40 2.53 -14.65 -20.71
N ARG B 41 1.70 -13.79 -21.27
CA ARG B 41 2.19 -12.60 -21.95
C ARG B 41 1.47 -11.39 -21.43
N CYS B 42 2.21 -10.36 -21.06
CA CYS B 42 1.64 -9.14 -20.56
C CYS B 42 1.34 -8.19 -21.71
N ILE B 43 0.10 -7.75 -21.83
CA ILE B 43 -0.29 -6.87 -22.92
C ILE B 43 -0.11 -5.40 -22.51
N GLY B 44 0.27 -5.19 -21.25
CA GLY B 44 0.51 -3.84 -20.77
C GLY B 44 0.32 -3.71 -19.28
N GLU B 45 0.59 -2.52 -18.78
CA GLU B 45 0.45 -2.23 -17.36
C GLU B 45 -1.02 -1.97 -17.03
N GLY B 46 -1.47 -2.56 -15.93
CA GLY B 46 -2.85 -2.45 -15.54
C GLY B 46 -3.06 -1.45 -14.42
N PRO B 47 -3.98 -1.73 -13.49
CA PRO B 47 -4.28 -0.83 -12.38
C PRO B 47 -3.12 -0.73 -11.40
N ARG B 48 -2.82 0.49 -10.95
CA ARG B 48 -1.78 0.71 -9.98
C ARG B 48 -2.35 0.55 -8.58
N MET B 49 -1.87 -0.44 -7.85
CA MET B 49 -2.47 -0.77 -6.58
C MET B 49 -1.44 -1.23 -5.56
N VAL B 50 -1.44 -0.57 -4.42
CA VAL B 50 -0.82 -1.09 -3.21
C VAL B 50 -1.34 -2.48 -2.88
N ILE B 51 -0.47 -3.46 -2.81
CA ILE B 51 -0.84 -4.77 -2.29
C ILE B 51 0.14 -5.20 -1.23
N GLY B 52 -0.25 -6.12 -0.38
CA GLY B 52 0.66 -6.58 0.64
C GLY B 52 0.06 -7.66 1.50
N HIS B 53 0.73 -7.94 2.60
CA HIS B 53 0.28 -8.95 3.54
C HIS B 53 0.33 -8.37 4.94
N ALA B 54 -0.81 -8.36 5.62
CA ALA B 54 -0.85 -7.78 6.94
C ALA B 54 -0.80 -8.88 7.98
N ASP B 55 0.33 -8.96 8.67
CA ASP B 55 0.49 -9.85 9.80
C ASP B 55 0.84 -9.02 11.02
N ILE B 56 -0.04 -9.01 12.02
CA ILE B 56 0.15 -8.18 13.19
C ILE B 56 1.46 -8.51 13.92
N ASN B 57 1.81 -9.79 13.95
CA ASN B 57 3.06 -10.20 14.58
C ASN B 57 4.28 -9.74 13.77
N GLU B 58 4.24 -9.96 12.46
CA GLU B 58 5.35 -9.56 11.58
C GLU B 58 5.54 -8.06 11.61
N MET B 59 4.43 -7.32 11.57
CA MET B 59 4.48 -5.86 11.63
C MET B 59 5.14 -5.44 12.94
N ARG B 60 4.71 -6.07 14.03
CA ARG B 60 5.25 -5.78 15.35
C ARG B 60 6.75 -6.05 15.42
N ARG B 61 7.16 -7.20 14.88
CA ARG B 61 8.58 -7.57 14.88
C ARG B 61 9.42 -6.52 14.17
N MET B 62 8.96 -6.15 12.99
CA MET B 62 9.64 -5.14 12.17
C MET B 62 9.71 -3.79 12.89
N ILE B 63 8.68 -3.45 13.64
CA ILE B 63 8.70 -2.23 14.46
C ILE B 63 9.78 -2.32 15.53
N VAL B 64 9.86 -3.48 16.17
CA VAL B 64 10.89 -3.75 17.17
C VAL B 64 12.28 -3.61 16.56
N GLU B 65 12.40 -3.92 15.27
CA GLU B 65 13.65 -3.78 14.52
C GLU B 65 14.10 -2.31 14.49
N GLY B 66 13.19 -1.40 14.79
CA GLY B 66 13.51 0.01 14.79
C GLY B 66 13.79 0.50 16.20
N SER B 67 13.91 -0.45 17.13
CA SER B 67 14.09 -0.18 18.54
C SER B 67 12.89 0.55 19.11
N MET B 68 11.71 0.00 18.86
CA MET B 68 10.47 0.60 19.30
C MET B 68 9.62 -0.45 20.01
N ARG B 69 9.08 -0.10 21.17
CA ARG B 69 8.28 -1.03 21.95
C ARG B 69 6.84 -1.02 21.47
N VAL B 70 6.30 -2.21 21.23
CA VAL B 70 4.97 -2.33 20.68
C VAL B 70 4.03 -3.06 21.65
N GLU B 71 2.78 -2.66 21.65
CA GLU B 71 1.73 -3.38 22.35
C GLU B 71 0.77 -3.98 21.33
N GLN B 72 0.54 -5.27 21.44
CA GLN B 72 -0.31 -5.96 20.48
C GLN B 72 -1.71 -6.13 21.05
N GLU B 73 -2.69 -5.55 20.38
CA GLU B 73 -4.08 -5.67 20.79
C GLU B 73 -4.93 -6.17 19.63
N GLU B 74 -6.22 -6.34 19.87
CA GLU B 74 -7.14 -6.81 18.85
C GLU B 74 -7.35 -5.76 17.76
N ASN B 75 -7.12 -4.51 18.12
CA ASN B 75 -7.32 -3.39 17.20
C ASN B 75 -6.09 -3.19 16.34
N GLY B 76 -4.98 -3.78 16.75
CA GLY B 76 -3.75 -3.62 16.01
C GLY B 76 -2.56 -3.48 16.92
N LEU B 77 -1.75 -2.46 16.69
CA LEU B 77 -0.51 -2.28 17.43
C LEU B 77 -0.41 -0.85 17.98
N LEU B 78 -0.06 -0.74 19.25
CA LEU B 78 0.25 0.55 19.85
C LEU B 78 1.76 0.64 20.08
N VAL B 79 2.41 1.49 19.30
CA VAL B 79 3.86 1.61 19.36
C VAL B 79 4.32 2.80 20.19
N GLU B 80 5.27 2.58 21.11
CA GLU B 80 5.96 3.67 21.81
C GLU B 80 5.01 4.45 22.71
N ASP B 81 3.99 3.74 23.18
CA ASP B 81 2.92 4.28 24.03
C ASP B 81 2.10 5.34 23.31
N CYS B 82 2.45 5.59 22.05
CA CYS B 82 1.52 6.21 21.10
C CYS B 82 2.06 6.04 19.70
N VAL B 83 1.50 5.10 18.96
CA VAL B 83 1.19 5.20 17.54
C VAL B 83 -0.02 4.33 17.38
N TRP B 84 -1.06 4.74 16.71
CA TRP B 84 -2.21 3.86 16.63
C TRP B 84 -2.28 3.17 15.28
N ILE B 85 -2.29 1.85 15.32
CA ILE B 85 -2.37 1.06 14.11
C ILE B 85 -3.60 0.18 14.17
N ARG B 86 -4.47 0.34 13.20
CA ARG B 86 -5.68 -0.47 13.14
C ARG B 86 -5.64 -1.36 11.91
N VAL B 87 -5.89 -2.64 12.11
CA VAL B 87 -5.78 -3.60 11.03
C VAL B 87 -7.17 -4.01 10.56
N SER B 88 -7.41 -3.88 9.27
CA SER B 88 -8.71 -4.18 8.70
C SER B 88 -8.54 -5.07 7.47
N GLY B 89 -9.60 -5.75 7.06
CA GLY B 89 -9.51 -6.67 5.95
C GLY B 89 -9.09 -5.98 4.66
N ASP B 90 -9.54 -4.75 4.49
CA ASP B 90 -9.27 -4.00 3.27
C ASP B 90 -8.00 -3.15 3.38
N GLY B 91 -7.51 -2.94 4.60
CA GLY B 91 -6.34 -2.10 4.75
C GLY B 91 -5.96 -1.82 6.20
N VAL B 92 -5.14 -0.79 6.39
CA VAL B 92 -4.59 -0.45 7.70
C VAL B 92 -4.67 1.05 7.93
N THR B 93 -4.91 1.45 9.18
CA THR B 93 -4.93 2.86 9.54
C THR B 93 -3.82 3.14 10.56
N ILE B 94 -3.08 4.23 10.36
CA ILE B 94 -2.04 4.62 11.30
C ILE B 94 -2.36 6.01 11.84
N ASP B 95 -2.21 6.22 13.15
CA ASP B 95 -2.58 7.48 13.76
C ASP B 95 -1.35 8.22 14.27
N GLY B 96 -1.30 9.48 13.86
CA GLY B 96 -0.13 10.34 13.90
C GLY B 96 0.09 11.12 15.18
N ARG B 97 -0.69 10.88 16.23
CA ARG B 97 -0.83 11.88 17.30
C ARG B 97 0.41 11.96 18.19
N ASP B 98 1.25 10.95 18.17
CA ASP B 98 2.53 11.04 18.88
C ASP B 98 3.54 11.80 18.03
N SER B 99 4.27 12.71 18.65
CA SER B 99 5.31 13.43 17.94
C SER B 99 6.53 12.51 17.73
N GLY B 100 6.95 12.36 16.49
CA GLY B 100 8.05 11.45 16.18
C GLY B 100 7.60 10.01 16.07
N VAL B 101 8.49 9.15 15.57
CA VAL B 101 8.24 7.69 15.45
C VAL B 101 7.23 7.35 14.35
N PHE B 102 6.32 8.27 14.03
CA PHE B 102 5.28 8.01 13.04
C PHE B 102 5.88 7.53 11.73
N TYR B 103 6.96 8.15 11.30
CA TYR B 103 7.62 7.77 10.05
C TYR B 103 8.18 6.35 10.14
N ALA B 104 8.56 5.95 11.35
CA ALA B 104 9.13 4.61 11.57
C ALA B 104 8.07 3.54 11.38
N VAL B 105 6.86 3.83 11.84
CA VAL B 105 5.73 2.95 11.65
C VAL B 105 5.33 2.90 10.18
N ARG B 106 5.43 4.06 9.54
CA ARG B 106 5.16 4.16 8.11
C ARG B 106 6.09 3.24 7.33
N ASP B 107 7.37 3.24 7.71
CA ASP B 107 8.36 2.38 7.09
C ASP B 107 7.97 0.92 7.18
N VAL B 108 7.55 0.50 8.37
CA VAL B 108 7.17 -0.89 8.60
C VAL B 108 6.00 -1.33 7.72
N VAL B 109 4.96 -0.51 7.67
CA VAL B 109 3.77 -0.87 6.90
C VAL B 109 4.07 -0.86 5.41
N TYR B 110 4.84 0.13 4.96
CA TYR B 110 5.23 0.21 3.56
C TYR B 110 6.16 -0.94 3.16
N ARG B 111 6.92 -1.47 4.12
CA ARG B 111 7.72 -2.67 3.85
C ARG B 111 6.84 -3.90 3.66
N SER B 112 5.67 -3.89 4.28
CA SER B 112 4.75 -5.01 4.21
C SER B 112 3.77 -4.84 3.04
N SER B 113 3.95 -3.75 2.31
CA SER B 113 3.13 -3.43 1.17
C SER B 113 4.01 -2.99 -0.01
N ALA B 114 3.41 -2.85 -1.18
CA ALA B 114 4.16 -2.42 -2.34
C ALA B 114 3.27 -1.65 -3.30
N PHE B 115 3.81 -0.58 -3.88
CA PHE B 115 3.09 0.23 -4.85
C PHE B 115 3.32 -0.31 -6.24
N ILE B 116 2.32 -0.91 -6.85
CA ILE B 116 2.54 -1.50 -8.16
C ILE B 116 1.76 -0.76 -9.22
N GLY A 1 14.56 -29.66 -9.53
CA GLY A 1 15.44 -28.75 -10.30
C GLY A 1 16.41 -28.01 -9.41
N HIS A 2 16.61 -26.73 -9.69
CA HIS A 2 17.48 -25.90 -8.86
C HIS A 2 16.65 -25.27 -7.74
N MET A 3 17.25 -24.39 -6.96
CA MET A 3 16.48 -23.63 -5.98
C MET A 3 15.43 -22.82 -6.73
N LEU A 4 15.89 -22.05 -7.69
CA LEU A 4 15.03 -21.32 -8.59
C LEU A 4 14.69 -22.20 -9.79
N ALA A 5 13.49 -22.02 -10.33
CA ALA A 5 13.13 -22.69 -11.57
C ALA A 5 13.75 -21.95 -12.75
N LYS A 6 13.24 -22.20 -13.94
CA LYS A 6 13.74 -21.51 -15.13
C LYS A 6 13.32 -20.07 -15.04
N ASP A 7 14.16 -19.17 -15.54
CA ASP A 7 13.86 -17.74 -15.51
C ASP A 7 12.73 -17.42 -16.48
N ASN A 8 12.27 -18.44 -17.20
CA ASN A 8 11.13 -18.28 -18.11
C ASN A 8 9.94 -19.07 -17.61
N GLU A 9 10.10 -19.75 -16.48
CA GLU A 9 9.04 -20.56 -15.90
C GLU A 9 8.67 -19.99 -14.55
N ALA A 10 7.39 -19.93 -14.28
CA ALA A 10 6.89 -19.38 -13.03
C ALA A 10 5.85 -20.30 -12.44
N LYS A 11 5.62 -20.16 -11.15
CA LYS A 11 4.66 -20.97 -10.46
C LYS A 11 3.40 -20.14 -10.29
N ILE A 12 2.32 -20.58 -10.85
CA ILE A 12 1.10 -19.81 -10.89
C ILE A 12 -0.05 -20.68 -10.46
N PHE A 13 -1.12 -20.10 -9.96
CA PHE A 13 -2.30 -20.92 -9.76
C PHE A 13 -3.14 -20.86 -11.02
N THR A 14 -2.92 -21.85 -11.87
CA THR A 14 -3.78 -22.00 -13.02
C THR A 14 -4.87 -23.04 -12.89
N GLY A 15 -5.53 -23.23 -14.01
CA GLY A 15 -6.89 -23.67 -14.09
C GLY A 15 -7.74 -22.47 -14.44
N VAL A 16 -7.07 -21.31 -14.48
CA VAL A 16 -7.38 -20.22 -15.39
C VAL A 16 -7.05 -20.53 -16.85
N GLU A 17 -7.99 -20.23 -17.73
CA GLU A 17 -7.74 -20.15 -19.16
C GLU A 17 -8.25 -18.82 -19.70
N GLY A 18 -7.56 -18.30 -20.71
CA GLY A 18 -7.96 -17.05 -21.32
C GLY A 18 -7.35 -15.83 -20.67
N GLU A 19 -8.09 -14.72 -20.72
CA GLU A 19 -7.59 -13.44 -20.24
C GLU A 19 -7.82 -13.29 -18.74
N PHE A 20 -6.80 -12.82 -18.04
CA PHE A 20 -6.89 -12.59 -16.60
C PHE A 20 -5.99 -11.43 -16.19
N GLU A 21 -6.33 -10.76 -15.11
CA GLU A 21 -5.46 -9.74 -14.56
C GLU A 21 -4.71 -10.35 -13.40
N GLY A 22 -3.40 -10.42 -13.49
CA GLY A 22 -2.64 -11.09 -12.47
C GLY A 22 -1.54 -10.23 -11.91
N ILE A 23 -0.78 -10.80 -11.00
CA ILE A 23 0.35 -10.13 -10.41
C ILE A 23 1.53 -11.09 -10.42
N ILE A 24 2.72 -10.55 -10.56
CA ILE A 24 3.91 -11.38 -10.65
C ILE A 24 4.80 -11.13 -9.44
N ILE A 25 5.16 -12.21 -8.78
CA ILE A 25 6.01 -12.14 -7.61
C ILE A 25 7.26 -12.94 -7.85
N GLY A 26 8.41 -12.40 -7.50
CA GLY A 26 9.61 -13.17 -7.59
C GLY A 26 10.28 -13.23 -6.24
N THR A 27 10.60 -14.42 -5.77
CA THR A 27 11.17 -14.56 -4.45
C THR A 27 12.51 -15.25 -4.53
N GLU A 28 13.19 -15.31 -3.40
CA GLU A 28 14.50 -15.96 -3.33
C GLU A 28 14.38 -17.44 -3.71
N ASP A 29 13.18 -17.96 -3.62
CA ASP A 29 12.93 -19.38 -3.88
C ASP A 29 12.46 -19.62 -5.31
N ASP A 30 11.68 -18.68 -5.86
CA ASP A 30 11.07 -18.87 -7.18
C ASP A 30 10.13 -17.71 -7.56
N ILE A 31 9.68 -17.72 -8.81
CA ILE A 31 8.76 -16.72 -9.33
C ILE A 31 7.35 -17.29 -9.33
N ARG A 32 6.38 -16.54 -8.82
CA ARG A 32 4.99 -17.00 -8.71
C ARG A 32 4.02 -15.98 -9.28
N ILE A 33 3.00 -16.45 -9.98
CA ILE A 33 1.93 -15.59 -10.46
C ILE A 33 0.61 -15.92 -9.76
N TYR A 34 -0.04 -14.87 -9.28
CA TYR A 34 -1.36 -14.99 -8.69
C TYR A 34 -2.33 -14.16 -9.51
N LYS A 35 -3.59 -14.58 -9.57
CA LYS A 35 -4.60 -13.82 -10.26
C LYS A 35 -5.07 -12.71 -9.34
N ARG A 36 -5.19 -11.48 -9.81
CA ARG A 36 -5.59 -10.36 -8.95
C ARG A 36 -6.89 -10.66 -8.21
N ASP A 37 -7.77 -11.38 -8.87
CA ASP A 37 -9.10 -11.66 -8.35
C ASP A 37 -9.03 -12.71 -7.26
N GLU A 38 -7.99 -13.53 -7.35
CA GLU A 38 -7.79 -14.62 -6.43
C GLU A 38 -6.87 -14.17 -5.31
N LEU A 39 -6.08 -13.12 -5.60
CA LEU A 39 -4.92 -12.76 -4.80
C LEU A 39 -5.30 -12.34 -3.39
N ILE A 40 -6.47 -11.75 -3.22
CA ILE A 40 -6.91 -11.30 -1.92
C ILE A 40 -7.04 -12.48 -0.95
N GLU A 41 -7.25 -13.66 -1.52
CA GLU A 41 -7.43 -14.87 -0.73
C GLU A 41 -6.08 -15.46 -0.30
N SER A 42 -5.00 -15.11 -0.99
CA SER A 42 -3.65 -15.59 -0.67
C SER A 42 -3.08 -14.92 0.57
N LYS A 43 -2.00 -15.50 1.07
CA LYS A 43 -1.26 -14.94 2.19
C LYS A 43 -0.76 -13.51 1.91
N TYR A 44 -0.82 -13.03 0.65
CA TYR A 44 -0.82 -11.58 0.43
C TYR A 44 -2.20 -11.12 -0.02
N LYS A 45 -2.46 -9.83 0.06
CA LYS A 45 -3.76 -9.29 -0.31
C LYS A 45 -3.64 -7.84 -0.76
N GLU A 46 -4.65 -7.35 -1.48
CA GLU A 46 -4.69 -5.95 -1.88
C GLU A 46 -5.10 -5.13 -0.67
N MET A 47 -4.30 -4.15 -0.32
CA MET A 47 -4.61 -3.31 0.83
C MET A 47 -4.36 -1.85 0.51
N CYS A 48 -5.37 -1.04 0.73
CA CYS A 48 -5.21 0.40 0.63
C CYS A 48 -4.79 0.92 1.99
N ILE A 49 -3.88 1.87 2.02
CA ILE A 49 -3.34 2.35 3.28
C ILE A 49 -3.81 3.77 3.51
N TYR A 50 -4.60 3.96 4.55
CA TYR A 50 -5.08 5.27 4.91
C TYR A 50 -4.13 5.81 5.95
N GLU A 51 -3.47 6.91 5.66
CA GLU A 51 -2.47 7.40 6.57
C GLU A 51 -2.88 8.74 7.13
N ARG A 52 -2.93 8.78 8.45
CA ARG A 52 -3.41 9.93 9.17
C ARG A 52 -2.28 10.60 9.94
N GLN A 53 -2.16 11.92 9.80
CA GLN A 53 -1.16 12.68 10.54
C GLN A 53 -1.81 13.78 11.36
N ARG A 54 -1.40 13.89 12.61
CA ARG A 54 -1.86 14.97 13.48
C ARG A 54 -0.83 16.09 13.46
N ILE A 55 -1.27 17.27 13.04
CA ILE A 55 -0.37 18.40 12.87
C ILE A 55 -0.75 19.55 13.80
N PRO A 56 0.14 19.92 14.74
CA PRO A 56 -0.05 21.09 15.60
C PRO A 56 -0.18 22.38 14.77
N TYR A 57 -1.16 23.19 15.10
CA TYR A 57 -1.50 24.35 14.29
C TYR A 57 -1.85 25.54 15.17
N ASN A 58 -1.41 26.73 14.77
CA ASN A 58 -1.65 27.94 15.55
C ASN A 58 -2.73 28.82 14.89
N SER A 59 -3.11 28.49 13.67
CA SER A 59 -4.10 29.29 12.95
C SER A 59 -5.50 28.68 13.04
N THR A 60 -6.47 29.38 12.44
CA THR A 60 -7.87 28.99 12.52
C THR A 60 -8.31 28.24 11.25
N ALA A 61 -9.52 27.69 11.26
CA ALA A 61 -10.02 26.93 10.11
C ALA A 61 -10.11 27.80 8.86
N VAL A 62 -10.63 29.01 9.00
CA VAL A 62 -10.70 29.97 7.90
C VAL A 62 -9.31 30.27 7.36
N LEU A 63 -8.35 30.36 8.26
CA LEU A 63 -6.97 30.63 7.89
C LEU A 63 -6.37 29.41 7.19
N LEU A 64 -6.75 28.22 7.64
CA LEU A 64 -6.29 26.97 7.03
C LEU A 64 -6.70 26.91 5.57
N LYS A 65 -7.97 27.13 5.32
CA LYS A 65 -8.50 27.18 3.97
C LYS A 65 -7.76 28.21 3.14
N GLN A 66 -7.40 29.30 3.78
CA GLN A 66 -6.73 30.39 3.09
C GLN A 66 -5.32 29.96 2.68
N VAL A 67 -4.57 29.44 3.64
CA VAL A 67 -3.23 28.93 3.36
C VAL A 67 -3.25 27.78 2.37
N LEU A 68 -4.25 26.90 2.47
CA LEU A 68 -4.38 25.82 1.52
C LEU A 68 -4.61 26.37 0.12
N VAL A 69 -5.48 27.38 0.00
CA VAL A 69 -5.73 28.03 -1.29
C VAL A 69 -4.45 28.58 -1.92
N ASP A 70 -3.51 29.03 -1.09
CA ASP A 70 -2.27 29.60 -1.60
C ASP A 70 -1.49 28.55 -2.39
N GLY A 71 -1.49 27.32 -1.89
CA GLY A 71 -0.85 26.23 -2.61
C GLY A 71 -1.80 25.51 -3.54
N PHE A 72 -3.07 25.52 -3.19
CA PHE A 72 -4.05 24.68 -3.86
C PHE A 72 -5.20 25.48 -4.43
N GLU A 73 -5.15 25.75 -5.72
CA GLU A 73 -6.28 26.28 -6.44
C GLU A 73 -7.36 25.21 -6.55
N GLU A 74 -6.96 23.97 -6.31
CA GLU A 74 -7.85 22.82 -6.37
C GLU A 74 -8.48 22.53 -5.00
N LEU A 75 -8.32 23.44 -4.05
CA LEU A 75 -8.85 23.23 -2.70
C LEU A 75 -10.38 23.21 -2.71
N VAL A 76 -10.95 22.11 -2.24
CA VAL A 76 -12.39 22.00 -2.12
C VAL A 76 -12.80 22.02 -0.66
N GLU A 77 -13.61 23.00 -0.28
CA GLU A 77 -14.18 23.04 1.05
C GLU A 77 -15.38 22.10 1.10
N VAL A 78 -15.43 21.26 2.11
CA VAL A 78 -16.52 20.31 2.22
C VAL A 78 -17.20 20.45 3.57
N GLU A 79 -18.36 19.83 3.73
CA GLU A 79 -19.14 19.99 4.94
C GLU A 79 -18.34 19.55 6.18
N SER A 80 -17.69 18.42 6.06
CA SER A 80 -16.98 17.83 7.18
C SER A 80 -15.48 18.15 7.19
N GLY A 81 -15.09 19.29 6.59
CA GLY A 81 -13.68 19.63 6.57
C GLY A 81 -13.24 20.25 5.27
N PHE A 82 -11.97 20.11 4.96
CA PHE A 82 -11.43 20.57 3.69
C PHE A 82 -10.85 19.37 2.97
N MET A 83 -10.97 19.35 1.65
CA MET A 83 -10.45 18.23 0.90
C MET A 83 -9.49 18.72 -0.20
N VAL A 84 -8.24 18.30 -0.08
CA VAL A 84 -7.24 18.59 -1.09
C VAL A 84 -6.90 17.29 -1.82
N GLY A 85 -7.42 17.14 -3.03
CA GLY A 85 -7.31 15.89 -3.73
C GLY A 85 -8.16 14.82 -3.06
N ASN A 86 -7.53 13.75 -2.63
CA ASN A 86 -8.21 12.72 -1.86
C ASN A 86 -7.78 12.76 -0.41
N VAL A 87 -7.19 13.88 -0.01
CA VAL A 87 -6.77 14.07 1.36
C VAL A 87 -7.85 14.79 2.17
N HIS A 88 -8.23 14.20 3.29
CA HIS A 88 -9.22 14.79 4.18
C HIS A 88 -8.54 15.60 5.27
N ILE A 89 -8.93 16.86 5.36
CA ILE A 89 -8.36 17.81 6.32
C ILE A 89 -9.46 18.28 7.28
N VAL A 90 -9.25 18.11 8.58
CA VAL A 90 -10.18 18.65 9.56
C VAL A 90 -9.43 19.27 10.73
N LEU A 91 -9.93 20.41 11.21
CA LEU A 91 -9.25 21.12 12.29
C LEU A 91 -9.95 20.85 13.61
N SER A 92 -9.18 20.40 14.58
CA SER A 92 -9.71 20.09 15.90
C SER A 92 -8.88 20.81 16.95
N GLY A 93 -9.45 21.87 17.51
CA GLY A 93 -8.71 22.66 18.48
C GLY A 93 -7.50 23.32 17.85
N GLN A 94 -6.32 22.96 18.32
CA GLN A 94 -5.09 23.52 17.78
C GLN A 94 -4.31 22.46 17.00
N GLU A 95 -5.00 21.43 16.54
CA GLU A 95 -4.36 20.41 15.71
C GLU A 95 -5.24 20.04 14.53
N VAL A 96 -4.63 19.84 13.38
CA VAL A 96 -5.35 19.38 12.20
C VAL A 96 -5.13 17.89 12.00
N VAL A 97 -6.20 17.17 11.71
CA VAL A 97 -6.11 15.76 11.43
C VAL A 97 -6.13 15.54 9.91
N LEU A 98 -5.05 14.97 9.40
CA LEU A 98 -4.94 14.64 7.99
C LEU A 98 -5.11 13.15 7.77
N GLU A 99 -5.90 12.78 6.76
CA GLU A 99 -6.11 11.38 6.41
C GLU A 99 -6.09 11.29 4.89
N TRP A 100 -5.41 10.32 4.31
CA TRP A 100 -5.34 10.24 2.87
C TRP A 100 -5.08 8.83 2.37
N LYS A 101 -5.31 8.62 1.08
CA LYS A 101 -5.18 7.31 0.47
C LYS A 101 -3.73 6.98 0.13
N SER A 102 -3.41 5.70 0.12
CA SER A 102 -2.03 5.27 -0.12
C SER A 102 -1.44 5.89 -1.39
N SER A 103 -2.18 5.81 -2.51
CA SER A 103 -2.12 6.83 -3.58
C SER A 103 -0.89 7.75 -3.51
N TYR A 104 0.09 7.44 -4.35
CA TYR A 104 1.38 8.13 -4.37
C TYR A 104 1.21 9.63 -4.50
N THR A 105 0.41 10.03 -5.48
CA THR A 105 0.16 11.42 -5.74
C THR A 105 -0.40 12.13 -4.52
N ASP A 106 -1.30 11.46 -3.81
CA ASP A 106 -1.98 12.07 -2.67
C ASP A 106 -1.01 12.39 -1.55
N ASP A 107 0.01 11.56 -1.33
CA ASP A 107 1.07 11.92 -0.40
C ASP A 107 1.77 13.19 -0.83
N VAL A 108 2.05 13.31 -2.12
CA VAL A 108 2.81 14.45 -2.60
C VAL A 108 2.10 15.79 -2.30
N LEU A 109 0.81 15.88 -2.64
CA LEU A 109 0.05 17.08 -2.30
C LEU A 109 -0.21 17.19 -0.80
N ALA A 110 -0.42 16.04 -0.15
CA ALA A 110 -0.57 16.00 1.31
C ALA A 110 0.66 16.55 2.03
N ILE A 111 1.84 16.30 1.46
CA ILE A 111 3.07 16.89 1.98
C ILE A 111 2.98 18.40 1.88
N SER A 112 2.46 18.88 0.76
CA SER A 112 2.22 20.30 0.58
C SER A 112 1.22 20.79 1.62
N ILE A 113 0.21 19.98 1.92
CA ILE A 113 -0.77 20.32 2.96
C ILE A 113 -0.07 20.48 4.31
N SER A 114 0.78 19.51 4.64
CA SER A 114 1.54 19.54 5.88
C SER A 114 2.36 20.82 6.03
N LYS A 115 2.99 21.30 4.96
CA LYS A 115 3.79 22.51 5.05
C LYS A 115 2.90 23.73 5.27
N MET A 116 1.67 23.67 4.75
CA MET A 116 0.73 24.76 4.92
C MET A 116 0.41 24.96 6.40
N ILE A 117 0.13 23.86 7.08
CA ILE A 117 -0.28 23.88 8.48
C ILE A 117 0.90 23.95 9.45
N SER A 118 2.03 23.38 9.06
CA SER A 118 3.18 23.30 9.96
C SER A 118 3.76 24.68 10.24
N ASP A 119 3.37 25.66 9.44
CA ASP A 119 3.81 27.03 9.66
C ASP A 119 2.81 27.75 10.57
N MET B 1 4.64 -31.14 -5.30
CA MET B 1 3.51 -31.13 -4.33
C MET B 1 2.32 -30.42 -4.92
N SER B 2 1.16 -31.04 -4.85
CA SER B 2 -0.08 -30.47 -5.37
C SER B 2 -0.70 -29.49 -4.39
N ASP B 3 0.07 -28.48 -3.99
CA ASP B 3 -0.40 -27.49 -3.04
C ASP B 3 0.01 -26.10 -3.49
N VAL B 4 1.29 -25.79 -3.35
CA VAL B 4 1.79 -24.48 -3.74
C VAL B 4 1.84 -24.38 -5.27
N SER B 5 1.02 -23.46 -5.78
CA SER B 5 0.90 -23.23 -7.22
C SER B 5 0.14 -24.37 -7.90
N MET B 6 -0.47 -24.07 -9.02
CA MET B 6 -1.33 -25.02 -9.69
C MET B 6 -0.98 -25.09 -11.18
N GLY B 7 0.20 -24.56 -11.51
CA GLY B 7 0.66 -24.57 -12.88
C GLY B 7 1.98 -23.85 -13.03
N MET B 8 2.74 -24.21 -14.05
CA MET B 8 3.97 -23.52 -14.38
C MET B 8 3.81 -22.89 -15.74
N VAL B 9 4.01 -21.59 -15.80
CA VAL B 9 3.77 -20.84 -17.02
C VAL B 9 5.04 -20.13 -17.46
N LYS B 10 5.03 -19.70 -18.71
CA LYS B 10 6.16 -19.01 -19.28
C LYS B 10 5.90 -17.51 -19.26
N LEU B 11 6.85 -16.76 -18.71
CA LEU B 11 6.70 -15.31 -18.63
C LEU B 11 7.08 -14.68 -19.96
N ASP B 12 6.23 -13.79 -20.47
CA ASP B 12 6.55 -13.10 -21.70
C ASP B 12 7.45 -11.90 -21.43
N LYS B 13 8.06 -11.41 -22.50
CA LYS B 13 9.02 -10.33 -22.46
C LYS B 13 8.45 -9.05 -21.84
N GLY B 14 7.13 -8.88 -21.90
CA GLY B 14 6.54 -7.61 -21.52
C GLY B 14 6.62 -7.38 -20.02
N PHE B 15 6.58 -8.47 -19.25
CA PHE B 15 6.62 -8.37 -17.79
C PHE B 15 7.88 -7.65 -17.32
N ASP B 16 8.96 -7.76 -18.09
CA ASP B 16 10.24 -7.15 -17.71
C ASP B 16 10.14 -5.63 -17.71
N ALA B 17 9.07 -5.09 -18.29
CA ALA B 17 8.89 -3.65 -18.37
C ALA B 17 8.07 -3.13 -17.19
N LEU B 18 7.42 -4.06 -16.48
CA LEU B 18 6.62 -3.70 -15.31
C LEU B 18 7.49 -3.13 -14.20
N ASN B 19 6.89 -2.32 -13.35
CA ASN B 19 7.61 -1.69 -12.25
C ASN B 19 7.62 -2.60 -11.03
N TYR B 20 8.76 -3.23 -10.80
CA TYR B 20 8.88 -4.16 -9.69
C TYR B 20 9.25 -3.42 -8.41
N ARG B 21 8.52 -3.73 -7.35
CA ARG B 21 8.89 -3.29 -6.01
C ARG B 21 9.14 -4.52 -5.17
N ALA B 22 9.98 -4.41 -4.14
CA ALA B 22 10.25 -5.57 -3.32
C ALA B 22 9.70 -5.40 -1.92
N ILE B 23 8.78 -6.28 -1.55
CA ILE B 23 8.36 -6.42 -0.17
C ILE B 23 9.28 -7.43 0.50
N GLY B 24 9.93 -7.07 1.60
CA GLY B 24 10.78 -8.03 2.27
C GLY B 24 11.82 -8.67 1.35
N THR B 25 11.58 -9.92 0.97
CA THR B 25 12.46 -10.64 0.07
C THR B 25 11.75 -10.98 -1.25
N ASP B 26 10.47 -10.66 -1.32
CA ASP B 26 9.69 -10.93 -2.52
C ASP B 26 9.66 -9.69 -3.42
N SER B 27 9.47 -9.91 -4.70
CA SER B 27 9.35 -8.83 -5.66
C SER B 27 7.95 -8.89 -6.28
N VAL B 28 7.28 -7.75 -6.38
CA VAL B 28 5.89 -7.72 -6.81
C VAL B 28 5.67 -6.75 -7.97
N ALA B 29 4.77 -7.12 -8.87
CA ALA B 29 4.35 -6.25 -9.96
C ALA B 29 2.96 -6.66 -10.46
N SER B 30 2.27 -5.76 -11.13
CA SER B 30 0.90 -5.99 -11.57
C SER B 30 0.81 -5.91 -13.08
N PHE B 31 -0.07 -6.73 -13.67
CA PHE B 31 -0.16 -6.80 -15.12
C PHE B 31 -1.54 -7.28 -15.58
N ARG B 32 -1.84 -7.07 -16.85
CA ARG B 32 -2.95 -7.73 -17.50
C ARG B 32 -2.39 -8.75 -18.47
N GLY B 33 -2.85 -9.98 -18.41
CA GLY B 33 -2.23 -11.04 -19.18
C GLY B 33 -3.20 -12.06 -19.69
N VAL B 34 -2.75 -12.89 -20.61
CA VAL B 34 -3.55 -14.00 -21.09
C VAL B 34 -2.81 -15.32 -20.85
N ARG B 35 -3.52 -16.26 -20.23
CA ARG B 35 -2.96 -17.58 -19.98
C ARG B 35 -3.49 -18.55 -21.02
N ASP B 36 -2.63 -18.93 -21.94
CA ASP B 36 -3.01 -19.84 -23.01
C ASP B 36 -1.97 -20.95 -23.11
N GLY B 37 -2.32 -22.13 -22.63
CA GLY B 37 -1.38 -23.22 -22.60
C GLY B 37 -0.37 -23.05 -21.49
N ASP B 38 0.89 -23.15 -21.83
CA ASP B 38 1.95 -22.91 -20.84
C ASP B 38 2.49 -21.51 -21.00
N MET B 39 1.79 -20.69 -21.78
CA MET B 39 2.27 -19.36 -22.09
C MET B 39 1.44 -18.28 -21.40
N VAL B 40 2.13 -17.33 -20.79
CA VAL B 40 1.50 -16.15 -20.20
C VAL B 40 2.06 -14.89 -20.86
N ARG B 41 1.16 -14.09 -21.40
CA ARG B 41 1.51 -12.96 -22.23
C ARG B 41 0.91 -11.68 -21.65
N CYS B 42 1.71 -10.62 -21.58
CA CYS B 42 1.23 -9.36 -21.06
C CYS B 42 0.58 -8.55 -22.18
N ILE B 43 -0.64 -8.12 -21.95
CA ILE B 43 -1.37 -7.35 -22.94
C ILE B 43 -1.30 -5.85 -22.62
N GLY B 44 -0.76 -5.55 -21.45
CA GLY B 44 -0.58 -4.17 -21.06
C GLY B 44 -0.67 -4.00 -19.55
N GLU B 45 -0.36 -2.80 -19.08
CA GLU B 45 -0.47 -2.50 -17.67
C GLU B 45 -1.91 -2.11 -17.36
N GLY B 46 -2.38 -2.50 -16.18
CA GLY B 46 -3.76 -2.22 -15.81
C GLY B 46 -3.89 -1.91 -14.33
N PRO B 47 -3.85 -2.95 -13.47
CA PRO B 47 -3.94 -2.76 -12.03
C PRO B 47 -2.77 -1.93 -11.49
N ARG B 48 -3.06 -1.10 -10.50
CA ARG B 48 -2.04 -0.27 -9.90
C ARG B 48 -2.39 -0.04 -8.43
N MET B 49 -2.05 -1.01 -7.59
CA MET B 49 -2.57 -1.03 -6.23
C MET B 49 -1.54 -1.58 -5.25
N VAL B 50 -1.50 -0.96 -4.07
CA VAL B 50 -0.78 -1.51 -2.93
C VAL B 50 -1.21 -2.95 -2.65
N ILE B 51 -0.26 -3.87 -2.65
CA ILE B 51 -0.53 -5.21 -2.15
C ILE B 51 0.42 -5.51 -1.01
N GLY B 52 -0.03 -6.26 -0.02
CA GLY B 52 0.83 -6.54 1.10
C GLY B 52 0.57 -7.87 1.77
N HIS B 53 1.42 -8.15 2.74
CA HIS B 53 1.41 -9.41 3.49
C HIS B 53 0.61 -9.32 4.80
N ALA B 54 0.62 -10.46 5.48
CA ALA B 54 -0.27 -10.87 6.55
C ALA B 54 -0.52 -9.86 7.65
N ASP B 55 -1.50 -10.26 8.43
CA ASP B 55 -2.15 -9.51 9.46
C ASP B 55 -1.18 -9.00 10.52
N ILE B 56 -1.62 -7.93 11.15
CA ILE B 56 -0.81 -7.00 11.90
C ILE B 56 0.16 -7.65 12.90
N ASN B 57 -0.07 -8.88 13.34
CA ASN B 57 0.89 -9.55 14.23
C ASN B 57 2.28 -9.62 13.57
N GLU B 58 2.32 -9.81 12.25
CA GLU B 58 3.57 -9.74 11.49
C GLU B 58 4.17 -8.34 11.60
N MET B 59 3.30 -7.35 11.50
CA MET B 59 3.70 -5.96 11.55
C MET B 59 4.32 -5.66 12.92
N ARG B 60 3.71 -6.23 13.96
CA ARG B 60 4.16 -6.05 15.33
C ARG B 60 5.60 -6.47 15.51
N ARG B 61 5.94 -7.65 14.99
CA ARG B 61 7.29 -8.17 15.15
C ARG B 61 8.29 -7.20 14.51
N MET B 62 7.94 -6.70 13.33
CA MET B 62 8.82 -5.75 12.64
C MET B 62 8.93 -4.43 13.42
N ILE B 63 7.84 -4.00 14.06
CA ILE B 63 7.89 -2.80 14.89
C ILE B 63 8.89 -2.99 16.03
N VAL B 64 8.83 -4.15 16.65
CA VAL B 64 9.78 -4.52 17.71
C VAL B 64 11.20 -4.53 17.16
N GLU B 65 11.32 -4.90 15.89
CA GLU B 65 12.60 -4.90 15.18
C GLU B 65 13.14 -3.47 15.05
N GLY B 66 12.28 -2.48 15.27
CA GLY B 66 12.67 -1.09 15.17
C GLY B 66 12.98 -0.53 16.54
N SER B 67 13.06 -1.45 17.50
CA SER B 67 13.28 -1.13 18.91
C SER B 67 12.11 -0.33 19.48
N MET B 68 10.91 -0.82 19.22
CA MET B 68 9.69 -0.15 19.67
C MET B 68 8.79 -1.15 20.38
N ARG B 69 8.21 -0.73 21.50
CA ARG B 69 7.31 -1.60 22.25
C ARG B 69 5.89 -1.50 21.73
N VAL B 70 5.30 -2.65 21.44
CA VAL B 70 3.97 -2.69 20.81
C VAL B 70 2.96 -3.33 21.75
N GLU B 71 1.78 -2.75 21.81
CA GLU B 71 0.69 -3.32 22.59
C GLU B 71 -0.40 -3.82 21.66
N GLN B 72 -0.90 -5.02 21.93
CA GLN B 72 -1.94 -5.61 21.12
C GLN B 72 -3.29 -4.98 21.44
N GLU B 73 -3.90 -4.38 20.43
CA GLU B 73 -5.14 -3.66 20.62
C GLU B 73 -6.17 -4.15 19.62
N GLU B 74 -7.45 -4.13 20.02
CA GLU B 74 -8.57 -4.47 19.13
C GLU B 74 -8.56 -3.63 17.86
N ASN B 75 -7.85 -2.52 17.88
CA ASN B 75 -7.81 -1.65 16.72
C ASN B 75 -6.61 -1.98 15.85
N GLY B 76 -5.62 -2.65 16.43
CA GLY B 76 -4.47 -3.10 15.68
C GLY B 76 -3.23 -3.18 16.54
N LEU B 77 -2.31 -2.24 16.34
CA LEU B 77 -1.06 -2.20 17.10
C LEU B 77 -0.82 -0.80 17.62
N LEU B 78 -0.51 -0.69 18.90
CA LEU B 78 -0.19 0.58 19.52
C LEU B 78 1.26 0.63 19.94
N VAL B 79 2.00 1.66 19.52
CA VAL B 79 3.29 1.93 20.12
C VAL B 79 3.11 2.94 21.27
N GLU B 80 3.71 2.62 22.44
CA GLU B 80 3.57 3.36 23.75
C GLU B 80 3.34 4.89 23.67
N ASP B 81 2.11 5.30 23.28
CA ASP B 81 1.75 6.74 23.26
C ASP B 81 2.46 7.36 22.08
N CYS B 82 2.43 6.50 21.12
CA CYS B 82 3.18 6.43 19.91
C CYS B 82 2.17 5.81 18.99
N VAL B 83 2.52 5.43 17.81
CA VAL B 83 1.66 5.60 16.65
C VAL B 83 0.95 4.29 16.36
N TRP B 84 -0.30 4.39 15.90
CA TRP B 84 -1.16 3.22 15.87
C TRP B 84 -1.21 2.65 14.46
N ILE B 85 -1.33 1.34 14.38
CA ILE B 85 -1.61 0.68 13.12
C ILE B 85 -2.93 -0.04 13.25
N ARG B 86 -3.87 0.30 12.39
CA ARG B 86 -5.20 -0.27 12.46
C ARG B 86 -5.50 -1.10 11.22
N VAL B 87 -6.12 -2.24 11.43
CA VAL B 87 -6.44 -3.14 10.33
C VAL B 87 -7.81 -2.80 9.76
N SER B 88 -7.84 -2.48 8.47
CA SER B 88 -9.09 -2.19 7.80
C SER B 88 -9.44 -3.33 6.85
N GLY B 89 -10.74 -3.53 6.62
CA GLY B 89 -11.18 -4.59 5.75
C GLY B 89 -10.76 -4.38 4.31
N ASP B 90 -10.45 -3.12 3.99
CA ASP B 90 -9.98 -2.77 2.66
C ASP B 90 -8.46 -2.64 2.63
N GLY B 91 -7.85 -2.50 3.81
CA GLY B 91 -6.41 -2.37 3.88
C GLY B 91 -5.92 -2.07 5.28
N VAL B 92 -5.19 -0.98 5.42
CA VAL B 92 -4.60 -0.61 6.70
C VAL B 92 -4.75 0.89 6.94
N THR B 93 -4.94 1.28 8.18
CA THR B 93 -5.01 2.68 8.55
C THR B 93 -3.92 2.98 9.60
N ILE B 94 -3.20 4.06 9.42
CA ILE B 94 -2.16 4.45 10.37
C ILE B 94 -2.60 5.71 11.09
N ASP B 95 -2.35 5.78 12.39
CA ASP B 95 -2.81 6.92 13.16
C ASP B 95 -1.67 7.79 13.62
N GLY B 96 -1.78 9.05 13.22
CA GLY B 96 -0.73 10.05 13.34
C GLY B 96 -0.72 10.84 14.63
N ARG B 97 -1.57 10.51 15.60
CA ARG B 97 -1.83 11.45 16.68
C ARG B 97 -0.64 11.56 17.62
N ASP B 98 0.25 10.58 17.59
CA ASP B 98 1.54 10.74 18.23
C ASP B 98 2.49 11.51 17.31
N SER B 99 3.16 12.52 17.85
CA SER B 99 4.17 13.22 17.09
C SER B 99 5.45 12.39 17.03
N GLY B 100 5.93 12.14 15.82
CA GLY B 100 7.06 11.25 15.65
C GLY B 100 6.60 9.79 15.52
N VAL B 101 7.54 8.90 15.19
CA VAL B 101 7.27 7.46 15.07
C VAL B 101 6.41 7.10 13.85
N PHE B 102 5.63 8.07 13.36
CA PHE B 102 4.81 7.86 12.17
C PHE B 102 5.65 7.33 11.02
N TYR B 103 6.85 7.88 10.90
CA TYR B 103 7.78 7.47 9.84
C TYR B 103 8.22 6.03 10.05
N ALA B 104 8.45 5.66 11.31
CA ALA B 104 8.81 4.29 11.65
C ALA B 104 7.69 3.32 11.29
N VAL B 105 6.47 3.72 11.61
CA VAL B 105 5.30 2.90 11.32
C VAL B 105 5.10 2.74 9.81
N ARG B 106 5.22 3.85 9.10
CA ARG B 106 5.10 3.84 7.64
C ARG B 106 6.13 2.90 7.01
N ASP B 107 7.35 2.93 7.53
CA ASP B 107 8.41 2.07 7.03
C ASP B 107 8.09 0.60 7.27
N VAL B 108 7.60 0.26 8.46
CA VAL B 108 7.23 -1.11 8.78
C VAL B 108 6.14 -1.61 7.85
N VAL B 109 5.12 -0.77 7.65
CA VAL B 109 4.01 -1.12 6.78
C VAL B 109 4.49 -1.30 5.34
N TYR B 110 5.40 -0.44 4.89
CA TYR B 110 5.90 -0.50 3.53
C TYR B 110 6.83 -1.69 3.32
N ARG B 111 7.45 -2.16 4.39
CA ARG B 111 8.22 -3.40 4.32
C ARG B 111 7.30 -4.61 4.18
N SER B 112 6.01 -4.40 4.41
CA SER B 112 5.04 -5.47 4.24
C SER B 112 4.04 -5.17 3.12
N SER B 113 4.26 -4.07 2.40
CA SER B 113 3.38 -3.69 1.30
C SER B 113 4.18 -3.09 0.15
N ALA B 114 3.52 -2.86 -0.98
CA ALA B 114 4.18 -2.30 -2.15
C ALA B 114 3.17 -1.65 -3.09
N PHE B 115 3.55 -0.50 -3.64
CA PHE B 115 2.73 0.18 -4.61
C PHE B 115 3.02 -0.36 -6.01
N ILE B 116 2.08 -1.10 -6.58
CA ILE B 116 2.29 -1.60 -7.93
C ILE B 116 1.14 -1.19 -8.83
N GLY A 1 20.26 -13.23 -4.50
CA GLY A 1 19.33 -12.45 -5.35
C GLY A 1 19.80 -12.40 -6.79
N HIS A 2 19.01 -11.73 -7.64
CA HIS A 2 19.34 -11.55 -9.06
C HIS A 2 19.44 -12.89 -9.79
N MET A 3 18.63 -13.86 -9.35
CA MET A 3 18.56 -15.16 -9.96
C MET A 3 17.22 -15.79 -9.63
N LEU A 4 16.66 -16.57 -10.55
CA LEU A 4 15.36 -17.18 -10.31
C LEU A 4 15.37 -18.66 -10.65
N ALA A 5 14.58 -19.43 -9.90
CA ALA A 5 14.42 -20.87 -10.11
C ALA A 5 14.34 -21.23 -11.59
N LYS A 6 13.28 -20.75 -12.20
CA LYS A 6 13.04 -20.96 -13.61
C LYS A 6 12.38 -19.70 -14.17
N ASP A 7 13.16 -18.92 -14.88
CA ASP A 7 12.80 -17.54 -15.22
C ASP A 7 11.63 -17.45 -16.17
N ASN A 8 11.34 -18.52 -16.89
CA ASN A 8 10.31 -18.47 -17.92
C ASN A 8 9.04 -19.16 -17.44
N GLU A 9 9.12 -19.74 -16.26
CA GLU A 9 8.00 -20.48 -15.68
C GLU A 9 7.52 -19.80 -14.42
N ALA A 10 6.22 -19.77 -14.26
CA ALA A 10 5.58 -19.23 -13.07
C ALA A 10 4.41 -20.12 -12.72
N LYS A 11 3.97 -20.06 -11.48
CA LYS A 11 2.86 -20.89 -11.07
C LYS A 11 1.69 -19.98 -10.77
N ILE A 12 0.62 -20.15 -11.50
CA ILE A 12 -0.53 -19.29 -11.34
C ILE A 12 -1.75 -20.11 -11.02
N PHE A 13 -2.33 -19.91 -9.85
CA PHE A 13 -3.62 -20.55 -9.64
C PHE A 13 -4.62 -19.56 -9.08
N THR A 14 -5.29 -18.77 -9.90
CA THR A 14 -6.63 -18.26 -9.60
C THR A 14 -7.33 -17.86 -10.87
N GLY A 15 -8.59 -18.24 -11.04
CA GLY A 15 -9.52 -17.43 -11.78
C GLY A 15 -9.18 -17.24 -13.23
N VAL A 16 -8.36 -18.11 -13.82
CA VAL A 16 -7.57 -17.72 -14.98
C VAL A 16 -8.46 -17.47 -16.19
N GLU A 17 -8.07 -16.49 -17.00
CA GLU A 17 -8.91 -15.98 -18.06
C GLU A 17 -8.01 -15.61 -19.24
N GLY A 18 -8.54 -15.61 -20.45
CA GLY A 18 -7.85 -14.94 -21.53
C GLY A 18 -7.50 -13.51 -21.14
N GLU A 19 -8.51 -12.64 -21.10
CA GLU A 19 -8.30 -11.27 -20.63
C GLU A 19 -8.48 -11.21 -19.11
N PHE A 20 -7.44 -10.76 -18.39
CA PHE A 20 -7.55 -10.58 -16.95
C PHE A 20 -6.54 -9.56 -16.44
N GLU A 21 -6.86 -8.93 -15.32
CA GLU A 21 -5.93 -8.04 -14.64
C GLU A 21 -5.32 -8.81 -13.47
N GLY A 22 -4.02 -9.04 -13.51
CA GLY A 22 -3.40 -9.90 -12.54
C GLY A 22 -2.19 -9.28 -11.87
N ILE A 23 -1.56 -10.04 -11.01
CA ILE A 23 -0.37 -9.60 -10.31
C ILE A 23 0.66 -10.73 -10.30
N ILE A 24 1.92 -10.37 -10.37
CA ILE A 24 2.98 -11.35 -10.44
C ILE A 24 3.83 -11.27 -9.19
N ILE A 25 4.10 -12.42 -8.60
CA ILE A 25 4.90 -12.49 -7.40
C ILE A 25 6.11 -13.36 -7.66
N GLY A 26 7.28 -12.82 -7.45
CA GLY A 26 8.48 -13.58 -7.61
C GLY A 26 9.24 -13.61 -6.33
N THR A 27 9.64 -14.77 -5.87
CA THR A 27 10.31 -14.87 -4.61
C THR A 27 11.64 -15.57 -4.80
N GLU A 28 12.45 -15.59 -3.76
CA GLU A 28 13.79 -16.14 -3.83
C GLU A 28 13.73 -17.66 -4.03
N ASP A 29 12.51 -18.22 -3.92
CA ASP A 29 12.32 -19.65 -4.06
C ASP A 29 11.53 -20.00 -5.33
N ASP A 30 10.65 -19.11 -5.78
CA ASP A 30 9.69 -19.48 -6.84
C ASP A 30 8.88 -18.27 -7.34
N ILE A 31 8.27 -18.41 -8.51
CA ILE A 31 7.46 -17.35 -9.13
C ILE A 31 6.00 -17.79 -9.22
N ARG A 32 5.06 -16.98 -8.70
CA ARG A 32 3.65 -17.35 -8.73
C ARG A 32 2.79 -16.15 -9.19
N ILE A 33 1.72 -16.44 -9.93
CA ILE A 33 0.78 -15.41 -10.35
C ILE A 33 -0.62 -15.66 -9.75
N TYR A 34 -1.24 -14.58 -9.30
CA TYR A 34 -2.62 -14.59 -8.84
C TYR A 34 -3.38 -13.47 -9.56
N LYS A 35 -4.67 -13.64 -9.73
CA LYS A 35 -5.49 -12.61 -10.36
C LYS A 35 -5.86 -11.57 -9.31
N ARG A 36 -5.77 -10.28 -9.63
CA ARG A 36 -5.95 -9.23 -8.63
C ARG A 36 -7.25 -9.39 -7.84
N ASP A 37 -8.30 -9.76 -8.54
CA ASP A 37 -9.64 -9.81 -7.96
C ASP A 37 -9.79 -11.06 -7.10
N GLU A 38 -8.96 -12.03 -7.39
CA GLU A 38 -9.02 -13.31 -6.70
C GLU A 38 -8.06 -13.28 -5.52
N LEU A 39 -7.01 -12.44 -5.65
CA LEU A 39 -5.91 -12.42 -4.68
C LEU A 39 -6.37 -11.90 -3.34
N ILE A 40 -7.36 -11.02 -3.34
CA ILE A 40 -7.79 -10.36 -2.13
C ILE A 40 -8.27 -11.37 -1.09
N GLU A 41 -8.62 -12.57 -1.56
CA GLU A 41 -9.10 -13.62 -0.68
C GLU A 41 -7.97 -14.40 -0.02
N SER A 42 -6.76 -14.32 -0.58
CA SER A 42 -5.59 -15.01 -0.04
C SER A 42 -4.89 -14.20 1.03
N LYS A 43 -4.03 -14.87 1.79
CA LYS A 43 -3.17 -14.25 2.80
C LYS A 43 -2.31 -13.13 2.19
N TYR A 44 -2.35 -12.98 0.88
CA TYR A 44 -1.69 -11.85 0.23
C TYR A 44 -2.79 -11.04 -0.42
N LYS A 45 -2.76 -9.73 -0.35
CA LYS A 45 -3.86 -8.96 -0.87
C LYS A 45 -3.47 -7.55 -1.26
N GLU A 46 -4.30 -6.93 -2.07
CA GLU A 46 -4.15 -5.52 -2.39
C GLU A 46 -4.55 -4.73 -1.16
N MET A 47 -3.66 -3.89 -0.68
CA MET A 47 -3.91 -3.18 0.57
C MET A 47 -3.74 -1.70 0.42
N CYS A 48 -4.72 -0.95 0.86
CA CYS A 48 -4.58 0.48 0.98
C CYS A 48 -4.10 0.78 2.40
N ILE A 49 -3.13 1.65 2.51
CA ILE A 49 -2.63 2.03 3.81
C ILE A 49 -3.08 3.44 4.10
N TYR A 50 -3.92 3.61 5.09
CA TYR A 50 -4.45 4.91 5.40
C TYR A 50 -3.53 5.58 6.40
N GLU A 51 -2.96 6.68 5.99
CA GLU A 51 -2.10 7.42 6.88
C GLU A 51 -2.85 8.66 7.33
N ARG A 52 -3.15 8.67 8.62
CA ARG A 52 -3.86 9.80 9.20
C ARG A 52 -3.03 10.43 10.29
N GLN A 53 -2.92 11.76 10.23
CA GLN A 53 -2.11 12.49 11.18
C GLN A 53 -2.92 13.59 11.86
N ARG A 54 -2.71 13.75 13.16
CA ARG A 54 -3.30 14.86 13.90
C ARG A 54 -2.32 16.03 13.94
N ILE A 55 -2.75 17.17 13.43
CA ILE A 55 -1.86 18.32 13.30
C ILE A 55 -2.42 19.54 14.03
N PRO A 56 -1.69 20.05 15.04
CA PRO A 56 -2.09 21.25 15.78
C PRO A 56 -2.13 22.49 14.88
N TYR A 57 -3.07 23.37 15.14
CA TYR A 57 -3.34 24.49 14.25
C TYR A 57 -3.80 25.72 15.04
N ASN A 58 -3.43 26.90 14.57
CA ASN A 58 -3.84 28.14 15.22
C ASN A 58 -4.85 28.91 14.36
N SER A 59 -5.06 28.45 13.13
CA SER A 59 -5.93 29.14 12.19
C SER A 59 -7.28 28.43 12.05
N THR A 60 -8.16 29.01 11.23
CA THR A 60 -9.52 28.51 11.07
C THR A 60 -9.66 27.65 9.82
N ALA A 61 -10.81 27.00 9.67
CA ALA A 61 -11.07 26.14 8.51
C ALA A 61 -10.97 26.92 7.20
N VAL A 62 -11.56 28.12 7.18
CA VAL A 62 -11.50 28.97 5.99
C VAL A 62 -10.05 29.34 5.67
N LEU A 63 -9.27 29.64 6.70
CA LEU A 63 -7.86 29.95 6.52
C LEU A 63 -7.10 28.73 5.99
N LEU A 64 -7.52 27.55 6.43
CA LEU A 64 -6.94 26.31 5.96
C LEU A 64 -7.13 26.16 4.46
N LYS A 65 -8.36 26.35 4.01
CA LYS A 65 -8.68 26.31 2.60
C LYS A 65 -7.83 27.32 1.83
N GLN A 66 -7.59 28.47 2.44
CA GLN A 66 -6.86 29.53 1.78
C GLN A 66 -5.40 29.14 1.61
N VAL A 67 -4.77 28.69 2.69
CA VAL A 67 -3.41 28.17 2.63
C VAL A 67 -3.30 26.97 1.69
N LEU A 68 -4.28 26.08 1.73
CA LEU A 68 -4.29 24.93 0.83
C LEU A 68 -4.38 25.40 -0.63
N VAL A 69 -5.26 26.36 -0.90
CA VAL A 69 -5.39 26.93 -2.26
C VAL A 69 -4.05 27.48 -2.76
N ASP A 70 -3.25 28.03 -1.86
CA ASP A 70 -1.98 28.63 -2.25
C ASP A 70 -1.03 27.58 -2.80
N GLY A 71 -1.02 26.40 -2.20
CA GLY A 71 -0.23 25.31 -2.72
C GLY A 71 -0.99 24.47 -3.73
N PHE A 72 -2.30 24.44 -3.62
CA PHE A 72 -3.13 23.50 -4.36
C PHE A 72 -4.27 24.19 -5.10
N GLU A 73 -4.17 24.28 -6.41
CA GLU A 73 -5.32 24.64 -7.23
C GLU A 73 -6.30 23.47 -7.28
N GLU A 74 -5.81 22.30 -6.90
CA GLU A 74 -6.59 21.07 -6.92
C GLU A 74 -7.42 20.89 -5.64
N LEU A 75 -7.48 21.93 -4.81
CA LEU A 75 -8.22 21.82 -3.55
C LEU A 75 -9.72 21.83 -3.80
N VAL A 76 -10.39 20.77 -3.36
CA VAL A 76 -11.83 20.67 -3.47
C VAL A 76 -12.46 20.68 -2.08
N GLU A 77 -13.22 21.71 -1.76
CA GLU A 77 -13.94 21.73 -0.49
C GLU A 77 -15.21 20.91 -0.62
N VAL A 78 -15.52 20.16 0.43
CA VAL A 78 -16.71 19.33 0.45
C VAL A 78 -17.53 19.63 1.70
N GLU A 79 -18.73 19.07 1.78
CA GLU A 79 -19.63 19.38 2.88
C GLU A 79 -19.01 19.08 4.25
N SER A 80 -18.32 17.95 4.35
CA SER A 80 -17.78 17.50 5.62
C SER A 80 -16.26 17.67 5.71
N GLY A 81 -15.70 18.60 4.95
CA GLY A 81 -14.26 18.80 5.01
C GLY A 81 -13.67 19.29 3.70
N PHE A 82 -12.38 19.04 3.51
CA PHE A 82 -11.69 19.40 2.29
C PHE A 82 -11.01 18.17 1.71
N MET A 83 -10.85 18.13 0.39
CA MET A 83 -10.10 17.08 -0.25
C MET A 83 -9.01 17.66 -1.15
N VAL A 84 -7.76 17.35 -0.82
CA VAL A 84 -6.65 17.67 -1.69
C VAL A 84 -6.16 16.39 -2.34
N GLY A 85 -6.51 16.20 -3.60
CA GLY A 85 -6.23 14.94 -4.26
C GLY A 85 -7.02 13.80 -3.63
N ASN A 86 -6.32 12.79 -3.15
CA ASN A 86 -6.98 11.70 -2.45
C ASN A 86 -6.82 11.85 -0.95
N VAL A 87 -6.49 13.06 -0.50
CA VAL A 87 -6.30 13.33 0.91
C VAL A 87 -7.56 13.97 1.52
N HIS A 88 -8.06 13.36 2.57
CA HIS A 88 -9.22 13.89 3.29
C HIS A 88 -8.76 14.75 4.46
N ILE A 89 -9.18 16.00 4.42
CA ILE A 89 -8.81 16.98 5.42
C ILE A 89 -10.03 17.45 6.19
N VAL A 90 -10.01 17.32 7.51
CA VAL A 90 -11.09 17.83 8.33
C VAL A 90 -10.55 18.53 9.58
N LEU A 91 -11.18 19.61 9.97
CA LEU A 91 -10.72 20.39 11.11
C LEU A 91 -11.54 20.03 12.34
N SER A 92 -10.83 19.72 13.41
CA SER A 92 -11.46 19.34 14.66
C SER A 92 -10.90 20.21 15.78
N GLY A 93 -11.67 21.20 16.21
CA GLY A 93 -11.18 22.13 17.19
C GLY A 93 -10.02 22.95 16.67
N GLN A 94 -8.86 22.78 17.30
CA GLN A 94 -7.66 23.49 16.88
C GLN A 94 -6.64 22.55 16.24
N GLU A 95 -7.08 21.38 15.81
CA GLU A 95 -6.20 20.46 15.09
C GLU A 95 -6.90 19.87 13.88
N VAL A 96 -6.15 19.62 12.82
CA VAL A 96 -6.70 19.07 11.59
C VAL A 96 -6.36 17.60 11.49
N VAL A 97 -7.34 16.80 11.08
CA VAL A 97 -7.10 15.38 10.86
C VAL A 97 -6.87 15.14 9.37
N LEU A 98 -5.69 14.66 9.04
CA LEU A 98 -5.36 14.35 7.66
C LEU A 98 -5.36 12.84 7.46
N GLU A 99 -6.18 12.35 6.55
CA GLU A 99 -6.22 10.93 6.23
C GLU A 99 -6.05 10.78 4.72
N TRP A 100 -5.27 9.82 4.25
CA TRP A 100 -5.06 9.74 2.81
C TRP A 100 -4.71 8.33 2.35
N LYS A 101 -4.82 8.13 1.03
CA LYS A 101 -4.56 6.84 0.39
C LYS A 101 -3.06 6.61 0.24
N SER A 102 -2.68 5.35 0.47
CA SER A 102 -1.27 4.94 0.55
C SER A 102 -0.41 5.39 -0.64
N SER A 103 -0.91 5.25 -1.87
CA SER A 103 -0.53 6.15 -2.99
C SER A 103 0.49 7.22 -2.57
N TYR A 104 1.78 6.92 -2.79
CA TYR A 104 2.86 7.76 -2.30
C TYR A 104 2.84 9.14 -2.94
N THR A 105 2.38 9.23 -4.17
CA THR A 105 2.24 10.51 -4.84
C THR A 105 1.30 11.41 -4.03
N ASP A 106 0.24 10.82 -3.49
CA ASP A 106 -0.68 11.52 -2.61
C ASP A 106 0.00 11.88 -1.30
N ASP A 107 0.89 11.02 -0.82
CA ASP A 107 1.70 11.35 0.35
C ASP A 107 2.51 12.61 0.12
N VAL A 108 3.08 12.71 -1.07
CA VAL A 108 3.91 13.84 -1.43
C VAL A 108 3.13 15.16 -1.35
N LEU A 109 1.93 15.16 -1.93
CA LEU A 109 1.06 16.33 -1.85
C LEU A 109 0.51 16.53 -0.42
N ALA A 110 0.19 15.43 0.25
CA ALA A 110 -0.21 15.46 1.66
C ALA A 110 0.88 16.04 2.56
N ILE A 111 2.13 15.78 2.23
CA ILE A 111 3.26 16.40 2.93
C ILE A 111 3.19 17.91 2.75
N SER A 112 2.85 18.33 1.54
CA SER A 112 2.62 19.72 1.25
C SER A 112 1.44 20.23 2.07
N ILE A 113 0.41 19.41 2.26
CA ILE A 113 -0.70 19.76 3.13
C ILE A 113 -0.21 19.97 4.55
N SER A 114 0.59 19.02 5.04
CA SER A 114 1.18 19.12 6.37
C SER A 114 1.97 20.42 6.55
N LYS A 115 2.73 20.84 5.55
CA LYS A 115 3.51 22.08 5.67
C LYS A 115 2.58 23.29 5.75
N MET A 116 1.41 23.20 5.11
CA MET A 116 0.45 24.29 5.12
C MET A 116 -0.02 24.57 6.54
N ILE A 117 -0.38 23.51 7.25
CA ILE A 117 -0.94 23.64 8.59
C ILE A 117 0.14 23.74 9.68
N SER A 118 1.29 23.11 9.46
CA SER A 118 2.33 23.07 10.48
C SER A 118 2.98 24.44 10.68
N ASP A 119 3.09 25.20 9.60
CA ASP A 119 3.66 26.53 9.68
C ASP A 119 2.59 27.55 9.99
N MET B 1 -11.95 -24.73 -19.37
CA MET B 1 -13.19 -24.36 -18.66
C MET B 1 -12.94 -24.32 -17.17
N SER B 2 -13.36 -23.23 -16.52
CA SER B 2 -13.16 -23.06 -15.08
C SER B 2 -11.69 -23.25 -14.72
N ASP B 3 -10.85 -22.34 -15.20
CA ASP B 3 -9.42 -22.44 -15.01
C ASP B 3 -9.00 -21.84 -13.68
N VAL B 4 -9.30 -22.53 -12.58
CA VAL B 4 -8.89 -22.06 -11.26
C VAL B 4 -7.40 -22.34 -11.06
N SER B 5 -7.06 -23.62 -11.09
CA SER B 5 -5.67 -24.02 -10.99
C SER B 5 -5.07 -24.24 -12.37
N MET B 6 -4.20 -23.34 -12.79
CA MET B 6 -3.58 -23.42 -14.10
C MET B 6 -2.19 -24.04 -14.00
N GLY B 7 -1.47 -23.67 -12.95
CA GLY B 7 -0.14 -24.24 -12.76
C GLY B 7 0.94 -23.39 -13.38
N MET B 8 1.90 -24.02 -14.05
CA MET B 8 3.02 -23.28 -14.61
C MET B 8 2.68 -22.72 -15.98
N VAL B 9 3.05 -21.46 -16.15
CA VAL B 9 2.85 -20.75 -17.41
C VAL B 9 4.15 -20.10 -17.84
N LYS B 10 4.20 -19.66 -19.08
CA LYS B 10 5.37 -18.96 -19.59
C LYS B 10 5.18 -17.46 -19.41
N LEU B 11 6.16 -16.81 -18.78
CA LEU B 11 6.12 -15.36 -18.59
C LEU B 11 6.70 -14.67 -19.82
N ASP B 12 6.00 -13.68 -20.33
CA ASP B 12 6.51 -12.93 -21.47
C ASP B 12 7.53 -11.88 -21.02
N LYS B 13 8.36 -11.48 -21.98
CA LYS B 13 9.44 -10.52 -21.75
C LYS B 13 8.93 -9.18 -21.22
N GLY B 14 7.67 -8.86 -21.47
CA GLY B 14 7.15 -7.55 -21.15
C GLY B 14 7.15 -7.29 -19.66
N PHE B 15 7.00 -8.35 -18.86
CA PHE B 15 6.91 -8.22 -17.41
C PHE B 15 8.13 -7.53 -16.81
N ASP B 16 9.29 -7.68 -17.46
CA ASP B 16 10.52 -7.08 -16.94
C ASP B 16 10.46 -5.55 -16.95
N ALA B 17 9.47 -4.99 -17.62
CA ALA B 17 9.33 -3.54 -17.71
C ALA B 17 8.52 -3.01 -16.52
N LEU B 18 7.86 -3.92 -15.82
CA LEU B 18 7.04 -3.55 -14.67
C LEU B 18 7.90 -3.00 -13.54
N ASN B 19 7.28 -2.18 -12.70
CA ASN B 19 7.96 -1.55 -11.58
C ASN B 19 8.01 -2.49 -10.38
N TYR B 20 8.98 -3.41 -10.41
CA TYR B 20 9.13 -4.38 -9.34
C TYR B 20 9.55 -3.71 -8.04
N ARG B 21 8.87 -4.05 -6.96
CA ARG B 21 9.25 -3.60 -5.63
C ARG B 21 9.21 -4.80 -4.71
N ALA B 22 9.98 -4.78 -3.63
CA ALA B 22 10.14 -5.99 -2.83
C ALA B 22 9.54 -5.85 -1.44
N ILE B 23 8.57 -6.73 -1.15
CA ILE B 23 8.08 -6.93 0.19
C ILE B 23 8.94 -7.96 0.89
N GLY B 24 9.57 -7.62 2.01
CA GLY B 24 10.41 -8.60 2.69
C GLY B 24 11.45 -9.24 1.77
N THR B 25 11.22 -10.49 1.40
CA THR B 25 12.10 -11.21 0.49
C THR B 25 11.43 -11.42 -0.87
N ASP B 26 10.17 -11.04 -0.92
CA ASP B 26 9.31 -11.26 -2.08
C ASP B 26 9.38 -10.07 -3.02
N SER B 27 9.27 -10.33 -4.31
CA SER B 27 9.19 -9.27 -5.31
C SER B 27 7.81 -9.29 -5.96
N VAL B 28 7.19 -8.13 -6.12
CA VAL B 28 5.83 -8.07 -6.64
C VAL B 28 5.71 -7.05 -7.76
N ALA B 29 4.72 -7.27 -8.64
CA ALA B 29 4.40 -6.34 -9.72
C ALA B 29 2.96 -6.53 -10.18
N SER B 30 2.36 -5.49 -10.74
CA SER B 30 0.99 -5.54 -11.20
C SER B 30 0.94 -5.35 -12.70
N PHE B 31 0.03 -6.03 -13.37
CA PHE B 31 0.01 -6.01 -14.81
C PHE B 31 -1.38 -6.30 -15.36
N ARG B 32 -1.64 -5.80 -16.54
CA ARG B 32 -2.76 -6.28 -17.34
C ARG B 32 -2.22 -7.32 -18.28
N GLY B 33 -2.79 -8.52 -18.26
CA GLY B 33 -2.21 -9.59 -19.02
C GLY B 33 -3.24 -10.50 -19.61
N VAL B 34 -2.85 -11.23 -20.63
CA VAL B 34 -3.73 -12.19 -21.25
C VAL B 34 -3.16 -13.59 -21.14
N ARG B 35 -3.98 -14.51 -20.66
CA ARG B 35 -3.61 -15.91 -20.61
C ARG B 35 -4.24 -16.63 -21.77
N ASP B 36 -3.39 -17.14 -22.64
CA ASP B 36 -3.80 -17.93 -23.78
C ASP B 36 -2.91 -19.17 -23.87
N GLY B 37 -3.47 -20.30 -23.48
CA GLY B 37 -2.70 -21.53 -23.50
C GLY B 37 -1.73 -21.60 -22.34
N ASP B 38 -0.49 -21.88 -22.66
CA ASP B 38 0.57 -21.95 -21.66
C ASP B 38 1.25 -20.60 -21.52
N MET B 39 0.76 -19.62 -22.25
CA MET B 39 1.43 -18.34 -22.30
C MET B 39 0.67 -17.25 -21.55
N VAL B 40 1.40 -16.53 -20.71
CA VAL B 40 0.89 -15.35 -20.04
C VAL B 40 1.68 -14.14 -20.54
N ARG B 41 0.97 -13.14 -21.04
CA ARG B 41 1.59 -12.01 -21.69
C ARG B 41 1.05 -10.70 -21.14
N CYS B 42 1.92 -9.73 -20.96
CA CYS B 42 1.51 -8.43 -20.44
C CYS B 42 1.07 -7.54 -21.59
N ILE B 43 -0.13 -7.01 -21.49
CA ILE B 43 -0.65 -6.13 -22.53
C ILE B 43 -0.51 -4.68 -22.11
N GLY B 44 -0.11 -4.45 -20.86
CA GLY B 44 0.14 -3.11 -20.39
C GLY B 44 0.17 -3.03 -18.88
N GLU B 45 0.60 -1.88 -18.37
CA GLU B 45 0.66 -1.66 -16.94
C GLU B 45 -0.73 -1.35 -16.40
N GLY B 46 -1.05 -1.94 -15.26
CA GLY B 46 -2.37 -1.78 -14.70
C GLY B 46 -2.42 -0.73 -13.61
N PRO B 47 -3.18 -0.99 -12.55
CA PRO B 47 -3.31 -0.05 -11.44
C PRO B 47 -2.07 -0.04 -10.56
N ARG B 48 -1.63 1.15 -10.16
CA ARG B 48 -0.52 1.26 -9.24
C ARG B 48 -1.04 1.16 -7.83
N MET B 49 -0.89 -0.01 -7.23
CA MET B 49 -1.58 -0.32 -5.99
C MET B 49 -0.67 -1.05 -5.01
N VAL B 50 -0.61 -0.53 -3.81
CA VAL B 50 0.00 -1.23 -2.69
C VAL B 50 -0.58 -2.65 -2.53
N ILE B 51 0.28 -3.65 -2.56
CA ILE B 51 -0.12 -4.99 -2.16
C ILE B 51 0.83 -5.48 -1.08
N GLY B 52 0.41 -6.44 -0.27
CA GLY B 52 1.30 -6.96 0.73
C GLY B 52 0.66 -8.00 1.62
N HIS B 53 1.35 -8.31 2.70
CA HIS B 53 0.88 -9.29 3.67
C HIS B 53 0.98 -8.68 5.06
N ALA B 54 -0.14 -8.61 5.75
CA ALA B 54 -0.15 -7.98 7.06
C ALA B 54 -0.09 -9.02 8.15
N ASP B 55 1.05 -9.06 8.83
CA ASP B 55 1.23 -9.90 10.00
C ASP B 55 1.55 -9.03 11.20
N ILE B 56 0.59 -8.91 12.10
CA ILE B 56 0.72 -8.01 13.25
C ILE B 56 1.97 -8.33 14.07
N ASN B 57 2.27 -9.61 14.23
CA ASN B 57 3.43 -10.04 15.03
C ASN B 57 4.74 -9.66 14.34
N GLU B 58 4.82 -9.90 13.04
CA GLU B 58 6.02 -9.58 12.27
C GLU B 58 6.26 -8.07 12.25
N MET B 59 5.19 -7.32 12.08
CA MET B 59 5.28 -5.86 12.01
C MET B 59 5.71 -5.31 13.37
N ARG B 60 5.08 -5.80 14.42
CA ARG B 60 5.42 -5.42 15.80
C ARG B 60 6.88 -5.71 16.10
N ARG B 61 7.32 -6.90 15.70
CA ARG B 61 8.68 -7.35 15.98
C ARG B 61 9.70 -6.40 15.36
N MET B 62 9.45 -5.97 14.13
CA MET B 62 10.35 -5.05 13.45
C MET B 62 10.44 -3.72 14.20
N ILE B 63 9.34 -3.28 14.79
CA ILE B 63 9.34 -2.06 15.59
C ILE B 63 10.19 -2.27 16.84
N VAL B 64 10.02 -3.42 17.48
CA VAL B 64 10.80 -3.78 18.67
C VAL B 64 12.29 -3.82 18.33
N GLU B 65 12.59 -4.18 17.09
CA GLU B 65 13.97 -4.18 16.58
C GLU B 65 14.58 -2.79 16.62
N GLY B 66 13.73 -1.78 16.77
CA GLY B 66 14.20 -0.41 16.77
C GLY B 66 14.31 0.11 18.19
N SER B 67 14.18 -0.82 19.14
CA SER B 67 14.19 -0.51 20.56
C SER B 67 13.03 0.44 20.92
N MET B 68 11.84 0.08 20.47
CA MET B 68 10.64 0.88 20.72
C MET B 68 9.55 -0.03 21.26
N ARG B 69 8.85 0.40 22.29
CA ARG B 69 7.91 -0.47 22.98
C ARG B 69 6.53 -0.41 22.34
N VAL B 70 6.01 -1.57 22.01
CA VAL B 70 4.73 -1.67 21.34
C VAL B 70 3.77 -2.53 22.16
N GLU B 71 2.49 -2.18 22.12
CA GLU B 71 1.47 -2.98 22.75
C GLU B 71 0.56 -3.54 21.68
N GLN B 72 0.36 -4.84 21.69
CA GLN B 72 -0.43 -5.50 20.66
C GLN B 72 -1.84 -5.76 21.15
N GLU B 73 -2.79 -5.18 20.46
CA GLU B 73 -4.20 -5.34 20.79
C GLU B 73 -4.92 -6.06 19.66
N GLU B 74 -6.22 -6.24 19.79
CA GLU B 74 -7.00 -6.84 18.71
C GLU B 74 -7.06 -5.88 17.53
N ASN B 75 -6.96 -4.60 17.83
CA ASN B 75 -7.06 -3.56 16.81
C ASN B 75 -5.70 -3.27 16.18
N GLY B 76 -4.67 -4.01 16.59
CA GLY B 76 -3.37 -3.83 15.97
C GLY B 76 -2.27 -3.52 16.98
N LEU B 77 -1.53 -2.44 16.71
CA LEU B 77 -0.35 -2.11 17.48
C LEU B 77 -0.35 -0.65 17.93
N LEU B 78 -0.09 -0.43 19.19
CA LEU B 78 0.09 0.92 19.73
C LEU B 78 1.53 1.12 20.19
N VAL B 79 2.17 2.18 19.73
CA VAL B 79 3.41 2.60 20.36
C VAL B 79 3.12 3.72 21.37
N GLU B 80 3.67 3.56 22.59
CA GLU B 80 3.48 4.46 23.78
C GLU B 80 3.15 5.95 23.51
N ASP B 81 1.90 6.23 23.07
CA ASP B 81 1.41 7.63 22.92
C ASP B 81 2.11 8.18 21.69
N CYS B 82 2.20 7.23 20.83
CA CYS B 82 3.02 7.10 19.69
C CYS B 82 2.11 6.29 18.80
N VAL B 83 2.52 5.82 17.68
CA VAL B 83 1.69 5.86 16.49
C VAL B 83 1.02 4.51 16.32
N TRP B 84 -0.22 4.50 15.80
CA TRP B 84 -1.01 3.28 15.85
C TRP B 84 -0.96 2.55 14.52
N ILE B 85 -1.01 1.23 14.59
CA ILE B 85 -1.13 0.41 13.41
C ILE B 85 -2.37 -0.45 13.54
N ARG B 86 -3.29 -0.34 12.59
CA ARG B 86 -4.50 -1.11 12.61
C ARG B 86 -4.63 -1.92 11.34
N VAL B 87 -5.07 -3.16 11.46
CA VAL B 87 -5.20 -4.03 10.31
C VAL B 87 -6.65 -4.05 9.84
N SER B 88 -6.85 -3.67 8.59
CA SER B 88 -8.19 -3.57 8.04
C SER B 88 -8.38 -4.58 6.91
N GLY B 89 -9.62 -4.83 6.53
CA GLY B 89 -9.88 -5.71 5.42
C GLY B 89 -9.31 -5.14 4.13
N ASP B 90 -9.34 -3.82 4.02
CA ASP B 90 -8.91 -3.13 2.80
C ASP B 90 -7.43 -2.78 2.86
N GLY B 91 -6.77 -3.11 3.97
CA GLY B 91 -5.36 -2.80 4.08
C GLY B 91 -4.93 -2.53 5.52
N VAL B 92 -4.23 -1.43 5.73
CA VAL B 92 -3.69 -1.10 7.04
C VAL B 92 -3.88 0.40 7.31
N THR B 93 -4.25 0.74 8.53
CA THR B 93 -4.41 2.13 8.91
C THR B 93 -3.37 2.53 9.96
N ILE B 94 -2.72 3.66 9.74
CA ILE B 94 -1.76 4.19 10.71
C ILE B 94 -2.33 5.48 11.31
N ASP B 95 -2.19 5.66 12.62
CA ASP B 95 -2.96 6.71 13.31
C ASP B 95 -2.10 7.85 13.82
N GLY B 96 -2.74 9.04 13.74
CA GLY B 96 -2.20 10.40 13.95
C GLY B 96 -1.41 10.72 15.20
N ARG B 97 -1.03 9.72 15.93
CA ARG B 97 -0.14 9.87 17.08
C ARG B 97 1.31 10.12 16.61
N ASP B 98 1.35 10.95 15.55
CA ASP B 98 2.44 11.21 14.60
C ASP B 98 3.82 11.44 15.21
N SER B 99 4.79 11.63 14.31
CA SER B 99 6.16 11.12 14.40
C SER B 99 6.85 11.30 15.75
N GLY B 100 7.82 10.42 15.90
CA GLY B 100 8.37 10.01 17.16
C GLY B 100 8.61 8.52 17.06
N VAL B 101 7.71 7.88 16.32
CA VAL B 101 7.89 6.51 15.85
C VAL B 101 7.17 6.32 14.50
N PHE B 102 6.54 7.40 14.01
CA PHE B 102 5.67 7.34 12.83
C PHE B 102 6.40 6.80 11.61
N TYR B 103 7.55 7.38 11.30
CA TYR B 103 8.30 6.97 10.12
C TYR B 103 8.79 5.53 10.27
N ALA B 104 9.10 5.14 11.50
CA ALA B 104 9.49 3.75 11.78
C ALA B 104 8.31 2.82 11.55
N VAL B 105 7.12 3.24 11.98
CA VAL B 105 5.89 2.50 11.74
C VAL B 105 5.64 2.39 10.25
N ARG B 106 5.79 3.52 9.56
CA ARG B 106 5.60 3.59 8.13
C ARG B 106 6.56 2.64 7.43
N ASP B 107 7.82 2.66 7.86
CA ASP B 107 8.85 1.79 7.29
C ASP B 107 8.48 0.31 7.46
N VAL B 108 8.06 -0.06 8.66
CA VAL B 108 7.69 -1.45 8.94
C VAL B 108 6.53 -1.90 8.06
N VAL B 109 5.51 -1.08 7.97
CA VAL B 109 4.35 -1.39 7.16
C VAL B 109 4.75 -1.48 5.69
N TYR B 110 5.59 -0.54 5.26
CA TYR B 110 6.08 -0.52 3.88
C TYR B 110 6.95 -1.73 3.56
N ARG B 111 7.67 -2.23 4.55
CA ARG B 111 8.45 -3.46 4.35
C ARG B 111 7.53 -4.68 4.24
N SER B 112 6.26 -4.50 4.59
CA SER B 112 5.28 -5.57 4.48
C SER B 112 4.35 -5.33 3.29
N SER B 113 4.62 -4.26 2.56
CA SER B 113 3.79 -3.87 1.41
C SER B 113 4.66 -3.37 0.26
N ALA B 114 4.06 -3.14 -0.90
CA ALA B 114 4.79 -2.64 -2.04
C ALA B 114 3.87 -1.90 -3.01
N PHE B 115 4.38 -0.79 -3.55
CA PHE B 115 3.64 0.00 -4.54
C PHE B 115 3.88 -0.57 -5.94
N ILE B 116 2.87 -1.17 -6.54
CA ILE B 116 3.03 -1.72 -7.86
C ILE B 116 1.96 -1.18 -8.81
N GLY A 1 24.06 -20.89 -6.05
CA GLY A 1 23.04 -21.64 -5.27
C GLY A 1 22.01 -22.28 -6.17
N HIS A 2 20.81 -22.46 -5.66
CA HIS A 2 19.73 -23.06 -6.45
C HIS A 2 18.48 -22.15 -6.38
N MET A 3 18.63 -20.99 -5.76
CA MET A 3 17.53 -20.05 -5.62
C MET A 3 17.02 -19.61 -7.00
N LEU A 4 15.71 -19.42 -7.09
CA LEU A 4 15.06 -18.96 -8.32
C LEU A 4 15.08 -20.03 -9.41
N ALA A 5 13.97 -20.14 -10.12
CA ALA A 5 13.88 -21.03 -11.26
C ALA A 5 14.45 -20.34 -12.49
N LYS A 6 14.00 -20.73 -13.67
CA LYS A 6 14.38 -20.04 -14.88
C LYS A 6 13.82 -18.63 -14.83
N ASP A 7 14.57 -17.67 -15.36
CA ASP A 7 14.20 -16.26 -15.25
C ASP A 7 12.97 -15.96 -16.09
N ASN A 8 12.64 -16.87 -17.00
CA ASN A 8 11.44 -16.75 -17.82
C ASN A 8 10.39 -17.77 -17.38
N GLU A 9 10.64 -18.44 -16.28
CA GLU A 9 9.70 -19.41 -15.74
C GLU A 9 9.15 -18.92 -14.41
N ALA A 10 7.86 -19.06 -14.25
CA ALA A 10 7.19 -18.63 -13.05
C ALA A 10 6.20 -19.69 -12.63
N LYS A 11 5.79 -19.65 -11.38
CA LYS A 11 4.80 -20.58 -10.91
C LYS A 11 3.49 -19.83 -10.69
N ILE A 12 2.50 -20.16 -11.48
CA ILE A 12 1.21 -19.53 -11.41
C ILE A 12 0.21 -20.60 -11.07
N PHE A 13 -0.79 -20.30 -10.27
CA PHE A 13 -1.70 -21.36 -9.97
C PHE A 13 -2.96 -21.18 -10.78
N THR A 14 -2.90 -21.90 -11.88
CA THR A 14 -3.98 -21.95 -12.84
C THR A 14 -4.81 -23.21 -12.77
N GLY A 15 -5.64 -23.34 -13.78
CA GLY A 15 -6.90 -23.99 -13.72
C GLY A 15 -7.95 -22.90 -13.80
N VAL A 16 -7.47 -21.66 -13.78
CA VAL A 16 -7.95 -20.59 -14.63
C VAL A 16 -7.35 -20.65 -16.04
N GLU A 17 -8.20 -20.46 -17.04
CA GLU A 17 -7.74 -20.36 -18.42
C GLU A 17 -8.28 -19.10 -19.08
N GLY A 18 -7.55 -18.60 -20.07
CA GLY A 18 -8.00 -17.43 -20.81
C GLY A 18 -7.45 -16.14 -20.27
N GLU A 19 -8.20 -15.06 -20.48
CA GLU A 19 -7.76 -13.73 -20.05
C GLU A 19 -8.00 -13.55 -18.55
N PHE A 20 -7.01 -13.02 -17.86
CA PHE A 20 -7.13 -12.78 -16.43
C PHE A 20 -6.31 -11.55 -16.05
N GLU A 21 -6.78 -10.80 -15.06
CA GLU A 21 -6.01 -9.69 -14.55
C GLU A 21 -5.33 -10.13 -13.26
N GLY A 22 -4.01 -10.16 -13.26
CA GLY A 22 -3.30 -10.82 -12.20
C GLY A 22 -2.12 -10.01 -11.68
N ILE A 23 -1.39 -10.60 -10.76
CA ILE A 23 -0.25 -9.94 -10.16
C ILE A 23 0.94 -10.89 -10.17
N ILE A 24 2.13 -10.34 -10.29
CA ILE A 24 3.33 -11.16 -10.35
C ILE A 24 4.20 -10.89 -9.14
N ILE A 25 4.63 -11.97 -8.50
CA ILE A 25 5.45 -11.89 -7.32
C ILE A 25 6.71 -12.71 -7.53
N GLY A 26 7.83 -12.18 -7.10
CA GLY A 26 9.05 -12.94 -7.16
C GLY A 26 9.72 -12.96 -5.82
N THR A 27 10.11 -14.11 -5.34
CA THR A 27 10.74 -14.20 -4.05
C THR A 27 12.19 -14.59 -4.24
N GLU A 28 12.96 -14.55 -3.18
CA GLU A 28 14.36 -14.96 -3.27
C GLU A 28 14.46 -16.44 -3.66
N ASP A 29 13.33 -17.12 -3.61
CA ASP A 29 13.27 -18.55 -3.88
C ASP A 29 12.74 -18.86 -5.27
N ASP A 30 11.80 -18.04 -5.76
CA ASP A 30 11.07 -18.36 -7.00
C ASP A 30 10.02 -17.31 -7.35
N ILE A 31 9.61 -17.30 -8.62
CA ILE A 31 8.62 -16.36 -9.14
C ILE A 31 7.24 -17.04 -9.17
N ARG A 32 6.21 -16.36 -8.68
CA ARG A 32 4.86 -16.91 -8.63
C ARG A 32 3.82 -15.89 -9.12
N ILE A 33 2.80 -16.38 -9.82
CA ILE A 33 1.70 -15.53 -10.25
C ILE A 33 0.37 -15.99 -9.63
N TYR A 34 -0.40 -15.00 -9.19
CA TYR A 34 -1.74 -15.23 -8.66
C TYR A 34 -2.73 -14.32 -9.38
N LYS A 35 -3.97 -14.77 -9.47
CA LYS A 35 -5.00 -13.97 -10.12
C LYS A 35 -5.52 -12.97 -9.10
N ARG A 36 -5.72 -11.71 -9.47
CA ARG A 36 -6.19 -10.70 -8.50
C ARG A 36 -7.48 -11.15 -7.82
N ASP A 37 -8.30 -11.89 -8.54
CA ASP A 37 -9.63 -12.25 -8.05
C ASP A 37 -9.50 -13.36 -7.02
N GLU A 38 -8.43 -14.12 -7.12
CA GLU A 38 -8.18 -15.24 -6.24
C GLU A 38 -7.34 -14.77 -5.06
N LEU A 39 -6.58 -13.70 -5.29
CA LEU A 39 -5.52 -13.27 -4.40
C LEU A 39 -6.06 -12.80 -3.05
N ILE A 40 -7.27 -12.26 -3.07
CA ILE A 40 -7.89 -11.69 -1.88
C ILE A 40 -7.94 -12.71 -0.73
N GLU A 41 -7.89 -13.99 -1.08
CA GLU A 41 -8.00 -15.05 -0.08
C GLU A 41 -6.65 -15.39 0.56
N SER A 42 -5.54 -15.06 -0.12
CA SER A 42 -4.21 -15.49 0.27
C SER A 42 -3.52 -14.59 1.31
N LYS A 43 -2.44 -15.13 1.86
CA LYS A 43 -1.49 -14.41 2.73
C LYS A 43 -0.94 -13.13 2.06
N TYR A 44 -1.33 -12.92 0.80
CA TYR A 44 -1.06 -11.64 0.14
C TYR A 44 -2.42 -11.05 -0.18
N LYS A 45 -2.61 -9.76 0.00
CA LYS A 45 -3.90 -9.16 -0.32
C LYS A 45 -3.75 -7.68 -0.65
N GLU A 46 -4.72 -7.13 -1.36
CA GLU A 46 -4.76 -5.70 -1.60
C GLU A 46 -5.33 -5.01 -0.36
N MET A 47 -4.60 -4.05 0.15
CA MET A 47 -5.03 -3.32 1.32
C MET A 47 -4.79 -1.84 1.15
N CYS A 48 -5.82 -1.05 1.36
CA CYS A 48 -5.69 0.39 1.22
C CYS A 48 -5.18 0.97 2.54
N ILE A 49 -4.01 1.58 2.47
CA ILE A 49 -3.36 2.12 3.65
C ILE A 49 -3.68 3.60 3.80
N TYR A 50 -4.09 3.96 5.00
CA TYR A 50 -4.46 5.33 5.30
C TYR A 50 -3.46 5.91 6.27
N GLU A 51 -2.86 7.02 5.89
CA GLU A 51 -1.86 7.66 6.71
C GLU A 51 -2.45 8.90 7.36
N ARG A 52 -2.53 8.87 8.67
CA ARG A 52 -3.11 9.96 9.42
C ARG A 52 -2.06 10.65 10.27
N GLN A 53 -1.97 11.97 10.20
CA GLN A 53 -1.04 12.73 11.02
C GLN A 53 -1.72 13.90 11.70
N ARG A 54 -1.35 14.12 12.96
CA ARG A 54 -1.88 15.24 13.73
C ARG A 54 -0.91 16.42 13.69
N ILE A 55 -1.41 17.56 13.21
CA ILE A 55 -0.58 18.74 13.07
C ILE A 55 -1.09 19.89 13.94
N PRO A 56 -0.22 20.44 14.81
CA PRO A 56 -0.56 21.61 15.62
C PRO A 56 -0.76 22.86 14.76
N TYR A 57 -1.75 23.68 15.09
CA TYR A 57 -2.12 24.80 14.25
C TYR A 57 -2.62 25.98 15.10
N ASN A 58 -2.31 27.19 14.67
CA ASN A 58 -2.74 28.39 15.39
C ASN A 58 -3.87 29.10 14.64
N SER A 59 -4.10 28.68 13.41
CA SER A 59 -5.07 29.35 12.55
C SER A 59 -6.43 28.66 12.59
N THR A 60 -7.40 29.26 11.90
CA THR A 60 -8.77 28.77 11.88
C THR A 60 -9.03 27.97 10.61
N ALA A 61 -10.20 27.32 10.54
CA ALA A 61 -10.58 26.54 9.36
C ALA A 61 -10.56 27.42 8.10
N VAL A 62 -11.11 28.63 8.24
CA VAL A 62 -11.13 29.61 7.15
C VAL A 62 -9.71 29.91 6.68
N LEU A 63 -8.80 30.09 7.63
CA LEU A 63 -7.42 30.40 7.33
C LEU A 63 -6.74 29.21 6.66
N LEU A 64 -7.10 28.01 7.08
CA LEU A 64 -6.54 26.78 6.52
C LEU A 64 -6.85 26.69 5.04
N LYS A 65 -8.12 26.87 4.69
CA LYS A 65 -8.53 26.88 3.30
C LYS A 65 -7.76 27.94 2.52
N GLN A 66 -7.48 29.05 3.18
CA GLN A 66 -6.81 30.16 2.53
C GLN A 66 -5.36 29.79 2.22
N VAL A 67 -4.67 29.27 3.24
CA VAL A 67 -3.31 28.77 3.04
C VAL A 67 -3.27 27.65 2.01
N LEU A 68 -4.22 26.73 2.06
CA LEU A 68 -4.28 25.65 1.09
C LEU A 68 -4.52 26.21 -0.32
N VAL A 69 -5.42 27.19 -0.45
CA VAL A 69 -5.67 27.85 -1.74
C VAL A 69 -4.40 28.44 -2.35
N ASP A 70 -3.50 28.92 -1.50
CA ASP A 70 -2.26 29.53 -1.98
C ASP A 70 -1.37 28.48 -2.65
N GLY A 71 -1.36 27.28 -2.10
CA GLY A 71 -0.61 26.18 -2.71
C GLY A 71 -1.42 25.38 -3.70
N PHE A 72 -2.73 25.34 -3.51
CA PHE A 72 -3.57 24.39 -4.22
C PHE A 72 -4.77 25.04 -4.89
N GLU A 73 -4.73 25.10 -6.21
CA GLU A 73 -5.92 25.37 -6.99
C GLU A 73 -6.86 24.17 -6.96
N GLU A 74 -6.31 23.02 -6.60
CA GLU A 74 -7.06 21.76 -6.56
C GLU A 74 -7.74 21.54 -5.21
N LEU A 75 -7.79 22.58 -4.37
CA LEU A 75 -8.40 22.46 -3.06
C LEU A 75 -9.92 22.42 -3.18
N VAL A 76 -10.52 21.36 -2.69
CA VAL A 76 -11.97 21.23 -2.67
C VAL A 76 -12.47 21.21 -1.23
N GLU A 77 -13.20 22.23 -0.84
CA GLU A 77 -13.75 22.29 0.51
C GLU A 77 -15.08 21.55 0.56
N VAL A 78 -15.32 20.85 1.67
CA VAL A 78 -16.54 20.08 1.83
C VAL A 78 -17.14 20.35 3.21
N GLU A 79 -18.33 19.83 3.45
CA GLU A 79 -19.01 20.06 4.72
C GLU A 79 -18.22 19.45 5.87
N SER A 80 -17.70 18.26 5.65
CA SER A 80 -16.99 17.52 6.69
C SER A 80 -15.47 17.78 6.65
N GLY A 81 -15.05 18.90 6.07
CA GLY A 81 -13.63 19.21 6.08
C GLY A 81 -13.14 19.78 4.76
N PHE A 82 -11.85 19.62 4.51
CA PHE A 82 -11.26 20.05 3.26
C PHE A 82 -10.62 18.85 2.57
N MET A 83 -10.68 18.83 1.26
CA MET A 83 -10.01 17.78 0.51
C MET A 83 -9.09 18.39 -0.53
N VAL A 84 -7.80 18.14 -0.38
CA VAL A 84 -6.82 18.58 -1.37
C VAL A 84 -6.40 17.38 -2.20
N GLY A 85 -6.95 17.27 -3.40
CA GLY A 85 -6.73 16.09 -4.20
C GLY A 85 -7.42 14.89 -3.58
N ASN A 86 -6.64 13.92 -3.12
CA ASN A 86 -7.19 12.78 -2.42
C ASN A 86 -6.81 12.79 -0.95
N VAL A 87 -6.34 13.93 -0.48
CA VAL A 87 -5.96 14.09 0.91
C VAL A 87 -7.10 14.72 1.70
N HIS A 88 -7.50 14.04 2.78
CA HIS A 88 -8.58 14.52 3.62
C HIS A 88 -8.04 15.30 4.81
N ILE A 89 -8.48 16.55 4.90
CA ILE A 89 -8.04 17.48 5.92
C ILE A 89 -9.21 17.86 6.83
N VAL A 90 -9.06 17.65 8.11
CA VAL A 90 -10.09 18.05 9.05
C VAL A 90 -9.48 18.80 10.24
N LEU A 91 -10.14 19.87 10.66
CA LEU A 91 -9.64 20.68 11.75
C LEU A 91 -10.39 20.36 13.03
N SER A 92 -9.64 20.03 14.06
CA SER A 92 -10.21 19.69 15.35
C SER A 92 -9.60 20.59 16.42
N GLY A 93 -10.34 21.62 16.80
CA GLY A 93 -9.78 22.62 17.70
C GLY A 93 -8.66 23.39 17.04
N GLN A 94 -7.47 23.28 17.59
CA GLN A 94 -6.30 23.92 17.00
C GLN A 94 -5.34 22.88 16.46
N GLU A 95 -5.85 21.69 16.16
CA GLU A 95 -5.05 20.63 15.59
C GLU A 95 -5.72 20.09 14.34
N VAL A 96 -4.98 19.93 13.25
CA VAL A 96 -5.55 19.39 12.03
C VAL A 96 -5.18 17.92 11.90
N VAL A 97 -6.16 17.11 11.56
CA VAL A 97 -5.93 15.70 11.31
C VAL A 97 -5.85 15.48 9.81
N LEU A 98 -4.71 15.00 9.35
CA LEU A 98 -4.50 14.73 7.94
C LEU A 98 -4.55 13.24 7.67
N GLU A 99 -5.47 12.81 6.82
CA GLU A 99 -5.53 11.44 6.38
C GLU A 99 -5.40 11.44 4.86
N TRP A 100 -4.63 10.55 4.29
CA TRP A 100 -4.47 10.55 2.85
C TRP A 100 -4.24 9.16 2.31
N LYS A 101 -4.38 9.05 1.00
CA LYS A 101 -4.35 7.78 0.31
C LYS A 101 -2.96 7.13 0.37
N SER A 102 -3.00 5.83 0.21
CA SER A 102 -1.85 4.92 0.21
C SER A 102 -0.73 5.31 -0.76
N SER A 103 -0.95 6.24 -1.67
CA SER A 103 -0.12 6.32 -2.85
C SER A 103 0.92 7.42 -2.62
N TYR A 104 2.18 7.12 -2.96
CA TYR A 104 3.30 8.00 -2.65
C TYR A 104 3.15 9.39 -3.28
N THR A 105 2.54 9.45 -4.47
CA THR A 105 2.27 10.73 -5.11
C THR A 105 1.31 11.58 -4.27
N ASP A 106 0.38 10.90 -3.62
CA ASP A 106 -0.56 11.55 -2.70
C ASP A 106 0.20 12.06 -1.48
N ASP A 107 1.23 11.35 -1.09
CA ASP A 107 2.12 11.84 -0.05
C ASP A 107 2.77 13.15 -0.45
N VAL A 108 3.18 13.24 -1.71
CA VAL A 108 3.94 14.37 -2.19
C VAL A 108 3.14 15.70 -2.08
N LEU A 109 1.92 15.70 -2.61
CA LEU A 109 1.08 16.89 -2.49
C LEU A 109 0.63 17.08 -1.03
N ALA A 110 0.39 15.97 -0.33
CA ALA A 110 0.10 16.02 1.11
C ALA A 110 1.23 16.67 1.91
N ILE A 111 2.47 16.45 1.47
CA ILE A 111 3.63 17.10 2.09
C ILE A 111 3.52 18.61 1.93
N SER A 112 3.05 19.05 0.77
CA SER A 112 2.79 20.46 0.56
C SER A 112 1.71 20.94 1.54
N ILE A 113 0.72 20.09 1.79
CA ILE A 113 -0.34 20.40 2.75
C ILE A 113 0.24 20.61 4.14
N SER A 114 1.09 19.68 4.56
CA SER A 114 1.73 19.78 5.87
C SER A 114 2.46 21.11 6.05
N LYS A 115 3.17 21.58 5.03
CA LYS A 115 3.89 22.84 5.14
C LYS A 115 2.92 24.00 5.32
N MET A 116 1.73 23.88 4.71
CA MET A 116 0.72 24.92 4.77
C MET A 116 0.31 25.16 6.23
N ILE A 117 0.05 24.08 6.93
CA ILE A 117 -0.40 24.16 8.31
C ILE A 117 0.76 24.38 9.29
N SER A 118 1.96 24.00 8.87
CA SER A 118 3.14 24.14 9.73
C SER A 118 3.59 25.60 9.82
N ASP A 119 3.26 26.39 8.82
CA ASP A 119 3.69 27.78 8.78
C ASP A 119 2.85 28.65 9.70
N MET B 1 4.42 -32.85 -9.75
CA MET B 1 3.94 -34.04 -10.50
C MET B 1 2.45 -33.92 -10.78
N SER B 2 2.05 -32.83 -11.41
CA SER B 2 0.66 -32.60 -11.75
C SER B 2 0.52 -31.64 -12.91
N ASP B 3 -0.12 -32.10 -13.98
CA ASP B 3 -0.39 -31.24 -15.14
C ASP B 3 -1.73 -30.54 -14.94
N VAL B 4 -2.40 -30.88 -13.84
CA VAL B 4 -3.68 -30.29 -13.49
C VAL B 4 -3.46 -28.99 -12.71
N SER B 5 -2.19 -28.62 -12.56
CA SER B 5 -1.83 -27.39 -11.90
C SER B 5 -0.63 -26.79 -12.62
N MET B 6 -0.92 -25.98 -13.63
CA MET B 6 0.10 -25.45 -14.53
C MET B 6 0.82 -24.27 -13.91
N GLY B 7 1.62 -24.57 -12.89
CA GLY B 7 2.39 -23.57 -12.21
C GLY B 7 3.47 -22.96 -13.08
N MET B 8 4.40 -23.77 -13.54
CA MET B 8 5.59 -23.24 -14.18
C MET B 8 5.28 -22.94 -15.64
N VAL B 9 5.46 -21.67 -15.96
CA VAL B 9 5.04 -21.11 -17.23
C VAL B 9 6.10 -20.18 -17.76
N LYS B 10 5.94 -19.74 -19.00
CA LYS B 10 6.87 -18.77 -19.55
C LYS B 10 6.29 -17.37 -19.40
N LEU B 11 7.08 -16.48 -18.82
CA LEU B 11 6.70 -15.09 -18.66
C LEU B 11 7.03 -14.33 -19.93
N ASP B 12 6.11 -13.49 -20.41
CA ASP B 12 6.38 -12.73 -21.60
C ASP B 12 7.16 -11.47 -21.24
N LYS B 13 7.87 -10.97 -22.24
CA LYS B 13 8.78 -9.85 -22.10
C LYS B 13 8.07 -8.58 -21.60
N GLY B 14 6.77 -8.47 -21.79
CA GLY B 14 6.08 -7.24 -21.46
C GLY B 14 6.07 -6.96 -19.97
N PHE B 15 6.05 -8.03 -19.16
CA PHE B 15 6.01 -7.88 -17.71
C PHE B 15 7.25 -7.14 -17.20
N ASP B 16 8.36 -7.29 -17.93
CA ASP B 16 9.63 -6.71 -17.50
C ASP B 16 9.57 -5.17 -17.45
N ALA B 17 8.59 -4.61 -18.15
CA ALA B 17 8.45 -3.16 -18.22
C ALA B 17 7.57 -2.62 -17.08
N LEU B 18 6.93 -3.53 -16.35
CA LEU B 18 6.04 -3.15 -15.26
C LEU B 18 6.80 -2.42 -14.16
N ASN B 19 6.08 -1.60 -13.40
CA ASN B 19 6.66 -0.80 -12.34
C ASN B 19 6.83 -1.64 -11.08
N TYR B 20 7.92 -2.38 -11.03
CA TYR B 20 8.20 -3.24 -9.89
C TYR B 20 8.47 -2.43 -8.63
N ARG B 21 7.83 -2.82 -7.55
CA ARG B 21 8.16 -2.35 -6.21
C ARG B 21 8.50 -3.57 -5.35
N ALA B 22 9.40 -3.41 -4.39
CA ALA B 22 9.87 -4.56 -3.66
C ALA B 22 9.43 -4.55 -2.21
N ILE B 23 8.72 -5.60 -1.84
CA ILE B 23 8.45 -5.96 -0.47
C ILE B 23 9.64 -6.77 0.02
N GLY B 24 10.22 -6.43 1.18
CA GLY B 24 11.23 -7.30 1.78
C GLY B 24 10.98 -8.78 1.52
N THR B 25 11.87 -9.37 0.69
CA THR B 25 11.80 -10.74 0.15
C THR B 25 11.07 -10.78 -1.19
N ASP B 26 9.82 -10.34 -1.20
CA ASP B 26 8.96 -10.49 -2.38
C ASP B 26 9.00 -9.26 -3.29
N SER B 27 9.17 -9.47 -4.58
CA SER B 27 9.15 -8.38 -5.55
C SER B 27 7.84 -8.47 -6.31
N VAL B 28 7.11 -7.37 -6.41
CA VAL B 28 5.74 -7.45 -6.92
C VAL B 28 5.47 -6.48 -8.05
N ALA B 29 4.50 -6.83 -8.90
CA ALA B 29 4.04 -5.98 -9.99
C ALA B 29 2.62 -6.36 -10.39
N SER B 30 1.87 -5.40 -10.94
CA SER B 30 0.49 -5.61 -11.34
C SER B 30 0.41 -5.62 -12.86
N PHE B 31 -0.40 -6.50 -13.41
CA PHE B 31 -0.43 -6.68 -14.83
C PHE B 31 -1.79 -7.19 -15.30
N ARG B 32 -2.01 -7.09 -16.59
CA ARG B 32 -3.19 -7.66 -17.23
C ARG B 32 -2.71 -8.63 -18.29
N GLY B 33 -3.16 -9.86 -18.26
CA GLY B 33 -2.54 -10.86 -19.08
C GLY B 33 -3.51 -11.90 -19.60
N VAL B 34 -3.05 -12.68 -20.56
CA VAL B 34 -3.82 -13.80 -21.06
C VAL B 34 -3.05 -15.09 -20.86
N ARG B 35 -3.71 -16.07 -20.28
CA ARG B 35 -3.13 -17.37 -20.09
C ARG B 35 -3.48 -18.27 -21.27
N ASP B 36 -2.51 -18.51 -22.13
CA ASP B 36 -2.71 -19.34 -23.30
C ASP B 36 -1.61 -20.38 -23.41
N GLY B 37 -1.94 -21.60 -23.07
CA GLY B 37 -0.97 -22.68 -23.14
C GLY B 37 0.03 -22.63 -22.01
N ASP B 38 1.29 -22.73 -22.37
CA ASP B 38 2.38 -22.67 -21.40
C ASP B 38 2.87 -21.24 -21.24
N MET B 39 2.23 -20.31 -21.91
CA MET B 39 2.69 -18.93 -21.88
C MET B 39 1.73 -18.02 -21.14
N VAL B 40 2.30 -17.13 -20.34
CA VAL B 40 1.55 -16.03 -19.75
C VAL B 40 1.99 -14.76 -20.46
N ARG B 41 1.03 -14.04 -21.03
CA ARG B 41 1.34 -12.91 -21.89
C ARG B 41 0.63 -11.66 -21.41
N CYS B 42 1.32 -10.53 -21.39
CA CYS B 42 0.75 -9.28 -20.93
C CYS B 42 0.03 -8.59 -22.07
N ILE B 43 -1.14 -8.05 -21.77
CA ILE B 43 -1.87 -7.26 -22.75
C ILE B 43 -1.74 -5.78 -22.41
N GLY B 44 -1.21 -5.51 -21.23
CA GLY B 44 -0.98 -4.15 -20.79
C GLY B 44 -0.95 -4.06 -19.27
N GLU B 45 -0.48 -2.93 -18.75
CA GLU B 45 -0.44 -2.73 -17.31
C GLU B 45 -1.82 -2.33 -16.80
N GLY B 46 -2.13 -2.73 -15.58
CA GLY B 46 -3.44 -2.44 -15.04
C GLY B 46 -3.42 -1.29 -14.07
N PRO B 47 -4.34 -1.30 -13.11
CA PRO B 47 -4.49 -0.22 -12.12
C PRO B 47 -3.38 -0.24 -11.07
N ARG B 48 -3.13 0.93 -10.48
CA ARG B 48 -2.17 1.04 -9.40
C ARG B 48 -2.80 0.56 -8.10
N MET B 49 -2.48 -0.67 -7.73
CA MET B 49 -3.15 -1.28 -6.60
C MET B 49 -2.16 -1.69 -5.52
N VAL B 50 -2.39 -1.18 -4.32
CA VAL B 50 -1.67 -1.62 -3.13
C VAL B 50 -1.80 -3.12 -2.93
N ILE B 51 -0.70 -3.85 -2.86
CA ILE B 51 -0.76 -5.23 -2.42
C ILE B 51 0.24 -5.43 -1.30
N GLY B 52 -0.09 -6.28 -0.34
CA GLY B 52 0.83 -6.52 0.74
C GLY B 52 0.58 -7.82 1.46
N HIS B 53 1.37 -8.01 2.50
CA HIS B 53 1.40 -9.23 3.27
C HIS B 53 0.51 -9.19 4.53
N ALA B 54 0.58 -10.31 5.23
CA ALA B 54 -0.33 -10.79 6.25
C ALA B 54 -0.68 -9.82 7.35
N ASP B 55 -1.65 -10.29 8.10
CA ASP B 55 -2.34 -9.62 9.16
C ASP B 55 -1.36 -9.14 10.22
N ILE B 56 -1.81 -8.15 10.96
CA ILE B 56 -1.01 -7.21 11.73
C ILE B 56 0.10 -7.85 12.59
N ASN B 57 -0.06 -9.13 12.96
CA ASN B 57 0.94 -9.79 13.82
C ASN B 57 2.34 -9.78 13.21
N GLU B 58 2.47 -9.99 11.90
CA GLU B 58 3.78 -9.93 11.24
C GLU B 58 4.41 -8.55 11.40
N MET B 59 3.61 -7.52 11.21
CA MET B 59 4.09 -6.15 11.35
C MET B 59 4.55 -5.90 12.79
N ARG B 60 3.82 -6.49 13.73
CA ARG B 60 4.13 -6.36 15.15
C ARG B 60 5.56 -6.77 15.44
N ARG B 61 5.96 -7.92 14.89
CA ARG B 61 7.30 -8.44 15.12
C ARG B 61 8.36 -7.54 14.50
N MET B 62 8.13 -7.12 13.26
CA MET B 62 9.05 -6.23 12.56
C MET B 62 9.24 -4.92 13.33
N ILE B 63 8.17 -4.43 13.95
CA ILE B 63 8.25 -3.23 14.79
C ILE B 63 9.20 -3.46 15.97
N VAL B 64 9.08 -4.62 16.59
CA VAL B 64 9.95 -4.99 17.70
C VAL B 64 11.41 -5.04 17.23
N GLU B 65 11.60 -5.46 15.99
CA GLU B 65 12.93 -5.51 15.38
C GLU B 65 13.47 -4.11 15.11
N GLY B 66 12.57 -3.12 15.22
CA GLY B 66 12.95 -1.72 15.05
C GLY B 66 13.29 -1.11 16.38
N SER B 67 13.44 -1.99 17.38
CA SER B 67 13.65 -1.59 18.76
C SER B 67 12.50 -0.72 19.26
N MET B 68 11.28 -1.16 18.97
CA MET B 68 10.08 -0.43 19.36
C MET B 68 9.12 -1.38 20.05
N ARG B 69 8.47 -0.91 21.11
CA ARG B 69 7.55 -1.75 21.86
C ARG B 69 6.16 -1.71 21.25
N VAL B 70 5.56 -2.88 21.13
CA VAL B 70 4.23 -2.99 20.58
C VAL B 70 3.27 -3.58 21.61
N GLU B 71 2.13 -2.96 21.76
CA GLU B 71 1.09 -3.46 22.64
C GLU B 71 -0.10 -3.89 21.78
N GLN B 72 -0.56 -5.11 21.97
CA GLN B 72 -1.62 -5.65 21.13
C GLN B 72 -3.00 -5.36 21.69
N GLU B 73 -3.90 -4.97 20.80
CA GLU B 73 -5.27 -4.68 21.14
C GLU B 73 -6.20 -5.22 20.06
N GLU B 74 -7.48 -5.35 20.37
CA GLU B 74 -8.46 -5.78 19.38
C GLU B 74 -8.48 -4.84 18.18
N ASN B 75 -8.21 -3.57 18.45
CA ASN B 75 -8.27 -2.53 17.43
C ASN B 75 -6.94 -2.37 16.71
N GLY B 76 -5.99 -3.26 16.95
CA GLY B 76 -4.74 -3.22 16.20
C GLY B 76 -3.49 -3.32 17.07
N LEU B 77 -2.54 -2.42 16.81
CA LEU B 77 -1.24 -2.43 17.49
C LEU B 77 -0.90 -1.03 17.99
N LEU B 78 -0.46 -0.94 19.24
CA LEU B 78 -0.04 0.33 19.82
C LEU B 78 1.48 0.34 20.03
N VAL B 79 2.18 1.15 19.25
CA VAL B 79 3.65 1.21 19.30
C VAL B 79 4.15 2.42 20.08
N GLU B 80 5.10 2.19 21.00
CA GLU B 80 5.84 3.28 21.68
C GLU B 80 4.90 4.17 22.50
N ASP B 81 3.83 3.54 22.97
CA ASP B 81 2.77 4.17 23.76
C ASP B 81 1.98 5.20 22.94
N CYS B 82 2.36 5.38 21.67
CA CYS B 82 1.47 5.95 20.69
C CYS B 82 1.99 5.68 19.29
N VAL B 83 1.42 4.71 18.61
CA VAL B 83 1.08 4.76 17.20
C VAL B 83 -0.12 3.87 17.08
N TRP B 84 -1.15 4.23 16.34
CA TRP B 84 -2.24 3.27 16.23
C TRP B 84 -2.28 2.64 14.85
N ILE B 85 -2.23 1.32 14.83
CA ILE B 85 -2.35 0.59 13.58
C ILE B 85 -3.63 -0.21 13.63
N ARG B 86 -4.53 0.07 12.72
CA ARG B 86 -5.83 -0.58 12.73
C ARG B 86 -6.05 -1.33 11.44
N VAL B 87 -6.64 -2.52 11.54
CA VAL B 87 -6.94 -3.29 10.35
C VAL B 87 -8.34 -2.95 9.88
N SER B 88 -8.44 -2.41 8.68
CA SER B 88 -9.71 -1.99 8.13
C SER B 88 -10.18 -2.98 7.08
N GLY B 89 -11.48 -2.95 6.80
CA GLY B 89 -12.02 -3.80 5.76
C GLY B 89 -11.49 -3.40 4.40
N ASP B 90 -11.07 -2.14 4.28
CA ASP B 90 -10.51 -1.63 3.04
C ASP B 90 -9.00 -1.82 3.01
N GLY B 91 -8.40 -2.00 4.18
CA GLY B 91 -6.96 -2.12 4.26
C GLY B 91 -6.42 -1.89 5.65
N VAL B 92 -5.62 -0.85 5.80
CA VAL B 92 -4.95 -0.56 7.07
C VAL B 92 -4.92 0.94 7.33
N THR B 93 -5.02 1.32 8.59
CA THR B 93 -4.93 2.71 8.99
C THR B 93 -3.84 2.89 10.03
N ILE B 94 -3.03 3.91 9.88
CA ILE B 94 -1.96 4.19 10.84
C ILE B 94 -2.19 5.56 11.46
N ASP B 95 -1.95 5.68 12.76
CA ASP B 95 -2.17 6.93 13.45
C ASP B 95 -0.85 7.57 13.82
N GLY B 96 -0.75 8.78 13.33
CA GLY B 96 0.46 9.58 13.30
C GLY B 96 0.68 10.43 14.52
N ARG B 97 -0.14 10.25 15.54
CA ARG B 97 -0.32 11.29 16.54
C ARG B 97 0.91 11.41 17.43
N ASP B 98 1.74 10.37 17.46
CA ASP B 98 3.04 10.48 18.11
C ASP B 98 4.04 11.14 17.17
N SER B 99 4.74 12.12 17.68
CA SER B 99 5.71 12.84 16.90
C SER B 99 6.99 12.02 16.71
N GLY B 100 7.39 11.81 15.46
CA GLY B 100 8.65 11.14 15.18
C GLY B 100 8.48 9.70 14.71
N VAL B 101 7.87 8.86 15.53
CA VAL B 101 7.85 7.42 15.28
C VAL B 101 6.83 7.02 14.20
N PHE B 102 6.08 7.99 13.69
CA PHE B 102 5.06 7.72 12.67
C PHE B 102 5.64 6.97 11.47
N TYR B 103 6.69 7.51 10.87
CA TYR B 103 7.25 6.91 9.67
C TYR B 103 7.93 5.58 9.97
N ALA B 104 8.36 5.38 11.21
CA ALA B 104 8.96 4.11 11.61
C ALA B 104 7.96 2.98 11.45
N VAL B 105 6.74 3.23 11.89
CA VAL B 105 5.64 2.29 11.71
C VAL B 105 5.31 2.13 10.24
N ARG B 106 5.32 3.23 9.53
CA ARG B 106 4.99 3.23 8.12
C ARG B 106 5.99 2.38 7.34
N ASP B 107 7.26 2.51 7.69
CA ASP B 107 8.31 1.71 7.07
C ASP B 107 8.05 0.22 7.28
N VAL B 108 7.63 -0.15 8.49
CA VAL B 108 7.31 -1.55 8.78
C VAL B 108 6.20 -2.06 7.86
N VAL B 109 5.16 -1.27 7.72
CA VAL B 109 4.03 -1.63 6.87
C VAL B 109 4.46 -1.73 5.41
N TYR B 110 5.24 -0.75 4.97
CA TYR B 110 5.67 -0.69 3.58
C TYR B 110 6.76 -1.72 3.27
N ARG B 111 7.49 -2.16 4.27
CA ARG B 111 8.38 -3.31 4.10
C ARG B 111 7.58 -4.59 3.88
N SER B 112 6.28 -4.53 4.16
CA SER B 112 5.40 -5.68 4.01
C SER B 112 4.37 -5.45 2.90
N SER B 113 4.44 -4.29 2.25
CA SER B 113 3.49 -3.95 1.19
C SER B 113 4.19 -3.25 0.04
N ALA B 114 3.50 -3.08 -1.07
CA ALA B 114 4.07 -2.42 -2.24
C ALA B 114 2.97 -1.88 -3.14
N PHE B 115 3.22 -0.70 -3.70
CA PHE B 115 2.24 -0.03 -4.53
C PHE B 115 2.56 -0.29 -5.99
N ILE B 116 1.70 -1.03 -6.67
CA ILE B 116 1.97 -1.39 -8.05
C ILE B 116 0.92 -0.86 -9.00
N GLY A 1 24.06 -20.89 -6.05
CA GLY A 1 23.04 -21.64 -5.27
C GLY A 1 22.01 -22.28 -6.17
N HIS A 2 20.81 -22.46 -5.66
CA HIS A 2 19.73 -23.06 -6.45
C HIS A 2 18.48 -22.15 -6.38
N MET A 3 18.63 -20.99 -5.76
CA MET A 3 17.53 -20.05 -5.62
C MET A 3 17.02 -19.61 -7.00
N LEU A 4 15.71 -19.42 -7.09
CA LEU A 4 15.06 -18.96 -8.32
C LEU A 4 15.08 -20.03 -9.41
N ALA A 5 13.97 -20.14 -10.12
CA ALA A 5 13.88 -21.03 -11.26
C ALA A 5 14.45 -20.34 -12.49
N LYS A 6 14.00 -20.73 -13.67
CA LYS A 6 14.38 -20.04 -14.88
C LYS A 6 13.82 -18.63 -14.83
N ASP A 7 14.57 -17.67 -15.36
CA ASP A 7 14.20 -16.26 -15.25
C ASP A 7 12.97 -15.96 -16.09
N ASN A 8 12.64 -16.87 -17.00
CA ASN A 8 11.44 -16.75 -17.82
C ASN A 8 10.39 -17.77 -17.38
N GLU A 9 10.64 -18.44 -16.28
CA GLU A 9 9.70 -19.41 -15.74
C GLU A 9 9.15 -18.92 -14.41
N ALA A 10 7.86 -19.06 -14.25
CA ALA A 10 7.19 -18.63 -13.05
C ALA A 10 6.20 -19.69 -12.63
N LYS A 11 5.79 -19.65 -11.38
CA LYS A 11 4.80 -20.58 -10.91
C LYS A 11 3.49 -19.83 -10.69
N ILE A 12 2.50 -20.16 -11.48
CA ILE A 12 1.21 -19.53 -11.41
C ILE A 12 0.21 -20.60 -11.07
N PHE A 13 -0.79 -20.30 -10.27
CA PHE A 13 -1.70 -21.36 -9.97
C PHE A 13 -2.96 -21.18 -10.78
N THR A 14 -2.90 -21.90 -11.88
CA THR A 14 -3.98 -21.95 -12.84
C THR A 14 -4.81 -23.21 -12.77
N GLY A 15 -5.64 -23.34 -13.78
CA GLY A 15 -6.90 -23.99 -13.72
C GLY A 15 -7.95 -22.90 -13.80
N VAL A 16 -7.47 -21.66 -13.78
CA VAL A 16 -7.95 -20.59 -14.63
C VAL A 16 -7.35 -20.65 -16.04
N GLU A 17 -8.20 -20.46 -17.04
CA GLU A 17 -7.74 -20.36 -18.42
C GLU A 17 -8.28 -19.10 -19.08
N GLY A 18 -7.55 -18.60 -20.07
CA GLY A 18 -8.00 -17.43 -20.81
C GLY A 18 -7.45 -16.14 -20.27
N GLU A 19 -8.20 -15.06 -20.48
CA GLU A 19 -7.76 -13.73 -20.05
C GLU A 19 -8.00 -13.55 -18.55
N PHE A 20 -7.01 -13.02 -17.86
CA PHE A 20 -7.13 -12.78 -16.43
C PHE A 20 -6.31 -11.55 -16.05
N GLU A 21 -6.78 -10.80 -15.06
CA GLU A 21 -6.01 -9.69 -14.55
C GLU A 21 -5.33 -10.13 -13.26
N GLY A 22 -4.01 -10.16 -13.26
CA GLY A 22 -3.30 -10.82 -12.20
C GLY A 22 -2.12 -10.01 -11.68
N ILE A 23 -1.39 -10.60 -10.76
CA ILE A 23 -0.25 -9.94 -10.16
C ILE A 23 0.94 -10.89 -10.17
N ILE A 24 2.13 -10.34 -10.29
CA ILE A 24 3.33 -11.16 -10.35
C ILE A 24 4.20 -10.89 -9.14
N ILE A 25 4.63 -11.97 -8.50
CA ILE A 25 5.45 -11.89 -7.32
C ILE A 25 6.71 -12.71 -7.53
N GLY A 26 7.83 -12.18 -7.10
CA GLY A 26 9.05 -12.94 -7.16
C GLY A 26 9.72 -12.96 -5.82
N THR A 27 10.11 -14.11 -5.34
CA THR A 27 10.74 -14.20 -4.05
C THR A 27 12.19 -14.59 -4.24
N GLU A 28 12.96 -14.55 -3.18
CA GLU A 28 14.36 -14.96 -3.27
C GLU A 28 14.46 -16.44 -3.66
N ASP A 29 13.33 -17.12 -3.61
CA ASP A 29 13.27 -18.55 -3.88
C ASP A 29 12.74 -18.86 -5.27
N ASP A 30 11.80 -18.04 -5.76
CA ASP A 30 11.07 -18.36 -7.00
C ASP A 30 10.02 -17.31 -7.35
N ILE A 31 9.61 -17.30 -8.62
CA ILE A 31 8.62 -16.36 -9.14
C ILE A 31 7.24 -17.04 -9.17
N ARG A 32 6.21 -16.36 -8.68
CA ARG A 32 4.86 -16.91 -8.63
C ARG A 32 3.82 -15.89 -9.12
N ILE A 33 2.80 -16.38 -9.82
CA ILE A 33 1.70 -15.53 -10.25
C ILE A 33 0.37 -15.99 -9.63
N TYR A 34 -0.40 -15.00 -9.19
CA TYR A 34 -1.74 -15.23 -8.66
C TYR A 34 -2.73 -14.32 -9.38
N LYS A 35 -3.97 -14.77 -9.47
CA LYS A 35 -5.00 -13.97 -10.12
C LYS A 35 -5.52 -12.97 -9.10
N ARG A 36 -5.72 -11.71 -9.47
CA ARG A 36 -6.19 -10.70 -8.50
C ARG A 36 -7.48 -11.15 -7.82
N ASP A 37 -8.30 -11.89 -8.54
CA ASP A 37 -9.63 -12.25 -8.05
C ASP A 37 -9.50 -13.36 -7.02
N GLU A 38 -8.43 -14.12 -7.12
CA GLU A 38 -8.18 -15.24 -6.24
C GLU A 38 -7.34 -14.77 -5.06
N LEU A 39 -6.58 -13.70 -5.29
CA LEU A 39 -5.52 -13.27 -4.40
C LEU A 39 -6.06 -12.80 -3.05
N ILE A 40 -7.27 -12.26 -3.07
CA ILE A 40 -7.89 -11.69 -1.88
C ILE A 40 -7.94 -12.71 -0.73
N GLU A 41 -7.89 -13.99 -1.08
CA GLU A 41 -8.00 -15.05 -0.08
C GLU A 41 -6.65 -15.39 0.56
N SER A 42 -5.54 -15.06 -0.12
CA SER A 42 -4.21 -15.49 0.27
C SER A 42 -3.52 -14.59 1.31
N LYS A 43 -2.44 -15.13 1.86
CA LYS A 43 -1.49 -14.41 2.73
C LYS A 43 -0.94 -13.13 2.06
N TYR A 44 -1.33 -12.92 0.80
CA TYR A 44 -1.06 -11.64 0.14
C TYR A 44 -2.42 -11.05 -0.18
N LYS A 45 -2.61 -9.76 0.00
CA LYS A 45 -3.90 -9.16 -0.32
C LYS A 45 -3.75 -7.68 -0.65
N GLU A 46 -4.72 -7.13 -1.36
CA GLU A 46 -4.76 -5.70 -1.60
C GLU A 46 -5.33 -5.01 -0.36
N MET A 47 -4.60 -4.05 0.15
CA MET A 47 -5.03 -3.32 1.32
C MET A 47 -4.79 -1.84 1.15
N CYS A 48 -5.82 -1.05 1.36
CA CYS A 48 -5.69 0.39 1.22
C CYS A 48 -5.18 0.97 2.54
N ILE A 49 -4.01 1.58 2.47
CA ILE A 49 -3.36 2.12 3.65
C ILE A 49 -3.68 3.60 3.80
N TYR A 50 -4.09 3.96 5.00
CA TYR A 50 -4.46 5.33 5.30
C TYR A 50 -3.46 5.91 6.27
N GLU A 51 -2.86 7.02 5.89
CA GLU A 51 -1.86 7.66 6.71
C GLU A 51 -2.45 8.90 7.36
N ARG A 52 -2.53 8.87 8.67
CA ARG A 52 -3.11 9.96 9.42
C ARG A 52 -2.06 10.65 10.27
N GLN A 53 -1.97 11.97 10.20
CA GLN A 53 -1.04 12.73 11.02
C GLN A 53 -1.72 13.90 11.70
N ARG A 54 -1.35 14.12 12.96
CA ARG A 54 -1.88 15.24 13.73
C ARG A 54 -0.91 16.42 13.69
N ILE A 55 -1.41 17.56 13.21
CA ILE A 55 -0.58 18.74 13.07
C ILE A 55 -1.09 19.89 13.94
N PRO A 56 -0.22 20.44 14.81
CA PRO A 56 -0.56 21.61 15.62
C PRO A 56 -0.76 22.86 14.76
N TYR A 57 -1.75 23.68 15.09
CA TYR A 57 -2.12 24.80 14.25
C TYR A 57 -2.62 25.98 15.10
N ASN A 58 -2.31 27.19 14.67
CA ASN A 58 -2.74 28.39 15.39
C ASN A 58 -3.87 29.10 14.64
N SER A 59 -4.10 28.68 13.41
CA SER A 59 -5.07 29.35 12.55
C SER A 59 -6.43 28.66 12.59
N THR A 60 -7.40 29.26 11.90
CA THR A 60 -8.77 28.77 11.88
C THR A 60 -9.03 27.97 10.61
N ALA A 61 -10.20 27.32 10.54
CA ALA A 61 -10.58 26.54 9.36
C ALA A 61 -10.56 27.42 8.10
N VAL A 62 -11.11 28.63 8.24
CA VAL A 62 -11.13 29.61 7.15
C VAL A 62 -9.71 29.91 6.68
N LEU A 63 -8.80 30.09 7.63
CA LEU A 63 -7.42 30.40 7.33
C LEU A 63 -6.74 29.21 6.66
N LEU A 64 -7.10 28.01 7.08
CA LEU A 64 -6.54 26.78 6.52
C LEU A 64 -6.85 26.69 5.04
N LYS A 65 -8.12 26.87 4.69
CA LYS A 65 -8.53 26.88 3.30
C LYS A 65 -7.76 27.94 2.52
N GLN A 66 -7.48 29.05 3.18
CA GLN A 66 -6.81 30.16 2.53
C GLN A 66 -5.36 29.79 2.22
N VAL A 67 -4.67 29.27 3.24
CA VAL A 67 -3.31 28.77 3.04
C VAL A 67 -3.27 27.65 2.01
N LEU A 68 -4.22 26.73 2.06
CA LEU A 68 -4.28 25.65 1.09
C LEU A 68 -4.52 26.21 -0.32
N VAL A 69 -5.42 27.19 -0.45
CA VAL A 69 -5.67 27.85 -1.74
C VAL A 69 -4.40 28.44 -2.35
N ASP A 70 -3.50 28.92 -1.50
CA ASP A 70 -2.26 29.53 -1.98
C ASP A 70 -1.37 28.48 -2.65
N GLY A 71 -1.36 27.28 -2.10
CA GLY A 71 -0.61 26.18 -2.71
C GLY A 71 -1.42 25.38 -3.70
N PHE A 72 -2.73 25.34 -3.51
CA PHE A 72 -3.57 24.39 -4.22
C PHE A 72 -4.77 25.04 -4.89
N GLU A 73 -4.73 25.10 -6.21
CA GLU A 73 -5.92 25.37 -6.99
C GLU A 73 -6.86 24.17 -6.96
N GLU A 74 -6.31 23.02 -6.60
CA GLU A 74 -7.06 21.76 -6.56
C GLU A 74 -7.74 21.54 -5.21
N LEU A 75 -7.79 22.58 -4.37
CA LEU A 75 -8.40 22.46 -3.06
C LEU A 75 -9.92 22.42 -3.18
N VAL A 76 -10.52 21.36 -2.69
CA VAL A 76 -11.97 21.23 -2.67
C VAL A 76 -12.47 21.21 -1.23
N GLU A 77 -13.20 22.23 -0.84
CA GLU A 77 -13.75 22.29 0.51
C GLU A 77 -15.08 21.55 0.56
N VAL A 78 -15.32 20.85 1.67
CA VAL A 78 -16.54 20.08 1.83
C VAL A 78 -17.14 20.35 3.21
N GLU A 79 -18.33 19.83 3.45
CA GLU A 79 -19.01 20.06 4.72
C GLU A 79 -18.22 19.45 5.87
N SER A 80 -17.70 18.26 5.65
CA SER A 80 -16.99 17.52 6.69
C SER A 80 -15.47 17.78 6.65
N GLY A 81 -15.05 18.90 6.07
CA GLY A 81 -13.63 19.21 6.08
C GLY A 81 -13.14 19.78 4.76
N PHE A 82 -11.85 19.62 4.51
CA PHE A 82 -11.26 20.05 3.26
C PHE A 82 -10.62 18.85 2.57
N MET A 83 -10.68 18.83 1.26
CA MET A 83 -10.01 17.78 0.51
C MET A 83 -9.09 18.39 -0.53
N VAL A 84 -7.80 18.14 -0.38
CA VAL A 84 -6.82 18.58 -1.37
C VAL A 84 -6.40 17.38 -2.20
N GLY A 85 -6.95 17.27 -3.40
CA GLY A 85 -6.73 16.09 -4.20
C GLY A 85 -7.42 14.89 -3.58
N ASN A 86 -6.64 13.92 -3.12
CA ASN A 86 -7.19 12.78 -2.42
C ASN A 86 -6.81 12.79 -0.95
N VAL A 87 -6.34 13.93 -0.48
CA VAL A 87 -5.96 14.09 0.91
C VAL A 87 -7.10 14.72 1.70
N HIS A 88 -7.50 14.04 2.78
CA HIS A 88 -8.58 14.52 3.62
C HIS A 88 -8.04 15.30 4.81
N ILE A 89 -8.48 16.55 4.90
CA ILE A 89 -8.04 17.48 5.92
C ILE A 89 -9.21 17.86 6.83
N VAL A 90 -9.06 17.65 8.11
CA VAL A 90 -10.09 18.05 9.05
C VAL A 90 -9.48 18.80 10.24
N LEU A 91 -10.14 19.87 10.66
CA LEU A 91 -9.64 20.68 11.75
C LEU A 91 -10.39 20.36 13.03
N SER A 92 -9.64 20.03 14.06
CA SER A 92 -10.21 19.69 15.35
C SER A 92 -9.60 20.59 16.42
N GLY A 93 -10.34 21.62 16.80
CA GLY A 93 -9.78 22.62 17.70
C GLY A 93 -8.66 23.39 17.04
N GLN A 94 -7.47 23.28 17.59
CA GLN A 94 -6.30 23.92 17.00
C GLN A 94 -5.34 22.88 16.46
N GLU A 95 -5.85 21.69 16.16
CA GLU A 95 -5.05 20.63 15.59
C GLU A 95 -5.72 20.09 14.34
N VAL A 96 -4.98 19.93 13.25
CA VAL A 96 -5.55 19.39 12.03
C VAL A 96 -5.18 17.92 11.90
N VAL A 97 -6.16 17.11 11.56
CA VAL A 97 -5.93 15.70 11.31
C VAL A 97 -5.85 15.48 9.81
N LEU A 98 -4.71 15.00 9.35
CA LEU A 98 -4.50 14.73 7.94
C LEU A 98 -4.55 13.24 7.67
N GLU A 99 -5.47 12.81 6.82
CA GLU A 99 -5.53 11.44 6.38
C GLU A 99 -5.40 11.44 4.86
N TRP A 100 -4.63 10.55 4.29
CA TRP A 100 -4.47 10.55 2.85
C TRP A 100 -4.24 9.16 2.31
N LYS A 101 -4.38 9.05 1.00
CA LYS A 101 -4.35 7.78 0.31
C LYS A 101 -2.96 7.13 0.37
N SER A 102 -3.00 5.83 0.21
CA SER A 102 -1.85 4.92 0.21
C SER A 102 -0.73 5.31 -0.76
N SER A 103 -0.95 6.24 -1.67
CA SER A 103 -0.12 6.32 -2.85
C SER A 103 0.92 7.42 -2.62
N TYR A 104 2.18 7.12 -2.96
CA TYR A 104 3.30 8.00 -2.65
C TYR A 104 3.15 9.39 -3.28
N THR A 105 2.54 9.45 -4.47
CA THR A 105 2.27 10.73 -5.11
C THR A 105 1.31 11.58 -4.27
N ASP A 106 0.38 10.90 -3.62
CA ASP A 106 -0.56 11.55 -2.70
C ASP A 106 0.20 12.06 -1.48
N ASP A 107 1.23 11.35 -1.09
CA ASP A 107 2.12 11.84 -0.05
C ASP A 107 2.77 13.15 -0.45
N VAL A 108 3.18 13.24 -1.71
CA VAL A 108 3.94 14.37 -2.19
C VAL A 108 3.14 15.70 -2.08
N LEU A 109 1.92 15.70 -2.61
CA LEU A 109 1.08 16.89 -2.49
C LEU A 109 0.63 17.08 -1.03
N ALA A 110 0.39 15.97 -0.33
CA ALA A 110 0.10 16.02 1.11
C ALA A 110 1.23 16.67 1.91
N ILE A 111 2.47 16.45 1.47
CA ILE A 111 3.63 17.10 2.09
C ILE A 111 3.52 18.61 1.93
N SER A 112 3.05 19.05 0.77
CA SER A 112 2.79 20.46 0.56
C SER A 112 1.71 20.94 1.54
N ILE A 113 0.72 20.09 1.79
CA ILE A 113 -0.34 20.40 2.75
C ILE A 113 0.24 20.61 4.14
N SER A 114 1.09 19.68 4.56
CA SER A 114 1.73 19.78 5.87
C SER A 114 2.46 21.11 6.05
N LYS A 115 3.17 21.58 5.03
CA LYS A 115 3.89 22.84 5.14
C LYS A 115 2.92 24.00 5.32
N MET A 116 1.73 23.88 4.71
CA MET A 116 0.72 24.92 4.77
C MET A 116 0.31 25.16 6.23
N ILE A 117 0.05 24.08 6.93
CA ILE A 117 -0.40 24.16 8.31
C ILE A 117 0.76 24.38 9.29
N SER A 118 1.96 24.00 8.87
CA SER A 118 3.14 24.14 9.73
C SER A 118 3.59 25.60 9.82
N ASP A 119 3.26 26.39 8.82
CA ASP A 119 3.69 27.78 8.78
C ASP A 119 2.85 28.65 9.70
N MET B 1 4.42 -32.85 -9.75
CA MET B 1 3.94 -34.04 -10.50
C MET B 1 2.45 -33.92 -10.78
N SER B 2 2.05 -32.83 -11.41
CA SER B 2 0.66 -32.60 -11.75
C SER B 2 0.52 -31.64 -12.91
N ASP B 3 -0.12 -32.10 -13.98
CA ASP B 3 -0.39 -31.24 -15.14
C ASP B 3 -1.73 -30.54 -14.94
N VAL B 4 -2.40 -30.88 -13.84
CA VAL B 4 -3.68 -30.29 -13.49
C VAL B 4 -3.46 -28.99 -12.71
N SER B 5 -2.19 -28.62 -12.56
CA SER B 5 -1.83 -27.39 -11.90
C SER B 5 -0.63 -26.79 -12.62
N MET B 6 -0.92 -25.98 -13.63
CA MET B 6 0.10 -25.45 -14.53
C MET B 6 0.82 -24.27 -13.91
N GLY B 7 1.62 -24.57 -12.89
CA GLY B 7 2.39 -23.57 -12.21
C GLY B 7 3.47 -22.96 -13.08
N MET B 8 4.40 -23.77 -13.54
CA MET B 8 5.59 -23.24 -14.18
C MET B 8 5.28 -22.94 -15.64
N VAL B 9 5.46 -21.67 -15.96
CA VAL B 9 5.04 -21.11 -17.23
C VAL B 9 6.10 -20.18 -17.76
N LYS B 10 5.94 -19.74 -19.00
CA LYS B 10 6.87 -18.77 -19.55
C LYS B 10 6.29 -17.37 -19.40
N LEU B 11 7.08 -16.48 -18.82
CA LEU B 11 6.70 -15.09 -18.66
C LEU B 11 7.03 -14.33 -19.93
N ASP B 12 6.11 -13.49 -20.41
CA ASP B 12 6.38 -12.73 -21.60
C ASP B 12 7.16 -11.47 -21.24
N LYS B 13 7.87 -10.97 -22.24
CA LYS B 13 8.78 -9.85 -22.10
C LYS B 13 8.07 -8.58 -21.60
N GLY B 14 6.77 -8.47 -21.79
CA GLY B 14 6.08 -7.24 -21.46
C GLY B 14 6.07 -6.96 -19.97
N PHE B 15 6.05 -8.03 -19.16
CA PHE B 15 6.01 -7.88 -17.71
C PHE B 15 7.25 -7.14 -17.20
N ASP B 16 8.36 -7.29 -17.93
CA ASP B 16 9.63 -6.71 -17.50
C ASP B 16 9.57 -5.17 -17.45
N ALA B 17 8.59 -4.61 -18.15
CA ALA B 17 8.45 -3.16 -18.22
C ALA B 17 7.57 -2.62 -17.08
N LEU B 18 6.93 -3.53 -16.35
CA LEU B 18 6.04 -3.15 -15.26
C LEU B 18 6.80 -2.42 -14.16
N ASN B 19 6.08 -1.60 -13.40
CA ASN B 19 6.66 -0.80 -12.34
C ASN B 19 6.83 -1.64 -11.08
N TYR B 20 7.92 -2.38 -11.03
CA TYR B 20 8.20 -3.24 -9.89
C TYR B 20 8.47 -2.43 -8.63
N ARG B 21 7.83 -2.82 -7.55
CA ARG B 21 8.16 -2.35 -6.21
C ARG B 21 8.50 -3.57 -5.35
N ALA B 22 9.40 -3.41 -4.39
CA ALA B 22 9.87 -4.56 -3.66
C ALA B 22 9.43 -4.55 -2.21
N ILE B 23 8.72 -5.60 -1.84
CA ILE B 23 8.45 -5.96 -0.47
C ILE B 23 9.64 -6.77 0.02
N GLY B 24 10.22 -6.43 1.18
CA GLY B 24 11.23 -7.30 1.78
C GLY B 24 10.98 -8.78 1.52
N THR B 25 11.87 -9.37 0.69
CA THR B 25 11.80 -10.74 0.15
C THR B 25 11.07 -10.78 -1.19
N ASP B 26 9.82 -10.34 -1.20
CA ASP B 26 8.96 -10.49 -2.38
C ASP B 26 9.00 -9.26 -3.29
N SER B 27 9.17 -9.47 -4.58
CA SER B 27 9.15 -8.38 -5.55
C SER B 27 7.84 -8.47 -6.31
N VAL B 28 7.11 -7.37 -6.41
CA VAL B 28 5.74 -7.45 -6.92
C VAL B 28 5.47 -6.48 -8.05
N ALA B 29 4.50 -6.83 -8.90
CA ALA B 29 4.04 -5.98 -9.99
C ALA B 29 2.62 -6.36 -10.39
N SER B 30 1.87 -5.40 -10.94
CA SER B 30 0.49 -5.61 -11.34
C SER B 30 0.41 -5.62 -12.86
N PHE B 31 -0.40 -6.50 -13.41
CA PHE B 31 -0.43 -6.68 -14.83
C PHE B 31 -1.79 -7.19 -15.30
N ARG B 32 -2.01 -7.09 -16.59
CA ARG B 32 -3.19 -7.66 -17.23
C ARG B 32 -2.71 -8.63 -18.29
N GLY B 33 -3.16 -9.86 -18.26
CA GLY B 33 -2.54 -10.86 -19.08
C GLY B 33 -3.51 -11.90 -19.60
N VAL B 34 -3.05 -12.68 -20.56
CA VAL B 34 -3.82 -13.80 -21.06
C VAL B 34 -3.05 -15.09 -20.86
N ARG B 35 -3.71 -16.07 -20.28
CA ARG B 35 -3.13 -17.37 -20.09
C ARG B 35 -3.48 -18.27 -21.27
N ASP B 36 -2.51 -18.51 -22.13
CA ASP B 36 -2.71 -19.34 -23.30
C ASP B 36 -1.61 -20.38 -23.41
N GLY B 37 -1.94 -21.60 -23.07
CA GLY B 37 -0.97 -22.68 -23.14
C GLY B 37 0.03 -22.63 -22.01
N ASP B 38 1.29 -22.73 -22.37
CA ASP B 38 2.38 -22.67 -21.40
C ASP B 38 2.87 -21.24 -21.24
N MET B 39 2.23 -20.31 -21.91
CA MET B 39 2.69 -18.93 -21.88
C MET B 39 1.73 -18.02 -21.14
N VAL B 40 2.30 -17.13 -20.34
CA VAL B 40 1.55 -16.03 -19.75
C VAL B 40 1.99 -14.76 -20.46
N ARG B 41 1.03 -14.04 -21.03
CA ARG B 41 1.34 -12.91 -21.89
C ARG B 41 0.63 -11.66 -21.41
N CYS B 42 1.32 -10.53 -21.39
CA CYS B 42 0.75 -9.28 -20.93
C CYS B 42 0.03 -8.59 -22.07
N ILE B 43 -1.14 -8.05 -21.77
CA ILE B 43 -1.87 -7.26 -22.75
C ILE B 43 -1.74 -5.78 -22.41
N GLY B 44 -1.21 -5.51 -21.23
CA GLY B 44 -0.98 -4.15 -20.79
C GLY B 44 -0.95 -4.06 -19.27
N GLU B 45 -0.48 -2.93 -18.75
CA GLU B 45 -0.44 -2.73 -17.31
C GLU B 45 -1.82 -2.33 -16.80
N GLY B 46 -2.13 -2.73 -15.58
CA GLY B 46 -3.44 -2.44 -15.04
C GLY B 46 -3.42 -1.29 -14.07
N PRO B 47 -4.34 -1.30 -13.11
CA PRO B 47 -4.49 -0.22 -12.12
C PRO B 47 -3.38 -0.24 -11.07
N ARG B 48 -3.13 0.93 -10.48
CA ARG B 48 -2.17 1.04 -9.40
C ARG B 48 -2.80 0.56 -8.10
N MET B 49 -2.48 -0.67 -7.73
CA MET B 49 -3.15 -1.28 -6.60
C MET B 49 -2.16 -1.69 -5.52
N VAL B 50 -2.39 -1.18 -4.32
CA VAL B 50 -1.67 -1.62 -3.13
C VAL B 50 -1.80 -3.12 -2.93
N ILE B 51 -0.70 -3.85 -2.86
CA ILE B 51 -0.76 -5.23 -2.42
C ILE B 51 0.24 -5.43 -1.30
N GLY B 52 -0.09 -6.28 -0.34
CA GLY B 52 0.83 -6.52 0.74
C GLY B 52 0.58 -7.82 1.46
N HIS B 53 1.37 -8.01 2.50
CA HIS B 53 1.40 -9.23 3.27
C HIS B 53 0.51 -9.19 4.53
N ALA B 54 0.58 -10.31 5.23
CA ALA B 54 -0.33 -10.79 6.25
C ALA B 54 -0.68 -9.82 7.35
N ASP B 55 -1.65 -10.29 8.10
CA ASP B 55 -2.34 -9.62 9.16
C ASP B 55 -1.36 -9.14 10.22
N ILE B 56 -1.81 -8.15 10.96
CA ILE B 56 -1.01 -7.21 11.73
C ILE B 56 0.10 -7.85 12.59
N ASN B 57 -0.06 -9.13 12.96
CA ASN B 57 0.94 -9.79 13.82
C ASN B 57 2.34 -9.78 13.21
N GLU B 58 2.47 -9.99 11.90
CA GLU B 58 3.78 -9.93 11.24
C GLU B 58 4.41 -8.55 11.40
N MET B 59 3.61 -7.52 11.21
CA MET B 59 4.09 -6.15 11.35
C MET B 59 4.55 -5.90 12.79
N ARG B 60 3.82 -6.49 13.73
CA ARG B 60 4.13 -6.36 15.15
C ARG B 60 5.56 -6.77 15.44
N ARG B 61 5.96 -7.92 14.89
CA ARG B 61 7.30 -8.44 15.12
C ARG B 61 8.36 -7.54 14.50
N MET B 62 8.13 -7.12 13.26
CA MET B 62 9.05 -6.23 12.56
C MET B 62 9.24 -4.92 13.33
N ILE B 63 8.17 -4.43 13.95
CA ILE B 63 8.25 -3.23 14.79
C ILE B 63 9.20 -3.46 15.97
N VAL B 64 9.08 -4.62 16.59
CA VAL B 64 9.95 -4.99 17.70
C VAL B 64 11.41 -5.04 17.23
N GLU B 65 11.60 -5.46 15.99
CA GLU B 65 12.93 -5.51 15.38
C GLU B 65 13.47 -4.11 15.11
N GLY B 66 12.57 -3.12 15.22
CA GLY B 66 12.95 -1.72 15.05
C GLY B 66 13.29 -1.11 16.38
N SER B 67 13.44 -1.99 17.38
CA SER B 67 13.65 -1.59 18.76
C SER B 67 12.50 -0.72 19.26
N MET B 68 11.28 -1.16 18.97
CA MET B 68 10.08 -0.43 19.36
C MET B 68 9.12 -1.38 20.05
N ARG B 69 8.47 -0.91 21.11
CA ARG B 69 7.55 -1.75 21.86
C ARG B 69 6.16 -1.71 21.25
N VAL B 70 5.56 -2.88 21.13
CA VAL B 70 4.23 -2.99 20.58
C VAL B 70 3.27 -3.58 21.61
N GLU B 71 2.13 -2.96 21.76
CA GLU B 71 1.09 -3.46 22.64
C GLU B 71 -0.10 -3.89 21.78
N GLN B 72 -0.56 -5.11 21.97
CA GLN B 72 -1.62 -5.65 21.13
C GLN B 72 -3.00 -5.36 21.69
N GLU B 73 -3.90 -4.97 20.80
CA GLU B 73 -5.27 -4.68 21.14
C GLU B 73 -6.20 -5.22 20.06
N GLU B 74 -7.48 -5.35 20.37
CA GLU B 74 -8.46 -5.78 19.38
C GLU B 74 -8.48 -4.84 18.18
N ASN B 75 -8.21 -3.57 18.45
CA ASN B 75 -8.27 -2.53 17.43
C ASN B 75 -6.94 -2.37 16.71
N GLY B 76 -5.99 -3.26 16.95
CA GLY B 76 -4.74 -3.22 16.20
C GLY B 76 -3.49 -3.32 17.07
N LEU B 77 -2.54 -2.42 16.81
CA LEU B 77 -1.24 -2.43 17.49
C LEU B 77 -0.90 -1.03 17.99
N LEU B 78 -0.46 -0.94 19.24
CA LEU B 78 -0.04 0.33 19.82
C LEU B 78 1.48 0.34 20.03
N VAL B 79 2.18 1.15 19.25
CA VAL B 79 3.65 1.21 19.30
C VAL B 79 4.15 2.42 20.08
N GLU B 80 5.10 2.19 21.00
CA GLU B 80 5.84 3.28 21.68
C GLU B 80 4.90 4.17 22.50
N ASP B 81 3.83 3.54 22.97
CA ASP B 81 2.77 4.17 23.76
C ASP B 81 1.98 5.20 22.94
N CYS B 82 2.36 5.38 21.67
CA CYS B 82 1.47 5.95 20.69
C CYS B 82 1.99 5.68 19.29
N VAL B 83 1.42 4.71 18.61
CA VAL B 83 1.08 4.76 17.20
C VAL B 83 -0.12 3.87 17.08
N TRP B 84 -1.15 4.23 16.34
CA TRP B 84 -2.24 3.27 16.23
C TRP B 84 -2.28 2.64 14.85
N ILE B 85 -2.23 1.32 14.83
CA ILE B 85 -2.35 0.59 13.58
C ILE B 85 -3.63 -0.21 13.63
N ARG B 86 -4.53 0.07 12.72
CA ARG B 86 -5.83 -0.58 12.73
C ARG B 86 -6.05 -1.33 11.44
N VAL B 87 -6.64 -2.52 11.54
CA VAL B 87 -6.94 -3.29 10.35
C VAL B 87 -8.34 -2.95 9.88
N SER B 88 -8.44 -2.41 8.68
CA SER B 88 -9.71 -1.99 8.13
C SER B 88 -10.18 -2.98 7.08
N GLY B 89 -11.48 -2.95 6.80
CA GLY B 89 -12.02 -3.80 5.76
C GLY B 89 -11.49 -3.40 4.40
N ASP B 90 -11.07 -2.14 4.28
CA ASP B 90 -10.51 -1.63 3.04
C ASP B 90 -9.00 -1.82 3.01
N GLY B 91 -8.40 -2.00 4.18
CA GLY B 91 -6.96 -2.12 4.26
C GLY B 91 -6.42 -1.89 5.65
N VAL B 92 -5.62 -0.85 5.80
CA VAL B 92 -4.95 -0.56 7.07
C VAL B 92 -4.92 0.94 7.33
N THR B 93 -5.02 1.32 8.59
CA THR B 93 -4.93 2.71 8.99
C THR B 93 -3.84 2.89 10.03
N ILE B 94 -3.03 3.91 9.88
CA ILE B 94 -1.96 4.19 10.84
C ILE B 94 -2.19 5.56 11.46
N ASP B 95 -1.95 5.68 12.76
CA ASP B 95 -2.17 6.93 13.45
C ASP B 95 -0.85 7.57 13.82
N GLY B 96 -0.75 8.78 13.33
CA GLY B 96 0.46 9.58 13.30
C GLY B 96 0.68 10.43 14.52
N ARG B 97 -0.14 10.25 15.54
CA ARG B 97 -0.32 11.29 16.54
C ARG B 97 0.91 11.41 17.43
N ASP B 98 1.74 10.37 17.46
CA ASP B 98 3.04 10.48 18.11
C ASP B 98 4.04 11.14 17.17
N SER B 99 4.74 12.12 17.68
CA SER B 99 5.71 12.84 16.90
C SER B 99 6.99 12.02 16.71
N GLY B 100 7.39 11.81 15.46
CA GLY B 100 8.65 11.14 15.18
C GLY B 100 8.48 9.70 14.71
N VAL B 101 7.87 8.86 15.53
CA VAL B 101 7.85 7.42 15.28
C VAL B 101 6.83 7.02 14.20
N PHE B 102 6.08 7.99 13.69
CA PHE B 102 5.06 7.72 12.67
C PHE B 102 5.64 6.97 11.47
N TYR B 103 6.69 7.51 10.87
CA TYR B 103 7.25 6.91 9.67
C TYR B 103 7.93 5.58 9.97
N ALA B 104 8.36 5.38 11.21
CA ALA B 104 8.96 4.11 11.61
C ALA B 104 7.96 2.98 11.45
N VAL B 105 6.74 3.23 11.89
CA VAL B 105 5.64 2.29 11.71
C VAL B 105 5.31 2.13 10.24
N ARG B 106 5.32 3.23 9.53
CA ARG B 106 4.99 3.23 8.12
C ARG B 106 5.99 2.38 7.34
N ASP B 107 7.26 2.51 7.69
CA ASP B 107 8.31 1.71 7.07
C ASP B 107 8.05 0.22 7.28
N VAL B 108 7.63 -0.15 8.49
CA VAL B 108 7.31 -1.55 8.78
C VAL B 108 6.20 -2.06 7.86
N VAL B 109 5.16 -1.27 7.72
CA VAL B 109 4.03 -1.63 6.87
C VAL B 109 4.46 -1.73 5.41
N TYR B 110 5.24 -0.75 4.97
CA TYR B 110 5.67 -0.69 3.58
C TYR B 110 6.76 -1.72 3.27
N ARG B 111 7.49 -2.16 4.27
CA ARG B 111 8.38 -3.31 4.10
C ARG B 111 7.58 -4.59 3.88
N SER B 112 6.28 -4.53 4.16
CA SER B 112 5.40 -5.68 4.01
C SER B 112 4.37 -5.45 2.90
N SER B 113 4.44 -4.29 2.25
CA SER B 113 3.49 -3.95 1.19
C SER B 113 4.19 -3.25 0.04
N ALA B 114 3.50 -3.08 -1.07
CA ALA B 114 4.07 -2.42 -2.24
C ALA B 114 2.97 -1.88 -3.14
N PHE B 115 3.22 -0.70 -3.70
CA PHE B 115 2.24 -0.03 -4.53
C PHE B 115 2.56 -0.29 -5.99
N ILE B 116 1.70 -1.03 -6.67
CA ILE B 116 1.97 -1.39 -8.05
C ILE B 116 0.92 -0.86 -9.00
N GLY A 1 20.46 -18.57 -10.46
CA GLY A 1 20.21 -19.07 -9.08
C GLY A 1 19.63 -20.46 -9.09
N HIS A 2 19.54 -21.08 -7.92
CA HIS A 2 19.01 -22.44 -7.82
C HIS A 2 17.65 -22.43 -7.15
N MET A 3 17.53 -21.73 -6.02
CA MET A 3 16.27 -21.67 -5.31
C MET A 3 15.30 -20.72 -6.00
N LEU A 4 15.85 -19.68 -6.62
CA LEU A 4 15.04 -18.73 -7.37
C LEU A 4 15.10 -19.03 -8.86
N ALA A 5 15.23 -20.31 -9.20
CA ALA A 5 15.30 -20.74 -10.59
C ALA A 5 13.91 -20.72 -11.21
N LYS A 6 13.77 -21.43 -12.33
CA LYS A 6 12.55 -21.36 -13.12
C LYS A 6 12.26 -19.90 -13.46
N ASP A 7 13.25 -19.23 -14.02
CA ASP A 7 13.16 -17.80 -14.28
C ASP A 7 12.14 -17.52 -15.36
N ASN A 8 11.84 -18.54 -16.16
CA ASN A 8 10.90 -18.38 -17.26
C ASN A 8 9.60 -19.13 -16.97
N GLU A 9 9.54 -19.78 -15.84
CA GLU A 9 8.31 -20.48 -15.44
C GLU A 9 7.79 -19.96 -14.12
N ALA A 10 6.49 -19.82 -14.09
CA ALA A 10 5.78 -19.33 -12.93
C ALA A 10 4.58 -20.20 -12.69
N LYS A 11 4.05 -20.17 -11.51
CA LYS A 11 2.89 -20.96 -11.22
C LYS A 11 1.71 -20.05 -10.98
N ILE A 12 0.71 -20.14 -11.82
CA ILE A 12 -0.44 -19.30 -11.69
C ILE A 12 -1.64 -20.13 -11.31
N PHE A 13 -2.23 -19.86 -10.16
CA PHE A 13 -3.47 -20.55 -9.87
C PHE A 13 -4.56 -19.61 -9.41
N THR A 14 -5.36 -19.11 -10.34
CA THR A 14 -6.82 -19.12 -10.23
C THR A 14 -7.46 -18.98 -11.59
N GLY A 15 -8.27 -19.94 -11.98
CA GLY A 15 -9.33 -19.78 -13.00
C GLY A 15 -8.87 -19.34 -14.40
N VAL A 16 -7.63 -18.89 -14.52
CA VAL A 16 -7.19 -18.32 -15.79
C VAL A 16 -6.91 -19.28 -16.93
N GLU A 17 -7.74 -19.13 -17.94
CA GLU A 17 -7.35 -19.31 -19.32
C GLU A 17 -7.78 -18.08 -20.12
N GLY A 18 -6.95 -17.64 -21.05
CA GLY A 18 -7.26 -16.45 -21.81
C GLY A 18 -6.72 -15.18 -21.17
N GLU A 19 -7.42 -14.08 -21.37
CA GLU A 19 -6.95 -12.76 -20.95
C GLU A 19 -7.31 -12.48 -19.49
N PHE A 20 -6.35 -11.95 -18.74
CA PHE A 20 -6.55 -11.65 -17.33
C PHE A 20 -5.67 -10.48 -16.89
N GLU A 21 -6.08 -9.81 -15.83
CA GLU A 21 -5.23 -8.82 -15.19
C GLU A 21 -4.63 -9.47 -13.95
N GLY A 22 -3.33 -9.63 -13.92
CA GLY A 22 -2.72 -10.41 -12.88
C GLY A 22 -1.54 -9.73 -12.22
N ILE A 23 -0.93 -10.45 -11.30
CA ILE A 23 0.23 -9.96 -10.58
C ILE A 23 1.24 -11.08 -10.46
N ILE A 24 2.51 -10.73 -10.44
CA ILE A 24 3.56 -11.72 -10.39
C ILE A 24 4.29 -11.62 -9.07
N ILE A 25 4.45 -12.74 -8.40
CA ILE A 25 5.07 -12.79 -7.11
C ILE A 25 6.21 -13.80 -7.13
N GLY A 26 7.35 -13.42 -6.62
CA GLY A 26 8.45 -14.34 -6.53
C GLY A 26 8.89 -14.48 -5.11
N THR A 27 9.02 -15.70 -4.62
CA THR A 27 9.39 -15.92 -3.25
C THR A 27 10.66 -16.74 -3.21
N GLU A 28 11.22 -16.91 -2.02
CA GLU A 28 12.48 -17.62 -1.87
C GLU A 28 12.40 -19.05 -2.41
N ASP A 29 11.17 -19.57 -2.51
CA ASP A 29 10.97 -20.93 -2.96
C ASP A 29 10.30 -21.04 -4.33
N ASP A 30 9.57 -20.01 -4.75
CA ASP A 30 8.65 -20.20 -5.88
C ASP A 30 8.25 -18.89 -6.57
N ILE A 31 8.11 -18.94 -7.89
CA ILE A 31 7.59 -17.81 -8.68
C ILE A 31 6.14 -18.11 -9.07
N ARG A 32 5.19 -17.26 -8.66
CA ARG A 32 3.78 -17.52 -8.91
C ARG A 32 3.07 -16.30 -9.50
N ILE A 33 1.99 -16.56 -10.24
CA ILE A 33 1.09 -15.53 -10.69
C ILE A 33 -0.32 -15.77 -10.11
N TYR A 34 -0.95 -14.71 -9.66
CA TYR A 34 -2.34 -14.76 -9.21
C TYR A 34 -3.15 -13.70 -9.95
N LYS A 35 -4.43 -13.97 -10.15
CA LYS A 35 -5.31 -13.04 -10.86
C LYS A 35 -5.79 -11.96 -9.90
N ARG A 36 -5.73 -10.68 -10.27
CA ARG A 36 -6.00 -9.59 -9.32
C ARG A 36 -7.35 -9.75 -8.61
N ASP A 37 -8.35 -10.16 -9.35
CA ASP A 37 -9.72 -10.22 -8.84
C ASP A 37 -9.88 -11.41 -7.92
N GLU A 38 -9.02 -12.37 -8.11
CA GLU A 38 -9.07 -13.63 -7.39
C GLU A 38 -8.17 -13.53 -6.16
N LEU A 39 -7.17 -12.65 -6.26
CA LEU A 39 -6.08 -12.57 -5.28
C LEU A 39 -6.57 -12.12 -3.92
N ILE A 40 -7.60 -11.29 -3.91
CA ILE A 40 -8.10 -10.69 -2.68
C ILE A 40 -8.52 -11.76 -1.66
N GLU A 41 -8.74 -12.97 -2.14
CA GLU A 41 -9.18 -14.06 -1.29
C GLU A 41 -8.00 -14.72 -0.57
N SER A 42 -6.79 -14.51 -1.10
CA SER A 42 -5.58 -15.10 -0.57
C SER A 42 -4.96 -14.26 0.55
N LYS A 43 -3.99 -14.86 1.23
CA LYS A 43 -3.18 -14.18 2.25
C LYS A 43 -2.53 -12.89 1.71
N TYR A 44 -2.69 -12.64 0.41
CA TYR A 44 -2.14 -11.43 -0.20
C TYR A 44 -3.33 -10.68 -0.79
N LYS A 45 -3.35 -9.36 -0.64
CA LYS A 45 -4.49 -8.61 -1.16
C LYS A 45 -4.13 -7.15 -1.42
N GLU A 46 -4.98 -6.48 -2.18
CA GLU A 46 -4.87 -5.05 -2.36
C GLU A 46 -5.24 -4.39 -1.05
N MET A 47 -4.36 -3.55 -0.52
CA MET A 47 -4.63 -2.94 0.77
C MET A 47 -4.73 -1.43 0.66
N CYS A 48 -5.83 -0.90 1.16
CA CYS A 48 -5.99 0.53 1.25
C CYS A 48 -5.45 1.01 2.57
N ILE A 49 -4.44 1.85 2.52
CA ILE A 49 -3.80 2.34 3.72
C ILE A 49 -4.25 3.77 3.99
N TYR A 50 -4.96 3.96 5.08
CA TYR A 50 -5.37 5.27 5.51
C TYR A 50 -4.38 5.78 6.53
N GLU A 51 -3.76 6.89 6.24
CA GLU A 51 -2.74 7.40 7.12
C GLU A 51 -3.12 8.77 7.63
N ARG A 52 -3.25 8.85 8.95
CA ARG A 52 -3.82 10.02 9.60
C ARG A 52 -2.82 10.71 10.51
N GLN A 53 -2.79 12.03 10.41
CA GLN A 53 -1.88 12.84 11.19
C GLN A 53 -2.65 13.93 11.94
N ARG A 54 -2.42 14.04 13.24
CA ARG A 54 -2.96 15.14 14.02
C ARG A 54 -1.93 16.25 14.10
N ILE A 55 -2.28 17.42 13.58
CA ILE A 55 -1.33 18.51 13.44
C ILE A 55 -1.73 19.70 14.29
N PRO A 56 -0.82 20.16 15.18
CA PRO A 56 -1.04 21.35 15.99
C PRO A 56 -1.18 22.60 15.12
N TYR A 57 -2.15 23.43 15.45
CA TYR A 57 -2.46 24.59 14.62
C TYR A 57 -2.88 25.77 15.50
N ASN A 58 -2.51 26.97 15.09
CA ASN A 58 -2.91 28.17 15.81
C ASN A 58 -3.89 29.00 15.00
N SER A 59 -4.05 28.63 13.74
CA SER A 59 -4.89 29.39 12.83
C SER A 59 -6.31 28.82 12.78
N THR A 60 -7.20 29.55 12.10
CA THR A 60 -8.61 29.18 12.02
C THR A 60 -8.93 28.44 10.73
N ALA A 61 -10.14 27.92 10.63
CA ALA A 61 -10.58 27.20 9.43
C ALA A 61 -10.47 28.09 8.19
N VAL A 62 -10.92 29.35 8.34
CA VAL A 62 -10.81 30.33 7.26
C VAL A 62 -9.36 30.50 6.82
N LEU A 63 -8.47 30.52 7.80
CA LEU A 63 -7.05 30.65 7.52
C LEU A 63 -6.51 29.40 6.86
N LEU A 64 -7.02 28.25 7.27
CA LEU A 64 -6.55 26.97 6.74
C LEU A 64 -6.81 26.86 5.25
N LYS A 65 -8.06 27.06 4.84
CA LYS A 65 -8.39 27.05 3.42
C LYS A 65 -7.60 28.11 2.68
N GLN A 66 -7.33 29.22 3.34
CA GLN A 66 -6.58 30.29 2.70
C GLN A 66 -5.17 29.83 2.41
N VAL A 67 -4.50 29.26 3.42
CA VAL A 67 -3.18 28.69 3.22
C VAL A 67 -3.21 27.56 2.19
N LEU A 68 -4.24 26.73 2.23
CA LEU A 68 -4.37 25.65 1.26
C LEU A 68 -4.51 26.20 -0.15
N VAL A 69 -5.36 27.21 -0.36
CA VAL A 69 -5.53 27.85 -1.67
C VAL A 69 -4.20 28.38 -2.22
N ASP A 70 -3.35 28.87 -1.35
CA ASP A 70 -2.08 29.45 -1.77
C ASP A 70 -1.12 28.38 -2.29
N GLY A 71 -1.15 27.21 -1.67
CA GLY A 71 -0.32 26.11 -2.13
C GLY A 71 -0.98 25.23 -3.18
N PHE A 72 -2.30 25.21 -3.19
CA PHE A 72 -3.01 24.14 -3.90
C PHE A 72 -3.76 24.56 -5.14
N GLU A 73 -4.24 23.50 -5.78
CA GLU A 73 -4.86 23.68 -7.10
C GLU A 73 -6.36 23.43 -6.95
N GLU A 74 -6.53 22.32 -6.22
CA GLU A 74 -7.78 21.56 -6.11
C GLU A 74 -8.60 21.79 -4.85
N LEU A 75 -8.38 22.83 -4.06
CA LEU A 75 -8.98 22.85 -2.72
C LEU A 75 -10.49 23.02 -2.80
N VAL A 76 -11.22 22.05 -2.27
CA VAL A 76 -12.66 22.12 -2.22
C VAL A 76 -13.13 22.17 -0.78
N GLU A 77 -13.77 23.25 -0.38
CA GLU A 77 -14.35 23.35 0.94
C GLU A 77 -15.69 22.62 0.96
N VAL A 78 -15.97 21.93 2.05
CA VAL A 78 -17.22 21.22 2.19
C VAL A 78 -17.86 21.57 3.53
N GLU A 79 -19.10 21.19 3.74
CA GLU A 79 -19.81 21.59 4.94
C GLU A 79 -19.13 21.04 6.20
N SER A 80 -18.56 19.84 6.10
CA SER A 80 -17.98 19.18 7.26
C SER A 80 -16.44 19.18 7.23
N GLY A 81 -15.83 20.11 6.50
CA GLY A 81 -14.38 20.15 6.44
C GLY A 81 -13.85 20.65 5.11
N PHE A 82 -12.62 20.27 4.80
CA PHE A 82 -12.02 20.63 3.52
C PHE A 82 -11.53 19.37 2.82
N MET A 83 -11.52 19.38 1.51
CA MET A 83 -10.96 18.28 0.74
C MET A 83 -9.91 18.83 -0.24
N VAL A 84 -8.66 18.41 -0.06
CA VAL A 84 -7.61 18.77 -1.00
C VAL A 84 -7.18 17.53 -1.78
N GLY A 85 -7.61 17.46 -3.02
CA GLY A 85 -7.37 16.28 -3.82
C GLY A 85 -8.10 15.09 -3.25
N ASN A 86 -7.37 14.03 -2.92
CA ASN A 86 -7.96 12.85 -2.31
C ASN A 86 -7.74 12.85 -0.81
N VAL A 87 -7.17 13.92 -0.29
CA VAL A 87 -6.84 14.02 1.12
C VAL A 87 -7.93 14.78 1.88
N HIS A 88 -8.39 14.18 2.97
CA HIS A 88 -9.43 14.80 3.79
C HIS A 88 -8.84 15.60 4.94
N ILE A 89 -9.31 16.83 5.06
CA ILE A 89 -8.84 17.76 6.08
C ILE A 89 -9.99 18.23 6.94
N VAL A 90 -9.90 18.04 8.25
CA VAL A 90 -10.91 18.55 9.16
C VAL A 90 -10.25 19.24 10.36
N LEU A 91 -10.79 20.37 10.75
CA LEU A 91 -10.24 21.14 11.86
C LEU A 91 -11.04 20.88 13.12
N SER A 92 -10.33 20.52 14.18
CA SER A 92 -10.96 20.23 15.45
C SER A 92 -10.25 21.00 16.56
N GLY A 93 -10.86 22.09 17.00
CA GLY A 93 -10.23 22.93 17.99
C GLY A 93 -9.00 23.61 17.43
N GLN A 94 -7.84 23.28 18.00
CA GLN A 94 -6.58 23.85 17.56
C GLN A 94 -5.71 22.81 16.87
N GLU A 95 -6.31 21.73 16.41
CA GLU A 95 -5.57 20.72 15.66
C GLU A 95 -6.36 20.27 14.44
N VAL A 96 -5.65 20.01 13.35
CA VAL A 96 -6.27 19.51 12.14
C VAL A 96 -6.00 18.02 12.00
N VAL A 97 -7.02 17.26 11.64
CA VAL A 97 -6.86 15.85 11.39
C VAL A 97 -6.71 15.60 9.89
N LEU A 98 -5.56 15.07 9.52
CA LEU A 98 -5.29 14.74 8.14
C LEU A 98 -5.42 13.25 7.91
N GLU A 99 -6.10 12.87 6.84
CA GLU A 99 -6.28 11.49 6.48
C GLU A 99 -6.09 11.38 4.97
N TRP A 100 -5.30 10.45 4.50
CA TRP A 100 -5.06 10.38 3.06
C TRP A 100 -4.85 8.95 2.60
N LYS A 101 -4.92 8.77 1.29
CA LYS A 101 -5.09 7.47 0.67
C LYS A 101 -3.78 6.82 0.25
N SER A 102 -3.91 5.54 -0.04
CA SER A 102 -2.82 4.60 -0.31
C SER A 102 -1.88 5.02 -1.43
N SER A 103 -2.23 6.03 -2.22
CA SER A 103 -1.67 6.13 -3.55
C SER A 103 -0.54 7.15 -3.56
N TYR A 104 0.41 6.98 -4.47
CA TYR A 104 1.64 7.80 -4.49
C TYR A 104 1.32 9.29 -4.49
N THR A 105 0.47 9.67 -5.43
CA THR A 105 0.11 11.06 -5.63
C THR A 105 -0.54 11.64 -4.37
N ASP A 106 -1.28 10.80 -3.68
CA ASP A 106 -2.05 11.20 -2.51
C ASP A 106 -1.12 11.61 -1.38
N ASP A 107 -0.03 10.89 -1.22
CA ASP A 107 1.01 11.29 -0.27
C ASP A 107 1.66 12.63 -0.63
N VAL A 108 2.00 12.81 -1.90
CA VAL A 108 2.78 13.98 -2.30
C VAL A 108 2.04 15.31 -2.00
N LEU A 109 0.78 15.38 -2.44
CA LEU A 109 0.00 16.59 -2.18
C LEU A 109 -0.33 16.71 -0.68
N ALA A 110 -0.54 15.57 -0.02
CA ALA A 110 -0.72 15.53 1.43
C ALA A 110 0.49 16.11 2.16
N ILE A 111 1.68 15.86 1.63
CA ILE A 111 2.90 16.42 2.18
C ILE A 111 2.83 17.94 2.14
N SER A 112 2.35 18.48 1.02
CA SER A 112 2.17 19.91 0.89
C SER A 112 1.13 20.39 1.90
N ILE A 113 0.08 19.59 2.12
CA ILE A 113 -0.94 19.95 3.11
C ILE A 113 -0.34 20.07 4.50
N SER A 114 0.45 19.08 4.87
CA SER A 114 1.11 19.07 6.16
C SER A 114 1.95 20.31 6.40
N LYS A 115 2.63 20.82 5.37
CA LYS A 115 3.46 22.02 5.54
C LYS A 115 2.57 23.25 5.73
N MET A 116 1.38 23.23 5.12
CA MET A 116 0.46 24.37 5.19
C MET A 116 0.06 24.63 6.63
N ILE A 117 -0.28 23.56 7.34
CA ILE A 117 -0.75 23.67 8.70
C ILE A 117 0.41 23.68 9.71
N SER A 118 1.51 23.04 9.36
CA SER A 118 2.63 22.92 10.27
C SER A 118 3.43 24.22 10.32
N ASP A 119 3.65 24.85 9.17
CA ASP A 119 4.45 26.07 9.13
C ASP A 119 3.56 27.30 9.17
N MET B 1 -10.39 -33.19 -17.40
CA MET B 1 -10.68 -34.57 -16.99
C MET B 1 -10.15 -34.84 -15.58
N SER B 2 -8.87 -34.58 -15.39
CA SER B 2 -8.25 -34.78 -14.08
C SER B 2 -7.00 -33.93 -13.96
N ASP B 3 -6.81 -33.32 -12.79
CA ASP B 3 -5.61 -32.55 -12.48
C ASP B 3 -5.43 -31.41 -13.48
N VAL B 4 -6.50 -30.68 -13.75
CA VAL B 4 -6.44 -29.60 -14.71
C VAL B 4 -6.26 -28.26 -13.99
N SER B 5 -5.02 -27.98 -13.61
CA SER B 5 -4.70 -26.73 -12.95
C SER B 5 -3.79 -25.91 -13.84
N MET B 6 -3.77 -24.60 -13.67
CA MET B 6 -2.99 -23.73 -14.53
C MET B 6 -1.51 -24.00 -14.32
N GLY B 7 -0.98 -23.56 -13.18
CA GLY B 7 0.35 -24.02 -12.79
C GLY B 7 1.48 -23.33 -13.52
N MET B 8 2.35 -24.11 -14.16
CA MET B 8 3.59 -23.59 -14.71
C MET B 8 3.35 -22.97 -16.07
N VAL B 9 3.74 -21.71 -16.15
CA VAL B 9 3.62 -20.94 -17.36
C VAL B 9 4.97 -20.37 -17.74
N LYS B 10 5.10 -19.95 -18.97
CA LYS B 10 6.31 -19.29 -19.40
C LYS B 10 6.11 -17.78 -19.30
N LEU B 11 7.03 -17.11 -18.61
CA LEU B 11 6.93 -15.68 -18.41
C LEU B 11 7.52 -14.95 -19.61
N ASP B 12 6.78 -13.99 -20.14
CA ASP B 12 7.26 -13.22 -21.28
C ASP B 12 8.20 -12.11 -20.87
N LYS B 13 8.98 -11.67 -21.85
CA LYS B 13 10.01 -10.66 -21.67
C LYS B 13 9.45 -9.33 -21.18
N GLY B 14 8.16 -9.09 -21.42
CA GLY B 14 7.57 -7.81 -21.13
C GLY B 14 7.49 -7.55 -19.63
N PHE B 15 7.33 -8.63 -18.87
CA PHE B 15 7.22 -8.52 -17.41
C PHE B 15 8.46 -7.86 -16.81
N ASP B 16 9.60 -8.02 -17.46
CA ASP B 16 10.86 -7.46 -16.96
C ASP B 16 10.84 -5.93 -16.96
N ALA B 17 9.84 -5.33 -17.62
CA ALA B 17 9.73 -3.89 -17.68
C ALA B 17 8.87 -3.36 -16.53
N LEU B 18 8.15 -4.26 -15.87
CA LEU B 18 7.29 -3.89 -14.74
C LEU B 18 8.11 -3.33 -13.60
N ASN B 19 7.47 -2.52 -12.77
CA ASN B 19 8.17 -1.93 -11.63
C ASN B 19 8.13 -2.90 -10.46
N TYR B 20 9.26 -3.55 -10.23
CA TYR B 20 9.33 -4.55 -9.17
C TYR B 20 9.64 -3.90 -7.83
N ARG B 21 8.86 -4.26 -6.83
CA ARG B 21 9.15 -3.90 -5.46
C ARG B 21 9.22 -5.17 -4.64
N ALA B 22 9.95 -5.15 -3.54
CA ALA B 22 10.10 -6.36 -2.75
C ALA B 22 9.48 -6.21 -1.38
N ILE B 23 8.51 -7.04 -1.11
CA ILE B 23 7.97 -7.24 0.21
C ILE B 23 8.81 -8.32 0.89
N GLY B 24 9.34 -8.07 2.09
CA GLY B 24 10.12 -9.09 2.80
C GLY B 24 9.71 -10.52 2.49
N THR B 25 10.58 -11.21 1.73
CA THR B 25 10.42 -12.59 1.21
C THR B 25 9.96 -12.60 -0.25
N ASP B 26 8.83 -11.99 -0.55
CA ASP B 26 8.26 -12.00 -1.89
C ASP B 26 8.67 -10.76 -2.71
N SER B 27 8.69 -10.90 -4.03
CA SER B 27 8.86 -9.77 -4.92
C SER B 27 7.62 -9.67 -5.81
N VAL B 28 7.06 -8.46 -5.94
CA VAL B 28 5.76 -8.30 -6.58
C VAL B 28 5.81 -7.33 -7.75
N ALA B 29 4.91 -7.55 -8.72
CA ALA B 29 4.72 -6.64 -9.84
C ALA B 29 3.32 -6.85 -10.44
N SER B 30 2.76 -5.81 -11.04
CA SER B 30 1.42 -5.86 -11.59
C SER B 30 1.45 -5.75 -13.10
N PHE B 31 0.59 -6.49 -13.77
CA PHE B 31 0.62 -6.57 -15.22
C PHE B 31 -0.74 -6.93 -15.80
N ARG B 32 -0.88 -6.72 -17.09
CA ARG B 32 -2.02 -7.25 -17.83
C ARG B 32 -1.50 -8.29 -18.80
N GLY B 33 -2.02 -9.51 -18.76
CA GLY B 33 -1.43 -10.57 -19.53
C GLY B 33 -2.45 -11.55 -20.06
N VAL B 34 -2.02 -12.39 -20.99
CA VAL B 34 -2.87 -13.42 -21.55
C VAL B 34 -2.25 -14.80 -21.37
N ARG B 35 -3.05 -15.73 -20.86
CA ARG B 35 -2.65 -17.13 -20.74
C ARG B 35 -3.12 -17.88 -21.98
N ASP B 36 -2.18 -18.23 -22.85
CA ASP B 36 -2.50 -18.96 -24.06
C ASP B 36 -1.61 -20.17 -24.16
N GLY B 37 -2.17 -21.34 -23.90
CA GLY B 37 -1.39 -22.55 -23.88
C GLY B 37 -0.61 -22.65 -22.59
N ASP B 38 0.69 -22.88 -22.69
CA ASP B 38 1.54 -22.83 -21.51
C ASP B 38 2.32 -21.53 -21.48
N MET B 39 1.87 -20.55 -22.27
CA MET B 39 2.58 -19.29 -22.38
C MET B 39 1.79 -18.15 -21.72
N VAL B 40 2.51 -17.27 -21.04
CA VAL B 40 1.93 -16.06 -20.47
C VAL B 40 2.67 -14.83 -20.99
N ARG B 41 1.91 -13.90 -21.55
CA ARG B 41 2.47 -12.73 -22.20
C ARG B 41 1.78 -11.47 -21.73
N CYS B 42 2.54 -10.40 -21.57
CA CYS B 42 2.01 -9.14 -21.10
C CYS B 42 1.47 -8.34 -22.29
N ILE B 43 0.24 -7.88 -22.18
CA ILE B 43 -0.36 -7.09 -23.24
C ILE B 43 -0.26 -5.60 -22.93
N GLY B 44 0.25 -5.29 -21.76
CA GLY B 44 0.43 -3.90 -21.37
C GLY B 44 0.41 -3.72 -19.87
N GLU B 45 0.81 -2.54 -19.42
CA GLU B 45 0.80 -2.22 -18.01
C GLU B 45 -0.56 -1.65 -17.63
N GLY B 46 -1.04 -1.97 -16.43
CA GLY B 46 -2.36 -1.54 -16.04
C GLY B 46 -2.44 -1.12 -14.58
N PRO B 47 -2.69 -2.07 -13.67
CA PRO B 47 -2.93 -1.76 -12.25
C PRO B 47 -1.75 -1.10 -11.57
N ARG B 48 -2.04 -0.10 -10.76
CA ARG B 48 -1.06 0.49 -9.85
C ARG B 48 -1.63 0.47 -8.45
N MET B 49 -1.31 -0.57 -7.70
CA MET B 49 -2.03 -0.84 -6.47
C MET B 49 -1.10 -1.38 -5.38
N VAL B 50 -1.17 -0.75 -4.22
CA VAL B 50 -0.59 -1.30 -3.00
C VAL B 50 -1.08 -2.74 -2.77
N ILE B 51 -0.16 -3.69 -2.72
CA ILE B 51 -0.52 -5.03 -2.29
C ILE B 51 0.45 -5.48 -1.22
N GLY B 52 0.05 -6.43 -0.41
CA GLY B 52 0.95 -6.95 0.58
C GLY B 52 0.33 -8.00 1.45
N HIS B 53 1.04 -8.31 2.53
CA HIS B 53 0.62 -9.32 3.49
C HIS B 53 0.80 -8.75 4.89
N ALA B 54 -0.24 -8.83 5.69
CA ALA B 54 -0.18 -8.26 7.02
C ALA B 54 -0.03 -9.35 8.07
N ASP B 55 1.13 -9.36 8.70
CA ASP B 55 1.36 -10.19 9.88
C ASP B 55 1.69 -9.31 11.06
N ILE B 56 0.75 -9.20 11.98
CA ILE B 56 0.88 -8.30 13.12
C ILE B 56 2.15 -8.61 13.93
N ASN B 57 2.50 -9.89 14.00
CA ASN B 57 3.72 -10.30 14.71
C ASN B 57 4.97 -9.85 13.97
N GLU B 58 5.02 -10.07 12.67
CA GLU B 58 6.18 -9.71 11.85
C GLU B 58 6.39 -8.21 11.86
N MET B 59 5.30 -7.47 11.78
CA MET B 59 5.33 -6.01 11.77
C MET B 59 5.85 -5.50 13.11
N ARG B 60 5.33 -6.07 14.20
CA ARG B 60 5.75 -5.68 15.55
C ARG B 60 7.25 -5.83 15.76
N ARG B 61 7.79 -6.99 15.37
CA ARG B 61 9.21 -7.26 15.57
C ARG B 61 10.07 -6.25 14.82
N MET B 62 9.62 -5.88 13.62
CA MET B 62 10.31 -4.88 12.82
C MET B 62 10.28 -3.50 13.49
N ILE B 63 9.17 -3.18 14.15
CA ILE B 63 9.07 -1.94 14.91
C ILE B 63 10.06 -1.95 16.07
N VAL B 64 10.08 -3.06 16.80
CA VAL B 64 11.02 -3.24 17.91
C VAL B 64 12.45 -3.19 17.39
N GLU B 65 12.62 -3.62 16.13
CA GLU B 65 13.90 -3.57 15.44
C GLU B 65 14.39 -2.12 15.29
N GLY B 66 13.48 -1.16 15.48
CA GLY B 66 13.83 0.25 15.42
C GLY B 66 14.04 0.80 16.83
N SER B 67 14.09 -0.14 17.77
CA SER B 67 14.21 0.17 19.20
C SER B 67 12.99 0.93 19.70
N MET B 68 11.81 0.40 19.41
CA MET B 68 10.57 1.01 19.85
C MET B 68 9.70 -0.02 20.55
N ARG B 69 9.19 0.34 21.73
CA ARG B 69 8.37 -0.57 22.50
C ARG B 69 6.95 -0.62 21.96
N VAL B 70 6.47 -1.84 21.72
CA VAL B 70 5.18 -2.02 21.07
C VAL B 70 4.22 -2.79 21.96
N GLU B 71 2.95 -2.41 21.89
CA GLU B 71 1.88 -3.15 22.53
C GLU B 71 0.99 -3.75 21.46
N GLN B 72 0.83 -5.06 21.48
CA GLN B 72 0.07 -5.76 20.45
C GLN B 72 -1.34 -6.03 20.92
N GLU B 73 -2.31 -5.59 20.14
CA GLU B 73 -3.71 -5.86 20.45
C GLU B 73 -4.44 -6.41 19.23
N GLU B 74 -5.73 -6.66 19.38
CA GLU B 74 -6.54 -7.23 18.32
C GLU B 74 -6.58 -6.32 17.10
N ASN B 75 -6.63 -5.01 17.36
CA ASN B 75 -6.77 -4.03 16.29
C ASN B 75 -5.42 -3.64 15.68
N GLY B 76 -4.32 -4.16 16.22
CA GLY B 76 -3.03 -3.84 15.64
C GLY B 76 -1.93 -3.61 16.66
N LEU B 77 -1.16 -2.55 16.45
CA LEU B 77 0.06 -2.31 17.21
C LEU B 77 0.15 -0.86 17.70
N LEU B 78 0.46 -0.68 18.97
CA LEU B 78 0.71 0.64 19.53
C LEU B 78 2.18 0.81 19.90
N VAL B 79 2.83 1.85 19.41
CA VAL B 79 4.10 2.23 19.97
C VAL B 79 3.88 3.32 21.02
N GLU B 80 4.46 3.12 22.23
CA GLU B 80 4.29 3.98 23.45
C GLU B 80 4.01 5.48 23.22
N ASP B 81 2.78 5.81 22.79
CA ASP B 81 2.33 7.22 22.66
C ASP B 81 3.03 7.78 21.43
N CYS B 82 3.11 6.83 20.56
CA CYS B 82 3.82 6.72 19.35
C CYS B 82 2.78 5.95 18.57
N VAL B 83 3.03 5.50 17.38
CA VAL B 83 2.01 5.56 16.37
C VAL B 83 1.36 4.20 16.25
N TRP B 84 0.06 4.19 15.95
CA TRP B 84 -0.73 2.97 16.01
C TRP B 84 -0.84 2.38 14.62
N ILE B 85 -0.91 1.07 14.57
CA ILE B 85 -1.19 0.38 13.33
C ILE B 85 -2.50 -0.33 13.50
N ARG B 86 -3.47 -0.01 12.68
CA ARG B 86 -4.79 -0.59 12.82
C ARG B 86 -5.14 -1.38 11.56
N VAL B 87 -5.64 -2.58 11.77
CA VAL B 87 -5.84 -3.51 10.68
C VAL B 87 -7.31 -3.52 10.27
N SER B 88 -7.56 -3.22 9.01
CA SER B 88 -8.92 -3.21 8.50
C SER B 88 -9.08 -4.32 7.45
N GLY B 89 -10.31 -4.71 7.17
CA GLY B 89 -10.54 -5.80 6.24
C GLY B 89 -10.01 -5.51 4.84
N ASP B 90 -10.07 -4.25 4.45
CA ASP B 90 -9.67 -3.86 3.09
C ASP B 90 -8.31 -3.16 3.09
N GLY B 91 -7.68 -3.04 4.25
CA GLY B 91 -6.40 -2.37 4.30
C GLY B 91 -5.90 -2.11 5.71
N VAL B 92 -5.11 -1.06 5.86
CA VAL B 92 -4.46 -0.73 7.12
C VAL B 92 -4.51 0.77 7.35
N THR B 93 -4.64 1.18 8.60
CA THR B 93 -4.57 2.59 8.95
C THR B 93 -3.32 2.85 9.78
N ILE B 94 -2.50 3.79 9.36
CA ILE B 94 -1.39 4.21 10.20
C ILE B 94 -1.68 5.59 10.76
N ASP B 95 -2.03 5.60 12.02
CA ASP B 95 -2.31 6.81 12.76
C ASP B 95 -2.01 6.55 14.22
N GLY B 96 -1.15 7.29 14.92
CA GLY B 96 -1.27 7.10 16.35
C GLY B 96 -2.05 8.21 16.97
N ARG B 97 -1.43 9.39 17.03
CA ARG B 97 -2.02 10.67 16.70
C ARG B 97 -1.00 11.45 15.87
N ASP B 98 0.26 11.12 16.16
CA ASP B 98 1.39 12.01 15.91
C ASP B 98 2.02 11.90 14.53
N SER B 99 2.12 13.04 13.88
CA SER B 99 3.19 13.26 12.90
C SER B 99 4.55 13.08 13.58
N GLY B 100 5.40 12.24 13.01
CA GLY B 100 6.71 12.00 13.60
C GLY B 100 7.14 10.54 13.46
N VAL B 101 6.88 9.75 14.50
CA VAL B 101 7.20 8.31 14.47
C VAL B 101 6.40 7.62 13.36
N PHE B 102 5.38 8.34 12.89
CA PHE B 102 4.57 7.94 11.74
C PHE B 102 5.43 7.37 10.62
N TYR B 103 6.54 8.04 10.32
CA TYR B 103 7.42 7.65 9.23
C TYR B 103 8.07 6.28 9.48
N ALA B 104 8.36 5.99 10.75
CA ALA B 104 8.97 4.71 11.12
C ALA B 104 7.98 3.57 10.89
N VAL B 105 6.73 3.82 11.25
CA VAL B 105 5.67 2.86 11.03
C VAL B 105 5.48 2.59 9.54
N ARG B 106 5.60 3.63 8.73
CA ARG B 106 5.49 3.49 7.28
C ARG B 106 6.57 2.54 6.78
N ASP B 107 7.78 2.66 7.35
CA ASP B 107 8.90 1.83 6.93
C ASP B 107 8.58 0.36 7.14
N VAL B 108 8.02 0.04 8.31
CA VAL B 108 7.68 -1.32 8.65
C VAL B 108 6.60 -1.86 7.72
N VAL B 109 5.56 -1.08 7.51
CA VAL B 109 4.43 -1.52 6.72
C VAL B 109 4.81 -1.65 5.24
N TYR B 110 5.61 -0.72 4.72
CA TYR B 110 5.98 -0.74 3.31
C TYR B 110 6.99 -1.85 3.01
N ARG B 111 7.63 -2.38 4.03
CA ARG B 111 8.42 -3.59 3.87
C ARG B 111 7.53 -4.82 3.83
N SER B 112 6.26 -4.64 4.20
CA SER B 112 5.28 -5.71 4.18
C SER B 112 4.25 -5.48 3.07
N SER B 113 4.39 -4.36 2.37
CA SER B 113 3.52 -4.00 1.27
C SER B 113 4.33 -3.43 0.12
N ALA B 114 3.71 -3.22 -1.02
CA ALA B 114 4.42 -2.69 -2.17
C ALA B 114 3.50 -1.94 -3.11
N PHE B 115 3.99 -0.83 -3.64
CA PHE B 115 3.26 -0.07 -4.65
C PHE B 115 3.60 -0.61 -6.03
N ILE B 116 2.63 -1.24 -6.69
CA ILE B 116 2.87 -1.74 -8.03
C ILE B 116 1.78 -1.25 -8.98
N GLY A 1 21.12 -18.52 -9.57
CA GLY A 1 20.46 -18.19 -8.27
C GLY A 1 20.65 -19.28 -7.24
N HIS A 2 20.08 -19.09 -6.06
CA HIS A 2 20.20 -20.08 -4.99
C HIS A 2 19.21 -21.22 -5.21
N MET A 3 17.93 -20.91 -5.16
CA MET A 3 16.89 -21.92 -5.36
C MET A 3 15.86 -21.42 -6.36
N LEU A 4 16.20 -20.35 -7.06
CA LEU A 4 15.30 -19.71 -7.99
C LEU A 4 14.94 -20.64 -9.14
N ALA A 5 13.65 -20.74 -9.42
CA ALA A 5 13.15 -21.59 -10.49
C ALA A 5 13.45 -20.97 -11.85
N LYS A 6 12.90 -21.59 -12.88
CA LYS A 6 13.10 -21.11 -14.24
C LYS A 6 12.52 -19.72 -14.40
N ASP A 7 13.33 -18.80 -14.93
CA ASP A 7 12.96 -17.38 -15.00
C ASP A 7 11.83 -17.14 -16.00
N ASN A 8 11.56 -18.11 -16.85
CA ASN A 8 10.54 -17.96 -17.87
C ASN A 8 9.31 -18.80 -17.54
N GLU A 9 9.41 -19.54 -16.45
CA GLU A 9 8.31 -20.41 -16.03
C GLU A 9 7.78 -19.92 -14.69
N ALA A 10 6.48 -19.88 -14.59
CA ALA A 10 5.81 -19.43 -13.39
C ALA A 10 4.57 -20.25 -13.20
N LYS A 11 4.03 -20.28 -12.01
CA LYS A 11 2.82 -21.04 -11.81
C LYS A 11 1.70 -20.11 -11.39
N ILE A 12 0.66 -20.11 -12.19
CA ILE A 12 -0.47 -19.21 -11.99
C ILE A 12 -1.69 -20.03 -11.68
N PHE A 13 -2.33 -19.82 -10.53
CA PHE A 13 -3.58 -20.53 -10.31
C PHE A 13 -4.70 -19.61 -9.91
N THR A 14 -5.50 -19.11 -10.86
CA THR A 14 -6.97 -19.09 -10.76
C THR A 14 -7.62 -18.79 -12.10
N GLY A 15 -8.57 -19.60 -12.55
CA GLY A 15 -9.62 -19.11 -13.41
C GLY A 15 -9.18 -18.61 -14.79
N VAL A 16 -7.96 -18.91 -15.25
CA VAL A 16 -7.45 -18.01 -16.29
C VAL A 16 -7.76 -18.51 -17.69
N GLU A 17 -8.72 -17.90 -18.37
CA GLU A 17 -8.72 -17.91 -19.83
C GLU A 17 -8.67 -16.50 -20.38
N GLY A 18 -7.66 -16.18 -21.19
CA GLY A 18 -7.72 -14.96 -21.96
C GLY A 18 -7.23 -13.76 -21.19
N GLU A 19 -8.02 -12.70 -21.23
CA GLU A 19 -7.66 -11.43 -20.61
C GLU A 19 -7.87 -11.45 -19.10
N PHE A 20 -6.82 -11.11 -18.37
CA PHE A 20 -6.91 -11.00 -16.92
C PHE A 20 -5.98 -9.91 -16.42
N GLU A 21 -6.38 -9.26 -15.36
CA GLU A 21 -5.51 -8.32 -14.68
C GLU A 21 -4.92 -9.05 -13.48
N GLY A 22 -3.62 -9.25 -13.46
CA GLY A 22 -3.03 -10.08 -12.45
C GLY A 22 -1.80 -9.49 -11.81
N ILE A 23 -1.22 -10.25 -10.90
CA ILE A 23 -0.03 -9.83 -10.19
C ILE A 23 0.97 -10.96 -10.19
N ILE A 24 2.24 -10.63 -10.18
CA ILE A 24 3.28 -11.63 -10.21
C ILE A 24 4.07 -11.59 -8.91
N ILE A 25 4.25 -12.77 -8.32
CA ILE A 25 5.02 -12.89 -7.10
C ILE A 25 6.18 -13.83 -7.35
N GLY A 26 7.38 -13.37 -7.05
CA GLY A 26 8.54 -14.21 -7.23
C GLY A 26 9.23 -14.40 -5.91
N THR A 27 9.54 -15.62 -5.56
CA THR A 27 10.17 -15.89 -4.29
C THR A 27 11.43 -16.69 -4.49
N GLU A 28 12.18 -16.91 -3.43
CA GLU A 28 13.43 -17.63 -3.56
C GLU A 28 13.21 -19.02 -4.14
N ASP A 29 12.03 -19.58 -3.94
CA ASP A 29 11.74 -20.94 -4.39
C ASP A 29 11.08 -20.97 -5.77
N ASP A 30 10.29 -19.95 -6.11
CA ASP A 30 9.46 -20.04 -7.32
C ASP A 30 8.75 -18.73 -7.66
N ILE A 31 8.34 -18.63 -8.93
CA ILE A 31 7.55 -17.50 -9.42
C ILE A 31 6.11 -17.95 -9.65
N ARG A 32 5.15 -17.20 -9.13
CA ARG A 32 3.75 -17.57 -9.23
C ARG A 32 2.86 -16.36 -9.52
N ILE A 33 1.79 -16.57 -10.27
CA ILE A 33 0.86 -15.50 -10.63
C ILE A 33 -0.54 -15.72 -10.03
N TYR A 34 -1.12 -14.64 -9.55
CA TYR A 34 -2.48 -14.62 -9.07
C TYR A 34 -3.29 -13.60 -9.87
N LYS A 35 -4.59 -13.82 -10.03
CA LYS A 35 -5.44 -12.86 -10.71
C LYS A 35 -5.80 -11.78 -9.69
N ARG A 36 -5.75 -10.50 -10.08
CA ARG A 36 -6.03 -9.41 -9.14
C ARG A 36 -7.40 -9.55 -8.49
N ASP A 37 -8.33 -10.13 -9.23
CA ASP A 37 -9.71 -10.24 -8.82
C ASP A 37 -9.84 -11.34 -7.78
N GLU A 38 -8.92 -12.28 -7.86
CA GLU A 38 -8.89 -13.43 -6.98
C GLU A 38 -8.00 -13.12 -5.78
N LEU A 39 -7.08 -12.17 -5.99
CA LEU A 39 -5.96 -11.94 -5.10
C LEU A 39 -6.41 -11.45 -3.74
N ILE A 40 -7.44 -10.61 -3.73
CA ILE A 40 -7.88 -9.97 -2.50
C ILE A 40 -8.26 -11.01 -1.43
N GLU A 41 -8.65 -12.19 -1.88
CA GLU A 41 -9.06 -13.26 -0.97
C GLU A 41 -7.88 -14.06 -0.43
N SER A 42 -6.73 -13.98 -1.09
CA SER A 42 -5.55 -14.76 -0.74
C SER A 42 -4.72 -14.13 0.39
N LYS A 43 -3.81 -14.94 0.92
CA LYS A 43 -2.84 -14.53 1.95
C LYS A 43 -2.04 -13.29 1.51
N TYR A 44 -2.19 -12.90 0.26
CA TYR A 44 -1.64 -11.64 -0.23
C TYR A 44 -2.81 -10.83 -0.75
N LYS A 45 -2.85 -9.54 -0.51
CA LYS A 45 -3.97 -8.74 -1.00
C LYS A 45 -3.58 -7.29 -1.20
N GLU A 46 -4.39 -6.58 -1.98
CA GLU A 46 -4.23 -5.15 -2.13
C GLU A 46 -4.57 -4.50 -0.79
N MET A 47 -3.66 -3.73 -0.26
CA MET A 47 -3.88 -3.12 1.03
C MET A 47 -3.59 -1.63 0.98
N CYS A 48 -4.56 -0.84 1.37
CA CYS A 48 -4.38 0.59 1.44
C CYS A 48 -3.86 0.96 2.81
N ILE A 49 -2.89 1.84 2.86
CA ILE A 49 -2.28 2.25 4.11
C ILE A 49 -2.68 3.67 4.38
N TYR A 50 -3.45 3.87 5.43
CA TYR A 50 -3.98 5.18 5.72
C TYR A 50 -3.05 5.91 6.66
N GLU A 51 -2.58 7.06 6.21
CA GLU A 51 -1.78 7.90 7.07
C GLU A 51 -2.68 8.96 7.66
N ARG A 52 -2.84 8.89 8.96
CA ARG A 52 -3.57 9.93 9.65
C ARG A 52 -2.59 10.81 10.43
N GLN A 53 -2.46 12.05 10.00
CA GLN A 53 -1.57 12.98 10.66
C GLN A 53 -2.35 14.05 11.41
N ARG A 54 -2.06 14.14 12.69
CA ARG A 54 -2.64 15.20 13.52
C ARG A 54 -1.70 16.38 13.56
N ILE A 55 -2.18 17.52 13.09
CA ILE A 55 -1.38 18.71 12.98
C ILE A 55 -1.98 19.84 13.81
N PRO A 56 -1.22 20.36 14.79
CA PRO A 56 -1.65 21.52 15.58
C PRO A 56 -1.70 22.80 14.73
N TYR A 57 -2.83 23.48 14.81
CA TYR A 57 -3.06 24.70 14.05
C TYR A 57 -3.98 25.59 14.89
N ASN A 58 -3.85 26.90 14.83
CA ASN A 58 -4.79 27.75 15.58
C ASN A 58 -5.54 28.68 14.64
N SER A 59 -5.43 28.41 13.35
CA SER A 59 -6.01 29.29 12.33
C SER A 59 -7.47 28.90 12.04
N THR A 60 -8.13 29.68 11.20
CA THR A 60 -9.51 29.45 10.86
C THR A 60 -9.63 28.64 9.57
N ALA A 61 -10.83 28.18 9.25
CA ALA A 61 -11.06 27.38 8.05
C ALA A 61 -10.73 28.20 6.81
N VAL A 62 -11.07 29.48 6.88
CA VAL A 62 -10.77 30.41 5.82
C VAL A 62 -9.27 30.46 5.55
N LEU A 63 -8.48 30.46 6.61
CA LEU A 63 -7.03 30.45 6.49
C LEU A 63 -6.53 29.13 5.91
N LEU A 64 -7.07 28.00 6.39
CA LEU A 64 -6.66 26.70 5.88
C LEU A 64 -6.96 26.59 4.39
N LYS A 65 -8.17 26.95 4.02
CA LYS A 65 -8.56 26.98 2.62
C LYS A 65 -7.62 27.87 1.82
N GLN A 66 -7.21 28.97 2.42
CA GLN A 66 -6.34 29.91 1.73
C GLN A 66 -4.96 29.29 1.53
N VAL A 67 -4.39 28.78 2.62
CA VAL A 67 -3.09 28.14 2.55
C VAL A 67 -3.10 26.93 1.62
N LEU A 68 -4.13 26.09 1.71
CA LEU A 68 -4.23 24.95 0.80
C LEU A 68 -4.39 25.42 -0.66
N VAL A 69 -5.28 26.38 -0.88
CA VAL A 69 -5.51 26.94 -2.22
C VAL A 69 -4.22 27.46 -2.85
N ASP A 70 -3.30 27.95 -2.02
CA ASP A 70 -2.04 28.47 -2.54
C ASP A 70 -1.28 27.37 -3.27
N GLY A 71 -1.34 26.16 -2.74
CA GLY A 71 -0.78 25.02 -3.42
C GLY A 71 -1.77 24.30 -4.32
N PHE A 72 -3.05 24.36 -3.98
CA PHE A 72 -4.08 23.55 -4.62
C PHE A 72 -5.19 24.38 -5.21
N GLU A 73 -5.17 24.59 -6.51
CA GLU A 73 -6.33 25.09 -7.22
C GLU A 73 -7.43 24.03 -7.21
N GLU A 74 -7.05 22.80 -6.88
CA GLU A 74 -7.95 21.65 -6.89
C GLU A 74 -8.59 21.42 -5.52
N LEU A 75 -8.45 22.37 -4.61
CA LEU A 75 -9.00 22.22 -3.27
C LEU A 75 -10.53 22.21 -3.29
N VAL A 76 -11.13 21.14 -2.78
CA VAL A 76 -12.57 21.06 -2.64
C VAL A 76 -12.96 21.12 -1.17
N GLU A 77 -13.70 22.15 -0.79
CA GLU A 77 -14.18 22.27 0.58
C GLU A 77 -15.56 21.62 0.71
N VAL A 78 -15.84 21.05 1.87
CA VAL A 78 -17.13 20.44 2.13
C VAL A 78 -17.64 20.90 3.51
N GLU A 79 -18.88 20.56 3.84
CA GLU A 79 -19.47 21.01 5.09
C GLU A 79 -18.66 20.52 6.29
N SER A 80 -18.21 19.27 6.22
CA SER A 80 -17.55 18.64 7.35
C SER A 80 -16.03 18.66 7.22
N GLY A 81 -15.50 19.62 6.46
CA GLY A 81 -14.06 19.70 6.31
C GLY A 81 -13.63 20.01 4.90
N PHE A 82 -12.41 19.62 4.56
CA PHE A 82 -11.86 19.87 3.24
C PHE A 82 -11.35 18.58 2.64
N MET A 83 -11.36 18.49 1.32
CA MET A 83 -10.83 17.33 0.66
C MET A 83 -9.82 17.74 -0.41
N VAL A 84 -8.58 17.31 -0.23
CA VAL A 84 -7.56 17.51 -1.24
C VAL A 84 -7.21 16.17 -1.87
N GLY A 85 -7.70 15.96 -3.07
CA GLY A 85 -7.58 14.67 -3.71
C GLY A 85 -8.35 13.61 -2.92
N ASN A 86 -7.63 12.68 -2.31
CA ASN A 86 -8.26 11.70 -1.42
C ASN A 86 -7.77 11.88 0.02
N VAL A 87 -7.06 12.98 0.26
CA VAL A 87 -6.69 13.40 1.60
C VAL A 87 -7.89 14.07 2.24
N HIS A 88 -8.14 13.86 3.53
CA HIS A 88 -9.46 14.14 4.04
C HIS A 88 -9.19 15.03 5.27
N ILE A 89 -9.62 16.28 5.25
CA ILE A 89 -9.10 17.27 6.20
C ILE A 89 -10.18 17.80 7.15
N VAL A 90 -9.90 17.74 8.45
CA VAL A 90 -10.73 18.41 9.45
C VAL A 90 -9.89 19.44 10.22
N LEU A 91 -10.45 20.63 10.47
CA LEU A 91 -9.64 21.77 10.90
C LEU A 91 -9.22 21.89 12.39
N SER A 92 -7.94 22.27 12.48
CA SER A 92 -7.15 22.72 13.64
C SER A 92 -7.04 24.21 13.44
N GLY A 93 -7.08 24.97 14.49
CA GLY A 93 -8.29 25.55 14.94
C GLY A 93 -8.66 24.60 16.03
N GLN A 94 -9.65 23.74 15.94
CA GLN A 94 -9.68 22.80 17.05
C GLN A 94 -9.11 21.38 16.79
N GLU A 95 -8.70 20.90 15.58
CA GLU A 95 -7.84 19.69 15.47
C GLU A 95 -7.49 19.54 13.97
N VAL A 96 -6.28 19.37 13.38
CA VAL A 96 -6.35 18.97 11.98
C VAL A 96 -6.01 17.51 11.90
N VAL A 97 -6.92 16.77 11.37
CA VAL A 97 -6.67 15.38 11.10
C VAL A 97 -6.59 15.17 9.61
N LEU A 98 -5.43 14.72 9.17
CA LEU A 98 -5.21 14.39 7.79
C LEU A 98 -5.26 12.89 7.59
N GLU A 99 -6.16 12.43 6.77
CA GLU A 99 -6.31 11.02 6.50
C GLU A 99 -6.20 10.83 5.01
N TRP A 100 -5.38 9.89 4.55
CA TRP A 100 -5.20 9.71 3.13
C TRP A 100 -4.78 8.28 2.80
N LYS A 101 -4.88 7.91 1.53
CA LYS A 101 -4.63 6.54 1.11
C LYS A 101 -3.18 6.31 0.71
N SER A 102 -2.73 5.07 0.81
CA SER A 102 -1.33 4.74 0.52
C SER A 102 -0.89 5.26 -0.84
N SER A 103 -1.72 5.04 -1.89
CA SER A 103 -1.79 5.95 -3.05
C SER A 103 -0.61 6.91 -3.14
N TYR A 104 0.37 6.52 -3.96
CA TYR A 104 1.65 7.22 -4.09
C TYR A 104 1.43 8.70 -4.36
N THR A 105 0.59 8.95 -5.34
CA THR A 105 0.26 10.31 -5.74
C THR A 105 -0.41 11.09 -4.61
N ASP A 106 -1.37 10.47 -3.93
CA ASP A 106 -2.09 11.14 -2.84
C ASP A 106 -1.17 11.48 -1.69
N ASP A 107 -0.18 10.61 -1.42
CA ASP A 107 0.82 10.91 -0.40
C ASP A 107 1.55 12.20 -0.75
N VAL A 108 1.91 12.36 -2.02
CA VAL A 108 2.69 13.50 -2.46
C VAL A 108 1.96 14.84 -2.24
N LEU A 109 0.70 14.92 -2.66
CA LEU A 109 -0.08 16.15 -2.42
C LEU A 109 -0.39 16.32 -0.94
N ALA A 110 -0.61 15.21 -0.25
CA ALA A 110 -0.80 15.21 1.19
C ALA A 110 0.43 15.78 1.92
N ILE A 111 1.61 15.46 1.42
CA ILE A 111 2.85 16.02 1.97
C ILE A 111 2.83 17.54 1.79
N SER A 112 2.34 17.98 0.65
CA SER A 112 2.18 19.40 0.38
C SER A 112 1.20 20.02 1.39
N ILE A 113 0.15 19.28 1.73
CA ILE A 113 -0.80 19.72 2.75
C ILE A 113 -0.08 19.91 4.08
N SER A 114 0.72 18.91 4.44
CA SER A 114 1.48 18.91 5.69
C SER A 114 2.40 20.14 5.80
N LYS A 115 2.97 20.58 4.68
CA LYS A 115 3.83 21.77 4.71
C LYS A 115 2.98 23.03 4.88
N MET A 116 1.78 23.02 4.29
CA MET A 116 0.87 24.16 4.35
C MET A 116 0.44 24.46 5.78
N ILE A 117 0.02 23.44 6.50
CA ILE A 117 -0.36 23.60 7.90
C ILE A 117 0.88 23.48 8.80
N SER A 118 2.00 23.18 8.16
CA SER A 118 3.32 23.06 8.80
C SER A 118 3.32 22.10 9.98
N ASP A 119 3.71 20.86 9.70
CA ASP A 119 3.81 19.84 10.73
C ASP A 119 5.14 19.98 11.45
N MET B 1 -9.81 -29.82 -20.36
CA MET B 1 -9.41 -31.03 -19.61
C MET B 1 -9.02 -30.67 -18.18
N SER B 2 -8.06 -29.76 -18.03
CA SER B 2 -7.59 -29.37 -16.70
C SER B 2 -7.69 -27.86 -16.53
N ASP B 3 -8.81 -27.39 -15.98
CA ASP B 3 -9.00 -25.96 -15.75
C ASP B 3 -8.72 -25.62 -14.29
N VAL B 4 -8.78 -26.62 -13.43
CA VAL B 4 -8.39 -26.45 -12.03
C VAL B 4 -6.87 -26.39 -11.95
N SER B 5 -6.36 -25.42 -11.19
CA SER B 5 -4.92 -25.12 -11.09
C SER B 5 -4.28 -24.98 -12.48
N MET B 6 -4.02 -23.73 -12.89
CA MET B 6 -3.63 -23.45 -14.27
C MET B 6 -2.21 -23.96 -14.52
N GLY B 7 -1.34 -23.76 -13.54
CA GLY B 7 -0.02 -24.40 -13.60
C GLY B 7 1.09 -23.51 -14.12
N MET B 8 2.09 -24.14 -14.74
CA MET B 8 3.30 -23.47 -15.18
C MET B 8 3.13 -22.87 -16.55
N VAL B 9 3.38 -21.58 -16.63
CA VAL B 9 3.25 -20.81 -17.84
C VAL B 9 4.54 -20.08 -18.14
N LYS B 10 4.65 -19.52 -19.34
CA LYS B 10 5.84 -18.79 -19.73
C LYS B 10 5.58 -17.28 -19.62
N LEU B 11 6.47 -16.59 -18.92
CA LEU B 11 6.35 -15.15 -18.77
C LEU B 11 7.01 -14.46 -19.96
N ASP B 12 6.31 -13.49 -20.56
CA ASP B 12 6.89 -12.79 -21.70
C ASP B 12 7.92 -11.77 -21.23
N LYS B 13 8.81 -11.44 -22.15
CA LYS B 13 9.92 -10.52 -21.91
C LYS B 13 9.46 -9.16 -21.39
N GLY B 14 8.21 -8.78 -21.67
CA GLY B 14 7.69 -7.51 -21.19
C GLY B 14 7.66 -7.43 -19.67
N PHE B 15 7.47 -8.57 -19.02
CA PHE B 15 7.37 -8.63 -17.56
C PHE B 15 8.61 -8.02 -16.89
N ASP B 16 9.76 -8.13 -17.54
CA ASP B 16 11.00 -7.63 -16.96
C ASP B 16 10.98 -6.12 -16.81
N ALA B 17 10.03 -5.47 -17.49
CA ALA B 17 9.89 -4.02 -17.45
C ALA B 17 8.89 -3.60 -16.38
N LEU B 18 8.14 -4.55 -15.84
CA LEU B 18 7.14 -4.28 -14.81
C LEU B 18 7.78 -3.72 -13.55
N ASN B 19 6.98 -3.00 -12.77
CA ASN B 19 7.45 -2.31 -11.58
C ASN B 19 7.59 -3.30 -10.43
N TYR B 20 8.77 -3.89 -10.31
CA TYR B 20 9.01 -4.87 -9.26
C TYR B 20 9.45 -4.19 -7.97
N ARG B 21 8.83 -4.59 -6.88
CA ARG B 21 9.27 -4.22 -5.54
C ARG B 21 9.37 -5.49 -4.73
N ALA B 22 10.14 -5.49 -3.65
CA ALA B 22 10.28 -6.68 -2.85
C ALA B 22 9.72 -6.49 -1.46
N ILE B 23 8.71 -7.27 -1.14
CA ILE B 23 8.22 -7.39 0.22
C ILE B 23 9.01 -8.47 0.93
N GLY B 24 9.64 -8.17 2.07
CA GLY B 24 10.41 -9.18 2.77
C GLY B 24 11.45 -9.86 1.88
N THR B 25 11.09 -11.04 1.38
CA THR B 25 11.96 -11.80 0.49
C THR B 25 11.27 -12.10 -0.85
N ASP B 26 9.99 -11.77 -0.94
CA ASP B 26 9.23 -12.00 -2.16
C ASP B 26 9.25 -10.75 -3.04
N SER B 27 9.12 -10.93 -4.34
CA SER B 27 9.07 -9.81 -5.27
C SER B 27 7.69 -9.73 -5.91
N VAL B 28 7.14 -8.53 -5.96
CA VAL B 28 5.78 -8.34 -6.45
C VAL B 28 5.73 -7.30 -7.57
N ALA B 29 4.76 -7.46 -8.47
CA ALA B 29 4.51 -6.50 -9.55
C ALA B 29 3.07 -6.61 -10.05
N SER B 30 2.56 -5.52 -10.62
CA SER B 30 1.19 -5.47 -11.12
C SER B 30 1.22 -5.33 -12.64
N PHE B 31 0.32 -6.04 -13.30
CA PHE B 31 0.30 -6.06 -14.75
C PHE B 31 -1.08 -6.41 -15.29
N ARG B 32 -1.29 -6.12 -16.55
CA ARG B 32 -2.46 -6.61 -17.27
C ARG B 32 -1.99 -7.56 -18.35
N GLY B 33 -2.57 -8.74 -18.41
CA GLY B 33 -2.02 -9.77 -19.26
C GLY B 33 -3.05 -10.67 -19.88
N VAL B 34 -2.63 -11.44 -20.86
CA VAL B 34 -3.48 -12.43 -21.49
C VAL B 34 -2.81 -13.80 -21.44
N ARG B 35 -3.57 -14.80 -21.03
CA ARG B 35 -3.06 -16.17 -21.05
C ARG B 35 -3.58 -16.89 -22.28
N ASP B 36 -2.67 -17.19 -23.19
CA ASP B 36 -3.00 -17.95 -24.38
C ASP B 36 -2.15 -19.22 -24.41
N GLY B 37 -2.77 -20.34 -24.05
CA GLY B 37 -2.04 -21.58 -23.98
C GLY B 37 -1.18 -21.63 -22.73
N ASP B 38 0.08 -21.96 -22.91
CA ASP B 38 1.02 -21.97 -21.80
C ASP B 38 1.83 -20.69 -21.79
N MET B 39 1.40 -19.73 -22.60
CA MET B 39 2.13 -18.47 -22.71
C MET B 39 1.36 -17.33 -22.05
N VAL B 40 2.04 -16.57 -21.21
CA VAL B 40 1.46 -15.42 -20.54
C VAL B 40 2.15 -14.16 -21.02
N ARG B 41 1.36 -13.20 -21.49
CA ARG B 41 1.90 -11.98 -22.06
C ARG B 41 1.23 -10.77 -21.43
N CYS B 42 2.03 -9.77 -21.11
CA CYS B 42 1.50 -8.54 -20.54
C CYS B 42 1.09 -7.60 -21.67
N ILE B 43 -0.13 -7.11 -21.62
CA ILE B 43 -0.63 -6.19 -22.63
C ILE B 43 -0.37 -4.75 -22.21
N GLY B 44 0.17 -4.59 -21.01
CA GLY B 44 0.52 -3.29 -20.52
C GLY B 44 0.53 -3.22 -19.01
N GLU B 45 0.95 -2.09 -18.49
CA GLU B 45 0.97 -1.86 -17.05
C GLU B 45 -0.45 -1.52 -16.58
N GLY B 46 -0.85 -2.12 -15.47
CA GLY B 46 -2.18 -1.89 -14.96
C GLY B 46 -2.19 -0.87 -13.85
N PRO B 47 -3.04 -1.05 -12.84
CA PRO B 47 -3.13 -0.15 -11.70
C PRO B 47 -1.93 -0.29 -10.78
N ARG B 48 -1.41 0.82 -10.30
CA ARG B 48 -0.33 0.79 -9.33
C ARG B 48 -0.89 0.88 -7.92
N MET B 49 -0.84 -0.23 -7.19
CA MET B 49 -1.47 -0.29 -5.89
C MET B 49 -0.63 -1.12 -4.92
N VAL B 50 -0.54 -0.65 -3.69
CA VAL B 50 0.02 -1.42 -2.61
C VAL B 50 -0.61 -2.81 -2.51
N ILE B 51 0.21 -3.84 -2.59
CA ILE B 51 -0.22 -5.18 -2.20
C ILE B 51 0.72 -5.67 -1.13
N GLY B 52 0.26 -6.59 -0.29
CA GLY B 52 1.11 -7.07 0.76
C GLY B 52 0.42 -8.04 1.67
N HIS B 53 1.04 -8.28 2.80
CA HIS B 53 0.56 -9.22 3.79
C HIS B 53 0.65 -8.57 5.16
N ALA B 54 -0.43 -8.64 5.93
CA ALA B 54 -0.44 -8.00 7.23
C ALA B 54 -0.16 -9.03 8.32
N ASP B 55 1.00 -8.91 8.94
CA ASP B 55 1.35 -9.73 10.07
C ASP B 55 1.58 -8.85 11.30
N ILE B 56 0.71 -8.97 12.28
CA ILE B 56 0.76 -8.15 13.47
C ILE B 56 2.08 -8.36 14.24
N ASN B 57 2.53 -9.61 14.27
CA ASN B 57 3.75 -9.95 14.99
C ASN B 57 4.97 -9.37 14.29
N GLU B 58 5.01 -9.49 12.96
CA GLU B 58 6.13 -8.99 12.16
C GLU B 58 6.28 -7.48 12.27
N MET B 59 5.15 -6.77 12.27
CA MET B 59 5.19 -5.32 12.34
C MET B 59 5.73 -4.88 13.69
N ARG B 60 5.21 -5.49 14.75
CA ARG B 60 5.71 -5.23 16.10
C ARG B 60 7.18 -5.59 16.21
N ARG B 61 7.56 -6.69 15.59
CA ARG B 61 8.92 -7.20 15.65
C ARG B 61 9.92 -6.15 15.15
N MET B 62 9.66 -5.60 13.97
CA MET B 62 10.55 -4.59 13.40
C MET B 62 10.61 -3.33 14.24
N ILE B 63 9.49 -2.93 14.83
CA ILE B 63 9.47 -1.74 15.67
C ILE B 63 10.35 -1.97 16.89
N VAL B 64 10.25 -3.15 17.49
CA VAL B 64 11.08 -3.53 18.62
C VAL B 64 12.55 -3.59 18.19
N GLU B 65 12.80 -3.94 16.93
CA GLU B 65 14.15 -3.94 16.35
C GLU B 65 14.74 -2.53 16.36
N GLY B 66 13.88 -1.53 16.56
CA GLY B 66 14.32 -0.15 16.59
C GLY B 66 14.45 0.32 18.03
N SER B 67 14.35 -0.65 18.94
CA SER B 67 14.40 -0.40 20.38
C SER B 67 13.22 0.46 20.83
N MET B 68 12.03 0.06 20.42
CA MET B 68 10.80 0.77 20.78
C MET B 68 9.79 -0.23 21.32
N ARG B 69 9.07 0.16 22.36
CA ARG B 69 8.14 -0.75 23.03
C ARG B 69 6.78 -0.74 22.34
N VAL B 70 6.32 -1.92 21.96
CA VAL B 70 5.03 -2.09 21.32
C VAL B 70 4.21 -3.12 22.08
N GLU B 71 2.91 -2.94 22.14
CA GLU B 71 2.03 -3.91 22.78
C GLU B 71 0.93 -4.36 21.84
N GLN B 72 0.50 -5.59 22.03
CA GLN B 72 -0.60 -6.16 21.25
C GLN B 72 -1.92 -5.61 21.77
N GLU B 73 -2.78 -5.18 20.86
CA GLU B 73 -4.12 -4.77 21.23
C GLU B 73 -5.09 -5.15 20.11
N GLU B 74 -6.38 -5.24 20.45
CA GLU B 74 -7.39 -5.84 19.58
C GLU B 74 -7.46 -5.32 18.15
N ASN B 75 -6.93 -4.15 17.84
CA ASN B 75 -7.13 -3.63 16.51
C ASN B 75 -5.81 -3.69 15.72
N GLY B 76 -4.72 -3.84 16.45
CA GLY B 76 -3.41 -3.96 15.84
C GLY B 76 -2.28 -3.76 16.84
N LEU B 77 -1.57 -2.64 16.72
CA LEU B 77 -0.39 -2.40 17.52
C LEU B 77 -0.31 -0.96 18.03
N LEU B 78 0.04 -0.82 19.30
CA LEU B 78 0.31 0.49 19.89
C LEU B 78 1.78 0.61 20.26
N VAL B 79 2.45 1.66 19.80
CA VAL B 79 3.77 1.99 20.34
C VAL B 79 3.59 3.06 21.44
N GLU B 80 4.22 2.83 22.61
CA GLU B 80 4.11 3.66 23.86
C GLU B 80 3.86 5.18 23.67
N ASP B 81 2.61 5.51 23.31
CA ASP B 81 2.17 6.94 23.23
C ASP B 81 2.82 7.51 22.00
N CYS B 82 2.81 6.60 21.10
CA CYS B 82 3.52 6.48 19.88
C CYS B 82 2.48 5.75 19.06
N VAL B 83 2.75 5.34 17.88
CA VAL B 83 1.80 5.45 16.80
C VAL B 83 1.12 4.09 16.58
N TRP B 84 -0.15 4.14 16.18
CA TRP B 84 -0.98 2.94 16.20
C TRP B 84 -1.04 2.31 14.82
N ILE B 85 -1.13 0.99 14.80
CA ILE B 85 -1.36 0.25 13.57
C ILE B 85 -2.67 -0.50 13.68
N ARG B 86 -3.58 -0.27 12.76
CA ARG B 86 -4.85 -0.96 12.74
C ARG B 86 -4.89 -1.94 11.57
N VAL B 87 -5.31 -3.16 11.84
CA VAL B 87 -5.41 -4.17 10.80
C VAL B 87 -6.84 -4.26 10.28
N SER B 88 -7.00 -4.07 8.99
CA SER B 88 -8.31 -4.15 8.36
C SER B 88 -8.22 -4.91 7.04
N GLY B 89 -9.35 -5.37 6.54
CA GLY B 89 -9.38 -6.17 5.32
C GLY B 89 -9.05 -5.36 4.08
N ASP B 90 -9.26 -4.05 4.17
CA ASP B 90 -8.97 -3.16 3.05
C ASP B 90 -7.56 -2.62 3.14
N GLY B 91 -6.90 -2.85 4.27
CA GLY B 91 -5.54 -2.38 4.44
C GLY B 91 -5.19 -2.10 5.89
N VAL B 92 -4.37 -1.09 6.10
CA VAL B 92 -3.89 -0.75 7.43
C VAL B 92 -4.06 0.73 7.71
N THR B 93 -4.60 1.02 8.89
CA THR B 93 -4.77 2.41 9.31
C THR B 93 -3.71 2.75 10.36
N ILE B 94 -3.03 3.86 10.16
CA ILE B 94 -2.00 4.28 11.09
C ILE B 94 -2.43 5.58 11.75
N ASP B 95 -2.23 5.68 13.07
CA ASP B 95 -2.73 6.85 13.79
C ASP B 95 -1.59 7.73 14.27
N GLY B 96 -1.67 8.97 13.84
CA GLY B 96 -0.64 9.96 14.06
C GLY B 96 -0.84 10.80 15.32
N ARG B 97 -1.89 10.54 16.07
CA ARG B 97 -2.31 11.48 17.10
C ARG B 97 -1.43 11.35 18.34
N ASP B 98 -0.78 10.20 18.46
CA ASP B 98 0.34 10.08 19.37
C ASP B 98 1.60 10.56 18.66
N SER B 99 2.32 11.48 19.28
CA SER B 99 3.47 12.12 18.64
C SER B 99 4.70 11.21 18.58
N GLY B 100 5.30 11.12 17.39
CA GLY B 100 6.56 10.43 17.23
C GLY B 100 6.42 8.99 16.79
N VAL B 101 7.43 8.47 16.09
CA VAL B 101 7.50 7.06 15.66
C VAL B 101 6.66 6.81 14.40
N PHE B 102 5.96 7.84 13.91
CA PHE B 102 5.04 7.67 12.78
C PHE B 102 5.78 7.18 11.54
N TYR B 103 6.92 7.79 11.24
CA TYR B 103 7.72 7.39 10.08
C TYR B 103 8.19 5.96 10.22
N ALA B 104 8.55 5.57 11.44
CA ALA B 104 9.06 4.23 11.70
C ALA B 104 8.00 3.18 11.43
N VAL B 105 6.77 3.51 11.81
CA VAL B 105 5.63 2.62 11.60
C VAL B 105 5.42 2.38 10.11
N ARG B 106 5.46 3.44 9.32
CA ARG B 106 5.27 3.33 7.87
C ARG B 106 6.36 2.47 7.25
N ASP B 107 7.59 2.62 7.72
CA ASP B 107 8.71 1.82 7.21
C ASP B 107 8.49 0.33 7.47
N VAL B 108 7.97 0.01 8.65
CA VAL B 108 7.69 -1.38 8.99
C VAL B 108 6.59 -1.94 8.09
N VAL B 109 5.60 -1.11 7.80
CA VAL B 109 4.52 -1.50 6.93
C VAL B 109 5.04 -1.76 5.52
N TYR B 110 6.01 -0.96 5.09
CA TYR B 110 6.62 -1.13 3.76
C TYR B 110 7.34 -2.48 3.68
N ARG B 111 7.79 -2.99 4.82
CA ARG B 111 8.36 -4.33 4.87
C ARG B 111 7.31 -5.40 4.58
N SER B 112 6.05 -5.05 4.75
CA SER B 112 4.96 -6.00 4.60
C SER B 112 4.10 -5.69 3.38
N SER B 113 4.39 -4.58 2.72
CA SER B 113 3.60 -4.15 1.57
C SER B 113 4.49 -3.48 0.52
N ALA B 114 3.94 -3.25 -0.66
CA ALA B 114 4.73 -2.67 -1.75
C ALA B 114 3.85 -1.97 -2.76
N PHE B 115 4.30 -0.82 -3.25
CA PHE B 115 3.61 -0.07 -4.28
C PHE B 115 3.97 -0.65 -5.65
N ILE B 116 3.05 -1.31 -6.32
CA ILE B 116 3.36 -1.89 -7.60
C ILE B 116 2.59 -1.22 -8.72
#